data_2ENJ
#
_entry.id   2ENJ
#
_cell.length_a   1.000
_cell.length_b   1.000
_cell.length_c   1.000
_cell.angle_alpha   90.00
_cell.angle_beta   90.00
_cell.angle_gamma   90.00
#
_symmetry.space_group_name_H-M   'P 1'
#
_entity_poly.entity_id   1
_entity_poly.type   'polypeptide(L)'
_entity_poly.pdbx_seq_one_letter_code
;GSSGSSGMSPFLRIGLSNFDCGSCQSCQGEAVNPYCAVLVKEYVESENGQMYIQKKPTMYPPWDSTFDAHINKGRVMQII
VKGKNVDLISETTVELYSLAERCRKNNGKTEIWLELKPQGRMLMNARYFLEMSGPSSG
;
_entity_poly.pdbx_strand_id   A
#
# COMPACT_ATOMS: atom_id res chain seq x y z
N GLY A 1 -14.14 -21.54 1.03
CA GLY A 1 -14.64 -22.84 1.44
C GLY A 1 -13.58 -23.93 1.31
N SER A 2 -13.23 -24.26 0.09
CA SER A 2 -12.22 -25.29 -0.16
C SER A 2 -10.84 -24.69 -0.26
N SER A 3 -10.02 -24.93 0.77
CA SER A 3 -8.66 -24.41 0.79
C SER A 3 -7.75 -25.20 -0.14
N GLY A 4 -6.49 -24.79 -0.22
CA GLY A 4 -5.53 -25.47 -1.09
C GLY A 4 -4.19 -24.78 -1.11
N SER A 5 -3.12 -25.58 -1.16
CA SER A 5 -1.77 -25.05 -1.19
C SER A 5 -0.92 -25.74 -2.25
N SER A 6 -1.36 -25.66 -3.50
CA SER A 6 -0.65 -26.28 -4.61
C SER A 6 0.71 -25.65 -4.81
N GLY A 7 0.73 -24.32 -4.94
CA GLY A 7 1.97 -23.60 -5.13
C GLY A 7 1.78 -22.29 -5.88
N MET A 8 0.98 -21.40 -5.29
CA MET A 8 0.72 -20.11 -5.91
C MET A 8 1.04 -18.98 -4.95
N SER A 9 1.45 -17.83 -5.48
CA SER A 9 1.80 -16.68 -4.67
C SER A 9 0.58 -15.78 -4.46
N PRO A 10 0.06 -15.77 -3.23
CA PRO A 10 -1.12 -14.92 -2.98
C PRO A 10 -0.78 -13.43 -3.03
N PHE A 11 -1.72 -12.63 -3.49
CA PHE A 11 -1.52 -11.18 -3.58
C PHE A 11 -2.53 -10.45 -2.70
N LEU A 12 -2.19 -9.21 -2.33
CA LEU A 12 -3.05 -8.39 -1.49
C LEU A 12 -3.69 -7.27 -2.31
N ARG A 13 -4.94 -6.95 -2.00
CA ARG A 13 -5.66 -5.90 -2.69
C ARG A 13 -6.09 -4.79 -1.73
N ILE A 14 -5.24 -3.78 -1.57
CA ILE A 14 -5.53 -2.67 -0.68
C ILE A 14 -6.27 -1.56 -1.41
N GLY A 15 -7.26 -0.98 -0.74
CA GLY A 15 -8.04 0.10 -1.35
C GLY A 15 -8.16 1.31 -0.44
N LEU A 16 -7.78 2.47 -0.96
CA LEU A 16 -7.85 3.71 -0.19
C LEU A 16 -9.02 4.57 -0.64
N SER A 17 -9.75 5.12 0.33
CA SER A 17 -10.90 5.96 0.04
C SER A 17 -11.24 6.85 1.22
N ASN A 18 -12.03 7.89 0.97
CA ASN A 18 -12.42 8.83 2.02
C ASN A 18 -11.21 9.49 2.66
N PHE A 19 -10.34 10.05 1.81
CA PHE A 19 -9.14 10.72 2.28
C PHE A 19 -9.45 12.11 2.80
N ASP A 20 -9.11 12.36 4.05
CA ASP A 20 -9.36 13.66 4.67
C ASP A 20 -8.04 14.40 4.97
N CYS A 21 -7.89 15.57 4.38
CA CYS A 21 -6.68 16.37 4.58
C CYS A 21 -6.96 17.58 5.47
N GLY A 22 -8.01 17.48 6.28
CA GLY A 22 -8.35 18.57 7.16
C GLY A 22 -8.65 19.85 6.41
N SER A 23 -9.89 19.97 5.91
CA SER A 23 -10.30 21.14 5.16
C SER A 23 -10.14 22.41 5.99
N CYS A 24 -9.73 23.49 5.35
CA CYS A 24 -9.53 24.76 6.04
C CYS A 24 -10.35 25.87 5.38
N GLN A 25 -10.34 25.89 4.05
CA GLN A 25 -11.08 26.89 3.29
C GLN A 25 -12.07 26.24 2.33
N SER A 26 -13.29 26.76 2.29
CA SER A 26 -14.33 26.23 1.42
C SER A 26 -14.90 27.32 0.52
N CYS A 27 -14.02 28.12 -0.06
CA CYS A 27 -14.43 29.21 -0.94
C CYS A 27 -13.66 29.18 -2.25
N GLN A 28 -13.76 28.07 -2.97
CA GLN A 28 -13.07 27.92 -4.24
C GLN A 28 -13.51 26.63 -4.95
N GLY A 29 -13.29 26.59 -6.26
CA GLY A 29 -13.67 25.43 -7.03
C GLY A 29 -12.64 25.07 -8.08
N GLU A 30 -11.52 24.49 -7.64
CA GLU A 30 -10.46 24.10 -8.56
C GLU A 30 -10.04 22.65 -8.32
N ALA A 31 -9.31 22.08 -9.28
CA ALA A 31 -8.85 20.70 -9.18
C ALA A 31 -7.33 20.64 -9.14
N VAL A 32 -6.78 20.41 -7.95
CA VAL A 32 -5.34 20.33 -7.78
C VAL A 32 -4.79 19.05 -8.41
N ASN A 33 -5.63 18.02 -8.49
CA ASN A 33 -5.23 16.75 -9.07
C ASN A 33 -4.07 16.14 -8.29
N PRO A 34 -4.24 16.04 -6.95
CA PRO A 34 -3.14 15.46 -6.17
C PRO A 34 -3.00 13.96 -6.41
N TYR A 35 -1.83 13.43 -6.05
CA TYR A 35 -1.56 12.01 -6.24
C TYR A 35 -0.66 11.48 -5.13
N CYS A 36 -0.98 10.29 -4.63
CA CYS A 36 -0.20 9.68 -3.56
C CYS A 36 0.88 8.76 -4.13
N ALA A 37 2.04 8.75 -3.48
CA ALA A 37 3.14 7.90 -3.93
C ALA A 37 3.27 6.66 -3.06
N VAL A 38 3.17 5.49 -3.68
CA VAL A 38 3.28 4.23 -2.97
C VAL A 38 4.65 3.59 -3.19
N LEU A 39 5.56 3.83 -2.25
CA LEU A 39 6.91 3.29 -2.33
C LEU A 39 6.95 1.85 -1.81
N VAL A 40 7.60 0.97 -2.56
CA VAL A 40 7.71 -0.44 -2.17
C VAL A 40 9.16 -0.83 -2.00
N LYS A 41 9.51 -1.26 -0.78
CA LYS A 41 10.87 -1.68 -0.47
C LYS A 41 10.95 -3.19 -0.26
N GLU A 42 12.14 -3.68 -0.01
CA GLU A 42 12.35 -5.11 0.22
C GLU A 42 13.14 -5.36 1.50
N TYR A 43 13.02 -6.57 2.03
CA TYR A 43 13.71 -6.93 3.26
C TYR A 43 15.06 -7.57 2.96
N VAL A 44 16.14 -6.92 3.40
CA VAL A 44 17.49 -7.44 3.18
C VAL A 44 18.43 -6.99 4.29
N GLU A 45 19.36 -7.86 4.64
CA GLU A 45 20.34 -7.56 5.69
C GLU A 45 21.76 -7.79 5.20
N SER A 46 22.65 -6.84 5.50
CA SER A 46 24.04 -6.95 5.08
C SER A 46 24.95 -7.11 6.29
N GLU A 47 26.25 -7.15 6.03
CA GLU A 47 27.24 -7.30 7.10
C GLU A 47 27.07 -6.22 8.16
N ASN A 48 26.53 -5.07 7.75
CA ASN A 48 26.31 -3.95 8.66
C ASN A 48 25.12 -4.22 9.57
N GLY A 49 24.09 -4.84 9.01
CA GLY A 49 22.90 -5.14 9.79
C GLY A 49 21.66 -5.29 8.91
N GLN A 50 20.60 -4.58 9.27
CA GLN A 50 19.36 -4.64 8.51
C GLN A 50 19.16 -3.38 7.67
N MET A 51 18.73 -3.56 6.43
CA MET A 51 18.50 -2.44 5.53
C MET A 51 17.29 -2.70 4.63
N TYR A 52 16.87 -1.67 3.91
CA TYR A 52 15.73 -1.79 3.01
C TYR A 52 15.98 -1.03 1.71
N ILE A 53 16.01 -1.78 0.60
CA ILE A 53 16.25 -1.18 -0.70
C ILE A 53 14.95 -1.12 -1.51
N GLN A 54 14.74 0.00 -2.21
CA GLN A 54 13.54 0.17 -3.02
C GLN A 54 13.75 -0.41 -4.42
N LYS A 55 13.49 -1.71 -4.54
CA LYS A 55 13.65 -2.40 -5.83
C LYS A 55 12.59 -1.92 -6.82
N LYS A 56 11.34 -1.85 -6.37
CA LYS A 56 10.25 -1.41 -7.22
C LYS A 56 10.15 0.11 -7.24
N PRO A 57 9.95 0.67 -8.44
CA PRO A 57 9.85 2.14 -8.50
C PRO A 57 8.55 2.65 -7.86
N THR A 58 8.41 3.98 -7.81
CA THR A 58 7.23 4.59 -7.23
C THR A 58 5.96 4.12 -7.93
N MET A 59 4.90 3.92 -7.16
CA MET A 59 3.62 3.47 -7.71
C MET A 59 2.58 4.57 -7.62
N TYR A 60 1.62 4.54 -8.53
CA TYR A 60 0.55 5.54 -8.57
C TYR A 60 -0.82 4.88 -8.67
N PRO A 61 -1.33 4.41 -7.51
CA PRO A 61 -2.65 3.77 -7.57
C PRO A 61 -3.77 4.76 -7.87
N PRO A 62 -4.93 4.24 -8.31
CA PRO A 62 -6.02 5.16 -8.60
C PRO A 62 -6.61 5.79 -7.34
N TRP A 63 -7.63 6.61 -7.52
CA TRP A 63 -8.28 7.28 -6.40
C TRP A 63 -9.61 6.62 -6.06
N ASP A 64 -9.85 6.39 -4.78
CA ASP A 64 -11.09 5.77 -4.33
C ASP A 64 -11.28 4.41 -4.99
N SER A 65 -10.18 3.78 -5.39
CA SER A 65 -10.23 2.49 -6.05
C SER A 65 -9.27 1.50 -5.38
N THR A 66 -9.38 0.23 -5.77
CA THR A 66 -8.52 -0.81 -5.21
C THR A 66 -7.41 -1.19 -6.18
N PHE A 67 -6.22 -1.43 -5.65
CA PHE A 67 -5.07 -1.81 -6.47
C PHE A 67 -4.49 -3.13 -6.00
N ASP A 68 -3.81 -3.83 -6.91
CA ASP A 68 -3.20 -5.11 -6.60
C ASP A 68 -1.77 -4.93 -6.09
N ALA A 69 -1.36 -5.77 -5.16
CA ALA A 69 -0.01 -5.70 -4.60
C ALA A 69 0.66 -7.07 -4.61
N HIS A 70 1.95 -7.09 -4.88
CA HIS A 70 2.72 -8.33 -4.91
C HIS A 70 3.26 -8.67 -3.53
N ILE A 71 3.15 -9.95 -3.16
CA ILE A 71 3.63 -10.42 -1.87
C ILE A 71 4.83 -11.35 -2.03
N ASN A 72 5.89 -11.08 -1.26
CA ASN A 72 7.09 -11.90 -1.31
C ASN A 72 7.52 -12.32 0.10
N LYS A 73 8.08 -11.38 0.85
CA LYS A 73 8.53 -11.65 2.21
C LYS A 73 9.02 -10.37 2.88
N GLY A 74 8.50 -10.10 4.08
CA GLY A 74 8.89 -8.90 4.80
C GLY A 74 8.75 -7.64 3.98
N ARG A 75 7.82 -7.67 3.02
CA ARG A 75 7.59 -6.52 2.15
C ARG A 75 6.88 -5.41 2.92
N VAL A 76 7.21 -4.17 2.59
CA VAL A 76 6.62 -3.01 3.25
C VAL A 76 6.07 -2.02 2.22
N MET A 77 5.16 -1.16 2.66
CA MET A 77 4.58 -0.15 1.78
C MET A 77 4.55 1.22 2.45
N GLN A 78 4.89 2.24 1.69
CA GLN A 78 4.92 3.61 2.21
C GLN A 78 3.96 4.51 1.43
N ILE A 79 3.01 5.09 2.13
CA ILE A 79 2.03 5.98 1.50
C ILE A 79 2.32 7.44 1.84
N ILE A 80 2.75 8.20 0.84
CA ILE A 80 3.05 9.61 1.04
C ILE A 80 2.16 10.49 0.15
N VAL A 81 1.35 11.33 0.78
CA VAL A 81 0.46 12.22 0.06
C VAL A 81 1.22 13.41 -0.51
N LYS A 82 1.18 13.55 -1.84
CA LYS A 82 1.87 14.65 -2.51
C LYS A 82 0.88 15.49 -3.32
N GLY A 83 1.30 16.70 -3.69
CA GLY A 83 0.45 17.57 -4.46
C GLY A 83 1.22 18.71 -5.10
N LYS A 84 0.62 19.89 -5.11
CA LYS A 84 1.25 21.07 -5.71
C LYS A 84 1.55 22.12 -4.65
N ASN A 85 2.57 22.93 -4.90
CA ASN A 85 2.96 23.99 -3.96
C ASN A 85 3.25 23.41 -2.58
N VAL A 86 3.67 22.15 -2.55
CA VAL A 86 3.98 21.48 -1.29
C VAL A 86 5.14 20.51 -1.47
N ASP A 87 5.90 20.32 -0.39
CA ASP A 87 7.06 19.41 -0.42
C ASP A 87 6.71 18.08 0.23
N LEU A 88 5.80 18.11 1.21
CA LEU A 88 5.38 16.91 1.92
C LEU A 88 4.18 17.20 2.81
N ILE A 89 3.07 16.51 2.51
CA ILE A 89 1.85 16.69 3.29
C ILE A 89 1.86 15.81 4.54
N SER A 90 2.16 14.53 4.36
CA SER A 90 2.21 13.59 5.47
C SER A 90 2.81 12.26 5.03
N GLU A 91 2.91 11.33 5.97
CA GLU A 91 3.46 10.01 5.69
C GLU A 91 2.97 8.98 6.70
N THR A 92 3.06 7.70 6.33
CA THR A 92 2.63 6.62 7.21
C THR A 92 3.33 5.31 6.84
N THR A 93 3.55 4.47 7.85
CA THR A 93 4.20 3.18 7.64
C THR A 93 3.19 2.06 7.54
N VAL A 94 3.42 1.14 6.60
CA VAL A 94 2.52 0.01 6.41
C VAL A 94 3.29 -1.24 5.98
N GLU A 95 2.79 -2.40 6.40
CA GLU A 95 3.44 -3.67 6.07
C GLU A 95 2.67 -4.40 4.98
N LEU A 96 3.40 -4.93 4.01
CA LEU A 96 2.78 -5.66 2.90
C LEU A 96 2.71 -7.15 3.21
N TYR A 97 3.65 -7.63 4.01
CA TYR A 97 3.69 -9.04 4.38
C TYR A 97 2.76 -9.33 5.56
N SER A 98 2.97 -8.60 6.66
CA SER A 98 2.15 -8.77 7.86
C SER A 98 0.68 -8.53 7.55
N LEU A 99 0.40 -7.51 6.75
CA LEU A 99 -0.97 -7.18 6.37
C LEU A 99 -1.69 -8.40 5.82
N ALA A 100 -1.02 -9.14 4.94
CA ALA A 100 -1.60 -10.33 4.34
C ALA A 100 -2.07 -11.31 5.41
N GLU A 101 -1.43 -11.26 6.57
CA GLU A 101 -1.79 -12.14 7.67
C GLU A 101 -2.99 -11.59 8.45
N ARG A 102 -2.97 -10.29 8.71
CA ARG A 102 -4.05 -9.65 9.45
C ARG A 102 -5.39 -9.90 8.76
N CYS A 103 -5.40 -9.80 7.44
CA CYS A 103 -6.62 -10.01 6.67
C CYS A 103 -7.23 -11.38 6.98
N ARG A 104 -6.41 -12.41 6.90
CA ARG A 104 -6.86 -13.78 7.17
C ARG A 104 -7.51 -13.87 8.54
N LYS A 105 -6.94 -13.16 9.51
CA LYS A 105 -7.46 -13.17 10.87
C LYS A 105 -8.93 -12.75 10.89
N ASN A 106 -9.33 -11.97 9.89
CA ASN A 106 -10.71 -11.50 9.80
C ASN A 106 -11.53 -12.41 8.88
N ASN A 107 -11.11 -13.67 8.77
CA ASN A 107 -11.80 -14.63 7.93
C ASN A 107 -11.90 -14.13 6.49
N GLY A 108 -10.92 -13.32 6.08
CA GLY A 108 -10.92 -12.79 4.74
C GLY A 108 -10.16 -11.48 4.64
N LYS A 109 -10.84 -10.38 4.94
CA LYS A 109 -10.22 -9.06 4.87
C LYS A 109 -10.37 -8.32 6.20
N THR A 110 -9.37 -7.51 6.55
CA THR A 110 -9.39 -6.75 7.79
C THR A 110 -9.45 -5.26 7.52
N GLU A 111 -10.13 -4.53 8.39
CA GLU A 111 -10.26 -3.09 8.25
C GLU A 111 -9.31 -2.36 9.18
N ILE A 112 -8.41 -1.56 8.60
CA ILE A 112 -7.44 -0.81 9.39
C ILE A 112 -7.48 0.67 9.03
N TRP A 113 -7.36 1.52 10.05
CA TRP A 113 -7.37 2.97 9.84
C TRP A 113 -5.97 3.56 9.96
N LEU A 114 -5.39 3.93 8.82
CA LEU A 114 -4.05 4.51 8.80
C LEU A 114 -4.03 5.88 9.46
N GLU A 115 -2.93 6.21 10.11
CA GLU A 115 -2.79 7.51 10.77
C GLU A 115 -1.63 8.31 10.19
N LEU A 116 -1.95 9.16 9.21
CA LEU A 116 -0.92 9.98 8.56
C LEU A 116 -0.52 11.15 9.45
N LYS A 117 0.78 11.35 9.60
CA LYS A 117 1.30 12.44 10.43
C LYS A 117 2.14 13.40 9.59
N PRO A 118 2.29 14.64 10.08
CA PRO A 118 1.74 15.19 11.33
C PRO A 118 0.23 15.35 11.28
N GLN A 119 -0.32 15.34 10.06
CA GLN A 119 -1.75 15.49 9.87
C GLN A 119 -2.24 14.66 8.70
N GLY A 120 -3.52 14.30 8.73
CA GLY A 120 -4.09 13.49 7.66
C GLY A 120 -4.44 12.09 8.11
N ARG A 121 -5.49 11.52 7.53
CA ARG A 121 -5.92 10.17 7.88
C ARG A 121 -6.81 9.59 6.78
N MET A 122 -6.77 8.26 6.64
CA MET A 122 -7.57 7.59 5.62
C MET A 122 -7.84 6.14 6.03
N LEU A 123 -8.74 5.49 5.31
CA LEU A 123 -9.10 4.10 5.60
C LEU A 123 -8.36 3.15 4.66
N MET A 124 -7.79 2.09 5.23
CA MET A 124 -7.06 1.10 4.44
C MET A 124 -7.72 -0.27 4.54
N ASN A 125 -8.39 -0.67 3.46
CA ASN A 125 -9.08 -1.96 3.42
C ASN A 125 -8.29 -2.96 2.59
N ALA A 126 -7.61 -3.88 3.26
CA ALA A 126 -6.82 -4.90 2.58
C ALA A 126 -7.59 -6.21 2.50
N ARG A 127 -7.69 -6.75 1.28
CA ARG A 127 -8.40 -8.00 1.05
C ARG A 127 -7.42 -9.12 0.70
N TYR A 128 -7.83 -10.35 0.98
CA TYR A 128 -6.99 -11.52 0.69
C TYR A 128 -7.39 -12.16 -0.63
N PHE A 129 -6.39 -12.55 -1.41
CA PHE A 129 -6.62 -13.18 -2.71
C PHE A 129 -5.54 -14.21 -3.01
N LEU A 130 -5.83 -15.07 -4.00
CA LEU A 130 -4.88 -16.11 -4.39
C LEU A 130 -4.62 -16.06 -5.89
N GLU A 131 -3.37 -16.25 -6.27
CA GLU A 131 -2.99 -16.24 -7.69
C GLU A 131 -2.98 -17.65 -8.26
N MET A 132 -2.83 -17.75 -9.58
CA MET A 132 -2.80 -19.03 -10.25
C MET A 132 -1.39 -19.40 -10.69
N SER A 133 -0.63 -18.39 -11.10
CA SER A 133 0.74 -18.61 -11.55
C SER A 133 1.57 -17.33 -11.42
N GLY A 134 2.68 -17.41 -10.69
CA GLY A 134 3.53 -16.26 -10.50
C GLY A 134 5.00 -16.63 -10.44
N PRO A 135 5.86 -15.60 -10.37
CA PRO A 135 7.29 -15.92 -10.32
C PRO A 135 7.69 -16.57 -9.00
N SER A 136 8.91 -17.11 -8.94
CA SER A 136 9.42 -17.75 -7.74
C SER A 136 10.82 -17.28 -7.42
N SER A 137 11.01 -16.81 -6.18
CA SER A 137 12.31 -16.32 -5.74
C SER A 137 13.27 -17.47 -5.47
N GLY A 138 14.34 -17.55 -6.27
CA GLY A 138 15.31 -18.61 -6.10
C GLY A 138 16.51 -18.17 -5.29
N GLY A 1 -12.06 -29.41 -9.46
CA GLY A 1 -10.91 -28.53 -9.39
C GLY A 1 -9.77 -29.00 -10.29
N SER A 2 -9.71 -28.46 -11.49
CA SER A 2 -8.67 -28.84 -12.44
C SER A 2 -7.29 -28.52 -11.89
N SER A 3 -6.46 -29.55 -11.73
CA SER A 3 -5.12 -29.38 -11.21
C SER A 3 -4.08 -29.48 -12.32
N GLY A 4 -2.81 -29.37 -11.95
CA GLY A 4 -1.74 -29.45 -12.93
C GLY A 4 -0.53 -28.63 -12.54
N SER A 5 -0.37 -27.47 -13.18
CA SER A 5 0.75 -26.59 -12.89
C SER A 5 0.58 -25.90 -11.55
N SER A 6 1.67 -25.80 -10.79
CA SER A 6 1.64 -25.18 -9.48
C SER A 6 2.51 -23.92 -9.45
N GLY A 7 2.00 -22.84 -10.07
CA GLY A 7 2.74 -21.60 -10.10
C GLY A 7 1.84 -20.39 -9.87
N MET A 8 1.03 -20.45 -8.82
CA MET A 8 0.12 -19.35 -8.50
C MET A 8 0.45 -18.78 -7.12
N SER A 9 0.69 -17.47 -7.08
CA SER A 9 1.02 -16.79 -5.83
C SER A 9 -0.08 -15.81 -5.43
N PRO A 10 -0.48 -15.85 -4.15
CA PRO A 10 -1.53 -14.94 -3.73
C PRO A 10 -1.07 -13.48 -3.72
N PHE A 11 -2.02 -12.56 -3.67
CA PHE A 11 -1.72 -11.14 -3.64
C PHE A 11 -2.67 -10.38 -2.72
N LEU A 12 -2.30 -9.16 -2.38
CA LEU A 12 -3.12 -8.33 -1.50
C LEU A 12 -3.75 -7.18 -2.27
N ARG A 13 -5.06 -7.02 -2.12
CA ARG A 13 -5.79 -5.96 -2.80
C ARG A 13 -6.17 -4.84 -1.83
N ILE A 14 -5.29 -3.85 -1.71
CA ILE A 14 -5.53 -2.73 -0.81
C ILE A 14 -6.26 -1.60 -1.53
N GLY A 15 -7.26 -1.04 -0.86
CA GLY A 15 -8.04 0.04 -1.45
C GLY A 15 -8.14 1.25 -0.52
N LEU A 16 -7.70 2.40 -1.00
CA LEU A 16 -7.75 3.62 -0.22
C LEU A 16 -8.95 4.47 -0.61
N SER A 17 -9.64 5.03 0.39
CA SER A 17 -10.80 5.86 0.14
C SER A 17 -11.09 6.76 1.34
N ASN A 18 -11.89 7.81 1.11
CA ASN A 18 -12.24 8.74 2.17
C ASN A 18 -10.99 9.42 2.72
N PHE A 19 -10.15 9.94 1.83
CA PHE A 19 -8.93 10.61 2.23
C PHE A 19 -9.24 11.91 2.95
N ASP A 20 -8.78 12.02 4.20
CA ASP A 20 -9.00 13.23 4.99
C ASP A 20 -7.72 14.02 5.15
N CYS A 21 -7.70 15.23 4.61
CA CYS A 21 -6.53 16.10 4.70
C CYS A 21 -6.72 17.18 5.76
N GLY A 22 -7.85 17.88 5.67
CA GLY A 22 -8.13 18.93 6.62
C GLY A 22 -9.59 19.37 6.60
N SER A 23 -10.27 19.18 7.72
CA SER A 23 -11.69 19.55 7.81
C SER A 23 -11.90 21.01 7.42
N CYS A 24 -10.91 21.84 7.71
CA CYS A 24 -10.99 23.26 7.38
C CYS A 24 -10.68 23.50 5.90
N GLN A 25 -11.70 23.43 5.07
CA GLN A 25 -11.54 23.63 3.64
C GLN A 25 -11.26 25.10 3.32
N SER A 26 -11.16 25.41 2.04
CA SER A 26 -10.89 26.78 1.60
C SER A 26 -12.18 27.58 1.50
N CYS A 27 -12.05 28.90 1.42
CA CYS A 27 -13.20 29.79 1.32
C CYS A 27 -14.05 29.44 0.10
N GLN A 28 -13.41 28.87 -0.91
CA GLN A 28 -14.11 28.49 -2.14
C GLN A 28 -13.74 27.07 -2.55
N GLY A 29 -14.74 26.31 -3.00
CA GLY A 29 -14.49 24.94 -3.43
C GLY A 29 -13.53 24.87 -4.60
N GLU A 30 -12.48 24.08 -4.45
CA GLU A 30 -11.49 23.92 -5.51
C GLU A 30 -11.02 22.47 -5.62
N ALA A 31 -10.25 22.17 -6.65
CA ALA A 31 -9.73 20.82 -6.86
C ALA A 31 -8.26 20.84 -7.24
N VAL A 32 -7.42 20.33 -6.35
CA VAL A 32 -5.98 20.29 -6.59
C VAL A 32 -5.58 19.02 -7.34
N ASN A 33 -6.37 17.97 -7.16
CA ASN A 33 -6.10 16.69 -7.82
C ASN A 33 -4.74 16.15 -7.41
N PRO A 34 -4.50 16.07 -6.09
CA PRO A 34 -3.21 15.55 -5.65
C PRO A 34 -3.06 14.05 -5.93
N TYR A 35 -1.82 13.58 -5.93
CA TYR A 35 -1.55 12.17 -6.18
C TYR A 35 -0.81 11.54 -5.00
N CYS A 36 -1.09 10.27 -4.74
CA CYS A 36 -0.46 9.54 -3.65
C CYS A 36 0.66 8.63 -4.16
N ALA A 37 1.84 8.75 -3.56
CA ALA A 37 2.98 7.94 -3.96
C ALA A 37 3.12 6.71 -3.07
N VAL A 38 3.02 5.54 -3.67
CA VAL A 38 3.13 4.29 -2.93
C VAL A 38 4.47 3.61 -3.19
N LEU A 39 5.38 3.73 -2.23
CA LEU A 39 6.72 3.14 -2.35
C LEU A 39 6.72 1.72 -1.83
N VAL A 40 7.47 0.84 -2.49
CA VAL A 40 7.58 -0.55 -2.07
C VAL A 40 9.03 -1.01 -2.03
N LYS A 41 9.46 -1.47 -0.86
CA LYS A 41 10.83 -1.95 -0.67
C LYS A 41 10.86 -3.43 -0.35
N GLU A 42 12.01 -4.06 -0.56
CA GLU A 42 12.17 -5.48 -0.29
C GLU A 42 13.40 -5.74 0.58
N TYR A 43 13.22 -6.59 1.59
CA TYR A 43 14.32 -6.92 2.49
C TYR A 43 15.29 -7.90 1.85
N VAL A 44 16.52 -7.46 1.65
CA VAL A 44 17.55 -8.31 1.04
C VAL A 44 18.40 -8.99 2.10
N GLU A 45 19.04 -10.10 1.72
CA GLU A 45 19.89 -10.84 2.64
C GLU A 45 21.30 -10.99 2.08
N SER A 46 22.26 -10.33 2.72
CA SER A 46 23.65 -10.39 2.27
C SER A 46 24.48 -11.24 3.23
N GLU A 47 25.74 -11.48 2.86
CA GLU A 47 26.64 -12.27 3.68
C GLU A 47 27.12 -11.47 4.89
N ASN A 48 27.58 -10.25 4.64
CA ASN A 48 28.07 -9.38 5.72
C ASN A 48 26.92 -8.96 6.63
N GLY A 49 25.71 -8.94 6.08
CA GLY A 49 24.55 -8.54 6.86
C GLY A 49 23.28 -8.52 6.03
N GLN A 50 22.39 -7.59 6.33
CA GLN A 50 21.12 -7.48 5.61
C GLN A 50 20.65 -6.03 5.58
N MET A 51 19.85 -5.70 4.56
CA MET A 51 19.32 -4.35 4.41
C MET A 51 18.02 -4.36 3.62
N TYR A 52 17.50 -3.17 3.34
CA TYR A 52 16.25 -3.04 2.58
C TYR A 52 16.49 -2.30 1.28
N ILE A 53 16.30 -3.00 0.16
CA ILE A 53 16.50 -2.40 -1.16
C ILE A 53 15.16 -2.19 -1.87
N GLN A 54 14.96 -0.99 -2.40
CA GLN A 54 13.74 -0.66 -3.10
C GLN A 54 13.88 -0.90 -4.60
N LYS A 55 13.60 -2.13 -5.02
CA LYS A 55 13.70 -2.49 -6.44
C LYS A 55 12.49 -1.98 -7.21
N LYS A 56 11.36 -1.86 -6.52
CA LYS A 56 10.13 -1.38 -7.15
C LYS A 56 10.00 0.14 -7.01
N PRO A 57 9.89 0.84 -8.14
CA PRO A 57 9.76 2.29 -8.05
C PRO A 57 8.42 2.71 -7.47
N THR A 58 8.27 4.01 -7.22
CA THR A 58 7.03 4.54 -6.67
C THR A 58 5.84 4.14 -7.52
N MET A 59 4.68 3.98 -6.87
CA MET A 59 3.47 3.58 -7.56
C MET A 59 2.41 4.69 -7.45
N TYR A 60 1.41 4.63 -8.34
CA TYR A 60 0.34 5.61 -8.35
C TYR A 60 -1.02 4.94 -8.44
N PRO A 61 -1.55 4.52 -7.29
CA PRO A 61 -2.86 3.86 -7.32
C PRO A 61 -3.98 4.84 -7.66
N PRO A 62 -5.12 4.30 -8.10
CA PRO A 62 -6.23 5.20 -8.43
C PRO A 62 -6.83 5.86 -7.19
N TRP A 63 -7.89 6.63 -7.40
CA TRP A 63 -8.56 7.32 -6.30
C TRP A 63 -9.88 6.64 -5.96
N ASP A 64 -10.10 6.40 -4.67
CA ASP A 64 -11.33 5.75 -4.21
C ASP A 64 -11.52 4.41 -4.89
N SER A 65 -10.41 3.79 -5.30
CA SER A 65 -10.46 2.49 -5.96
C SER A 65 -9.48 1.51 -5.32
N THR A 66 -9.51 0.26 -5.78
CA THR A 66 -8.63 -0.77 -5.25
C THR A 66 -7.50 -1.08 -6.23
N PHE A 67 -6.31 -1.32 -5.68
CA PHE A 67 -5.14 -1.63 -6.50
C PHE A 67 -4.51 -2.95 -6.07
N ASP A 68 -3.76 -3.56 -6.97
CA ASP A 68 -3.10 -4.83 -6.69
C ASP A 68 -1.69 -4.59 -6.15
N ALA A 69 -1.26 -5.45 -5.21
CA ALA A 69 0.06 -5.33 -4.61
C ALA A 69 0.64 -6.70 -4.30
N HIS A 70 1.69 -7.07 -5.03
CA HIS A 70 2.34 -8.37 -4.82
C HIS A 70 2.74 -8.55 -3.37
N ILE A 71 2.88 -9.79 -2.95
CA ILE A 71 3.26 -10.11 -1.58
C ILE A 71 4.65 -10.73 -1.52
N ASN A 72 5.43 -10.36 -0.50
CA ASN A 72 6.78 -10.88 -0.33
C ASN A 72 7.23 -10.76 1.11
N LYS A 73 8.21 -11.57 1.49
CA LYS A 73 8.74 -11.56 2.85
C LYS A 73 9.56 -10.30 3.09
N GLY A 74 9.31 -9.65 4.23
CA GLY A 74 10.04 -8.43 4.56
C GLY A 74 9.70 -7.28 3.64
N ARG A 75 8.48 -7.30 3.09
CA ARG A 75 8.04 -6.25 2.19
C ARG A 75 7.29 -5.16 2.95
N VAL A 76 7.80 -3.94 2.88
CA VAL A 76 7.18 -2.81 3.57
C VAL A 76 6.66 -1.78 2.57
N MET A 77 5.46 -1.27 2.82
CA MET A 77 4.85 -0.28 1.94
C MET A 77 4.75 1.07 2.64
N GLN A 78 4.91 2.14 1.87
CA GLN A 78 4.85 3.50 2.41
C GLN A 78 3.94 4.38 1.56
N ILE A 79 2.96 5.00 2.21
CA ILE A 79 2.02 5.87 1.51
C ILE A 79 2.29 7.34 1.84
N ILE A 80 2.57 8.13 0.82
CA ILE A 80 2.84 9.55 1.01
C ILE A 80 1.92 10.41 0.14
N VAL A 81 1.22 11.35 0.77
CA VAL A 81 0.31 12.23 0.05
C VAL A 81 1.05 13.45 -0.51
N LYS A 82 0.97 13.62 -1.82
CA LYS A 82 1.63 14.73 -2.49
C LYS A 82 0.63 15.57 -3.27
N GLY A 83 0.75 16.89 -3.16
CA GLY A 83 -0.16 17.79 -3.85
C GLY A 83 0.47 19.13 -4.16
N LYS A 84 -0.05 20.18 -3.54
CA LYS A 84 0.46 21.53 -3.74
C LYS A 84 1.95 21.60 -3.42
N ASN A 85 2.58 22.72 -3.78
CA ASN A 85 4.00 22.90 -3.53
C ASN A 85 4.33 22.66 -2.06
N VAL A 86 4.99 21.54 -1.78
CA VAL A 86 5.37 21.19 -0.43
C VAL A 86 6.34 20.01 -0.40
N ASP A 87 7.28 20.04 0.53
CA ASP A 87 8.26 18.96 0.65
C ASP A 87 7.58 17.64 0.97
N LEU A 88 6.63 17.68 1.89
CA LEU A 88 5.90 16.47 2.29
C LEU A 88 4.71 16.83 3.17
N ILE A 89 3.51 16.49 2.69
CA ILE A 89 2.29 16.77 3.45
C ILE A 89 2.13 15.80 4.61
N SER A 90 2.10 14.51 4.30
CA SER A 90 1.95 13.48 5.32
C SER A 90 2.44 12.13 4.82
N GLU A 91 2.64 11.19 5.73
CA GLU A 91 3.11 9.86 5.38
C GLU A 91 2.73 8.84 6.45
N THR A 92 2.90 7.57 6.13
CA THR A 92 2.57 6.50 7.06
C THR A 92 3.41 5.25 6.79
N THR A 93 3.45 4.35 7.76
CA THR A 93 4.22 3.11 7.62
C THR A 93 3.32 1.89 7.75
N VAL A 94 3.56 0.90 6.90
CA VAL A 94 2.77 -0.33 6.91
C VAL A 94 3.55 -1.50 6.35
N GLU A 95 3.35 -2.69 6.94
CA GLU A 95 4.05 -3.89 6.49
C GLU A 95 3.13 -4.76 5.63
N LEU A 96 3.50 -4.93 4.36
CA LEU A 96 2.72 -5.73 3.44
C LEU A 96 2.72 -7.19 3.86
N TYR A 97 3.79 -7.61 4.54
CA TYR A 97 3.91 -8.99 5.00
C TYR A 97 2.87 -9.30 6.07
N SER A 98 2.97 -8.60 7.21
CA SER A 98 2.05 -8.80 8.31
C SER A 98 0.61 -8.52 7.88
N LEU A 99 0.44 -7.51 7.02
CA LEU A 99 -0.88 -7.13 6.53
C LEU A 99 -1.57 -8.32 5.88
N ALA A 100 -0.85 -9.01 5.00
CA ALA A 100 -1.40 -10.17 4.31
C ALA A 100 -1.91 -11.22 5.31
N GLU A 101 -1.35 -11.20 6.51
CA GLU A 101 -1.75 -12.14 7.55
C GLU A 101 -2.86 -11.56 8.41
N ARG A 102 -2.90 -10.24 8.51
CA ARG A 102 -3.90 -9.56 9.31
C ARG A 102 -5.29 -9.75 8.71
N CYS A 103 -5.35 -9.86 7.39
CA CYS A 103 -6.61 -10.05 6.69
C CYS A 103 -7.22 -11.41 7.02
N ARG A 104 -6.38 -12.44 7.03
CA ARG A 104 -6.84 -13.80 7.33
C ARG A 104 -7.52 -13.85 8.70
N LYS A 105 -7.06 -13.00 9.61
CA LYS A 105 -7.63 -12.95 10.96
C LYS A 105 -9.09 -12.52 10.92
N ASN A 106 -9.46 -11.78 9.88
CA ASN A 106 -10.83 -11.31 9.72
C ASN A 106 -11.64 -12.25 8.84
N ASN A 107 -11.22 -13.52 8.80
CA ASN A 107 -11.91 -14.52 7.99
C ASN A 107 -11.93 -14.12 6.52
N GLY A 108 -10.92 -13.34 6.12
CA GLY A 108 -10.85 -12.90 4.73
C GLY A 108 -10.13 -11.57 4.60
N LYS A 109 -10.88 -10.48 4.79
CA LYS A 109 -10.32 -9.14 4.68
C LYS A 109 -10.49 -8.37 5.99
N THR A 110 -9.51 -7.55 6.33
CA THR A 110 -9.56 -6.75 7.55
C THR A 110 -9.48 -5.25 7.24
N GLU A 111 -10.23 -4.47 8.00
CA GLU A 111 -10.25 -3.02 7.80
C GLU A 111 -9.31 -2.33 8.77
N ILE A 112 -8.42 -1.50 8.24
CA ILE A 112 -7.47 -0.77 9.06
C ILE A 112 -7.45 0.72 8.72
N TRP A 113 -7.44 1.55 9.74
CA TRP A 113 -7.42 3.01 9.54
C TRP A 113 -6.01 3.55 9.65
N LEU A 114 -5.46 3.97 8.52
CA LEU A 114 -4.10 4.52 8.47
C LEU A 114 -4.04 5.87 9.18
N GLU A 115 -2.90 6.15 9.81
CA GLU A 115 -2.71 7.39 10.53
C GLU A 115 -1.53 8.18 9.97
N LEU A 116 -1.81 9.05 9.01
CA LEU A 116 -0.76 9.86 8.39
C LEU A 116 -0.35 11.02 9.31
N LYS A 117 0.96 11.22 9.42
CA LYS A 117 1.49 12.29 10.27
C LYS A 117 2.29 13.29 9.44
N PRO A 118 2.45 14.51 9.96
CA PRO A 118 1.95 15.00 11.25
C PRO A 118 0.42 15.16 11.26
N GLN A 119 -0.16 15.21 10.06
CA GLN A 119 -1.61 15.36 9.92
C GLN A 119 -2.12 14.60 8.71
N GLY A 120 -3.27 13.96 8.86
CA GLY A 120 -3.85 13.21 7.76
C GLY A 120 -4.27 11.81 8.17
N ARG A 121 -5.31 11.29 7.53
CA ARG A 121 -5.81 9.96 7.83
C ARG A 121 -6.64 9.41 6.68
N MET A 122 -6.42 8.14 6.34
CA MET A 122 -7.16 7.51 5.26
C MET A 122 -7.53 6.07 5.61
N LEU A 123 -8.60 5.57 5.02
CA LEU A 123 -9.05 4.21 5.28
C LEU A 123 -8.36 3.21 4.34
N MET A 124 -7.84 2.14 4.92
CA MET A 124 -7.15 1.12 4.14
C MET A 124 -7.87 -0.22 4.25
N ASN A 125 -8.33 -0.74 3.11
CA ASN A 125 -9.04 -2.01 3.07
C ASN A 125 -8.24 -3.06 2.31
N ALA A 126 -7.63 -3.98 3.05
CA ALA A 126 -6.83 -5.04 2.44
C ALA A 126 -7.63 -6.34 2.35
N ARG A 127 -7.76 -6.87 1.15
CA ARG A 127 -8.49 -8.11 0.92
C ARG A 127 -7.54 -9.25 0.56
N TYR A 128 -8.02 -10.48 0.73
CA TYR A 128 -7.21 -11.65 0.41
C TYR A 128 -7.72 -12.34 -0.85
N PHE A 129 -6.95 -12.22 -1.93
CA PHE A 129 -7.32 -12.82 -3.20
C PHE A 129 -6.11 -13.49 -3.86
N LEU A 130 -6.36 -14.55 -4.61
CA LEU A 130 -5.30 -15.28 -5.30
C LEU A 130 -5.30 -14.96 -6.79
N GLU A 131 -4.24 -15.39 -7.48
CA GLU A 131 -4.12 -15.15 -8.91
C GLU A 131 -3.43 -16.33 -9.60
N MET A 132 -3.84 -16.61 -10.83
CA MET A 132 -3.25 -17.71 -11.60
C MET A 132 -1.74 -17.57 -11.67
N SER A 133 -1.27 -16.50 -12.31
CA SER A 133 0.16 -16.27 -12.45
C SER A 133 0.84 -16.21 -11.09
N GLY A 134 2.17 -16.12 -11.10
CA GLY A 134 2.91 -16.07 -9.86
C GLY A 134 4.08 -15.10 -9.93
N PRO A 135 5.24 -15.52 -9.41
CA PRO A 135 6.39 -14.61 -9.45
C PRO A 135 6.90 -14.41 -10.88
N SER A 136 6.80 -13.18 -11.37
CA SER A 136 7.25 -12.85 -12.72
C SER A 136 8.33 -11.78 -12.68
N SER A 137 9.58 -12.20 -12.84
CA SER A 137 10.71 -11.29 -12.81
C SER A 137 10.82 -10.59 -11.46
N GLY A 138 10.56 -11.34 -10.39
CA GLY A 138 10.63 -10.78 -9.05
C GLY A 138 9.46 -9.87 -8.74
N GLY A 1 -15.86 -20.05 -11.27
CA GLY A 1 -15.95 -21.35 -10.64
C GLY A 1 -14.69 -21.72 -9.87
N SER A 2 -13.62 -22.02 -10.60
CA SER A 2 -12.35 -22.38 -9.98
C SER A 2 -11.17 -21.76 -10.73
N SER A 3 -10.06 -21.59 -10.02
CA SER A 3 -8.87 -21.00 -10.61
C SER A 3 -8.49 -21.71 -11.91
N GLY A 4 -8.59 -23.05 -11.89
CA GLY A 4 -8.26 -23.82 -13.07
C GLY A 4 -6.88 -24.44 -12.98
N SER A 5 -5.96 -23.75 -12.30
CA SER A 5 -4.60 -24.24 -12.15
C SER A 5 -4.23 -24.37 -10.67
N SER A 6 -3.05 -24.95 -10.41
CA SER A 6 -2.59 -25.14 -9.04
C SER A 6 -1.14 -24.71 -8.90
N GLY A 7 -0.92 -23.60 -8.20
CA GLY A 7 0.43 -23.10 -8.01
C GLY A 7 0.55 -21.62 -8.35
N MET A 8 -0.18 -20.78 -7.63
CA MET A 8 -0.14 -19.34 -7.85
C MET A 8 0.26 -18.60 -6.58
N SER A 9 0.73 -17.37 -6.74
CA SER A 9 1.15 -16.56 -5.61
C SER A 9 0.03 -15.64 -5.14
N PRO A 10 -0.31 -15.73 -3.85
CA PRO A 10 -1.39 -14.87 -3.37
C PRO A 10 -0.99 -13.40 -3.32
N PHE A 11 -1.94 -12.52 -3.61
CA PHE A 11 -1.70 -11.09 -3.61
C PHE A 11 -2.68 -10.35 -2.70
N LEU A 12 -2.33 -9.13 -2.32
CA LEU A 12 -3.19 -8.33 -1.46
C LEU A 12 -3.83 -7.19 -2.24
N ARG A 13 -5.14 -7.02 -2.04
CA ARG A 13 -5.88 -5.97 -2.72
C ARG A 13 -6.21 -4.83 -1.77
N ILE A 14 -5.33 -3.83 -1.70
CA ILE A 14 -5.53 -2.69 -0.82
C ILE A 14 -6.27 -1.57 -1.54
N GLY A 15 -7.30 -1.03 -0.90
CA GLY A 15 -8.08 0.04 -1.50
C GLY A 15 -8.29 1.19 -0.54
N LEU A 16 -8.04 2.41 -1.02
CA LEU A 16 -8.21 3.60 -0.20
C LEU A 16 -9.52 4.30 -0.52
N SER A 17 -9.99 5.12 0.42
CA SER A 17 -11.24 5.85 0.24
C SER A 17 -11.45 6.85 1.37
N ASN A 18 -12.30 7.84 1.13
CA ASN A 18 -12.59 8.87 2.12
C ASN A 18 -11.32 9.56 2.58
N PHE A 19 -10.45 9.89 1.62
CA PHE A 19 -9.19 10.56 1.93
C PHE A 19 -9.44 11.95 2.52
N ASP A 20 -8.67 12.29 3.54
CA ASP A 20 -8.80 13.58 4.19
C ASP A 20 -7.44 14.27 4.32
N CYS A 21 -7.40 15.56 3.98
CA CYS A 21 -6.16 16.32 4.05
C CYS A 21 -6.13 17.18 5.31
N GLY A 22 -7.26 17.81 5.63
CA GLY A 22 -7.33 18.65 6.81
C GLY A 22 -8.14 19.91 6.56
N SER A 23 -7.66 20.75 5.65
CA SER A 23 -8.33 22.01 5.33
C SER A 23 -7.81 22.58 4.02
N CYS A 24 -8.72 23.16 3.24
CA CYS A 24 -8.36 23.75 1.95
C CYS A 24 -8.88 25.18 1.84
N GLN A 25 -7.98 26.15 1.99
CA GLN A 25 -8.36 27.55 1.91
C GLN A 25 -7.67 28.23 0.73
N SER A 26 -8.43 28.44 -0.35
CA SER A 26 -7.90 29.07 -1.55
C SER A 26 -8.59 30.40 -1.81
N CYS A 27 -8.04 31.18 -2.74
CA CYS A 27 -8.60 32.48 -3.08
C CYS A 27 -8.81 32.59 -4.59
N GLN A 28 -9.09 31.46 -5.22
CA GLN A 28 -9.31 31.43 -6.67
C GLN A 28 -10.58 30.65 -7.01
N GLY A 29 -10.52 29.34 -6.87
CA GLY A 29 -11.66 28.50 -7.16
C GLY A 29 -11.30 27.26 -7.96
N GLU A 30 -10.17 26.65 -7.60
CA GLU A 30 -9.70 25.45 -8.28
C GLU A 30 -9.76 24.24 -7.35
N ALA A 31 -9.57 23.06 -7.92
CA ALA A 31 -9.60 21.82 -7.14
C ALA A 31 -8.28 21.07 -7.26
N VAL A 32 -7.41 21.23 -6.27
CA VAL A 32 -6.12 20.57 -6.25
C VAL A 32 -6.27 19.06 -6.44
N ASN A 33 -5.46 18.49 -7.32
CA ASN A 33 -5.50 17.06 -7.59
C ASN A 33 -4.25 16.37 -7.06
N PRO A 34 -4.23 16.15 -5.73
CA PRO A 34 -3.04 15.48 -5.18
C PRO A 34 -2.95 14.02 -5.59
N TYR A 35 -1.87 13.37 -5.19
CA TYR A 35 -1.66 11.96 -5.52
C TYR A 35 -0.86 11.25 -4.43
N CYS A 36 -1.25 10.02 -4.13
CA CYS A 36 -0.57 9.23 -3.10
C CYS A 36 0.56 8.40 -3.71
N ALA A 37 1.74 8.48 -3.10
CA ALA A 37 2.89 7.73 -3.57
C ALA A 37 3.12 6.47 -2.75
N VAL A 38 3.01 5.32 -3.41
CA VAL A 38 3.21 4.03 -2.74
C VAL A 38 4.58 3.46 -3.03
N LEU A 39 5.50 3.62 -2.10
CA LEU A 39 6.86 3.11 -2.25
C LEU A 39 6.96 1.67 -1.75
N VAL A 40 7.45 0.78 -2.61
CA VAL A 40 7.61 -0.62 -2.25
C VAL A 40 9.08 -1.02 -2.22
N LYS A 41 9.62 -1.15 -1.01
CA LYS A 41 11.02 -1.54 -0.85
C LYS A 41 11.15 -3.04 -0.59
N GLU A 42 12.38 -3.53 -0.66
CA GLU A 42 12.64 -4.95 -0.43
C GLU A 42 13.67 -5.15 0.68
N TYR A 43 13.54 -6.26 1.41
CA TYR A 43 14.46 -6.56 2.50
C TYR A 43 15.73 -7.21 1.98
N VAL A 44 16.84 -6.47 2.06
CA VAL A 44 18.13 -6.97 1.60
C VAL A 44 18.95 -7.51 2.76
N GLU A 45 19.71 -8.57 2.50
CA GLU A 45 20.55 -9.18 3.52
C GLU A 45 21.98 -9.36 3.02
N SER A 46 22.94 -8.85 3.78
CA SER A 46 24.34 -8.95 3.41
C SER A 46 25.16 -9.58 4.54
N GLU A 47 26.35 -10.06 4.20
CA GLU A 47 27.23 -10.68 5.19
C GLU A 47 27.70 -9.65 6.22
N ASN A 48 27.89 -8.42 5.77
CA ASN A 48 28.35 -7.34 6.65
C ASN A 48 27.21 -6.85 7.54
N GLY A 49 25.99 -6.87 7.00
CA GLY A 49 24.83 -6.43 7.75
C GLY A 49 23.63 -6.19 6.88
N GLN A 50 22.52 -6.87 7.18
CA GLN A 50 21.29 -6.72 6.42
C GLN A 50 20.85 -5.26 6.37
N MET A 51 20.13 -4.90 5.31
CA MET A 51 19.64 -3.54 5.14
C MET A 51 18.40 -3.51 4.27
N TYR A 52 17.91 -2.31 3.97
CA TYR A 52 16.72 -2.14 3.14
C TYR A 52 17.04 -1.33 1.90
N ILE A 53 16.61 -1.82 0.74
CA ILE A 53 16.83 -1.13 -0.53
C ILE A 53 15.55 -1.03 -1.34
N GLN A 54 15.38 0.10 -2.03
CA GLN A 54 14.20 0.32 -2.84
C GLN A 54 14.50 0.03 -4.32
N LYS A 55 14.23 -1.20 -4.74
CA LYS A 55 14.48 -1.61 -6.12
C LYS A 55 13.33 -1.15 -7.02
N LYS A 56 12.11 -1.28 -6.53
CA LYS A 56 10.93 -0.87 -7.29
C LYS A 56 10.63 0.61 -7.07
N PRO A 57 10.37 1.32 -8.17
CA PRO A 57 10.07 2.75 -8.01
C PRO A 57 8.72 2.99 -7.34
N THR A 58 8.39 4.26 -7.11
CA THR A 58 7.13 4.62 -6.48
C THR A 58 5.94 4.20 -7.34
N MET A 59 4.81 3.95 -6.70
CA MET A 59 3.59 3.55 -7.41
C MET A 59 2.51 4.61 -7.28
N TYR A 60 1.57 4.61 -8.22
CA TYR A 60 0.48 5.58 -8.22
C TYR A 60 -0.87 4.87 -8.30
N PRO A 61 -1.38 4.44 -7.14
CA PRO A 61 -2.67 3.76 -7.18
C PRO A 61 -3.83 4.71 -7.52
N PRO A 62 -4.93 4.15 -8.01
CA PRO A 62 -6.05 5.03 -8.35
C PRO A 62 -6.71 5.62 -7.10
N TRP A 63 -7.74 6.44 -7.32
CA TRP A 63 -8.46 7.08 -6.21
C TRP A 63 -9.81 6.40 -5.99
N ASP A 64 -10.14 6.16 -4.73
CA ASP A 64 -11.40 5.53 -4.37
C ASP A 64 -11.56 4.19 -5.09
N SER A 65 -10.43 3.56 -5.42
CA SER A 65 -10.43 2.29 -6.11
C SER A 65 -9.49 1.30 -5.44
N THR A 66 -9.46 0.07 -5.95
CA THR A 66 -8.61 -0.98 -5.40
C THR A 66 -7.48 -1.33 -6.37
N PHE A 67 -6.28 -1.51 -5.83
CA PHE A 67 -5.12 -1.85 -6.64
C PHE A 67 -4.47 -3.15 -6.16
N ASP A 68 -3.76 -3.82 -7.05
CA ASP A 68 -3.09 -5.07 -6.71
C ASP A 68 -1.69 -4.81 -6.16
N ALA A 69 -1.27 -5.63 -5.20
CA ALA A 69 0.05 -5.48 -4.60
C ALA A 69 0.66 -6.84 -4.29
N HIS A 70 1.70 -7.20 -5.03
CA HIS A 70 2.38 -8.48 -4.84
C HIS A 70 2.83 -8.64 -3.39
N ILE A 71 2.82 -9.88 -2.90
CA ILE A 71 3.21 -10.17 -1.53
C ILE A 71 4.60 -10.80 -1.49
N ASN A 72 5.40 -10.41 -0.51
CA ASN A 72 6.75 -10.94 -0.36
C ASN A 72 7.34 -10.56 1.00
N LYS A 73 7.83 -11.56 1.73
CA LYS A 73 8.42 -11.33 3.04
C LYS A 73 9.53 -10.29 2.96
N GLY A 74 9.50 -9.33 3.89
CA GLY A 74 10.51 -8.29 3.91
C GLY A 74 10.08 -7.05 3.15
N ARG A 75 9.14 -7.23 2.22
CA ARG A 75 8.64 -6.11 1.42
C ARG A 75 7.77 -5.18 2.27
N VAL A 76 8.18 -3.91 2.35
CA VAL A 76 7.44 -2.93 3.12
C VAL A 76 6.74 -1.93 2.21
N MET A 77 5.64 -1.37 2.69
CA MET A 77 4.88 -0.40 1.92
C MET A 77 4.84 0.96 2.62
N GLN A 78 4.95 2.03 1.84
CA GLN A 78 4.93 3.38 2.40
C GLN A 78 4.05 4.29 1.56
N ILE A 79 2.99 4.82 2.17
CA ILE A 79 2.07 5.72 1.48
C ILE A 79 2.36 7.17 1.84
N ILE A 80 2.86 7.93 0.86
CA ILE A 80 3.18 9.34 1.06
C ILE A 80 2.35 10.22 0.14
N VAL A 81 1.43 10.97 0.71
CA VAL A 81 0.57 11.87 -0.05
C VAL A 81 1.34 13.11 -0.52
N LYS A 82 1.32 13.35 -1.83
CA LYS A 82 2.01 14.50 -2.40
C LYS A 82 1.03 15.62 -2.72
N GLY A 83 1.57 16.79 -3.08
CA GLY A 83 0.73 17.93 -3.41
C GLY A 83 1.48 19.00 -4.16
N LYS A 84 0.75 20.00 -4.65
CA LYS A 84 1.35 21.10 -5.39
C LYS A 84 1.83 22.20 -4.45
N ASN A 85 0.91 22.73 -3.66
CA ASN A 85 1.24 23.79 -2.71
C ASN A 85 2.39 23.38 -1.81
N VAL A 86 2.46 22.09 -1.50
CA VAL A 86 3.53 21.57 -0.66
C VAL A 86 4.09 20.26 -1.22
N ASP A 87 5.39 20.06 -1.03
CA ASP A 87 6.05 18.86 -1.53
C ASP A 87 5.61 17.63 -0.72
N LEU A 88 5.66 17.75 0.60
CA LEU A 88 5.27 16.65 1.48
C LEU A 88 4.13 17.08 2.41
N ILE A 89 3.11 16.24 2.50
CA ILE A 89 1.96 16.51 3.34
C ILE A 89 1.96 15.63 4.59
N SER A 90 2.20 14.34 4.39
CA SER A 90 2.23 13.39 5.50
C SER A 90 2.96 12.12 5.09
N GLU A 91 3.07 11.17 6.03
CA GLU A 91 3.75 9.91 5.78
C GLU A 91 3.28 8.84 6.75
N THR A 92 3.29 7.59 6.29
CA THR A 92 2.86 6.47 7.12
C THR A 92 3.58 5.19 6.72
N THR A 93 3.74 4.28 7.68
CA THR A 93 4.42 3.01 7.44
C THR A 93 3.44 1.85 7.47
N VAL A 94 3.61 0.90 6.57
CA VAL A 94 2.74 -0.27 6.50
C VAL A 94 3.52 -1.51 6.04
N GLU A 95 3.25 -2.63 6.70
CA GLU A 95 3.92 -3.89 6.36
C GLU A 95 3.03 -4.76 5.48
N LEU A 96 3.45 -4.99 4.25
CA LEU A 96 2.70 -5.82 3.32
C LEU A 96 2.64 -7.26 3.79
N TYR A 97 3.67 -7.68 4.52
CA TYR A 97 3.73 -9.05 5.03
C TYR A 97 2.67 -9.29 6.09
N SER A 98 2.84 -8.64 7.25
CA SER A 98 1.90 -8.78 8.35
C SER A 98 0.48 -8.47 7.89
N LEU A 99 0.35 -7.49 7.02
CA LEU A 99 -0.95 -7.09 6.50
C LEU A 99 -1.69 -8.28 5.90
N ALA A 100 -1.01 -9.02 5.04
CA ALA A 100 -1.60 -10.18 4.39
C ALA A 100 -2.14 -11.16 5.43
N GLU A 101 -1.54 -11.17 6.62
CA GLU A 101 -1.97 -12.05 7.68
C GLU A 101 -3.16 -11.46 8.44
N ARG A 102 -3.09 -10.16 8.71
CA ARG A 102 -4.17 -9.48 9.42
C ARG A 102 -5.51 -9.72 8.74
N CYS A 103 -5.50 -9.76 7.42
CA CYS A 103 -6.73 -9.98 6.65
C CYS A 103 -7.33 -11.34 6.98
N ARG A 104 -6.51 -12.39 6.91
CA ARG A 104 -6.96 -13.74 7.19
C ARG A 104 -7.64 -13.82 8.56
N LYS A 105 -7.10 -13.07 9.52
CA LYS A 105 -7.65 -13.05 10.87
C LYS A 105 -9.12 -12.64 10.85
N ASN A 106 -9.50 -11.88 9.82
CA ASN A 106 -10.89 -11.42 9.68
C ASN A 106 -11.67 -12.35 8.77
N ASN A 107 -11.25 -13.61 8.70
CA ASN A 107 -11.92 -14.59 7.86
C ASN A 107 -11.98 -14.12 6.41
N GLY A 108 -11.01 -13.31 6.02
CA GLY A 108 -10.97 -12.80 4.66
C GLY A 108 -10.22 -11.49 4.55
N LYS A 109 -10.92 -10.38 4.81
CA LYS A 109 -10.31 -9.06 4.74
C LYS A 109 -10.52 -8.30 6.04
N THR A 110 -9.55 -7.46 6.39
CA THR A 110 -9.63 -6.67 7.61
C THR A 110 -9.66 -5.17 7.30
N GLU A 111 -10.19 -4.40 8.24
CA GLU A 111 -10.28 -2.95 8.06
C GLU A 111 -9.29 -2.23 8.97
N ILE A 112 -8.42 -1.44 8.37
CA ILE A 112 -7.41 -0.68 9.12
C ILE A 112 -7.46 0.80 8.76
N TRP A 113 -7.29 1.64 9.78
CA TRP A 113 -7.32 3.09 9.58
C TRP A 113 -5.91 3.67 9.67
N LEU A 114 -5.33 3.97 8.52
CA LEU A 114 -3.98 4.54 8.47
C LEU A 114 -3.95 5.93 9.08
N GLU A 115 -2.94 6.18 9.92
CA GLU A 115 -2.80 7.47 10.57
C GLU A 115 -1.59 8.23 10.03
N LEU A 116 -1.84 9.08 9.05
CA LEU A 116 -0.77 9.87 8.44
C LEU A 116 -0.36 11.03 9.33
N LYS A 117 0.94 11.20 9.52
CA LYS A 117 1.46 12.28 10.36
C LYS A 117 2.29 13.25 9.53
N PRO A 118 2.45 14.47 10.05
CA PRO A 118 1.92 15.00 11.32
C PRO A 118 0.41 15.17 11.29
N GLN A 119 -0.16 15.18 10.09
CA GLN A 119 -1.60 15.34 9.92
C GLN A 119 -2.10 14.53 8.73
N GLY A 120 -3.41 14.29 8.71
CA GLY A 120 -3.99 13.52 7.61
C GLY A 120 -4.32 12.10 8.01
N ARG A 121 -5.38 11.55 7.45
CA ARG A 121 -5.79 10.18 7.75
C ARG A 121 -6.70 9.64 6.65
N MET A 122 -6.70 8.31 6.51
CA MET A 122 -7.53 7.66 5.49
C MET A 122 -7.89 6.24 5.92
N LEU A 123 -8.81 5.62 5.19
CA LEU A 123 -9.26 4.27 5.49
C LEU A 123 -8.65 3.27 4.50
N MET A 124 -7.88 2.32 5.03
CA MET A 124 -7.25 1.30 4.20
C MET A 124 -7.94 -0.04 4.35
N ASN A 125 -8.29 -0.66 3.24
CA ASN A 125 -8.97 -1.95 3.25
C ASN A 125 -8.21 -2.97 2.41
N ALA A 126 -7.61 -3.95 3.09
CA ALA A 126 -6.85 -4.99 2.41
C ALA A 126 -7.67 -6.28 2.30
N ARG A 127 -7.80 -6.79 1.08
CA ARG A 127 -8.55 -8.02 0.84
C ARG A 127 -7.62 -9.15 0.41
N TYR A 128 -7.98 -10.37 0.76
CA TYR A 128 -7.18 -11.55 0.42
C TYR A 128 -7.66 -12.16 -0.90
N PHE A 129 -6.74 -12.28 -1.84
CA PHE A 129 -7.06 -12.86 -3.15
C PHE A 129 -5.89 -13.66 -3.70
N LEU A 130 -6.18 -14.54 -4.66
CA LEU A 130 -5.15 -15.37 -5.26
C LEU A 130 -4.96 -15.02 -6.74
N GLU A 131 -3.73 -15.13 -7.21
CA GLU A 131 -3.41 -14.82 -8.60
C GLU A 131 -3.85 -15.95 -9.52
N MET A 132 -3.64 -15.78 -10.82
CA MET A 132 -4.01 -16.79 -11.80
C MET A 132 -2.82 -17.20 -12.65
N SER A 133 -1.62 -17.08 -12.08
CA SER A 133 -0.39 -17.43 -12.78
C SER A 133 0.77 -17.60 -11.81
N GLY A 134 1.67 -18.51 -12.13
CA GLY A 134 2.82 -18.74 -11.27
C GLY A 134 3.65 -17.50 -11.05
N PRO A 135 4.62 -17.58 -10.14
CA PRO A 135 5.45 -16.39 -9.90
C PRO A 135 6.36 -16.09 -11.08
N SER A 136 7.10 -14.98 -10.98
CA SER A 136 8.01 -14.57 -12.04
C SER A 136 9.46 -14.55 -11.53
N SER A 137 10.40 -14.53 -12.46
CA SER A 137 11.81 -14.50 -12.11
C SER A 137 12.33 -13.06 -12.01
N GLY A 138 13.51 -12.90 -11.44
CA GLY A 138 14.09 -11.58 -11.29
C GLY A 138 14.13 -11.11 -9.85
N GLY A 1 -15.01 -29.37 -13.97
CA GLY A 1 -14.58 -30.15 -15.10
C GLY A 1 -13.50 -31.16 -14.74
N SER A 2 -12.37 -30.65 -14.24
CA SER A 2 -11.26 -31.51 -13.86
C SER A 2 -10.51 -30.93 -12.66
N SER A 3 -10.58 -31.63 -11.53
CA SER A 3 -9.92 -31.17 -10.31
C SER A 3 -8.40 -31.22 -10.48
N GLY A 4 -7.72 -30.28 -9.81
CA GLY A 4 -6.27 -30.23 -9.89
C GLY A 4 -5.71 -28.91 -9.40
N SER A 5 -4.55 -28.96 -8.76
CA SER A 5 -3.91 -27.77 -8.23
C SER A 5 -3.17 -27.01 -9.33
N SER A 6 -2.51 -25.92 -8.94
CA SER A 6 -1.77 -25.11 -9.91
C SER A 6 -0.86 -24.11 -9.19
N GLY A 7 0.12 -23.59 -9.90
CA GLY A 7 1.04 -22.63 -9.31
C GLY A 7 0.52 -21.21 -9.39
N MET A 8 -0.06 -20.73 -8.28
CA MET A 8 -0.60 -19.37 -8.23
C MET A 8 0.02 -18.60 -7.07
N SER A 9 0.33 -17.33 -7.32
CA SER A 9 0.94 -16.47 -6.31
C SER A 9 -0.10 -15.56 -5.69
N PRO A 10 -0.36 -15.75 -4.38
CA PRO A 10 -1.35 -14.88 -3.74
C PRO A 10 -0.88 -13.44 -3.61
N PHE A 11 -1.82 -12.52 -3.46
CA PHE A 11 -1.49 -11.11 -3.32
C PHE A 11 -2.53 -10.39 -2.45
N LEU A 12 -2.23 -9.14 -2.08
CA LEU A 12 -3.12 -8.35 -1.25
C LEU A 12 -3.75 -7.22 -2.06
N ARG A 13 -5.08 -7.13 -2.00
CA ARG A 13 -5.80 -6.09 -2.73
C ARG A 13 -6.09 -4.90 -1.82
N ILE A 14 -5.18 -3.93 -1.81
CA ILE A 14 -5.34 -2.75 -0.98
C ILE A 14 -6.08 -1.65 -1.74
N GLY A 15 -7.05 -1.04 -1.09
CA GLY A 15 -7.82 0.03 -1.72
C GLY A 15 -8.07 1.19 -0.78
N LEU A 16 -7.66 2.38 -1.20
CA LEU A 16 -7.84 3.58 -0.39
C LEU A 16 -9.13 4.31 -0.78
N SER A 17 -9.70 5.03 0.17
CA SER A 17 -10.93 5.77 -0.06
C SER A 17 -11.23 6.72 1.10
N ASN A 18 -12.06 7.73 0.83
CA ASN A 18 -12.43 8.70 1.85
C ASN A 18 -11.20 9.44 2.38
N PHE A 19 -10.31 9.80 1.46
CA PHE A 19 -9.09 10.51 1.82
C PHE A 19 -9.41 11.86 2.44
N ASP A 20 -8.85 12.13 3.61
CA ASP A 20 -9.07 13.39 4.31
C ASP A 20 -7.75 14.08 4.62
N CYS A 21 -7.61 15.32 4.16
CA CYS A 21 -6.40 16.09 4.39
C CYS A 21 -6.70 17.38 5.15
N GLY A 22 -7.81 17.38 5.89
CA GLY A 22 -8.19 18.54 6.65
C GLY A 22 -9.27 19.36 5.96
N SER A 23 -9.23 19.39 4.63
CA SER A 23 -10.20 20.14 3.85
C SER A 23 -10.16 21.62 4.22
N CYS A 24 -8.98 22.21 4.16
CA CYS A 24 -8.81 23.61 4.50
C CYS A 24 -8.25 24.39 3.31
N GLN A 25 -8.86 24.18 2.13
CA GLN A 25 -8.42 24.86 0.92
C GLN A 25 -9.47 25.84 0.44
N SER A 26 -9.97 26.66 1.37
CA SER A 26 -10.98 27.66 1.03
C SER A 26 -10.33 28.99 0.68
N CYS A 27 -9.20 29.28 1.30
CA CYS A 27 -8.48 30.53 1.05
C CYS A 27 -8.23 30.71 -0.44
N GLN A 28 -7.79 29.64 -1.11
CA GLN A 28 -7.52 29.69 -2.54
C GLN A 28 -8.65 29.07 -3.34
N GLY A 29 -8.66 29.34 -4.65
CA GLY A 29 -9.69 28.79 -5.50
C GLY A 29 -9.14 28.20 -6.78
N GLU A 30 -8.00 27.53 -6.67
CA GLU A 30 -7.36 26.91 -7.83
C GLU A 30 -7.84 25.48 -8.02
N ALA A 31 -7.32 24.82 -9.05
CA ALA A 31 -7.69 23.43 -9.34
C ALA A 31 -6.45 22.57 -9.54
N VAL A 32 -6.16 21.71 -8.57
CA VAL A 32 -5.01 20.83 -8.64
C VAL A 32 -5.41 19.38 -8.40
N ASN A 33 -4.74 18.46 -9.10
CA ASN A 33 -5.03 17.04 -8.95
C ASN A 33 -3.90 16.33 -8.21
N PRO A 34 -3.97 16.36 -6.87
CA PRO A 34 -2.91 15.68 -6.11
C PRO A 34 -2.98 14.17 -6.25
N TYR A 35 -1.84 13.51 -6.03
CA TYR A 35 -1.77 12.05 -6.12
C TYR A 35 -1.00 11.46 -4.95
N CYS A 36 -1.19 10.17 -4.72
CA CYS A 36 -0.50 9.48 -3.62
C CYS A 36 0.62 8.59 -4.15
N ALA A 37 1.79 8.72 -3.53
CA ALA A 37 2.95 7.93 -3.93
C ALA A 37 3.11 6.70 -3.04
N VAL A 38 3.06 5.52 -3.65
CA VAL A 38 3.20 4.27 -2.91
C VAL A 38 4.56 3.62 -3.17
N LEU A 39 5.52 3.88 -2.28
CA LEU A 39 6.85 3.33 -2.40
C LEU A 39 6.91 1.92 -1.85
N VAL A 40 7.37 0.98 -2.69
CA VAL A 40 7.47 -0.42 -2.28
C VAL A 40 8.93 -0.86 -2.23
N LYS A 41 9.42 -1.13 -1.02
CA LYS A 41 10.80 -1.56 -0.83
C LYS A 41 10.86 -3.06 -0.53
N GLU A 42 12.04 -3.64 -0.71
CA GLU A 42 12.24 -5.07 -0.47
C GLU A 42 13.19 -5.29 0.70
N TYR A 43 13.12 -6.47 1.30
CA TYR A 43 13.98 -6.81 2.43
C TYR A 43 15.23 -7.54 1.96
N VAL A 44 16.38 -6.88 2.09
CA VAL A 44 17.65 -7.47 1.69
C VAL A 44 18.45 -7.92 2.89
N GLU A 45 19.02 -9.12 2.81
CA GLU A 45 19.82 -9.67 3.89
C GLU A 45 21.28 -9.84 3.46
N SER A 46 22.20 -9.41 4.32
CA SER A 46 23.63 -9.51 4.03
C SER A 46 24.39 -10.01 5.26
N GLU A 47 25.47 -10.75 5.00
CA GLU A 47 26.29 -11.28 6.09
C GLU A 47 26.87 -10.16 6.94
N ASN A 48 27.03 -8.98 6.34
CA ASN A 48 27.57 -7.83 7.06
C ASN A 48 26.46 -7.10 7.81
N GLY A 49 25.24 -7.20 7.31
CA GLY A 49 24.11 -6.54 7.97
C GLY A 49 22.97 -6.27 7.01
N GLN A 50 21.85 -6.94 7.23
CA GLN A 50 20.68 -6.77 6.38
C GLN A 50 20.27 -5.30 6.30
N MET A 51 19.67 -4.93 5.17
CA MET A 51 19.24 -3.54 4.95
C MET A 51 18.00 -3.49 4.08
N TYR A 52 17.47 -2.30 3.88
CA TYR A 52 16.28 -2.11 3.06
C TYR A 52 16.59 -1.29 1.82
N ILE A 53 16.27 -1.86 0.65
CA ILE A 53 16.52 -1.18 -0.62
C ILE A 53 15.26 -1.11 -1.47
N GLN A 54 15.08 0.00 -2.17
CA GLN A 54 13.91 0.19 -3.01
C GLN A 54 14.23 -0.15 -4.46
N LYS A 55 13.68 -1.27 -4.93
CA LYS A 55 13.89 -1.71 -6.31
C LYS A 55 12.77 -1.23 -7.22
N LYS A 56 11.54 -1.36 -6.75
CA LYS A 56 10.37 -0.94 -7.52
C LYS A 56 10.18 0.57 -7.44
N PRO A 57 9.93 1.19 -8.59
CA PRO A 57 9.74 2.65 -8.56
C PRO A 57 8.43 3.04 -7.88
N THR A 58 8.26 4.34 -7.64
CA THR A 58 7.05 4.85 -6.99
C THR A 58 5.80 4.41 -7.74
N MET A 59 4.77 4.04 -6.98
CA MET A 59 3.51 3.60 -7.57
C MET A 59 2.43 4.66 -7.39
N TYR A 60 1.48 4.70 -8.32
CA TYR A 60 0.39 5.66 -8.27
C TYR A 60 -0.96 4.96 -8.37
N PRO A 61 -1.46 4.50 -7.22
CA PRO A 61 -2.77 3.82 -7.27
C PRO A 61 -3.91 4.79 -7.57
N PRO A 62 -5.04 4.24 -8.04
CA PRO A 62 -6.16 5.13 -8.34
C PRO A 62 -6.78 5.73 -7.08
N TRP A 63 -7.83 6.51 -7.26
CA TRP A 63 -8.52 7.15 -6.14
C TRP A 63 -9.85 6.46 -5.85
N ASP A 64 -10.09 6.14 -4.59
CA ASP A 64 -11.32 5.47 -4.18
C ASP A 64 -11.49 4.14 -4.90
N SER A 65 -10.37 3.54 -5.27
CA SER A 65 -10.38 2.26 -5.98
C SER A 65 -9.44 1.26 -5.31
N THR A 66 -9.43 0.04 -5.84
CA THR A 66 -8.57 -1.01 -5.30
C THR A 66 -7.47 -1.39 -6.29
N PHE A 67 -6.25 -1.54 -5.78
CA PHE A 67 -5.12 -1.91 -6.63
C PHE A 67 -4.47 -3.21 -6.16
N ASP A 68 -3.58 -3.75 -6.97
CA ASP A 68 -2.90 -4.99 -6.64
C ASP A 68 -1.55 -4.72 -5.99
N ALA A 69 -1.15 -5.59 -5.08
CA ALA A 69 0.13 -5.44 -4.39
C ALA A 69 0.76 -6.79 -4.08
N HIS A 70 1.84 -7.11 -4.77
CA HIS A 70 2.53 -8.39 -4.57
C HIS A 70 2.99 -8.52 -3.12
N ILE A 71 2.93 -9.75 -2.60
CA ILE A 71 3.33 -10.02 -1.23
C ILE A 71 4.74 -10.60 -1.19
N ASN A 72 5.51 -10.19 -0.18
CA ASN A 72 6.88 -10.66 -0.02
C ASN A 72 7.31 -10.58 1.44
N LYS A 73 8.04 -11.61 1.89
CA LYS A 73 8.52 -11.66 3.26
C LYS A 73 9.45 -10.49 3.56
N GLY A 74 8.91 -9.44 4.15
CA GLY A 74 9.71 -8.27 4.47
C GLY A 74 9.41 -7.09 3.56
N ARG A 75 8.26 -7.12 2.91
CA ARG A 75 7.86 -6.04 2.00
C ARG A 75 7.16 -4.92 2.77
N VAL A 76 7.69 -3.71 2.65
CA VAL A 76 7.12 -2.56 3.33
C VAL A 76 6.51 -1.58 2.33
N MET A 77 5.34 -1.06 2.67
CA MET A 77 4.64 -0.11 1.80
C MET A 77 4.56 1.26 2.45
N GLN A 78 4.96 2.29 1.71
CA GLN A 78 4.93 3.65 2.21
C GLN A 78 3.99 4.52 1.38
N ILE A 79 2.97 5.08 2.03
CA ILE A 79 2.00 5.92 1.35
C ILE A 79 2.23 7.40 1.68
N ILE A 80 2.84 8.12 0.75
CA ILE A 80 3.12 9.54 0.95
C ILE A 80 2.27 10.39 0.02
N VAL A 81 1.43 11.24 0.61
CA VAL A 81 0.56 12.12 -0.17
C VAL A 81 1.36 13.26 -0.79
N LYS A 82 1.18 13.46 -2.10
CA LYS A 82 1.87 14.51 -2.82
C LYS A 82 0.90 15.31 -3.68
N GLY A 83 1.34 16.49 -4.13
CA GLY A 83 0.50 17.32 -4.96
C GLY A 83 1.30 18.24 -5.87
N LYS A 84 1.01 19.53 -5.81
CA LYS A 84 1.71 20.51 -6.63
C LYS A 84 2.23 21.66 -5.77
N ASN A 85 1.31 22.35 -5.10
CA ASN A 85 1.68 23.48 -4.25
C ASN A 85 2.50 23.02 -3.05
N VAL A 86 1.96 22.02 -2.33
CA VAL A 86 2.65 21.49 -1.16
C VAL A 86 3.71 20.47 -1.56
N ASP A 87 4.76 20.38 -0.76
CA ASP A 87 5.86 19.44 -1.03
C ASP A 87 5.63 18.13 -0.30
N LEU A 88 4.95 18.19 0.84
CA LEU A 88 4.66 17.00 1.63
C LEU A 88 3.51 17.24 2.60
N ILE A 89 2.44 16.48 2.43
CA ILE A 89 1.26 16.62 3.28
C ILE A 89 1.38 15.73 4.52
N SER A 90 1.82 14.49 4.31
CA SER A 90 1.97 13.54 5.40
C SER A 90 2.61 12.24 4.91
N GLU A 91 2.86 11.32 5.83
CA GLU A 91 3.48 10.04 5.50
C GLU A 91 3.18 9.00 6.57
N THR A 92 3.27 7.73 6.19
CA THR A 92 3.01 6.63 7.12
C THR A 92 3.70 5.35 6.65
N THR A 93 3.87 4.42 7.58
CA THR A 93 4.50 3.14 7.27
C THR A 93 3.55 1.97 7.52
N VAL A 94 3.68 0.94 6.69
CA VAL A 94 2.83 -0.25 6.82
C VAL A 94 3.50 -1.47 6.19
N GLU A 95 3.29 -2.63 6.80
CA GLU A 95 3.86 -3.86 6.29
C GLU A 95 2.91 -4.56 5.34
N LEU A 96 3.45 -5.09 4.24
CA LEU A 96 2.64 -5.78 3.25
C LEU A 96 2.58 -7.28 3.54
N TYR A 97 3.61 -7.79 4.22
CA TYR A 97 3.66 -9.20 4.56
C TYR A 97 2.69 -9.53 5.69
N SER A 98 2.93 -8.96 6.86
CA SER A 98 2.08 -9.19 8.03
C SER A 98 0.63 -8.88 7.70
N LEU A 99 0.41 -7.82 6.94
CA LEU A 99 -0.94 -7.41 6.55
C LEU A 99 -1.70 -8.58 5.92
N ALA A 100 -1.04 -9.30 5.03
CA ALA A 100 -1.66 -10.45 4.37
C ALA A 100 -2.25 -11.41 5.38
N GLU A 101 -1.60 -11.51 6.55
CA GLU A 101 -2.07 -12.41 7.60
C GLU A 101 -3.19 -11.76 8.40
N ARG A 102 -3.03 -10.48 8.72
CA ARG A 102 -4.04 -9.75 9.49
C ARG A 102 -5.41 -9.90 8.85
N CYS A 103 -5.44 -9.93 7.52
CA CYS A 103 -6.70 -10.06 6.79
C CYS A 103 -7.35 -11.42 7.05
N ARG A 104 -6.55 -12.48 6.94
CA ARG A 104 -7.05 -13.83 7.17
C ARG A 104 -7.72 -13.94 8.54
N LYS A 105 -7.18 -13.21 9.51
CA LYS A 105 -7.72 -13.22 10.86
C LYS A 105 -9.16 -12.73 10.88
N ASN A 106 -9.53 -11.94 9.88
CA ASN A 106 -10.87 -11.39 9.78
C ASN A 106 -11.74 -12.26 8.87
N ASN A 107 -11.37 -13.53 8.75
CA ASN A 107 -12.11 -14.47 7.91
C ASN A 107 -12.15 -13.97 6.45
N GLY A 108 -11.14 -13.21 6.07
CA GLY A 108 -11.07 -12.69 4.71
C GLY A 108 -10.28 -11.40 4.62
N LYS A 109 -10.94 -10.28 4.88
CA LYS A 109 -10.29 -8.97 4.83
C LYS A 109 -10.42 -8.25 6.16
N THR A 110 -9.41 -7.45 6.49
CA THR A 110 -9.41 -6.70 7.75
C THR A 110 -9.38 -5.19 7.48
N GLU A 111 -10.20 -4.46 8.22
CA GLU A 111 -10.27 -3.00 8.07
C GLU A 111 -9.28 -2.31 9.00
N ILE A 112 -8.39 -1.51 8.41
CA ILE A 112 -7.39 -0.78 9.19
C ILE A 112 -7.43 0.70 8.87
N TRP A 113 -7.26 1.52 9.90
CA TRP A 113 -7.27 2.97 9.73
C TRP A 113 -5.86 3.54 9.84
N LEU A 114 -5.29 3.89 8.69
CA LEU A 114 -3.94 4.46 8.64
C LEU A 114 -3.88 5.79 9.38
N GLU A 115 -2.72 6.09 9.95
CA GLU A 115 -2.53 7.34 10.68
C GLU A 115 -1.37 8.15 10.10
N LEU A 116 -1.69 9.01 9.14
CA LEU A 116 -0.67 9.84 8.50
C LEU A 116 -0.25 10.99 9.41
N LYS A 117 1.06 11.18 9.55
CA LYS A 117 1.59 12.24 10.39
C LYS A 117 2.34 13.26 9.56
N PRO A 118 2.50 14.48 10.10
CA PRO A 118 2.04 14.93 11.42
C PRO A 118 0.53 15.08 11.48
N GLN A 119 -0.12 15.10 10.32
CA GLN A 119 -1.57 15.23 10.25
C GLN A 119 -2.12 14.48 9.04
N GLY A 120 -3.41 14.18 9.08
CA GLY A 120 -4.04 13.47 7.99
C GLY A 120 -4.31 12.01 8.31
N ARG A 121 -5.31 11.43 7.66
CA ARG A 121 -5.67 10.04 7.88
C ARG A 121 -6.50 9.49 6.73
N MET A 122 -6.39 8.20 6.48
CA MET A 122 -7.14 7.56 5.41
C MET A 122 -7.50 6.12 5.77
N LEU A 123 -8.48 5.56 5.07
CA LEU A 123 -8.92 4.19 5.32
C LEU A 123 -8.22 3.22 4.39
N MET A 124 -7.72 2.12 4.95
CA MET A 124 -7.02 1.11 4.16
C MET A 124 -7.72 -0.25 4.30
N ASN A 125 -8.34 -0.69 3.21
CA ASN A 125 -9.04 -1.97 3.21
C ASN A 125 -8.29 -3.01 2.37
N ALA A 126 -7.63 -3.95 3.05
CA ALA A 126 -6.88 -4.99 2.36
C ALA A 126 -7.69 -6.27 2.25
N ARG A 127 -7.92 -6.71 1.02
CA ARG A 127 -8.69 -7.92 0.77
C ARG A 127 -7.77 -9.09 0.41
N TYR A 128 -8.25 -10.30 0.64
CA TYR A 128 -7.47 -11.50 0.33
C TYR A 128 -7.88 -12.10 -1.00
N PHE A 129 -6.95 -12.09 -1.95
CA PHE A 129 -7.21 -12.64 -3.28
C PHE A 129 -5.97 -13.33 -3.84
N LEU A 130 -6.18 -14.23 -4.79
CA LEU A 130 -5.09 -14.98 -5.41
C LEU A 130 -4.99 -14.64 -6.90
N GLU A 131 -3.88 -15.05 -7.51
CA GLU A 131 -3.67 -14.81 -8.93
C GLU A 131 -2.73 -15.86 -9.53
N MET A 132 -2.97 -16.21 -10.78
CA MET A 132 -2.15 -17.21 -11.47
C MET A 132 -0.99 -16.55 -12.19
N SER A 133 -0.29 -15.65 -11.50
CA SER A 133 0.84 -14.95 -12.08
C SER A 133 1.57 -14.12 -11.02
N GLY A 134 2.81 -14.48 -10.75
CA GLY A 134 3.60 -13.77 -9.76
C GLY A 134 5.09 -13.84 -10.04
N PRO A 135 5.86 -12.94 -9.39
CA PRO A 135 7.30 -12.98 -9.64
C PRO A 135 7.96 -14.21 -9.03
N SER A 136 9.29 -14.27 -9.11
CA SER A 136 10.04 -15.40 -8.58
C SER A 136 11.23 -14.91 -7.75
N SER A 137 11.48 -15.60 -6.64
CA SER A 137 12.58 -15.24 -5.75
C SER A 137 13.56 -16.41 -5.60
N GLY A 138 14.74 -16.12 -5.05
CA GLY A 138 15.73 -17.15 -4.86
C GLY A 138 16.78 -17.15 -5.96
N GLY A 1 -7.93 -21.59 -23.28
CA GLY A 1 -8.61 -22.59 -22.48
C GLY A 1 -7.77 -23.83 -22.25
N SER A 2 -6.65 -23.66 -21.55
CA SER A 2 -5.76 -24.77 -21.26
C SER A 2 -6.19 -25.51 -20.00
N SER A 3 -5.58 -26.66 -19.76
CA SER A 3 -5.91 -27.47 -18.59
C SER A 3 -4.64 -27.87 -17.83
N GLY A 4 -4.71 -27.81 -16.50
CA GLY A 4 -3.56 -28.18 -15.69
C GLY A 4 -2.55 -27.05 -15.60
N SER A 5 -2.60 -26.30 -14.50
CA SER A 5 -1.68 -25.19 -14.30
C SER A 5 -1.28 -25.07 -12.83
N SER A 6 0.01 -25.25 -12.56
CA SER A 6 0.52 -25.17 -11.20
C SER A 6 1.60 -24.09 -11.08
N GLY A 7 1.45 -23.23 -10.09
CA GLY A 7 2.42 -22.17 -9.88
C GLY A 7 1.76 -20.80 -9.73
N MET A 8 0.85 -20.70 -8.78
CA MET A 8 0.14 -19.44 -8.54
C MET A 8 0.32 -18.98 -7.10
N SER A 9 0.64 -17.70 -6.92
CA SER A 9 0.84 -17.14 -5.59
C SER A 9 -0.23 -16.10 -5.28
N PRO A 10 -0.74 -16.14 -4.04
CA PRO A 10 -1.77 -15.15 -3.69
C PRO A 10 -1.21 -13.74 -3.59
N PHE A 11 -2.11 -12.75 -3.63
CA PHE A 11 -1.69 -11.36 -3.55
C PHE A 11 -2.60 -10.58 -2.59
N LEU A 12 -2.38 -9.27 -2.49
CA LEU A 12 -3.17 -8.42 -1.63
C LEU A 12 -3.77 -7.25 -2.40
N ARG A 13 -5.07 -7.06 -2.24
CA ARG A 13 -5.77 -5.97 -2.93
C ARG A 13 -6.15 -4.86 -1.95
N ILE A 14 -5.28 -3.87 -1.82
CA ILE A 14 -5.52 -2.76 -0.91
C ILE A 14 -6.27 -1.63 -1.62
N GLY A 15 -7.18 -0.99 -0.90
CA GLY A 15 -7.95 0.11 -1.47
C GLY A 15 -8.00 1.32 -0.57
N LEU A 16 -7.87 2.50 -1.15
CA LEU A 16 -7.91 3.75 -0.39
C LEU A 16 -9.12 4.59 -0.76
N SER A 17 -9.81 5.10 0.24
CA SER A 17 -11.01 5.91 0.02
C SER A 17 -11.28 6.82 1.22
N ASN A 18 -12.08 7.85 1.00
CA ASN A 18 -12.42 8.80 2.06
C ASN A 18 -11.16 9.47 2.61
N PHE A 19 -10.29 9.92 1.71
CA PHE A 19 -9.05 10.58 2.12
C PHE A 19 -9.34 11.91 2.77
N ASP A 20 -8.76 12.11 3.96
CA ASP A 20 -8.96 13.35 4.70
C ASP A 20 -7.62 13.98 5.07
N CYS A 21 -7.47 15.26 4.78
CA CYS A 21 -6.23 15.98 5.09
C CYS A 21 -6.47 17.03 6.17
N GLY A 22 -7.64 17.64 6.15
CA GLY A 22 -7.97 18.67 7.12
C GLY A 22 -8.98 19.67 6.60
N SER A 23 -9.70 20.31 7.51
CA SER A 23 -10.72 21.30 7.14
C SER A 23 -10.07 22.65 6.87
N CYS A 24 -9.96 23.02 5.59
CA CYS A 24 -9.38 24.29 5.20
C CYS A 24 -10.40 25.18 4.51
N GLN A 25 -10.49 26.42 4.96
CA GLN A 25 -11.44 27.38 4.38
C GLN A 25 -10.80 28.13 3.21
N SER A 26 -11.05 27.66 2.00
CA SER A 26 -10.49 28.29 0.81
C SER A 26 -11.52 29.23 0.17
N CYS A 27 -11.03 30.11 -0.70
CA CYS A 27 -11.90 31.08 -1.37
C CYS A 27 -12.73 30.38 -2.46
N GLN A 28 -12.03 29.75 -3.41
CA GLN A 28 -12.70 29.06 -4.50
C GLN A 28 -12.14 27.66 -4.69
N GLY A 29 -12.86 26.82 -5.42
CA GLY A 29 -12.41 25.46 -5.67
C GLY A 29 -11.34 25.39 -6.73
N GLU A 30 -10.09 25.54 -6.32
CA GLU A 30 -8.97 25.50 -7.26
C GLU A 30 -8.92 24.15 -7.97
N ALA A 31 -7.97 24.01 -8.89
CA ALA A 31 -7.81 22.77 -9.65
C ALA A 31 -6.43 22.16 -9.41
N VAL A 32 -6.37 21.18 -8.51
CA VAL A 32 -5.12 20.51 -8.20
C VAL A 32 -5.21 19.00 -8.45
N ASN A 33 -4.10 18.41 -8.85
CA ASN A 33 -4.06 16.97 -9.12
C ASN A 33 -3.25 16.24 -8.06
N PRO A 34 -3.77 16.23 -6.82
CA PRO A 34 -3.02 15.53 -5.77
C PRO A 34 -3.04 14.02 -5.97
N TYR A 35 -1.86 13.40 -5.91
CA TYR A 35 -1.73 11.96 -6.08
C TYR A 35 -0.86 11.36 -4.99
N CYS A 36 -1.19 10.13 -4.58
CA CYS A 36 -0.43 9.44 -3.54
C CYS A 36 0.70 8.61 -4.15
N ALA A 37 1.83 8.56 -3.45
CA ALA A 37 2.98 7.81 -3.92
C ALA A 37 3.20 6.55 -3.08
N VAL A 38 2.99 5.39 -3.70
CA VAL A 38 3.17 4.12 -3.00
C VAL A 38 4.53 3.52 -3.29
N LEU A 39 5.45 3.66 -2.35
CA LEU A 39 6.80 3.12 -2.51
C LEU A 39 6.93 1.75 -1.84
N VAL A 40 7.64 0.84 -2.50
CA VAL A 40 7.84 -0.50 -1.97
C VAL A 40 9.32 -0.87 -1.97
N LYS A 41 9.84 -1.20 -0.79
CA LYS A 41 11.24 -1.59 -0.66
C LYS A 41 11.37 -3.08 -0.36
N GLU A 42 12.46 -3.67 -0.84
CA GLU A 42 12.70 -5.09 -0.63
C GLU A 42 13.60 -5.32 0.59
N TYR A 43 13.38 -6.45 1.27
CA TYR A 43 14.17 -6.78 2.45
C TYR A 43 15.41 -7.57 2.07
N VAL A 44 16.57 -6.91 2.10
CA VAL A 44 17.83 -7.55 1.76
C VAL A 44 18.54 -8.06 3.01
N GLU A 45 19.43 -9.02 2.83
CA GLU A 45 20.19 -9.59 3.95
C GLU A 45 21.68 -9.62 3.64
N SER A 46 22.44 -8.81 4.36
CA SER A 46 23.89 -8.74 4.15
C SER A 46 24.62 -8.94 5.47
N GLU A 47 25.76 -9.63 5.40
CA GLU A 47 26.56 -9.90 6.59
C GLU A 47 26.92 -8.60 7.31
N ASN A 48 26.98 -7.51 6.55
CA ASN A 48 27.30 -6.21 7.13
C ASN A 48 26.13 -5.64 7.90
N GLY A 49 24.92 -5.92 7.42
CA GLY A 49 23.73 -5.43 8.10
C GLY A 49 22.53 -5.37 7.18
N GLN A 50 21.46 -6.08 7.55
CA GLN A 50 20.25 -6.11 6.75
C GLN A 50 19.67 -4.71 6.58
N MET A 51 19.03 -4.46 5.44
CA MET A 51 18.43 -3.16 5.17
C MET A 51 17.29 -3.29 4.16
N TYR A 52 16.73 -2.16 3.76
CA TYR A 52 15.63 -2.15 2.80
C TYR A 52 15.98 -1.32 1.58
N ILE A 53 16.08 -1.97 0.44
CA ILE A 53 16.41 -1.28 -0.82
C ILE A 53 15.19 -1.15 -1.71
N GLN A 54 14.94 0.07 -2.19
CA GLN A 54 13.80 0.34 -3.06
C GLN A 54 14.06 -0.16 -4.48
N LYS A 55 13.56 -1.34 -4.79
CA LYS A 55 13.73 -1.93 -6.12
C LYS A 55 12.62 -1.50 -7.06
N LYS A 56 11.39 -1.45 -6.54
CA LYS A 56 10.24 -1.06 -7.33
C LYS A 56 10.05 0.46 -7.29
N PRO A 57 9.83 1.06 -8.47
CA PRO A 57 9.64 2.51 -8.48
C PRO A 57 8.32 2.93 -7.84
N THR A 58 8.20 4.21 -7.55
CA THR A 58 6.98 4.74 -6.93
C THR A 58 5.74 4.34 -7.73
N MET A 59 4.70 3.92 -7.03
CA MET A 59 3.46 3.52 -7.68
C MET A 59 2.38 4.59 -7.53
N TYR A 60 1.41 4.58 -8.43
CA TYR A 60 0.34 5.56 -8.39
C TYR A 60 -1.03 4.88 -8.46
N PRO A 61 -1.54 4.45 -7.30
CA PRO A 61 -2.84 3.77 -7.32
C PRO A 61 -3.98 4.75 -7.65
N PRO A 62 -5.11 4.19 -8.10
CA PRO A 62 -6.22 5.09 -8.42
C PRO A 62 -6.84 5.72 -7.17
N TRP A 63 -7.89 6.51 -7.37
CA TRP A 63 -8.57 7.18 -6.26
C TRP A 63 -9.93 6.54 -5.99
N ASP A 64 -10.20 6.23 -4.73
CA ASP A 64 -11.47 5.63 -4.35
C ASP A 64 -11.65 4.28 -5.03
N SER A 65 -10.53 3.63 -5.34
CA SER A 65 -10.57 2.33 -6.01
C SER A 65 -9.60 1.36 -5.34
N THR A 66 -9.54 0.14 -5.85
CA THR A 66 -8.66 -0.88 -5.30
C THR A 66 -7.56 -1.27 -6.30
N PHE A 67 -6.37 -1.54 -5.79
CA PHE A 67 -5.25 -1.91 -6.63
C PHE A 67 -4.63 -3.23 -6.17
N ASP A 68 -3.81 -3.82 -7.03
CA ASP A 68 -3.16 -5.09 -6.71
C ASP A 68 -1.78 -4.84 -6.10
N ALA A 69 -1.41 -5.70 -5.14
CA ALA A 69 -0.12 -5.58 -4.47
C ALA A 69 0.45 -6.95 -4.13
N HIS A 70 1.50 -7.35 -4.87
CA HIS A 70 2.14 -8.64 -4.65
C HIS A 70 2.56 -8.79 -3.19
N ILE A 71 2.61 -10.04 -2.73
CA ILE A 71 3.00 -10.32 -1.36
C ILE A 71 4.46 -10.78 -1.28
N ASN A 72 5.14 -10.38 -0.22
CA ASN A 72 6.54 -10.76 -0.03
C ASN A 72 6.87 -10.90 1.45
N LYS A 73 8.13 -11.17 1.75
CA LYS A 73 8.59 -11.33 3.13
C LYS A 73 9.46 -10.16 3.55
N GLY A 74 8.94 -9.34 4.46
CA GLY A 74 9.70 -8.19 4.94
C GLY A 74 9.55 -6.99 4.03
N ARG A 75 8.51 -6.98 3.21
CA ARG A 75 8.27 -5.88 2.29
C ARG A 75 7.45 -4.79 2.95
N VAL A 76 8.02 -3.59 3.04
CA VAL A 76 7.34 -2.45 3.65
C VAL A 76 6.81 -1.50 2.59
N MET A 77 5.58 -1.04 2.79
CA MET A 77 4.95 -0.11 1.85
C MET A 77 4.81 1.28 2.48
N GLN A 78 5.26 2.30 1.75
CA GLN A 78 5.17 3.67 2.23
C GLN A 78 4.15 4.47 1.43
N ILE A 79 3.23 5.11 2.13
CA ILE A 79 2.20 5.92 1.49
C ILE A 79 2.37 7.40 1.80
N ILE A 80 2.96 8.13 0.86
CA ILE A 80 3.19 9.55 1.02
C ILE A 80 2.26 10.36 0.12
N VAL A 81 1.43 11.21 0.74
CA VAL A 81 0.50 12.05 -0.01
C VAL A 81 1.20 13.29 -0.56
N LYS A 82 1.16 13.44 -1.88
CA LYS A 82 1.78 14.59 -2.52
C LYS A 82 0.76 15.40 -3.31
N GLY A 83 1.18 16.55 -3.82
CA GLY A 83 0.28 17.38 -4.59
C GLY A 83 0.92 18.71 -4.99
N LYS A 84 0.26 19.81 -4.66
CA LYS A 84 0.77 21.13 -4.98
C LYS A 84 2.13 21.37 -4.34
N ASN A 85 2.65 22.57 -4.50
CA ASN A 85 3.95 22.93 -3.94
C ASN A 85 3.98 22.66 -2.43
N VAL A 86 4.59 21.55 -2.04
CA VAL A 86 4.69 21.18 -0.63
C VAL A 86 5.88 20.27 -0.39
N ASP A 87 6.59 20.51 0.70
CA ASP A 87 7.76 19.71 1.05
C ASP A 87 7.34 18.30 1.46
N LEU A 88 6.27 18.21 2.25
CA LEU A 88 5.77 16.92 2.71
C LEU A 88 4.43 17.09 3.42
N ILE A 89 3.38 16.50 2.85
CA ILE A 89 2.05 16.58 3.44
C ILE A 89 1.93 15.67 4.65
N SER A 90 2.15 14.37 4.44
CA SER A 90 2.07 13.40 5.52
C SER A 90 2.91 12.16 5.21
N GLU A 91 2.95 11.23 6.16
CA GLU A 91 3.71 10.01 5.98
C GLU A 91 3.20 8.91 6.91
N THR A 92 3.35 7.65 6.48
CA THR A 92 2.91 6.52 7.28
C THR A 92 3.69 5.27 6.92
N THR A 93 3.74 4.32 7.85
CA THR A 93 4.46 3.06 7.64
C THR A 93 3.53 1.87 7.75
N VAL A 94 3.65 0.94 6.81
CA VAL A 94 2.81 -0.27 6.81
C VAL A 94 3.55 -1.44 6.17
N GLU A 95 3.30 -2.63 6.70
CA GLU A 95 3.94 -3.84 6.18
C GLU A 95 3.03 -4.55 5.18
N LEU A 96 3.63 -5.11 4.14
CA LEU A 96 2.87 -5.82 3.11
C LEU A 96 2.78 -7.31 3.43
N TYR A 97 3.76 -7.80 4.17
CA TYR A 97 3.80 -9.21 4.55
C TYR A 97 2.79 -9.51 5.65
N SER A 98 3.05 -8.98 6.84
CA SER A 98 2.16 -9.19 7.97
C SER A 98 0.71 -8.84 7.61
N LEU A 99 0.55 -7.81 6.79
CA LEU A 99 -0.78 -7.38 6.37
C LEU A 99 -1.55 -8.53 5.74
N ALA A 100 -0.90 -9.24 4.83
CA ALA A 100 -1.54 -10.37 4.15
C ALA A 100 -2.12 -11.35 5.16
N GLU A 101 -1.52 -11.42 6.33
CA GLU A 101 -1.99 -12.31 7.39
C GLU A 101 -3.12 -11.66 8.20
N ARG A 102 -2.96 -10.38 8.49
CA ARG A 102 -3.96 -9.65 9.25
C ARG A 102 -5.35 -9.80 8.62
N CYS A 103 -5.38 -9.91 7.30
CA CYS A 103 -6.63 -10.05 6.57
C CYS A 103 -7.31 -11.37 6.92
N ARG A 104 -6.54 -12.46 6.87
CA ARG A 104 -7.07 -13.78 7.18
C ARG A 104 -7.70 -13.81 8.57
N LYS A 105 -7.12 -13.06 9.49
CA LYS A 105 -7.62 -12.99 10.86
C LYS A 105 -9.08 -12.54 10.88
N ASN A 106 -9.45 -11.74 9.88
CA ASN A 106 -10.82 -11.23 9.79
C ASN A 106 -11.67 -12.14 8.89
N ASN A 107 -11.25 -13.39 8.75
CA ASN A 107 -11.98 -14.35 7.93
C ASN A 107 -12.07 -13.87 6.48
N GLY A 108 -11.07 -13.10 6.06
CA GLY A 108 -11.07 -12.58 4.71
C GLY A 108 -10.26 -11.30 4.57
N LYS A 109 -10.86 -10.18 4.94
CA LYS A 109 -10.19 -8.89 4.86
C LYS A 109 -10.32 -8.14 6.18
N THR A 110 -9.26 -7.40 6.53
CA THR A 110 -9.26 -6.62 7.78
C THR A 110 -9.28 -5.12 7.49
N GLU A 111 -10.07 -4.39 8.26
CA GLU A 111 -10.18 -2.95 8.09
C GLU A 111 -9.20 -2.22 9.00
N ILE A 112 -8.26 -1.49 8.40
CA ILE A 112 -7.26 -0.75 9.16
C ILE A 112 -7.28 0.72 8.79
N TRP A 113 -7.17 1.59 9.79
CA TRP A 113 -7.17 3.03 9.57
C TRP A 113 -5.75 3.59 9.65
N LEU A 114 -5.21 3.98 8.50
CA LEU A 114 -3.86 4.53 8.44
C LEU A 114 -3.81 5.90 9.12
N GLU A 115 -2.88 6.05 10.05
CA GLU A 115 -2.73 7.32 10.77
C GLU A 115 -1.57 8.13 10.19
N LEU A 116 -1.89 9.02 9.26
CA LEU A 116 -0.89 9.87 8.63
C LEU A 116 -0.52 11.04 9.53
N LYS A 117 0.77 11.28 9.69
CA LYS A 117 1.27 12.37 10.53
C LYS A 117 2.09 13.35 9.70
N PRO A 118 2.23 14.59 10.20
CA PRO A 118 1.65 15.11 11.44
C PRO A 118 0.13 15.26 11.36
N GLN A 119 -0.40 15.25 10.15
CA GLN A 119 -1.84 15.39 9.93
C GLN A 119 -2.29 14.52 8.75
N GLY A 120 -3.58 14.17 8.76
CA GLY A 120 -4.12 13.36 7.69
C GLY A 120 -4.46 11.95 8.15
N ARG A 121 -5.49 11.36 7.54
CA ARG A 121 -5.92 10.02 7.90
C ARG A 121 -6.77 9.41 6.79
N MET A 122 -6.43 8.19 6.39
CA MET A 122 -7.18 7.51 5.33
C MET A 122 -7.53 6.08 5.75
N LEU A 123 -8.54 5.50 5.12
CA LEU A 123 -8.97 4.15 5.43
C LEU A 123 -8.34 3.15 4.47
N MET A 124 -7.67 2.13 5.01
CA MET A 124 -7.04 1.10 4.20
C MET A 124 -7.76 -0.23 4.35
N ASN A 125 -8.20 -0.79 3.22
CA ASN A 125 -8.90 -2.07 3.24
C ASN A 125 -8.17 -3.09 2.38
N ALA A 126 -7.48 -4.03 3.03
CA ALA A 126 -6.74 -5.07 2.33
C ALA A 126 -7.56 -6.35 2.24
N ARG A 127 -7.83 -6.80 1.03
CA ARG A 127 -8.61 -8.01 0.80
C ARG A 127 -7.69 -9.17 0.41
N TYR A 128 -8.16 -10.39 0.61
CA TYR A 128 -7.39 -11.58 0.28
C TYR A 128 -7.89 -12.21 -1.03
N PHE A 129 -7.03 -12.21 -2.04
CA PHE A 129 -7.38 -12.78 -3.33
C PHE A 129 -6.20 -13.53 -3.94
N LEU A 130 -6.50 -14.44 -4.85
CA LEU A 130 -5.47 -15.24 -5.51
C LEU A 130 -5.37 -14.89 -6.99
N GLU A 131 -4.32 -15.39 -7.64
CA GLU A 131 -4.11 -15.12 -9.06
C GLU A 131 -2.97 -15.98 -9.61
N MET A 132 -3.09 -16.36 -10.88
CA MET A 132 -2.06 -17.19 -11.51
C MET A 132 -0.91 -16.33 -12.02
N SER A 133 0.09 -16.11 -11.17
CA SER A 133 1.24 -15.31 -11.53
C SER A 133 2.54 -15.96 -11.05
N GLY A 134 3.66 -15.34 -11.38
CA GLY A 134 4.95 -15.88 -10.98
C GLY A 134 5.65 -14.99 -9.96
N PRO A 135 6.73 -15.51 -9.35
CA PRO A 135 7.43 -14.68 -8.37
C PRO A 135 8.17 -13.52 -9.02
N SER A 136 8.99 -12.82 -8.24
CA SER A 136 9.75 -11.69 -8.74
C SER A 136 11.24 -11.85 -8.42
N SER A 137 12.04 -10.88 -8.85
CA SER A 137 13.47 -10.92 -8.62
C SER A 137 13.80 -10.57 -7.17
N GLY A 138 15.09 -10.58 -6.83
CA GLY A 138 15.50 -10.26 -5.48
C GLY A 138 16.80 -9.47 -5.44
N GLY A 1 -15.03 -27.68 -16.87
CA GLY A 1 -13.63 -28.03 -16.65
C GLY A 1 -13.41 -28.73 -15.33
N SER A 2 -12.16 -28.83 -14.92
CA SER A 2 -11.80 -29.49 -13.67
C SER A 2 -10.93 -28.58 -12.80
N SER A 3 -11.10 -28.69 -11.49
CA SER A 3 -10.33 -27.88 -10.54
C SER A 3 -8.94 -28.47 -10.34
N GLY A 4 -8.08 -27.71 -9.67
CA GLY A 4 -6.72 -28.17 -9.41
C GLY A 4 -5.72 -27.03 -9.41
N SER A 5 -4.76 -27.08 -8.50
CA SER A 5 -3.74 -26.06 -8.38
C SER A 5 -2.36 -26.68 -8.18
N SER A 6 -1.32 -25.91 -8.49
CA SER A 6 0.05 -26.39 -8.33
C SER A 6 0.81 -25.53 -7.33
N GLY A 7 0.95 -24.25 -7.62
CA GLY A 7 1.65 -23.35 -6.73
C GLY A 7 1.49 -21.89 -7.13
N MET A 8 0.65 -21.16 -6.42
CA MET A 8 0.41 -19.76 -6.70
C MET A 8 0.65 -18.90 -5.46
N SER A 9 0.87 -17.61 -5.68
CA SER A 9 1.11 -16.68 -4.58
C SER A 9 0.00 -15.64 -4.49
N PRO A 10 -0.66 -15.58 -3.33
CA PRO A 10 -1.73 -14.60 -3.20
C PRO A 10 -1.21 -13.16 -3.14
N PHE A 11 -2.11 -12.20 -3.32
CA PHE A 11 -1.72 -10.80 -3.29
C PHE A 11 -2.65 -10.00 -2.38
N LEU A 12 -2.22 -8.80 -2.00
CA LEU A 12 -3.00 -7.94 -1.13
C LEU A 12 -3.60 -6.77 -1.90
N ARG A 13 -4.92 -6.62 -1.82
CA ARG A 13 -5.61 -5.54 -2.51
C ARG A 13 -6.01 -4.44 -1.54
N ILE A 14 -5.16 -3.43 -1.41
CA ILE A 14 -5.43 -2.31 -0.51
C ILE A 14 -6.20 -1.20 -1.23
N GLY A 15 -7.39 -0.89 -0.73
CA GLY A 15 -8.20 0.15 -1.33
C GLY A 15 -8.31 1.39 -0.45
N LEU A 16 -7.91 2.53 -1.00
CA LEU A 16 -7.97 3.79 -0.26
C LEU A 16 -9.16 4.63 -0.70
N SER A 17 -9.83 5.25 0.27
CA SER A 17 -10.99 6.08 -0.02
C SER A 17 -11.38 6.92 1.21
N ASN A 18 -12.14 7.97 0.98
CA ASN A 18 -12.58 8.85 2.05
C ASN A 18 -11.38 9.51 2.75
N PHE A 19 -10.42 9.96 1.94
CA PHE A 19 -9.23 10.60 2.48
C PHE A 19 -9.52 12.04 2.89
N ASP A 20 -9.15 12.38 4.12
CA ASP A 20 -9.36 13.74 4.64
C ASP A 20 -8.04 14.44 4.88
N CYS A 21 -8.08 15.77 4.91
CA CYS A 21 -6.89 16.57 5.13
C CYS A 21 -7.13 17.62 6.22
N GLY A 22 -8.09 17.34 7.10
CA GLY A 22 -8.41 18.27 8.17
C GLY A 22 -9.85 18.19 8.60
N SER A 23 -10.08 18.10 9.91
CA SER A 23 -11.43 18.01 10.45
C SER A 23 -12.14 19.36 10.39
N CYS A 24 -11.35 20.43 10.49
CA CYS A 24 -11.89 21.78 10.45
C CYS A 24 -12.17 22.22 9.02
N GLN A 25 -13.23 22.98 8.83
CA GLN A 25 -13.60 23.46 7.50
C GLN A 25 -12.46 24.22 6.86
N SER A 26 -12.37 24.16 5.53
CA SER A 26 -11.32 24.83 4.79
C SER A 26 -11.90 25.71 3.69
N CYS A 27 -11.24 26.83 3.42
CA CYS A 27 -11.69 27.75 2.39
C CYS A 27 -10.82 27.64 1.14
N GLN A 28 -11.27 26.84 0.18
CA GLN A 28 -10.53 26.64 -1.06
C GLN A 28 -11.47 26.62 -2.26
N GLY A 29 -10.89 26.55 -3.46
CA GLY A 29 -11.69 26.52 -4.67
C GLY A 29 -10.85 26.37 -5.92
N GLU A 30 -9.72 25.68 -5.79
CA GLU A 30 -8.82 25.48 -6.93
C GLU A 30 -9.01 24.09 -7.52
N ALA A 31 -8.34 23.83 -8.64
CA ALA A 31 -8.43 22.53 -9.30
C ALA A 31 -7.06 21.86 -9.40
N VAL A 32 -6.76 21.02 -8.43
CA VAL A 32 -5.48 20.31 -8.40
C VAL A 32 -5.68 18.80 -8.37
N ASN A 33 -4.84 18.08 -9.11
CA ASN A 33 -4.93 16.63 -9.17
C ASN A 33 -3.73 15.98 -8.48
N PRO A 34 -3.81 15.84 -7.15
CA PRO A 34 -2.69 15.21 -6.46
C PRO A 34 -2.55 13.73 -6.77
N TYR A 35 -1.64 13.06 -6.08
CA TYR A 35 -1.41 11.64 -6.29
C TYR A 35 -0.60 11.04 -5.14
N CYS A 36 -1.04 9.90 -4.64
CA CYS A 36 -0.35 9.23 -3.54
C CYS A 36 0.85 8.44 -4.05
N ALA A 37 1.92 8.45 -3.27
CA ALA A 37 3.15 7.75 -3.64
C ALA A 37 3.31 6.47 -2.83
N VAL A 38 3.26 5.33 -3.52
CA VAL A 38 3.41 4.04 -2.86
C VAL A 38 4.78 3.43 -3.13
N LEU A 39 5.70 3.61 -2.20
CA LEU A 39 7.04 3.08 -2.34
C LEU A 39 7.14 1.66 -1.79
N VAL A 40 7.41 0.71 -2.66
CA VAL A 40 7.53 -0.69 -2.26
C VAL A 40 8.98 -1.15 -2.28
N LYS A 41 9.55 -1.36 -1.10
CA LYS A 41 10.93 -1.80 -0.97
C LYS A 41 11.00 -3.30 -0.74
N GLU A 42 12.21 -3.83 -0.66
CA GLU A 42 12.42 -5.26 -0.44
C GLU A 42 13.30 -5.50 0.80
N TYR A 43 12.95 -6.51 1.57
CA TYR A 43 13.70 -6.84 2.78
C TYR A 43 14.88 -7.75 2.46
N VAL A 44 16.09 -7.20 2.53
CA VAL A 44 17.30 -7.97 2.24
C VAL A 44 17.94 -8.48 3.53
N GLU A 45 18.74 -9.54 3.40
CA GLU A 45 19.41 -10.13 4.56
C GLU A 45 20.92 -10.24 4.31
N SER A 46 21.69 -9.46 5.04
CA SER A 46 23.15 -9.46 4.91
C SER A 46 23.81 -9.88 6.21
N GLU A 47 24.89 -10.65 6.10
CA GLU A 47 25.62 -11.12 7.27
C GLU A 47 26.07 -9.94 8.14
N ASN A 48 26.59 -8.90 7.50
CA ASN A 48 27.05 -7.73 8.22
C ASN A 48 25.88 -7.00 8.88
N GLY A 49 24.69 -7.16 8.33
CA GLY A 49 23.52 -6.52 8.89
C GLY A 49 22.46 -6.23 7.83
N GLN A 50 21.32 -6.88 7.95
CA GLN A 50 20.23 -6.69 6.99
C GLN A 50 19.89 -5.21 6.85
N MET A 51 19.20 -4.87 5.76
CA MET A 51 18.82 -3.49 5.50
C MET A 51 17.59 -3.42 4.61
N TYR A 52 17.19 -2.21 4.23
CA TYR A 52 16.03 -2.01 3.38
C TYR A 52 16.42 -1.31 2.08
N ILE A 53 16.27 -2.03 0.96
CA ILE A 53 16.59 -1.49 -0.34
C ILE A 53 15.35 -1.32 -1.20
N GLN A 54 15.32 -0.25 -1.99
CA GLN A 54 14.19 0.03 -2.87
C GLN A 54 14.51 -0.33 -4.31
N LYS A 55 14.20 -1.56 -4.70
CA LYS A 55 14.46 -2.02 -6.06
C LYS A 55 13.36 -1.55 -7.01
N LYS A 56 12.14 -1.41 -6.49
CA LYS A 56 11.02 -0.97 -7.29
C LYS A 56 10.76 0.52 -7.09
N PRO A 57 10.57 1.24 -8.20
CA PRO A 57 10.31 2.68 -8.05
C PRO A 57 8.95 2.97 -7.44
N THR A 58 8.74 4.23 -7.04
CA THR A 58 7.47 4.63 -6.44
C THR A 58 6.29 4.25 -7.33
N MET A 59 5.14 4.04 -6.72
CA MET A 59 3.93 3.68 -7.46
C MET A 59 2.87 4.77 -7.33
N TYR A 60 1.88 4.73 -8.22
CA TYR A 60 0.80 5.72 -8.20
C TYR A 60 -0.56 5.03 -8.31
N PRO A 61 -1.12 4.61 -7.17
CA PRO A 61 -2.43 3.96 -7.24
C PRO A 61 -3.54 4.92 -7.62
N PRO A 62 -4.67 4.37 -8.07
CA PRO A 62 -5.77 5.27 -8.45
C PRO A 62 -6.40 5.95 -7.23
N TRP A 63 -7.46 6.72 -7.48
CA TRP A 63 -8.15 7.42 -6.41
C TRP A 63 -9.51 6.78 -6.12
N ASP A 64 -9.77 6.50 -4.86
CA ASP A 64 -11.03 5.89 -4.45
C ASP A 64 -11.21 4.54 -5.11
N SER A 65 -10.10 3.89 -5.46
CA SER A 65 -10.15 2.59 -6.10
C SER A 65 -9.26 1.58 -5.36
N THR A 66 -9.21 0.36 -5.86
CA THR A 66 -8.41 -0.69 -5.26
C THR A 66 -7.29 -1.13 -6.19
N PHE A 67 -6.10 -1.33 -5.62
CA PHE A 67 -4.94 -1.76 -6.41
C PHE A 67 -4.38 -3.07 -5.87
N ASP A 68 -3.74 -3.83 -6.74
CA ASP A 68 -3.15 -5.12 -6.37
C ASP A 68 -1.74 -4.92 -5.81
N ALA A 69 -1.37 -5.76 -4.86
CA ALA A 69 -0.05 -5.68 -4.25
C ALA A 69 0.60 -7.06 -4.16
N HIS A 70 1.63 -7.28 -4.97
CA HIS A 70 2.33 -8.55 -4.99
C HIS A 70 2.94 -8.86 -3.63
N ILE A 71 2.84 -10.12 -3.21
CA ILE A 71 3.38 -10.53 -1.92
C ILE A 71 4.56 -11.47 -2.11
N ASN A 72 5.63 -11.23 -1.34
CA ASN A 72 6.83 -12.06 -1.42
C ASN A 72 7.34 -12.41 -0.02
N LYS A 73 7.94 -11.44 0.65
CA LYS A 73 8.47 -11.64 2.00
C LYS A 73 9.00 -10.33 2.57
N GLY A 74 8.59 -10.01 3.80
CA GLY A 74 9.05 -8.80 4.44
C GLY A 74 8.84 -7.57 3.57
N ARG A 75 7.84 -7.63 2.71
CA ARG A 75 7.53 -6.50 1.82
C ARG A 75 6.96 -5.33 2.60
N VAL A 76 7.52 -4.15 2.37
CA VAL A 76 7.06 -2.94 3.05
C VAL A 76 6.42 -1.97 2.08
N MET A 77 5.53 -1.11 2.58
CA MET A 77 4.85 -0.14 1.75
C MET A 77 4.84 1.24 2.42
N GLN A 78 5.05 2.27 1.63
CA GLN A 78 5.08 3.65 2.14
C GLN A 78 4.12 4.54 1.36
N ILE A 79 3.04 4.96 2.02
CA ILE A 79 2.04 5.81 1.37
C ILE A 79 2.29 7.28 1.72
N ILE A 80 2.91 8.00 0.79
CA ILE A 80 3.20 9.42 1.00
C ILE A 80 2.33 10.29 0.09
N VAL A 81 1.47 11.10 0.69
CA VAL A 81 0.60 11.99 -0.06
C VAL A 81 1.38 13.17 -0.65
N LYS A 82 1.30 13.32 -1.97
CA LYS A 82 2.00 14.40 -2.64
C LYS A 82 1.05 15.15 -3.59
N GLY A 83 1.12 16.47 -3.56
CA GLY A 83 0.27 17.28 -4.42
C GLY A 83 1.01 17.81 -5.63
N LYS A 84 0.92 19.11 -5.87
CA LYS A 84 1.57 19.74 -7.00
C LYS A 84 2.64 20.73 -6.54
N ASN A 85 2.21 21.74 -5.79
CA ASN A 85 3.12 22.75 -5.28
C ASN A 85 3.72 22.33 -3.94
N VAL A 86 2.90 21.69 -3.11
CA VAL A 86 3.34 21.22 -1.80
C VAL A 86 4.49 20.23 -1.93
N ASP A 87 5.37 20.21 -0.95
CA ASP A 87 6.51 19.30 -0.94
C ASP A 87 6.18 18.01 -0.20
N LEU A 88 5.27 18.11 0.76
CA LEU A 88 4.86 16.95 1.55
C LEU A 88 3.68 17.30 2.45
N ILE A 89 2.69 16.41 2.50
CA ILE A 89 1.52 16.62 3.32
C ILE A 89 1.53 15.71 4.54
N SER A 90 1.93 14.45 4.33
CA SER A 90 1.98 13.48 5.41
C SER A 90 2.65 12.18 4.94
N GLU A 91 2.79 11.23 5.85
CA GLU A 91 3.41 9.95 5.54
C GLU A 91 3.00 8.88 6.55
N THR A 92 3.11 7.63 6.14
CA THR A 92 2.75 6.50 7.02
C THR A 92 3.49 5.23 6.61
N THR A 93 3.77 4.38 7.59
CA THR A 93 4.46 3.13 7.33
C THR A 93 3.55 1.93 7.53
N VAL A 94 3.73 0.91 6.71
CA VAL A 94 2.92 -0.30 6.79
C VAL A 94 3.66 -1.51 6.22
N GLU A 95 3.42 -2.68 6.82
CA GLU A 95 4.07 -3.91 6.38
C GLU A 95 3.13 -4.73 5.50
N LEU A 96 3.48 -4.84 4.22
CA LEU A 96 2.67 -5.60 3.27
C LEU A 96 2.66 -7.09 3.63
N TYR A 97 3.81 -7.58 4.08
CA TYR A 97 3.94 -8.99 4.45
C TYR A 97 3.07 -9.31 5.66
N SER A 98 3.12 -8.45 6.68
CA SER A 98 2.34 -8.65 7.88
C SER A 98 0.86 -8.39 7.63
N LEU A 99 0.58 -7.38 6.81
CA LEU A 99 -0.79 -7.03 6.47
C LEU A 99 -1.57 -8.24 5.96
N ALA A 100 -0.93 -8.99 5.06
CA ALA A 100 -1.55 -10.18 4.49
C ALA A 100 -2.03 -11.13 5.59
N GLU A 101 -1.38 -11.08 6.74
CA GLU A 101 -1.74 -11.94 7.86
C GLU A 101 -2.95 -11.38 8.60
N ARG A 102 -2.91 -10.08 8.89
CA ARG A 102 -4.01 -9.42 9.60
C ARG A 102 -5.34 -9.70 8.91
N CYS A 103 -5.33 -9.73 7.58
CA CYS A 103 -6.53 -9.99 6.81
C CYS A 103 -7.11 -11.36 7.13
N ARG A 104 -6.25 -12.37 7.09
CA ARG A 104 -6.67 -13.75 7.37
C ARG A 104 -7.39 -13.82 8.72
N LYS A 105 -6.93 -13.03 9.68
CA LYS A 105 -7.51 -13.00 11.01
C LYS A 105 -9.00 -12.68 10.94
N ASN A 106 -9.40 -11.94 9.91
CA ASN A 106 -10.80 -11.57 9.73
C ASN A 106 -11.51 -12.55 8.80
N ASN A 107 -10.96 -13.75 8.70
CA ASN A 107 -11.54 -14.79 7.85
C ASN A 107 -11.60 -14.32 6.40
N GLY A 108 -10.67 -13.46 6.01
CA GLY A 108 -10.63 -12.95 4.66
C GLY A 108 -9.98 -11.59 4.57
N LYS A 109 -10.75 -10.54 4.82
CA LYS A 109 -10.23 -9.18 4.76
C LYS A 109 -10.47 -8.45 6.08
N THR A 110 -9.51 -7.62 6.47
CA THR A 110 -9.62 -6.86 7.71
C THR A 110 -9.72 -5.36 7.44
N GLU A 111 -10.25 -4.63 8.40
CA GLU A 111 -10.41 -3.18 8.27
C GLU A 111 -9.46 -2.44 9.20
N ILE A 112 -8.63 -1.58 8.62
CA ILE A 112 -7.67 -0.81 9.40
C ILE A 112 -7.71 0.67 9.00
N TRP A 113 -7.52 1.54 9.99
CA TRP A 113 -7.54 2.98 9.75
C TRP A 113 -6.13 3.56 9.87
N LEU A 114 -5.52 3.89 8.73
CA LEU A 114 -4.18 4.45 8.71
C LEU A 114 -4.16 5.82 9.39
N GLU A 115 -3.02 6.15 9.99
CA GLU A 115 -2.86 7.43 10.68
C GLU A 115 -1.70 8.23 10.09
N LEU A 116 -1.99 9.03 9.07
CA LEU A 116 -0.96 9.84 8.42
C LEU A 116 -0.60 11.05 9.29
N LYS A 117 0.70 11.28 9.46
CA LYS A 117 1.17 12.39 10.26
C LYS A 117 1.97 13.37 9.40
N PRO A 118 2.08 14.63 9.86
CA PRO A 118 1.52 15.17 11.11
C PRO A 118 0.00 15.29 11.06
N GLN A 119 -0.56 15.22 9.85
CA GLN A 119 -2.00 15.31 9.67
C GLN A 119 -2.45 14.45 8.49
N GLY A 120 -3.76 14.17 8.44
CA GLY A 120 -4.30 13.36 7.37
C GLY A 120 -4.65 11.95 7.83
N ARG A 121 -5.70 11.38 7.25
CA ARG A 121 -6.13 10.04 7.61
C ARG A 121 -7.05 9.46 6.54
N MET A 122 -7.00 8.14 6.38
CA MET A 122 -7.82 7.47 5.38
C MET A 122 -8.12 6.03 5.80
N LEU A 123 -9.14 5.43 5.20
CA LEU A 123 -9.53 4.07 5.52
C LEU A 123 -8.80 3.08 4.61
N MET A 124 -8.07 2.15 5.22
CA MET A 124 -7.33 1.15 4.47
C MET A 124 -8.00 -0.22 4.59
N ASN A 125 -8.54 -0.71 3.47
CA ASN A 125 -9.20 -2.01 3.44
C ASN A 125 -8.43 -3.01 2.61
N ALA A 126 -7.70 -3.91 3.27
CA ALA A 126 -6.91 -4.91 2.58
C ALA A 126 -7.67 -6.24 2.50
N ARG A 127 -7.71 -6.82 1.31
CA ARG A 127 -8.41 -8.08 1.10
C ARG A 127 -7.44 -9.16 0.61
N TYR A 128 -7.77 -10.41 0.89
CA TYR A 128 -6.93 -11.54 0.49
C TYR A 128 -7.44 -12.17 -0.80
N PHE A 129 -6.60 -12.18 -1.83
CA PHE A 129 -6.97 -12.75 -3.12
C PHE A 129 -5.85 -13.63 -3.67
N LEU A 130 -6.23 -14.68 -4.38
CA LEU A 130 -5.25 -15.60 -4.96
C LEU A 130 -5.26 -15.52 -6.48
N GLU A 131 -4.27 -16.14 -7.11
CA GLU A 131 -4.16 -16.13 -8.57
C GLU A 131 -3.93 -17.54 -9.10
N MET A 132 -3.88 -17.67 -10.42
CA MET A 132 -3.67 -18.96 -11.06
C MET A 132 -2.28 -19.49 -10.75
N SER A 133 -1.28 -18.63 -10.86
CA SER A 133 0.10 -19.02 -10.59
C SER A 133 0.86 -17.90 -9.89
N GLY A 134 2.12 -18.15 -9.56
CA GLY A 134 2.93 -17.15 -8.90
C GLY A 134 4.34 -17.08 -9.45
N PRO A 135 5.01 -15.94 -9.23
CA PRO A 135 6.38 -15.84 -9.75
C PRO A 135 7.35 -16.74 -9.01
N SER A 136 8.64 -16.58 -9.29
CA SER A 136 9.67 -17.39 -8.65
C SER A 136 10.84 -16.51 -8.19
N SER A 137 11.26 -16.70 -6.95
CA SER A 137 12.37 -15.92 -6.40
C SER A 137 13.12 -16.72 -5.33
N GLY A 138 14.35 -16.31 -5.04
CA GLY A 138 15.15 -17.00 -4.06
C GLY A 138 16.04 -16.06 -3.27
N GLY A 1 -18.24 -23.17 -8.18
CA GLY A 1 -17.15 -24.14 -8.25
C GLY A 1 -15.81 -23.49 -8.49
N SER A 2 -14.74 -24.23 -8.23
CA SER A 2 -13.39 -23.72 -8.41
C SER A 2 -12.44 -24.83 -8.86
N SER A 3 -11.16 -24.50 -9.00
CA SER A 3 -10.15 -25.46 -9.43
C SER A 3 -8.93 -25.39 -8.54
N GLY A 4 -8.15 -26.48 -8.52
CA GLY A 4 -6.95 -26.52 -7.71
C GLY A 4 -5.70 -26.24 -8.51
N SER A 5 -4.66 -25.77 -7.83
CA SER A 5 -3.39 -25.47 -8.49
C SER A 5 -2.24 -25.45 -7.49
N SER A 6 -1.02 -25.53 -8.01
CA SER A 6 0.17 -25.53 -7.16
C SER A 6 1.04 -24.32 -7.45
N GLY A 7 1.87 -23.95 -6.47
CA GLY A 7 2.75 -22.81 -6.63
C GLY A 7 2.00 -21.55 -6.98
N MET A 8 1.13 -21.11 -6.07
CA MET A 8 0.35 -19.90 -6.28
C MET A 8 0.70 -18.83 -5.25
N SER A 9 1.05 -17.64 -5.73
CA SER A 9 1.42 -16.55 -4.84
C SER A 9 0.24 -15.61 -4.62
N PRO A 10 -0.30 -15.62 -3.38
CA PRO A 10 -1.44 -14.74 -3.13
C PRO A 10 -1.04 -13.26 -3.12
N PHE A 11 -1.98 -12.40 -3.47
CA PHE A 11 -1.75 -10.96 -3.51
C PHE A 11 -2.69 -10.22 -2.58
N LEU A 12 -2.32 -9.00 -2.21
CA LEU A 12 -3.14 -8.18 -1.32
C LEU A 12 -3.82 -7.05 -2.09
N ARG A 13 -5.13 -6.95 -1.94
CA ARG A 13 -5.90 -5.90 -2.61
C ARG A 13 -6.24 -4.77 -1.65
N ILE A 14 -5.37 -3.78 -1.58
CA ILE A 14 -5.58 -2.63 -0.70
C ILE A 14 -6.36 -1.53 -1.41
N GLY A 15 -7.28 -0.90 -0.70
CA GLY A 15 -8.07 0.18 -1.28
C GLY A 15 -8.20 1.36 -0.35
N LEU A 16 -7.79 2.53 -0.83
CA LEU A 16 -7.86 3.75 -0.04
C LEU A 16 -9.07 4.60 -0.44
N SER A 17 -9.60 5.35 0.51
CA SER A 17 -10.75 6.21 0.26
C SER A 17 -11.06 7.09 1.47
N ASN A 18 -11.83 8.14 1.24
CA ASN A 18 -12.20 9.07 2.31
C ASN A 18 -10.96 9.72 2.91
N PHE A 19 -10.06 10.18 2.04
CA PHE A 19 -8.83 10.82 2.48
C PHE A 19 -9.09 12.27 2.89
N ASP A 20 -8.97 12.54 4.19
CA ASP A 20 -9.19 13.89 4.71
C ASP A 20 -7.86 14.58 4.99
N CYS A 21 -7.75 15.83 4.51
CA CYS A 21 -6.53 16.60 4.70
C CYS A 21 -6.76 17.74 5.69
N GLY A 22 -8.00 18.20 5.77
CA GLY A 22 -8.34 19.29 6.68
C GLY A 22 -9.29 20.29 6.06
N SER A 23 -8.74 21.30 5.40
CA SER A 23 -9.55 22.33 4.77
C SER A 23 -9.39 22.30 3.25
N CYS A 24 -10.49 22.50 2.54
CA CYS A 24 -10.46 22.50 1.08
C CYS A 24 -10.15 23.88 0.54
N GLN A 25 -8.99 24.42 0.90
CA GLN A 25 -8.58 25.74 0.45
C GLN A 25 -8.06 25.69 -0.99
N SER A 26 -7.89 26.86 -1.59
CA SER A 26 -7.41 26.95 -2.97
C SER A 26 -8.33 26.19 -3.92
N CYS A 27 -9.61 26.13 -3.55
CA CYS A 27 -10.59 25.43 -4.38
C CYS A 27 -11.35 26.40 -5.28
N GLN A 28 -10.65 27.46 -5.69
CA GLN A 28 -11.25 28.47 -6.56
C GLN A 28 -10.66 28.42 -7.95
N GLY A 29 -11.51 28.60 -8.96
CA GLY A 29 -11.05 28.56 -10.34
C GLY A 29 -10.63 27.17 -10.77
N GLU A 30 -9.33 26.90 -10.68
CA GLU A 30 -8.79 25.59 -11.06
C GLU A 30 -9.09 24.54 -10.00
N ALA A 31 -8.93 23.28 -10.37
CA ALA A 31 -9.18 22.18 -9.44
C ALA A 31 -7.92 21.33 -9.24
N VAL A 32 -7.20 21.59 -8.16
CA VAL A 32 -5.98 20.85 -7.86
C VAL A 32 -6.25 19.35 -7.78
N ASN A 33 -5.33 18.56 -8.33
CA ASN A 33 -5.47 17.11 -8.32
C ASN A 33 -4.28 16.45 -7.63
N PRO A 34 -4.31 16.45 -6.29
CA PRO A 34 -3.18 15.82 -5.59
C PRO A 34 -3.16 14.31 -5.77
N TYR A 35 -1.96 13.73 -5.71
CA TYR A 35 -1.80 12.29 -5.87
C TYR A 35 -1.15 11.67 -4.63
N CYS A 36 -0.88 10.38 -4.69
CA CYS A 36 -0.26 9.67 -3.57
C CYS A 36 0.90 8.82 -4.06
N ALA A 37 2.04 8.92 -3.38
CA ALA A 37 3.23 8.16 -3.73
C ALA A 37 3.33 6.89 -2.89
N VAL A 38 3.41 5.75 -3.57
CA VAL A 38 3.52 4.46 -2.88
C VAL A 38 4.89 3.84 -3.09
N LEU A 39 5.79 4.08 -2.14
CA LEU A 39 7.15 3.55 -2.21
C LEU A 39 7.20 2.10 -1.71
N VAL A 40 7.89 1.25 -2.46
CA VAL A 40 8.01 -0.15 -2.08
C VAL A 40 9.47 -0.56 -1.95
N LYS A 41 9.80 -1.22 -0.84
CA LYS A 41 11.17 -1.66 -0.59
C LYS A 41 11.23 -3.18 -0.48
N GLU A 42 12.43 -3.70 -0.22
CA GLU A 42 12.62 -5.14 -0.09
C GLU A 42 13.15 -5.49 1.30
N TYR A 43 13.04 -6.77 1.67
CA TYR A 43 13.51 -7.23 2.97
C TYR A 43 14.89 -7.86 2.85
N VAL A 44 15.90 -7.13 3.30
CA VAL A 44 17.28 -7.62 3.25
C VAL A 44 17.97 -7.46 4.60
N GLU A 45 18.64 -8.51 5.04
CA GLU A 45 19.34 -8.49 6.32
C GLU A 45 20.85 -8.55 6.12
N SER A 46 21.59 -7.76 6.89
CA SER A 46 23.04 -7.72 6.78
C SER A 46 23.69 -8.34 8.02
N GLU A 47 25.00 -8.18 8.13
CA GLU A 47 25.74 -8.72 9.27
C GLU A 47 25.52 -7.87 10.51
N ASN A 48 25.23 -6.59 10.31
CA ASN A 48 25.01 -5.68 11.42
C ASN A 48 23.53 -5.30 11.53
N GLY A 49 22.67 -6.33 11.62
CA GLY A 49 21.25 -6.08 11.73
C GLY A 49 20.52 -6.35 10.43
N GLN A 50 19.77 -5.36 9.96
CA GLN A 50 19.02 -5.50 8.72
C GLN A 50 18.71 -4.13 8.12
N MET A 51 18.22 -4.13 6.88
CA MET A 51 17.88 -2.89 6.19
C MET A 51 16.82 -3.14 5.12
N TYR A 52 16.43 -2.07 4.44
CA TYR A 52 15.42 -2.16 3.39
C TYR A 52 15.77 -1.24 2.22
N ILE A 53 15.96 -1.84 1.06
CA ILE A 53 16.30 -1.08 -0.15
C ILE A 53 15.10 -0.99 -1.09
N GLN A 54 15.03 0.12 -1.83
CA GLN A 54 13.94 0.33 -2.77
C GLN A 54 14.35 -0.05 -4.19
N LYS A 55 14.08 -1.30 -4.56
CA LYS A 55 14.43 -1.80 -5.89
C LYS A 55 13.46 -1.28 -6.93
N LYS A 56 12.16 -1.32 -6.60
CA LYS A 56 11.13 -0.86 -7.51
C LYS A 56 10.72 0.59 -7.19
N PRO A 57 10.50 1.38 -8.25
CA PRO A 57 10.11 2.77 -7.98
C PRO A 57 8.71 2.88 -7.40
N THR A 58 8.40 4.05 -6.85
CA THR A 58 7.08 4.28 -6.25
C THR A 58 5.97 3.91 -7.21
N MET A 59 4.74 3.91 -6.71
CA MET A 59 3.58 3.57 -7.52
C MET A 59 2.46 4.60 -7.34
N TYR A 60 1.60 4.71 -8.34
CA TYR A 60 0.49 5.65 -8.29
C TYR A 60 -0.84 4.95 -8.58
N PRO A 61 -1.42 4.35 -7.53
CA PRO A 61 -2.70 3.67 -7.77
C PRO A 61 -3.84 4.64 -8.04
N PRO A 62 -5.00 4.11 -8.43
CA PRO A 62 -6.12 5.01 -8.70
C PRO A 62 -6.66 5.68 -7.44
N TRP A 63 -7.71 6.47 -7.59
CA TRP A 63 -8.32 7.16 -6.45
C TRP A 63 -9.65 6.52 -6.08
N ASP A 64 -9.86 6.30 -4.78
CA ASP A 64 -11.09 5.70 -4.30
C ASP A 64 -11.31 4.33 -4.92
N SER A 65 -10.22 3.68 -5.32
CA SER A 65 -10.29 2.36 -5.94
C SER A 65 -9.38 1.38 -5.23
N THR A 66 -9.38 0.13 -5.70
CA THR A 66 -8.55 -0.91 -5.10
C THR A 66 -7.46 -1.36 -6.08
N PHE A 67 -6.25 -1.57 -5.55
CA PHE A 67 -5.13 -2.00 -6.36
C PHE A 67 -4.53 -3.30 -5.83
N ASP A 68 -3.84 -4.03 -6.69
CA ASP A 68 -3.21 -5.29 -6.30
C ASP A 68 -1.82 -5.05 -5.73
N ALA A 69 -1.37 -5.97 -4.88
CA ALA A 69 -0.05 -5.86 -4.27
C ALA A 69 0.63 -7.22 -4.15
N HIS A 70 1.69 -7.41 -4.91
CA HIS A 70 2.43 -8.67 -4.89
C HIS A 70 3.03 -8.94 -3.51
N ILE A 71 2.91 -10.18 -3.06
CA ILE A 71 3.44 -10.57 -1.75
C ILE A 71 4.64 -11.49 -1.90
N ASN A 72 5.71 -11.17 -1.17
CA ASN A 72 6.93 -11.98 -1.23
C ASN A 72 7.43 -12.29 0.18
N LYS A 73 8.02 -11.28 0.83
CA LYS A 73 8.54 -11.44 2.18
C LYS A 73 9.06 -10.11 2.72
N GLY A 74 8.60 -9.76 3.93
CA GLY A 74 9.03 -8.50 4.54
C GLY A 74 8.83 -7.31 3.62
N ARG A 75 7.84 -7.41 2.73
CA ARG A 75 7.55 -6.34 1.80
C ARG A 75 6.86 -5.17 2.50
N VAL A 76 7.56 -4.05 2.59
CA VAL A 76 7.02 -2.86 3.25
C VAL A 76 6.52 -1.85 2.21
N MET A 77 5.49 -1.09 2.59
CA MET A 77 4.93 -0.08 1.70
C MET A 77 4.80 1.27 2.42
N GLN A 78 5.14 2.34 1.71
CA GLN A 78 5.07 3.68 2.28
C GLN A 78 4.14 4.56 1.46
N ILE A 79 3.08 5.06 2.09
CA ILE A 79 2.12 5.92 1.41
C ILE A 79 2.35 7.39 1.77
N ILE A 80 2.97 8.12 0.86
CA ILE A 80 3.25 9.53 1.08
C ILE A 80 2.41 10.41 0.15
N VAL A 81 1.41 11.07 0.73
CA VAL A 81 0.54 11.94 -0.04
C VAL A 81 1.26 13.20 -0.49
N LYS A 82 1.69 13.21 -1.74
CA LYS A 82 2.41 14.36 -2.31
C LYS A 82 1.45 15.30 -3.02
N GLY A 83 1.84 16.58 -3.09
CA GLY A 83 0.99 17.56 -3.75
C GLY A 83 1.80 18.57 -4.52
N LYS A 84 1.37 19.84 -4.47
CA LYS A 84 2.06 20.91 -5.18
C LYS A 84 2.46 22.03 -4.22
N ASN A 85 3.63 22.61 -4.44
CA ASN A 85 4.13 23.69 -3.60
C ASN A 85 4.19 23.25 -2.13
N VAL A 86 4.59 22.01 -1.91
CA VAL A 86 4.69 21.47 -0.56
C VAL A 86 5.81 20.45 -0.46
N ASP A 87 6.48 20.43 0.69
CA ASP A 87 7.58 19.50 0.91
C ASP A 87 7.05 18.10 1.27
N LEU A 88 6.08 18.06 2.17
CA LEU A 88 5.49 16.80 2.60
C LEU A 88 4.20 17.04 3.37
N ILE A 89 3.08 16.58 2.80
CA ILE A 89 1.79 16.74 3.44
C ILE A 89 1.62 15.76 4.60
N SER A 90 1.94 14.50 4.37
CA SER A 90 1.83 13.47 5.39
C SER A 90 2.46 12.17 4.93
N GLU A 91 2.61 11.22 5.85
CA GLU A 91 3.22 9.93 5.53
C GLU A 91 2.80 8.88 6.56
N THR A 92 2.99 7.61 6.21
CA THR A 92 2.63 6.51 7.09
C THR A 92 3.43 5.26 6.75
N THR A 93 3.45 4.30 7.68
CA THR A 93 4.18 3.06 7.48
C THR A 93 3.24 1.86 7.53
N VAL A 94 3.49 0.88 6.66
CA VAL A 94 2.66 -0.32 6.61
C VAL A 94 3.44 -1.49 6.02
N GLU A 95 3.23 -2.68 6.59
CA GLU A 95 3.91 -3.88 6.13
C GLU A 95 2.97 -4.76 5.32
N LEU A 96 3.22 -4.86 4.02
CA LEU A 96 2.40 -5.67 3.14
C LEU A 96 2.48 -7.15 3.52
N TYR A 97 3.66 -7.58 3.92
CA TYR A 97 3.87 -8.96 4.31
C TYR A 97 2.93 -9.36 5.44
N SER A 98 3.05 -8.67 6.58
CA SER A 98 2.21 -8.96 7.74
C SER A 98 0.76 -8.59 7.45
N LEU A 99 0.56 -7.60 6.59
CA LEU A 99 -0.79 -7.14 6.24
C LEU A 99 -1.64 -8.32 5.76
N ALA A 100 -1.03 -9.23 5.02
CA ALA A 100 -1.73 -10.40 4.51
C ALA A 100 -2.09 -11.36 5.64
N GLU A 101 -1.31 -11.33 6.71
CA GLU A 101 -1.54 -12.20 7.85
C GLU A 101 -2.68 -11.66 8.71
N ARG A 102 -2.85 -10.35 8.70
CA ARG A 102 -3.90 -9.71 9.49
C ARG A 102 -5.27 -9.94 8.85
N CYS A 103 -5.33 -9.77 7.54
CA CYS A 103 -6.58 -9.96 6.80
C CYS A 103 -7.19 -11.33 7.11
N ARG A 104 -6.37 -12.37 7.03
CA ARG A 104 -6.83 -13.73 7.29
C ARG A 104 -7.52 -13.82 8.64
N LYS A 105 -6.98 -13.10 9.63
CA LYS A 105 -7.55 -13.09 10.98
C LYS A 105 -9.02 -12.68 10.95
N ASN A 106 -9.40 -11.92 9.92
CA ASN A 106 -10.77 -11.46 9.76
C ASN A 106 -11.56 -12.38 8.84
N ASN A 107 -11.14 -13.64 8.77
CA ASN A 107 -11.81 -14.63 7.93
C ASN A 107 -11.88 -14.15 6.48
N GLY A 108 -10.89 -13.35 6.09
CA GLY A 108 -10.85 -12.84 4.73
C GLY A 108 -10.10 -11.52 4.62
N LYS A 109 -10.80 -10.43 4.88
CA LYS A 109 -10.20 -9.10 4.82
C LYS A 109 -10.38 -8.35 6.13
N THR A 110 -9.38 -7.54 6.49
CA THR A 110 -9.43 -6.77 7.72
C THR A 110 -9.43 -5.27 7.44
N GLU A 111 -10.23 -4.53 8.21
CA GLU A 111 -10.33 -3.08 8.03
C GLU A 111 -9.35 -2.36 8.95
N ILE A 112 -8.48 -1.54 8.37
CA ILE A 112 -7.50 -0.80 9.15
C ILE A 112 -7.54 0.68 8.79
N TRP A 113 -7.37 1.54 9.80
CA TRP A 113 -7.39 2.98 9.59
C TRP A 113 -5.98 3.56 9.69
N LEU A 114 -5.44 3.97 8.55
CA LEU A 114 -4.09 4.55 8.51
C LEU A 114 -4.07 5.92 9.19
N GLU A 115 -3.01 6.17 9.95
CA GLU A 115 -2.86 7.44 10.66
C GLU A 115 -1.67 8.23 10.11
N LEU A 116 -1.93 9.08 9.12
CA LEU A 116 -0.89 9.88 8.51
C LEU A 116 -0.52 11.06 9.40
N LYS A 117 0.79 11.30 9.54
CA LYS A 117 1.28 12.39 10.38
C LYS A 117 2.09 13.38 9.55
N PRO A 118 2.20 14.62 10.05
CA PRO A 118 1.66 15.13 11.30
C PRO A 118 0.13 15.27 11.25
N GLN A 119 -0.41 15.26 10.04
CA GLN A 119 -1.85 15.38 9.86
C GLN A 119 -2.32 14.57 8.65
N GLY A 120 -3.59 14.18 8.67
CA GLY A 120 -4.14 13.40 7.57
C GLY A 120 -4.48 11.98 7.98
N ARG A 121 -5.52 11.42 7.37
CA ARG A 121 -5.95 10.07 7.68
C ARG A 121 -6.82 9.51 6.56
N MET A 122 -6.71 8.20 6.33
CA MET A 122 -7.49 7.54 5.28
C MET A 122 -7.74 6.08 5.64
N LEU A 123 -8.87 5.56 5.18
CA LEU A 123 -9.24 4.17 5.45
C LEU A 123 -8.52 3.22 4.50
N MET A 124 -8.01 2.13 5.04
CA MET A 124 -7.30 1.13 4.24
C MET A 124 -7.97 -0.23 4.34
N ASN A 125 -8.47 -0.73 3.21
CA ASN A 125 -9.15 -2.02 3.17
C ASN A 125 -8.33 -3.04 2.37
N ALA A 126 -7.69 -3.96 3.09
CA ALA A 126 -6.87 -4.99 2.44
C ALA A 126 -7.65 -6.30 2.32
N ARG A 127 -7.84 -6.75 1.09
CA ARG A 127 -8.57 -7.99 0.83
C ARG A 127 -7.61 -9.11 0.44
N TYR A 128 -7.94 -10.33 0.83
CA TYR A 128 -7.11 -11.49 0.52
C TYR A 128 -7.58 -12.17 -0.75
N PHE A 129 -6.64 -12.53 -1.61
CA PHE A 129 -6.96 -13.20 -2.87
C PHE A 129 -5.88 -14.20 -3.25
N LEU A 130 -6.15 -15.01 -4.26
CA LEU A 130 -5.19 -16.02 -4.73
C LEU A 130 -4.89 -15.82 -6.21
N GLU A 131 -3.59 -15.82 -6.54
CA GLU A 131 -3.16 -15.65 -7.92
C GLU A 131 -2.00 -16.58 -8.25
N MET A 132 -1.95 -17.03 -9.49
CA MET A 132 -0.89 -17.94 -9.93
C MET A 132 -0.08 -17.31 -11.07
N SER A 133 0.41 -16.08 -10.83
CA SER A 133 1.19 -15.37 -11.84
C SER A 133 1.90 -14.17 -11.22
N GLY A 134 2.91 -13.66 -11.91
CA GLY A 134 3.65 -12.52 -11.42
C GLY A 134 5.12 -12.58 -11.80
N PRO A 135 5.78 -11.41 -11.76
CA PRO A 135 7.21 -11.43 -12.14
C PRO A 135 8.06 -12.13 -11.09
N SER A 136 9.27 -12.52 -11.49
CA SER A 136 10.19 -13.21 -10.59
C SER A 136 10.94 -12.21 -9.70
N SER A 137 10.62 -12.21 -8.42
CA SER A 137 11.27 -11.30 -7.47
C SER A 137 12.78 -11.46 -7.51
N GLY A 138 13.48 -10.47 -6.98
CA GLY A 138 14.94 -10.51 -6.95
C GLY A 138 15.55 -9.99 -8.24
N GLY A 1 -15.58 -27.52 -14.88
CA GLY A 1 -14.55 -26.51 -14.78
C GLY A 1 -13.86 -26.25 -16.10
N SER A 2 -13.41 -25.02 -16.31
CA SER A 2 -12.74 -24.64 -17.54
C SER A 2 -11.24 -24.88 -17.43
N SER A 3 -10.66 -24.47 -16.32
CA SER A 3 -9.23 -24.64 -16.10
C SER A 3 -8.87 -24.40 -14.63
N GLY A 4 -7.65 -24.78 -14.25
CA GLY A 4 -7.21 -24.60 -12.88
C GLY A 4 -5.70 -24.66 -12.75
N SER A 5 -5.20 -24.27 -11.58
CA SER A 5 -3.77 -24.27 -11.32
C SER A 5 -3.47 -24.71 -9.90
N SER A 6 -2.22 -25.08 -9.65
CA SER A 6 -1.80 -25.54 -8.33
C SER A 6 -0.57 -24.76 -7.84
N GLY A 7 -0.74 -24.02 -6.76
CA GLY A 7 0.36 -23.25 -6.21
C GLY A 7 0.46 -21.86 -6.85
N MET A 8 -0.51 -21.01 -6.55
CA MET A 8 -0.53 -19.66 -7.10
C MET A 8 0.01 -18.66 -6.09
N SER A 9 0.43 -17.50 -6.58
CA SER A 9 0.98 -16.45 -5.72
C SER A 9 -0.13 -15.54 -5.19
N PRO A 10 -0.42 -15.67 -3.89
CA PRO A 10 -1.48 -14.81 -3.33
C PRO A 10 -1.07 -13.34 -3.28
N PHE A 11 -1.96 -12.46 -3.69
CA PHE A 11 -1.68 -11.03 -3.68
C PHE A 11 -2.67 -10.29 -2.77
N LEU A 12 -2.29 -9.07 -2.37
CA LEU A 12 -3.13 -8.27 -1.49
C LEU A 12 -3.77 -7.12 -2.26
N ARG A 13 -5.09 -6.99 -2.13
CA ARG A 13 -5.81 -5.93 -2.82
C ARG A 13 -6.20 -4.82 -1.85
N ILE A 14 -5.33 -3.82 -1.72
CA ILE A 14 -5.57 -2.70 -0.82
C ILE A 14 -6.31 -1.58 -1.53
N GLY A 15 -7.30 -1.01 -0.87
CA GLY A 15 -8.06 0.08 -1.45
C GLY A 15 -8.18 1.27 -0.53
N LEU A 16 -7.82 2.44 -1.03
CA LEU A 16 -7.88 3.67 -0.25
C LEU A 16 -9.12 4.49 -0.61
N SER A 17 -9.68 5.19 0.38
CA SER A 17 -10.86 6.00 0.17
C SER A 17 -11.12 6.91 1.37
N ASN A 18 -11.95 7.93 1.16
CA ASN A 18 -12.26 8.87 2.23
C ASN A 18 -11.02 9.56 2.75
N PHE A 19 -10.12 9.92 1.83
CA PHE A 19 -8.87 10.58 2.20
C PHE A 19 -9.15 11.92 2.88
N ASP A 20 -8.70 12.05 4.13
CA ASP A 20 -8.90 13.27 4.89
C ASP A 20 -7.59 14.01 5.10
N CYS A 21 -7.54 15.27 4.69
CA CYS A 21 -6.34 16.08 4.84
C CYS A 21 -6.51 17.13 5.94
N GLY A 22 -7.76 17.52 6.18
CA GLY A 22 -8.04 18.52 7.19
C GLY A 22 -8.50 19.84 6.61
N SER A 23 -7.64 20.86 6.71
CA SER A 23 -7.97 22.18 6.19
C SER A 23 -7.16 22.48 4.93
N CYS A 24 -7.66 23.42 4.12
CA CYS A 24 -6.99 23.80 2.89
C CYS A 24 -6.36 25.17 3.01
N GLN A 25 -7.05 26.07 3.71
CA GLN A 25 -6.56 27.43 3.90
C GLN A 25 -6.23 28.09 2.56
N SER A 26 -7.03 27.76 1.55
CA SER A 26 -6.82 28.32 0.21
C SER A 26 -7.57 29.65 0.06
N CYS A 27 -7.02 30.52 -0.78
CA CYS A 27 -7.62 31.83 -1.01
C CYS A 27 -8.31 31.87 -2.37
N GLN A 28 -7.57 31.56 -3.42
CA GLN A 28 -8.10 31.56 -4.78
C GLN A 28 -8.43 30.15 -5.24
N GLY A 29 -9.67 29.94 -5.64
CA GLY A 29 -10.08 28.62 -6.10
C GLY A 29 -9.27 28.13 -7.28
N GLU A 30 -8.46 27.09 -7.05
CA GLU A 30 -7.63 26.53 -8.10
C GLU A 30 -7.93 25.04 -8.30
N ALA A 31 -7.29 24.46 -9.31
CA ALA A 31 -7.48 23.05 -9.61
C ALA A 31 -6.16 22.28 -9.56
N VAL A 32 -5.89 21.67 -8.42
CA VAL A 32 -4.65 20.91 -8.23
C VAL A 32 -4.88 19.42 -8.47
N ASN A 33 -3.87 18.75 -9.00
CA ASN A 33 -3.97 17.32 -9.29
C ASN A 33 -3.09 16.52 -8.33
N PRO A 34 -3.45 16.54 -7.04
CA PRO A 34 -2.64 15.78 -6.08
C PRO A 34 -2.79 14.27 -6.26
N TYR A 35 -1.76 13.53 -5.87
CA TYR A 35 -1.78 12.08 -5.99
C TYR A 35 -1.03 11.43 -4.83
N CYS A 36 -1.08 10.10 -4.77
CA CYS A 36 -0.41 9.36 -3.71
C CYS A 36 0.72 8.50 -4.28
N ALA A 37 1.86 8.51 -3.60
CA ALA A 37 3.02 7.73 -4.03
C ALA A 37 3.23 6.52 -3.14
N VAL A 38 3.00 5.33 -3.69
CA VAL A 38 3.18 4.09 -2.95
C VAL A 38 4.53 3.46 -3.24
N LEU A 39 5.45 3.56 -2.28
CA LEU A 39 6.78 2.99 -2.44
C LEU A 39 6.84 1.58 -1.86
N VAL A 40 7.22 0.61 -2.70
CA VAL A 40 7.32 -0.77 -2.26
C VAL A 40 8.77 -1.22 -2.20
N LYS A 41 9.34 -1.21 -1.00
CA LYS A 41 10.72 -1.61 -0.80
C LYS A 41 10.81 -3.07 -0.35
N GLU A 42 12.01 -3.61 -0.32
CA GLU A 42 12.23 -4.99 0.09
C GLU A 42 13.21 -5.05 1.26
N TYR A 43 13.00 -6.04 2.15
CA TYR A 43 13.86 -6.21 3.30
C TYR A 43 14.97 -7.21 3.01
N VAL A 44 16.16 -6.70 2.74
CA VAL A 44 17.31 -7.55 2.43
C VAL A 44 18.27 -7.60 3.62
N GLU A 45 18.55 -8.81 4.09
CA GLU A 45 19.46 -9.00 5.23
C GLU A 45 20.61 -9.92 4.84
N SER A 46 21.84 -9.41 4.98
CA SER A 46 23.02 -10.19 4.65
C SER A 46 24.01 -10.19 5.81
N GLU A 47 25.14 -10.86 5.61
CA GLU A 47 26.18 -10.94 6.64
C GLU A 47 26.60 -9.54 7.09
N ASN A 48 26.45 -8.56 6.20
CA ASN A 48 26.81 -7.19 6.50
C ASN A 48 25.82 -6.55 7.47
N GLY A 49 24.57 -7.00 7.39
CA GLY A 49 23.53 -6.47 8.26
C GLY A 49 22.18 -6.42 7.59
N GLN A 50 21.35 -5.46 8.00
CA GLN A 50 20.01 -5.31 7.42
C GLN A 50 19.93 -4.05 6.56
N MET A 51 19.47 -4.21 5.34
CA MET A 51 19.33 -3.08 4.42
C MET A 51 18.02 -3.15 3.65
N TYR A 52 17.65 -2.06 3.01
CA TYR A 52 16.40 -2.00 2.24
C TYR A 52 16.69 -1.73 0.77
N ILE A 53 16.15 -2.59 -0.09
CA ILE A 53 16.34 -2.45 -1.53
C ILE A 53 15.01 -2.24 -2.24
N GLN A 54 14.89 -1.11 -2.93
CA GLN A 54 13.67 -0.78 -3.65
C GLN A 54 13.66 -1.44 -5.03
N LYS A 55 13.19 -2.68 -5.09
CA LYS A 55 13.14 -3.42 -6.35
C LYS A 55 12.10 -2.81 -7.29
N LYS A 56 11.06 -2.21 -6.72
CA LYS A 56 10.01 -1.58 -7.51
C LYS A 56 9.94 -0.08 -7.24
N PRO A 57 9.90 0.72 -8.33
CA PRO A 57 9.84 2.16 -8.10
C PRO A 57 8.51 2.60 -7.52
N THR A 58 8.35 3.92 -7.34
CA THR A 58 7.11 4.46 -6.79
C THR A 58 5.91 4.02 -7.60
N MET A 59 4.78 3.81 -6.91
CA MET A 59 3.55 3.38 -7.57
C MET A 59 2.49 4.47 -7.48
N TYR A 60 1.54 4.44 -8.41
CA TYR A 60 0.46 5.43 -8.44
C TYR A 60 -0.90 4.74 -8.50
N PRO A 61 -1.40 4.34 -7.32
CA PRO A 61 -2.71 3.67 -7.33
C PRO A 61 -3.85 4.64 -7.65
N PRO A 62 -5.00 4.08 -8.06
CA PRO A 62 -6.11 4.98 -8.38
C PRO A 62 -6.68 5.67 -7.15
N TRP A 63 -7.75 6.43 -7.35
CA TRP A 63 -8.39 7.15 -6.25
C TRP A 63 -9.75 6.54 -5.92
N ASP A 64 -9.97 6.26 -4.64
CA ASP A 64 -11.24 5.68 -4.20
C ASP A 64 -11.47 4.32 -4.85
N SER A 65 -10.38 3.66 -5.22
CA SER A 65 -10.46 2.35 -5.87
C SER A 65 -9.48 1.37 -5.23
N THR A 66 -9.48 0.13 -5.72
CA THR A 66 -8.59 -0.89 -5.20
C THR A 66 -7.50 -1.24 -6.21
N PHE A 67 -6.31 -1.55 -5.70
CA PHE A 67 -5.18 -1.90 -6.56
C PHE A 67 -4.54 -3.21 -6.12
N ASP A 68 -3.71 -3.78 -6.98
CA ASP A 68 -3.04 -5.04 -6.66
C ASP A 68 -1.67 -4.78 -6.04
N ALA A 69 -1.30 -5.62 -5.08
CA ALA A 69 -0.02 -5.48 -4.40
C ALA A 69 0.59 -6.85 -4.09
N HIS A 70 1.70 -7.16 -4.75
CA HIS A 70 2.37 -8.44 -4.56
C HIS A 70 2.72 -8.64 -3.09
N ILE A 71 2.81 -9.90 -2.67
CA ILE A 71 3.14 -10.22 -1.28
C ILE A 71 4.53 -10.85 -1.18
N ASN A 72 5.23 -10.53 -0.09
CA ASN A 72 6.57 -11.07 0.13
C ASN A 72 6.93 -11.02 1.61
N LYS A 73 7.89 -11.86 2.00
CA LYS A 73 8.33 -11.92 3.38
C LYS A 73 8.70 -10.53 3.89
N GLY A 74 9.66 -9.89 3.23
CA GLY A 74 10.09 -8.57 3.63
C GLY A 74 9.65 -7.50 2.65
N ARG A 75 8.38 -7.11 2.71
CA ARG A 75 7.84 -6.09 1.83
C ARG A 75 7.18 -4.97 2.62
N VAL A 76 7.75 -3.77 2.55
CA VAL A 76 7.21 -2.62 3.26
C VAL A 76 6.60 -1.61 2.28
N MET A 77 5.47 -1.03 2.67
CA MET A 77 4.79 -0.05 1.83
C MET A 77 4.77 1.32 2.51
N GLN A 78 5.03 2.36 1.72
CA GLN A 78 5.05 3.72 2.25
C GLN A 78 4.12 4.62 1.45
N ILE A 79 3.07 5.11 2.08
CA ILE A 79 2.11 5.99 1.42
C ILE A 79 2.49 7.45 1.62
N ILE A 80 3.09 8.04 0.59
CA ILE A 80 3.49 9.45 0.65
C ILE A 80 2.60 10.31 -0.22
N VAL A 81 1.98 11.31 0.39
CA VAL A 81 1.09 12.22 -0.32
C VAL A 81 1.87 13.36 -0.95
N LYS A 82 1.90 13.39 -2.29
CA LYS A 82 2.61 14.43 -3.02
C LYS A 82 1.63 15.36 -3.74
N GLY A 83 2.05 16.59 -3.97
CA GLY A 83 1.21 17.56 -4.65
C GLY A 83 1.98 18.42 -5.64
N LYS A 84 1.43 19.59 -5.94
CA LYS A 84 2.08 20.52 -6.86
C LYS A 84 2.82 21.61 -6.11
N ASN A 85 2.10 22.33 -5.26
CA ASN A 85 2.70 23.40 -4.48
C ASN A 85 2.98 22.95 -3.05
N VAL A 86 3.50 21.73 -2.91
CA VAL A 86 3.81 21.18 -1.59
C VAL A 86 4.89 20.11 -1.69
N ASP A 87 5.65 19.96 -0.61
CA ASP A 87 6.72 18.97 -0.57
C ASP A 87 6.28 17.71 0.16
N LEU A 88 5.48 17.88 1.20
CA LEU A 88 4.98 16.76 1.97
C LEU A 88 3.88 17.22 2.94
N ILE A 89 2.75 16.51 2.91
CA ILE A 89 1.63 16.83 3.78
C ILE A 89 1.47 15.79 4.89
N SER A 90 1.57 14.52 4.52
CA SER A 90 1.45 13.43 5.48
C SER A 90 2.13 12.17 4.96
N GLU A 91 2.59 11.33 5.89
CA GLU A 91 3.26 10.09 5.53
C GLU A 91 3.00 9.00 6.58
N THR A 92 3.03 7.76 6.15
CA THR A 92 2.80 6.63 7.04
C THR A 92 3.55 5.38 6.57
N THR A 93 3.69 4.42 7.46
CA THR A 93 4.39 3.17 7.14
C THR A 93 3.51 1.97 7.42
N VAL A 94 3.54 0.99 6.50
CA VAL A 94 2.75 -0.22 6.66
C VAL A 94 3.48 -1.44 6.10
N GLU A 95 3.38 -2.55 6.82
CA GLU A 95 4.04 -3.79 6.39
C GLU A 95 3.10 -4.65 5.57
N LEU A 96 3.45 -4.84 4.30
CA LEU A 96 2.63 -5.65 3.40
C LEU A 96 2.62 -7.11 3.84
N TYR A 97 3.74 -7.57 4.38
CA TYR A 97 3.87 -8.94 4.84
C TYR A 97 2.87 -9.24 5.94
N SER A 98 2.99 -8.53 7.06
CA SER A 98 2.09 -8.72 8.19
C SER A 98 0.64 -8.42 7.80
N LEU A 99 0.48 -7.51 6.85
CA LEU A 99 -0.85 -7.13 6.38
C LEU A 99 -1.59 -8.33 5.79
N ALA A 100 -0.88 -9.10 4.96
CA ALA A 100 -1.47 -10.28 4.35
C ALA A 100 -2.06 -11.22 5.39
N GLU A 101 -1.44 -11.25 6.57
CA GLU A 101 -1.90 -12.11 7.66
C GLU A 101 -3.08 -11.48 8.38
N ARG A 102 -3.01 -10.17 8.60
CA ARG A 102 -4.09 -9.45 9.28
C ARG A 102 -5.43 -9.71 8.60
N CYS A 103 -5.42 -9.76 7.28
CA CYS A 103 -6.64 -10.00 6.50
C CYS A 103 -7.24 -11.36 6.86
N ARG A 104 -6.41 -12.39 6.82
CA ARG A 104 -6.87 -13.75 7.13
C ARG A 104 -7.57 -13.79 8.49
N LYS A 105 -7.04 -13.03 9.44
CA LYS A 105 -7.61 -12.97 10.78
C LYS A 105 -9.08 -12.56 10.72
N ASN A 106 -9.45 -11.84 9.68
CA ASN A 106 -10.83 -11.39 9.50
C ASN A 106 -11.61 -12.35 8.61
N ASN A 107 -11.18 -13.60 8.58
CA ASN A 107 -11.84 -14.62 7.76
C ASN A 107 -11.88 -14.18 6.29
N GLY A 108 -10.90 -13.38 5.89
CA GLY A 108 -10.85 -12.91 4.52
C GLY A 108 -10.16 -11.57 4.39
N LYS A 109 -10.91 -10.49 4.61
CA LYS A 109 -10.37 -9.15 4.52
C LYS A 109 -10.55 -8.40 5.84
N THR A 110 -9.53 -7.63 6.23
CA THR A 110 -9.58 -6.86 7.46
C THR A 110 -9.56 -5.36 7.18
N GLU A 111 -10.10 -4.58 8.12
CA GLU A 111 -10.14 -3.13 7.97
C GLU A 111 -9.15 -2.46 8.92
N ILE A 112 -8.31 -1.59 8.37
CA ILE A 112 -7.33 -0.88 9.17
C ILE A 112 -7.35 0.62 8.89
N TRP A 113 -7.19 1.42 9.93
CA TRP A 113 -7.20 2.87 9.79
C TRP A 113 -5.78 3.44 9.85
N LEU A 114 -5.28 3.92 8.72
CA LEU A 114 -3.94 4.48 8.65
C LEU A 114 -3.88 5.83 9.37
N GLU A 115 -2.80 6.05 10.13
CA GLU A 115 -2.64 7.30 10.86
C GLU A 115 -1.49 8.12 10.27
N LEU A 116 -1.83 8.97 9.31
CA LEU A 116 -0.83 9.82 8.66
C LEU A 116 -0.44 10.98 9.56
N LYS A 117 0.85 11.28 9.62
CA LYS A 117 1.35 12.37 10.44
C LYS A 117 2.16 13.35 9.59
N PRO A 118 2.32 14.59 10.10
CA PRO A 118 1.82 15.09 11.38
C PRO A 118 0.30 15.26 11.39
N GLN A 119 -0.29 15.29 10.21
CA GLN A 119 -1.73 15.44 10.08
C GLN A 119 -2.26 14.65 8.88
N GLY A 120 -3.53 14.27 8.94
CA GLY A 120 -4.13 13.51 7.86
C GLY A 120 -4.40 12.07 8.25
N ARG A 121 -5.40 11.46 7.61
CA ARG A 121 -5.75 10.07 7.89
C ARG A 121 -6.59 9.49 6.76
N MET A 122 -6.31 8.24 6.41
CA MET A 122 -7.04 7.56 5.35
C MET A 122 -7.34 6.12 5.73
N LEU A 123 -8.44 5.58 5.20
CA LEU A 123 -8.84 4.21 5.49
C LEU A 123 -8.15 3.24 4.53
N MET A 124 -7.62 2.15 5.08
CA MET A 124 -6.94 1.14 4.28
C MET A 124 -7.66 -0.21 4.38
N ASN A 125 -8.29 -0.61 3.28
CA ASN A 125 -9.02 -1.88 3.24
C ASN A 125 -8.27 -2.91 2.41
N ALA A 126 -7.62 -3.85 3.08
CA ALA A 126 -6.86 -4.90 2.41
C ALA A 126 -7.68 -6.19 2.30
N ARG A 127 -7.68 -6.77 1.11
CA ARG A 127 -8.42 -8.01 0.88
C ARG A 127 -7.48 -9.14 0.44
N TYR A 128 -7.90 -10.37 0.70
CA TYR A 128 -7.09 -11.53 0.34
C TYR A 128 -7.59 -12.16 -0.96
N PHE A 129 -6.67 -12.32 -1.91
CA PHE A 129 -7.02 -12.90 -3.20
C PHE A 129 -5.91 -13.84 -3.68
N LEU A 130 -6.15 -14.51 -4.80
CA LEU A 130 -5.17 -15.42 -5.38
C LEU A 130 -4.86 -15.07 -6.83
N GLU A 131 -3.59 -15.18 -7.20
CA GLU A 131 -3.16 -14.86 -8.55
C GLU A 131 -2.00 -15.75 -8.97
N MET A 132 -2.18 -16.46 -10.09
CA MET A 132 -1.14 -17.36 -10.59
C MET A 132 0.19 -16.62 -10.73
N SER A 133 0.13 -15.37 -11.18
CA SER A 133 1.33 -14.56 -11.36
C SER A 133 2.36 -15.29 -12.20
N GLY A 134 1.88 -16.00 -13.22
CA GLY A 134 2.78 -16.75 -14.09
C GLY A 134 3.84 -15.87 -14.72
N PRO A 135 4.72 -16.47 -15.53
CA PRO A 135 5.76 -15.66 -16.15
C PRO A 135 5.20 -14.70 -17.20
N SER A 136 5.24 -13.41 -16.90
CA SER A 136 4.72 -12.40 -17.82
C SER A 136 5.87 -11.58 -18.41
N SER A 137 6.91 -12.28 -18.88
CA SER A 137 8.06 -11.61 -19.47
C SER A 137 8.22 -12.01 -20.94
N GLY A 138 9.05 -11.27 -21.66
CA GLY A 138 9.28 -11.56 -23.06
C GLY A 138 10.67 -11.16 -23.52
N GLY A 1 -12.47 -27.23 -16.08
CA GLY A 1 -11.44 -26.42 -15.46
C GLY A 1 -10.05 -26.72 -16.00
N SER A 2 -9.64 -25.98 -17.02
CA SER A 2 -8.34 -26.17 -17.63
C SER A 2 -7.54 -24.87 -17.68
N SER A 3 -7.33 -24.28 -16.50
CA SER A 3 -6.59 -23.02 -16.41
C SER A 3 -5.09 -23.28 -16.31
N GLY A 4 -4.68 -23.93 -15.23
CA GLY A 4 -3.27 -24.22 -15.02
C GLY A 4 -2.96 -24.65 -13.60
N SER A 5 -3.12 -23.73 -12.66
CA SER A 5 -2.86 -24.03 -11.26
C SER A 5 -1.41 -24.44 -11.06
N SER A 6 -0.52 -23.87 -11.88
CA SER A 6 0.90 -24.18 -11.80
C SER A 6 1.69 -23.00 -11.23
N GLY A 7 2.22 -23.18 -10.02
CA GLY A 7 2.98 -22.12 -9.39
C GLY A 7 2.20 -20.82 -9.29
N MET A 8 1.50 -20.64 -8.18
CA MET A 8 0.71 -19.42 -7.97
C MET A 8 1.08 -18.76 -6.65
N SER A 9 1.28 -17.45 -6.69
CA SER A 9 1.64 -16.69 -5.49
C SER A 9 0.51 -15.76 -5.09
N PRO A 10 0.15 -15.80 -3.79
CA PRO A 10 -0.93 -14.91 -3.35
C PRO A 10 -0.52 -13.45 -3.36
N PHE A 11 -1.50 -12.56 -3.40
CA PHE A 11 -1.25 -11.13 -3.40
C PHE A 11 -2.27 -10.38 -2.56
N LEU A 12 -1.89 -9.20 -2.09
CA LEU A 12 -2.78 -8.38 -1.26
C LEU A 12 -3.31 -7.19 -2.05
N ARG A 13 -4.63 -7.05 -2.08
CA ARG A 13 -5.27 -5.95 -2.79
C ARG A 13 -5.65 -4.82 -1.83
N ILE A 14 -4.76 -3.83 -1.71
CA ILE A 14 -5.01 -2.70 -0.82
C ILE A 14 -5.74 -1.58 -1.56
N GLY A 15 -6.75 -1.00 -0.90
CA GLY A 15 -7.51 0.08 -1.51
C GLY A 15 -7.68 1.25 -0.57
N LEU A 16 -7.70 2.46 -1.13
CA LEU A 16 -7.87 3.67 -0.34
C LEU A 16 -9.21 4.32 -0.61
N SER A 17 -9.92 4.65 0.46
CA SER A 17 -11.24 5.28 0.35
C SER A 17 -11.49 6.24 1.51
N ASN A 18 -12.39 7.19 1.30
CA ASN A 18 -12.72 8.17 2.32
C ASN A 18 -11.46 8.88 2.83
N PHE A 19 -10.56 9.19 1.91
CA PHE A 19 -9.32 9.87 2.26
C PHE A 19 -9.59 11.20 2.94
N ASP A 20 -8.78 11.54 3.94
CA ASP A 20 -8.94 12.78 4.67
C ASP A 20 -7.66 13.62 4.61
N CYS A 21 -7.76 14.79 4.00
CA CYS A 21 -6.60 15.68 3.87
C CYS A 21 -6.77 16.92 4.75
N GLY A 22 -8.02 17.27 5.03
CA GLY A 22 -8.29 18.43 5.87
C GLY A 22 -9.36 19.32 5.27
N SER A 23 -8.97 20.52 4.85
CA SER A 23 -9.90 21.48 4.28
C SER A 23 -9.23 22.32 3.20
N CYS A 24 -9.96 22.56 2.11
CA CYS A 24 -9.43 23.35 1.00
C CYS A 24 -9.60 24.84 1.27
N GLN A 25 -8.72 25.65 0.69
CA GLN A 25 -8.77 27.09 0.87
C GLN A 25 -7.82 27.80 -0.10
N SER A 26 -8.18 29.01 -0.51
CA SER A 26 -7.37 29.78 -1.43
C SER A 26 -7.11 29.00 -2.72
N CYS A 27 -8.12 28.26 -3.15
CA CYS A 27 -8.01 27.46 -4.37
C CYS A 27 -7.80 28.36 -5.59
N GLN A 28 -7.56 27.73 -6.74
CA GLN A 28 -7.34 28.47 -7.97
C GLN A 28 -8.49 28.27 -8.95
N GLY A 29 -9.71 28.26 -8.41
CA GLY A 29 -10.88 28.08 -9.24
C GLY A 29 -11.13 26.62 -9.59
N GLU A 30 -10.23 26.05 -10.39
CA GLU A 30 -10.36 24.65 -10.80
C GLU A 30 -10.15 23.72 -9.60
N ALA A 31 -10.30 22.42 -9.84
CA ALA A 31 -10.14 21.42 -8.79
C ALA A 31 -8.91 20.56 -9.05
N VAL A 32 -7.82 20.86 -8.36
CA VAL A 32 -6.58 20.12 -8.52
C VAL A 32 -6.80 18.63 -8.22
N ASN A 33 -6.11 17.77 -8.97
CA ASN A 33 -6.22 16.34 -8.79
C ASN A 33 -4.90 15.74 -8.32
N PRO A 34 -4.67 15.79 -6.99
CA PRO A 34 -3.41 15.22 -6.50
C PRO A 34 -3.37 13.70 -6.63
N TYR A 35 -2.18 13.13 -6.48
CA TYR A 35 -2.00 11.69 -6.57
C TYR A 35 -1.15 11.16 -5.42
N CYS A 36 -1.52 10.00 -4.90
CA CYS A 36 -0.79 9.39 -3.80
C CYS A 36 0.40 8.58 -4.31
N ALA A 37 1.51 8.66 -3.59
CA ALA A 37 2.71 7.92 -3.96
C ALA A 37 2.89 6.67 -3.12
N VAL A 38 3.06 5.54 -3.78
CA VAL A 38 3.24 4.27 -3.08
C VAL A 38 4.59 3.63 -3.43
N LEU A 39 5.59 3.90 -2.59
CA LEU A 39 6.92 3.35 -2.80
C LEU A 39 7.09 2.01 -2.10
N VAL A 40 7.09 0.93 -2.88
CA VAL A 40 7.23 -0.41 -2.34
C VAL A 40 8.70 -0.80 -2.22
N LYS A 41 9.04 -1.51 -1.16
CA LYS A 41 10.42 -1.95 -0.94
C LYS A 41 10.45 -3.36 -0.36
N GLU A 42 11.36 -4.19 -0.87
CA GLU A 42 11.49 -5.56 -0.40
C GLU A 42 12.56 -5.67 0.68
N TYR A 43 12.24 -6.38 1.75
CA TYR A 43 13.17 -6.55 2.86
C TYR A 43 14.19 -7.63 2.55
N VAL A 44 15.41 -7.22 2.18
CA VAL A 44 16.47 -8.15 1.86
C VAL A 44 17.32 -8.46 3.09
N GLU A 45 17.39 -9.74 3.44
CA GLU A 45 18.16 -10.16 4.60
C GLU A 45 19.53 -10.70 4.17
N SER A 46 20.58 -10.15 4.76
CA SER A 46 21.94 -10.58 4.44
C SER A 46 22.73 -10.91 5.70
N GLU A 47 23.49 -12.00 5.65
CA GLU A 47 24.28 -12.42 6.79
C GLU A 47 25.15 -11.28 7.31
N ASN A 48 25.66 -10.46 6.40
CA ASN A 48 26.50 -9.33 6.76
C ASN A 48 25.66 -8.18 7.30
N GLY A 49 24.41 -8.10 6.84
CA GLY A 49 23.52 -7.05 7.30
C GLY A 49 22.36 -6.83 6.35
N GLN A 50 21.14 -6.99 6.86
CA GLN A 50 19.94 -6.81 6.05
C GLN A 50 19.78 -5.35 5.62
N MET A 51 19.13 -5.14 4.50
CA MET A 51 18.90 -3.79 3.98
C MET A 51 17.60 -3.71 3.19
N TYR A 52 17.11 -2.49 3.00
CA TYR A 52 15.87 -2.29 2.26
C TYR A 52 16.14 -1.97 0.80
N ILE A 53 15.69 -2.86 -0.08
CA ILE A 53 15.89 -2.67 -1.51
C ILE A 53 14.60 -2.24 -2.20
N GLN A 54 14.72 -1.33 -3.16
CA GLN A 54 13.56 -0.83 -3.90
C GLN A 54 13.69 -1.13 -5.38
N LYS A 55 13.03 -2.19 -5.82
CA LYS A 55 13.07 -2.58 -7.23
C LYS A 55 11.96 -1.89 -8.02
N LYS A 56 10.88 -1.53 -7.33
CA LYS A 56 9.76 -0.87 -7.97
C LYS A 56 9.70 0.61 -7.58
N PRO A 57 9.71 1.50 -8.58
CA PRO A 57 9.66 2.92 -8.24
C PRO A 57 8.31 3.34 -7.68
N THR A 58 8.15 4.63 -7.42
CA THR A 58 6.91 5.16 -6.88
C THR A 58 5.71 4.70 -7.70
N MET A 59 4.60 4.40 -7.03
CA MET A 59 3.39 3.96 -7.70
C MET A 59 2.27 4.98 -7.54
N TYR A 60 1.29 4.92 -8.42
CA TYR A 60 0.15 5.84 -8.37
C TYR A 60 -1.17 5.09 -8.36
N PRO A 61 -1.60 4.69 -7.15
CA PRO A 61 -2.87 3.96 -7.09
C PRO A 61 -4.07 4.84 -7.40
N PRO A 62 -5.16 4.22 -7.87
CA PRO A 62 -6.33 5.04 -8.19
C PRO A 62 -6.99 5.62 -6.93
N TRP A 63 -7.98 6.48 -7.13
CA TRP A 63 -8.69 7.09 -6.02
C TRP A 63 -10.01 6.36 -5.74
N ASP A 64 -10.25 6.06 -4.47
CA ASP A 64 -11.47 5.36 -4.08
C ASP A 64 -11.58 4.01 -4.77
N SER A 65 -10.42 3.43 -5.10
CA SER A 65 -10.39 2.13 -5.78
C SER A 65 -9.42 1.18 -5.09
N THR A 66 -9.31 -0.03 -5.63
CA THR A 66 -8.41 -1.03 -5.07
C THR A 66 -7.33 -1.43 -6.07
N PHE A 67 -6.11 -1.58 -5.57
CA PHE A 67 -4.99 -1.97 -6.44
C PHE A 67 -4.35 -3.26 -5.94
N ASP A 68 -3.62 -3.93 -6.83
CA ASP A 68 -2.96 -5.18 -6.48
C ASP A 68 -1.59 -4.92 -5.86
N ALA A 69 -1.20 -5.78 -4.93
CA ALA A 69 0.09 -5.65 -4.26
C ALA A 69 0.73 -7.01 -4.02
N HIS A 70 1.78 -7.31 -4.78
CA HIS A 70 2.49 -8.57 -4.65
C HIS A 70 3.02 -8.76 -3.24
N ILE A 71 3.25 -10.01 -2.85
CA ILE A 71 3.76 -10.32 -1.52
C ILE A 71 5.04 -11.13 -1.60
N ASN A 72 6.06 -10.72 -0.85
CA ASN A 72 7.34 -11.41 -0.82
C ASN A 72 7.73 -11.79 0.60
N LYS A 73 8.17 -10.79 1.37
CA LYS A 73 8.58 -11.01 2.74
C LYS A 73 8.96 -9.70 3.42
N GLY A 74 8.26 -9.37 4.50
CA GLY A 74 8.54 -8.14 5.22
C GLY A 74 8.55 -6.92 4.31
N ARG A 75 7.79 -7.00 3.22
CA ARG A 75 7.71 -5.89 2.26
C ARG A 75 6.95 -4.71 2.85
N VAL A 76 7.58 -3.54 2.83
CA VAL A 76 6.95 -2.33 3.36
C VAL A 76 6.36 -1.49 2.23
N MET A 77 5.28 -0.77 2.55
CA MET A 77 4.62 0.08 1.57
C MET A 77 4.56 1.53 2.07
N GLN A 78 5.49 2.35 1.58
CA GLN A 78 5.55 3.75 1.97
C GLN A 78 4.46 4.56 1.25
N ILE A 79 3.59 5.18 2.03
CA ILE A 79 2.51 5.98 1.46
C ILE A 79 2.75 7.47 1.70
N ILE A 80 2.99 8.20 0.61
CA ILE A 80 3.23 9.63 0.70
C ILE A 80 2.31 10.41 -0.23
N VAL A 81 1.49 11.28 0.34
CA VAL A 81 0.56 12.08 -0.45
C VAL A 81 1.26 13.30 -1.05
N LYS A 82 1.38 13.29 -2.38
CA LYS A 82 2.03 14.39 -3.08
C LYS A 82 1.00 15.23 -3.83
N GLY A 83 1.46 16.32 -4.44
CA GLY A 83 0.58 17.20 -5.17
C GLY A 83 1.31 18.00 -6.23
N LYS A 84 0.84 19.24 -6.45
CA LYS A 84 1.45 20.12 -7.45
C LYS A 84 1.99 21.38 -6.78
N ASN A 85 1.16 22.02 -5.96
CA ASN A 85 1.56 23.23 -5.27
C ASN A 85 2.27 22.91 -3.95
N VAL A 86 1.91 21.78 -3.36
CA VAL A 86 2.51 21.35 -2.10
C VAL A 86 3.63 20.34 -2.34
N ASP A 87 4.64 20.36 -1.48
CA ASP A 87 5.77 19.45 -1.60
C ASP A 87 5.52 18.15 -0.83
N LEU A 88 4.92 18.28 0.35
CA LEU A 88 4.61 17.12 1.18
C LEU A 88 3.50 17.44 2.17
N ILE A 89 2.55 16.53 2.31
CA ILE A 89 1.44 16.72 3.23
C ILE A 89 1.59 15.83 4.46
N SER A 90 1.84 14.55 4.24
CA SER A 90 2.01 13.60 5.34
C SER A 90 2.40 12.22 4.80
N GLU A 91 2.76 11.32 5.71
CA GLU A 91 3.16 9.97 5.34
C GLU A 91 3.01 9.01 6.52
N THR A 92 3.04 7.72 6.22
CA THR A 92 2.92 6.70 7.26
C THR A 92 3.53 5.38 6.81
N THR A 93 3.93 4.55 7.77
CA THR A 93 4.53 3.26 7.48
C THR A 93 3.51 2.13 7.65
N VAL A 94 3.58 1.15 6.76
CA VAL A 94 2.67 0.01 6.81
C VAL A 94 3.30 -1.24 6.19
N GLU A 95 3.26 -2.35 6.93
CA GLU A 95 3.83 -3.59 6.45
C GLU A 95 2.84 -4.35 5.57
N LEU A 96 3.34 -4.94 4.49
CA LEU A 96 2.49 -5.69 3.57
C LEU A 96 2.46 -7.17 3.93
N TYR A 97 3.56 -7.65 4.50
CA TYR A 97 3.67 -9.05 4.90
C TYR A 97 2.62 -9.39 5.96
N SER A 98 2.81 -8.86 7.16
CA SER A 98 1.88 -9.12 8.26
C SER A 98 0.46 -8.77 7.85
N LEU A 99 0.32 -7.75 7.01
CA LEU A 99 -0.99 -7.32 6.54
C LEU A 99 -1.78 -8.48 5.94
N ALA A 100 -1.07 -9.37 5.25
CA ALA A 100 -1.70 -10.53 4.63
C ALA A 100 -2.16 -11.53 5.68
N GLU A 101 -1.53 -11.48 6.85
CA GLU A 101 -1.88 -12.38 7.95
C GLU A 101 -3.05 -11.83 8.76
N ARG A 102 -3.21 -10.51 8.72
CA ARG A 102 -4.29 -9.86 9.46
C ARG A 102 -5.63 -10.04 8.74
N CYS A 103 -5.62 -9.87 7.42
CA CYS A 103 -6.83 -10.01 6.63
C CYS A 103 -7.51 -11.34 6.91
N ARG A 104 -6.72 -12.41 6.94
CA ARG A 104 -7.25 -13.74 7.19
C ARG A 104 -7.99 -13.79 8.53
N LYS A 105 -7.45 -13.09 9.53
CA LYS A 105 -8.06 -13.04 10.85
C LYS A 105 -9.49 -12.53 10.77
N ASN A 106 -9.80 -11.78 9.71
CA ASN A 106 -11.14 -11.24 9.53
C ASN A 106 -11.97 -12.13 8.62
N ASN A 107 -11.60 -13.41 8.56
CA ASN A 107 -12.31 -14.38 7.73
C ASN A 107 -12.28 -13.95 6.26
N GLY A 108 -11.28 -13.16 5.89
CA GLY A 108 -11.16 -12.70 4.52
C GLY A 108 -10.38 -11.41 4.41
N LYS A 109 -11.06 -10.28 4.60
CA LYS A 109 -10.42 -8.98 4.53
C LYS A 109 -10.62 -8.20 5.81
N THR A 110 -9.65 -7.34 6.14
CA THR A 110 -9.73 -6.53 7.35
C THR A 110 -9.56 -5.04 7.04
N GLU A 111 -10.32 -4.21 7.73
CA GLU A 111 -10.26 -2.76 7.52
C GLU A 111 -9.34 -2.11 8.55
N ILE A 112 -8.36 -1.35 8.07
CA ILE A 112 -7.42 -0.67 8.94
C ILE A 112 -7.31 0.81 8.58
N TRP A 113 -7.30 1.66 9.60
CA TRP A 113 -7.19 3.10 9.39
C TRP A 113 -5.76 3.57 9.57
N LEU A 114 -5.17 4.11 8.51
CA LEU A 114 -3.80 4.61 8.56
C LEU A 114 -3.74 6.01 9.16
N GLU A 115 -2.71 6.26 9.96
CA GLU A 115 -2.53 7.56 10.60
C GLU A 115 -1.32 8.29 10.03
N LEU A 116 -1.57 9.17 9.07
CA LEU A 116 -0.50 9.94 8.44
C LEU A 116 -0.03 11.06 9.35
N LYS A 117 1.28 11.20 9.47
CA LYS A 117 1.87 12.24 10.31
C LYS A 117 2.52 13.33 9.46
N PRO A 118 2.67 14.53 10.05
CA PRO A 118 2.30 14.90 11.41
C PRO A 118 0.79 14.98 11.60
N GLN A 119 0.05 14.96 10.50
CA GLN A 119 -1.40 15.03 10.55
C GLN A 119 -2.01 14.40 9.31
N GLY A 120 -3.26 13.96 9.43
CA GLY A 120 -3.94 13.34 8.30
C GLY A 120 -4.15 11.85 8.50
N ARG A 121 -5.07 11.27 7.73
CA ARG A 121 -5.36 9.84 7.84
C ARG A 121 -6.05 9.35 6.56
N MET A 122 -6.00 8.04 6.36
CA MET A 122 -6.60 7.43 5.17
C MET A 122 -7.05 6.00 5.47
N LEU A 123 -8.16 5.60 4.86
CA LEU A 123 -8.69 4.25 5.05
C LEU A 123 -7.94 3.23 4.20
N MET A 124 -7.53 2.14 4.82
CA MET A 124 -6.80 1.09 4.13
C MET A 124 -7.59 -0.21 4.11
N ASN A 125 -8.02 -0.63 2.92
CA ASN A 125 -8.80 -1.86 2.78
C ASN A 125 -7.96 -2.95 2.12
N ALA A 126 -7.48 -3.89 2.93
CA ALA A 126 -6.67 -4.99 2.43
C ALA A 126 -7.49 -6.27 2.30
N ARG A 127 -7.62 -6.77 1.08
CA ARG A 127 -8.38 -7.98 0.82
C ARG A 127 -7.45 -9.15 0.51
N TYR A 128 -7.98 -10.37 0.61
CA TYR A 128 -7.20 -11.57 0.35
C TYR A 128 -7.54 -12.15 -1.02
N PHE A 129 -6.55 -12.18 -1.90
CA PHE A 129 -6.74 -12.70 -3.25
C PHE A 129 -5.50 -13.45 -3.71
N LEU A 130 -5.70 -14.41 -4.60
CA LEU A 130 -4.60 -15.21 -5.13
C LEU A 130 -4.46 -15.02 -6.64
N GLU A 131 -3.30 -15.37 -7.17
CA GLU A 131 -3.04 -15.24 -8.61
C GLU A 131 -1.88 -16.13 -9.04
N MET A 132 -1.95 -16.64 -10.27
CA MET A 132 -0.91 -17.50 -10.80
C MET A 132 0.25 -16.67 -11.36
N SER A 133 1.47 -17.02 -10.96
CA SER A 133 2.66 -16.32 -11.42
C SER A 133 3.93 -17.00 -10.92
N GLY A 134 5.08 -16.49 -11.36
CA GLY A 134 6.35 -17.06 -10.95
C GLY A 134 6.83 -16.52 -9.61
N PRO A 135 7.91 -17.12 -9.09
CA PRO A 135 8.40 -16.62 -7.80
C PRO A 135 9.02 -15.23 -7.91
N SER A 136 9.20 -14.58 -6.77
CA SER A 136 9.78 -13.24 -6.73
C SER A 136 11.28 -13.30 -6.43
N SER A 137 11.62 -13.94 -5.31
CA SER A 137 13.02 -14.07 -4.91
C SER A 137 13.86 -14.64 -6.04
N GLY A 138 15.15 -14.34 -6.01
CA GLY A 138 16.06 -14.83 -7.03
C GLY A 138 16.02 -16.33 -7.18
N GLY A 1 -14.65 -29.45 -7.81
CA GLY A 1 -14.47 -28.81 -9.10
C GLY A 1 -13.51 -29.57 -9.99
N SER A 2 -12.37 -28.95 -10.28
CA SER A 2 -11.36 -29.57 -11.14
C SER A 2 -10.14 -30.00 -10.32
N SER A 3 -9.17 -30.63 -10.98
CA SER A 3 -7.96 -31.08 -10.32
C SER A 3 -6.72 -30.61 -11.09
N GLY A 4 -6.07 -29.58 -10.57
CA GLY A 4 -4.88 -29.05 -11.22
C GLY A 4 -4.25 -27.93 -10.42
N SER A 5 -2.92 -27.97 -10.31
CA SER A 5 -2.18 -26.94 -9.57
C SER A 5 -1.05 -26.37 -10.42
N SER A 6 -0.63 -25.16 -10.08
CA SER A 6 0.44 -24.49 -10.81
C SER A 6 1.16 -23.47 -9.92
N GLY A 7 2.12 -22.77 -10.50
CA GLY A 7 2.87 -21.78 -9.74
C GLY A 7 2.11 -20.48 -9.56
N MET A 8 1.13 -20.51 -8.67
CA MET A 8 0.31 -19.33 -8.39
C MET A 8 0.60 -18.77 -7.01
N SER A 9 0.82 -17.46 -6.93
CA SER A 9 1.11 -16.81 -5.66
C SER A 9 0.00 -15.83 -5.29
N PRO A 10 -0.40 -15.85 -4.01
CA PRO A 10 -1.46 -14.91 -3.61
C PRO A 10 -0.99 -13.46 -3.61
N PHE A 11 -1.94 -12.54 -3.55
CA PHE A 11 -1.63 -11.12 -3.54
C PHE A 11 -2.61 -10.35 -2.66
N LEU A 12 -2.22 -9.13 -2.26
CA LEU A 12 -3.06 -8.30 -1.42
C LEU A 12 -3.65 -7.14 -2.21
N ARG A 13 -4.96 -6.96 -2.10
CA ARG A 13 -5.65 -5.89 -2.81
C ARG A 13 -6.10 -4.79 -1.84
N ILE A 14 -5.26 -3.78 -1.68
CA ILE A 14 -5.57 -2.67 -0.79
C ILE A 14 -6.31 -1.56 -1.53
N GLY A 15 -7.34 -1.00 -0.88
CA GLY A 15 -8.12 0.06 -1.48
C GLY A 15 -8.29 1.25 -0.56
N LEU A 16 -7.86 2.42 -1.03
CA LEU A 16 -7.97 3.64 -0.23
C LEU A 16 -9.24 4.39 -0.56
N SER A 17 -9.81 5.06 0.44
CA SER A 17 -11.05 5.82 0.26
C SER A 17 -11.33 6.69 1.48
N ASN A 18 -12.16 7.71 1.28
CA ASN A 18 -12.52 8.62 2.36
C ASN A 18 -11.27 9.35 2.88
N PHE A 19 -10.45 9.85 1.96
CA PHE A 19 -9.24 10.56 2.33
C PHE A 19 -9.57 11.91 2.96
N ASP A 20 -8.96 12.20 4.09
CA ASP A 20 -9.18 13.45 4.81
C ASP A 20 -7.90 14.28 4.87
N CYS A 21 -7.92 15.42 4.19
CA CYS A 21 -6.76 16.31 4.16
C CYS A 21 -6.95 17.48 5.11
N GLY A 22 -8.20 17.86 5.33
CA GLY A 22 -8.49 18.96 6.23
C GLY A 22 -8.94 20.20 5.49
N SER A 23 -8.00 20.84 4.80
CA SER A 23 -8.30 22.06 4.04
C SER A 23 -9.09 21.73 2.79
N CYS A 24 -10.39 21.54 2.95
CA CYS A 24 -11.27 21.22 1.83
C CYS A 24 -12.19 22.39 1.51
N GLN A 25 -11.61 23.58 1.43
CA GLN A 25 -12.39 24.79 1.13
C GLN A 25 -12.13 25.26 -0.30
N SER A 26 -12.31 24.34 -1.24
CA SER A 26 -12.10 24.67 -2.66
C SER A 26 -13.39 25.11 -3.32
N CYS A 27 -13.64 26.42 -3.30
CA CYS A 27 -14.85 26.97 -3.90
C CYS A 27 -14.52 28.19 -4.75
N GLN A 28 -15.20 28.32 -5.88
CA GLN A 28 -14.98 29.44 -6.79
C GLN A 28 -13.51 29.53 -7.20
N GLY A 29 -12.84 28.38 -7.25
CA GLY A 29 -11.44 28.35 -7.62
C GLY A 29 -11.04 27.02 -8.25
N GLU A 30 -9.82 26.98 -8.79
CA GLU A 30 -9.33 25.77 -9.42
C GLU A 30 -9.35 24.59 -8.46
N ALA A 31 -9.56 23.39 -8.99
CA ALA A 31 -9.63 22.19 -8.17
C ALA A 31 -8.42 21.29 -8.44
N VAL A 32 -7.41 21.38 -7.58
CA VAL A 32 -6.21 20.58 -7.73
C VAL A 32 -6.49 19.11 -7.42
N ASN A 33 -5.88 18.22 -8.21
CA ASN A 33 -6.07 16.79 -8.03
C ASN A 33 -4.74 16.11 -7.70
N PRO A 34 -4.39 16.10 -6.41
CA PRO A 34 -3.12 15.45 -6.05
C PRO A 34 -3.18 13.94 -6.21
N TYR A 35 -2.05 13.28 -5.97
CA TYR A 35 -1.97 11.83 -6.09
C TYR A 35 -1.28 11.22 -4.87
N CYS A 36 -1.14 9.90 -4.88
CA CYS A 36 -0.49 9.19 -3.78
C CYS A 36 0.69 8.38 -4.26
N ALA A 37 1.86 8.65 -3.70
CA ALA A 37 3.08 7.95 -4.08
C ALA A 37 3.36 6.80 -3.12
N VAL A 38 3.25 5.57 -3.63
CA VAL A 38 3.48 4.39 -2.83
C VAL A 38 4.91 3.86 -3.03
N LEU A 39 5.73 3.95 -1.99
CA LEU A 39 7.10 3.49 -2.06
C LEU A 39 7.24 2.08 -1.50
N VAL A 40 7.51 1.12 -2.38
CA VAL A 40 7.66 -0.27 -1.99
C VAL A 40 9.12 -0.65 -1.85
N LYS A 41 9.55 -0.90 -0.62
CA LYS A 41 10.94 -1.28 -0.35
C LYS A 41 11.04 -2.76 0.03
N GLU A 42 12.22 -3.32 -0.14
CA GLU A 42 12.46 -4.73 0.19
C GLU A 42 13.38 -4.85 1.39
N TYR A 43 13.17 -5.91 2.18
CA TYR A 43 13.99 -6.15 3.36
C TYR A 43 15.27 -6.89 3.00
N VAL A 44 16.41 -6.26 3.27
CA VAL A 44 17.71 -6.86 2.97
C VAL A 44 18.48 -7.18 4.25
N GLU A 45 19.10 -8.35 4.29
CA GLU A 45 19.86 -8.77 5.46
C GLU A 45 21.34 -8.93 5.11
N SER A 46 22.21 -8.40 5.97
CA SER A 46 23.65 -8.48 5.75
C SER A 46 24.38 -8.77 7.06
N GLU A 47 25.53 -9.44 6.95
CA GLU A 47 26.32 -9.77 8.12
C GLU A 47 26.76 -8.52 8.86
N ASN A 48 26.97 -7.43 8.12
CA ASN A 48 27.40 -6.18 8.69
C ASN A 48 26.23 -5.45 9.36
N GLY A 49 25.04 -5.64 8.80
CA GLY A 49 23.86 -5.00 9.35
C GLY A 49 22.73 -4.87 8.34
N GLN A 50 21.62 -5.54 8.60
CA GLN A 50 20.47 -5.50 7.70
C GLN A 50 20.06 -4.06 7.41
N MET A 51 19.51 -3.83 6.22
CA MET A 51 19.07 -2.50 5.82
C MET A 51 17.90 -2.58 4.84
N TYR A 52 17.43 -1.42 4.39
CA TYR A 52 16.31 -1.37 3.47
C TYR A 52 16.76 -0.78 2.12
N ILE A 53 16.46 -1.50 1.05
CA ILE A 53 16.83 -1.05 -0.30
C ILE A 53 15.61 -1.05 -1.22
N GLN A 54 15.36 0.10 -1.84
CA GLN A 54 14.24 0.23 -2.76
C GLN A 54 14.57 -0.35 -4.12
N LYS A 55 13.84 -1.40 -4.51
CA LYS A 55 14.07 -2.06 -5.79
C LYS A 55 12.96 -1.70 -6.77
N LYS A 56 11.76 -1.44 -6.26
CA LYS A 56 10.63 -1.09 -7.08
C LYS A 56 10.42 0.42 -7.11
N PRO A 57 10.14 0.97 -8.30
CA PRO A 57 9.93 2.42 -8.36
C PRO A 57 8.63 2.85 -7.69
N THR A 58 8.48 4.14 -7.46
CA THR A 58 7.28 4.68 -6.82
C THR A 58 6.03 4.27 -7.59
N MET A 59 4.99 3.90 -6.85
CA MET A 59 3.73 3.50 -7.47
C MET A 59 2.67 4.59 -7.33
N TYR A 60 1.68 4.55 -8.20
CA TYR A 60 0.61 5.55 -8.18
C TYR A 60 -0.76 4.88 -8.30
N PRO A 61 -1.30 4.42 -7.16
CA PRO A 61 -2.61 3.78 -7.22
C PRO A 61 -3.73 4.77 -7.54
N PRO A 62 -4.87 4.24 -8.02
CA PRO A 62 -5.97 5.16 -8.33
C PRO A 62 -6.58 5.79 -7.09
N TRP A 63 -7.67 6.52 -7.28
CA TRP A 63 -8.35 7.18 -6.17
C TRP A 63 -9.69 6.49 -5.88
N ASP A 64 -9.97 6.27 -4.60
CA ASP A 64 -11.21 5.63 -4.19
C ASP A 64 -11.39 4.29 -4.89
N SER A 65 -10.27 3.68 -5.27
CA SER A 65 -10.30 2.39 -5.95
C SER A 65 -9.38 1.39 -5.27
N THR A 66 -9.36 0.16 -5.79
CA THR A 66 -8.52 -0.89 -5.23
C THR A 66 -7.40 -1.27 -6.19
N PHE A 67 -6.19 -1.40 -5.66
CA PHE A 67 -5.03 -1.76 -6.48
C PHE A 67 -4.38 -3.04 -5.97
N ASP A 68 -3.76 -3.78 -6.87
CA ASP A 68 -3.09 -5.03 -6.51
C ASP A 68 -1.67 -4.77 -6.05
N ALA A 69 -1.21 -5.56 -5.08
CA ALA A 69 0.14 -5.42 -4.54
C ALA A 69 0.76 -6.77 -4.26
N HIS A 70 1.77 -7.13 -5.05
CA HIS A 70 2.46 -8.42 -4.89
C HIS A 70 2.92 -8.60 -3.44
N ILE A 71 2.95 -9.85 -2.99
CA ILE A 71 3.37 -10.16 -1.64
C ILE A 71 4.71 -10.88 -1.63
N ASN A 72 5.54 -10.57 -0.64
CA ASN A 72 6.86 -11.19 -0.51
C ASN A 72 7.38 -11.08 0.91
N LYS A 73 8.23 -12.02 1.30
CA LYS A 73 8.81 -12.02 2.64
C LYS A 73 9.61 -10.76 2.90
N GLY A 74 9.07 -9.89 3.75
CA GLY A 74 9.75 -8.65 4.06
C GLY A 74 9.25 -7.47 3.24
N ARG A 75 8.05 -7.62 2.69
CA ARG A 75 7.45 -6.58 1.87
C ARG A 75 6.92 -5.44 2.73
N VAL A 76 7.33 -4.22 2.42
CA VAL A 76 6.89 -3.05 3.17
C VAL A 76 6.32 -1.97 2.24
N MET A 77 5.20 -1.39 2.64
CA MET A 77 4.55 -0.35 1.84
C MET A 77 4.60 0.99 2.57
N GLN A 78 4.71 2.07 1.80
CA GLN A 78 4.76 3.42 2.37
C GLN A 78 3.89 4.37 1.57
N ILE A 79 2.79 4.80 2.18
CA ILE A 79 1.86 5.72 1.53
C ILE A 79 2.21 7.17 1.86
N ILE A 80 2.54 7.95 0.84
CA ILE A 80 2.90 9.35 1.02
C ILE A 80 2.02 10.25 0.16
N VAL A 81 1.44 11.28 0.79
CA VAL A 81 0.58 12.21 0.08
C VAL A 81 1.39 13.32 -0.57
N LYS A 82 1.20 13.50 -1.88
CA LYS A 82 1.92 14.53 -2.62
C LYS A 82 1.39 14.63 -4.05
N GLY A 83 1.11 15.87 -4.48
CA GLY A 83 0.60 16.07 -5.82
C GLY A 83 0.71 17.52 -6.26
N LYS A 84 0.00 18.40 -5.57
CA LYS A 84 0.00 19.82 -5.90
C LYS A 84 1.41 20.39 -5.77
N ASN A 85 1.52 21.71 -5.90
CA ASN A 85 2.81 22.39 -5.79
C ASN A 85 3.54 21.97 -4.53
N VAL A 86 2.78 21.65 -3.49
CA VAL A 86 3.35 21.23 -2.22
C VAL A 86 4.38 20.13 -2.41
N ASP A 87 5.33 20.03 -1.48
CA ASP A 87 6.37 19.02 -1.55
C ASP A 87 5.99 17.79 -0.72
N LEU A 88 5.43 18.03 0.46
CA LEU A 88 5.02 16.95 1.34
C LEU A 88 3.81 17.35 2.17
N ILE A 89 2.89 16.40 2.36
CA ILE A 89 1.68 16.66 3.13
C ILE A 89 1.58 15.70 4.31
N SER A 90 2.05 14.47 4.13
CA SER A 90 2.01 13.46 5.18
C SER A 90 2.72 12.20 4.74
N GLU A 91 2.88 11.26 5.67
CA GLU A 91 3.54 9.99 5.38
C GLU A 91 3.15 8.93 6.40
N THR A 92 3.19 7.66 5.96
CA THR A 92 2.83 6.55 6.83
C THR A 92 3.48 5.26 6.35
N THR A 93 3.73 4.34 7.29
CA THR A 93 4.35 3.07 6.95
C THR A 93 3.41 1.90 7.28
N VAL A 94 3.50 0.84 6.50
CA VAL A 94 2.66 -0.33 6.70
C VAL A 94 3.32 -1.58 6.14
N GLU A 95 3.36 -2.64 6.95
CA GLU A 95 3.97 -3.91 6.53
C GLU A 95 3.02 -4.68 5.61
N LEU A 96 3.47 -4.92 4.38
CA LEU A 96 2.67 -5.65 3.40
C LEU A 96 2.63 -7.14 3.74
N TYR A 97 3.76 -7.66 4.23
CA TYR A 97 3.86 -9.06 4.58
C TYR A 97 2.88 -9.41 5.71
N SER A 98 2.98 -8.67 6.81
CA SER A 98 2.10 -8.91 7.95
C SER A 98 0.64 -8.62 7.59
N LEU A 99 0.43 -7.64 6.73
CA LEU A 99 -0.91 -7.28 6.31
C LEU A 99 -1.66 -8.48 5.75
N ALA A 100 -0.99 -9.24 4.88
CA ALA A 100 -1.59 -10.43 4.29
C ALA A 100 -2.13 -11.37 5.36
N GLU A 101 -1.51 -11.33 6.54
CA GLU A 101 -1.93 -12.18 7.65
C GLU A 101 -3.10 -11.55 8.41
N ARG A 102 -3.03 -10.24 8.61
CA ARG A 102 -4.08 -9.51 9.33
C ARG A 102 -5.44 -9.76 8.68
N CYS A 103 -5.47 -9.77 7.35
CA CYS A 103 -6.70 -9.99 6.62
C CYS A 103 -7.31 -11.35 6.96
N ARG A 104 -6.49 -12.39 6.91
CA ARG A 104 -6.95 -13.75 7.21
C ARG A 104 -7.63 -13.80 8.58
N LYS A 105 -7.07 -13.05 9.53
CA LYS A 105 -7.63 -13.01 10.88
C LYS A 105 -9.09 -12.58 10.85
N ASN A 106 -9.47 -11.85 9.82
CA ASN A 106 -10.85 -11.39 9.68
C ASN A 106 -11.65 -12.33 8.78
N ASN A 107 -11.23 -13.59 8.73
CA ASN A 107 -11.91 -14.59 7.91
C ASN A 107 -11.97 -14.14 6.46
N GLY A 108 -10.99 -13.35 6.04
CA GLY A 108 -10.96 -12.87 4.67
C GLY A 108 -10.25 -11.54 4.54
N LYS A 109 -10.97 -10.45 4.81
CA LYS A 109 -10.41 -9.11 4.73
C LYS A 109 -10.59 -8.36 6.05
N THR A 110 -9.56 -7.60 6.43
CA THR A 110 -9.59 -6.84 7.67
C THR A 110 -9.62 -5.34 7.39
N GLU A 111 -10.09 -4.57 8.36
CA GLU A 111 -10.18 -3.12 8.23
C GLU A 111 -9.15 -2.43 9.12
N ILE A 112 -8.35 -1.54 8.54
CA ILE A 112 -7.34 -0.81 9.28
C ILE A 112 -7.39 0.68 8.97
N TRP A 113 -7.17 1.50 9.99
CA TRP A 113 -7.19 2.95 9.82
C TRP A 113 -5.77 3.51 9.84
N LEU A 114 -5.33 4.01 8.70
CA LEU A 114 -3.99 4.58 8.58
C LEU A 114 -3.91 5.93 9.29
N GLU A 115 -2.80 6.17 9.99
CA GLU A 115 -2.61 7.43 10.71
C GLU A 115 -1.49 8.24 10.07
N LEU A 116 -1.86 9.09 9.12
CA LEU A 116 -0.89 9.93 8.43
C LEU A 116 -0.47 11.11 9.31
N LYS A 117 0.84 11.32 9.42
CA LYS A 117 1.37 12.42 10.23
C LYS A 117 2.23 13.35 9.38
N PRO A 118 2.39 14.60 9.86
CA PRO A 118 1.85 15.16 11.10
C PRO A 118 0.34 15.36 11.04
N GLN A 119 -0.21 15.33 9.82
CA GLN A 119 -1.64 15.51 9.63
C GLN A 119 -2.15 14.62 8.50
N GLY A 120 -3.45 14.34 8.50
CA GLY A 120 -4.04 13.51 7.47
C GLY A 120 -4.43 12.14 8.00
N ARG A 121 -5.49 11.57 7.43
CA ARG A 121 -5.97 10.26 7.85
C ARG A 121 -6.87 9.65 6.79
N MET A 122 -6.65 8.36 6.51
CA MET A 122 -7.45 7.66 5.50
C MET A 122 -7.71 6.22 5.93
N LEU A 123 -8.71 5.60 5.34
CA LEU A 123 -9.07 4.22 5.66
C LEU A 123 -8.41 3.25 4.67
N MET A 124 -7.82 2.19 5.21
CA MET A 124 -7.15 1.18 4.37
C MET A 124 -7.84 -0.17 4.51
N ASN A 125 -8.44 -0.63 3.41
CA ASN A 125 -9.13 -1.92 3.40
C ASN A 125 -8.38 -2.93 2.55
N ALA A 126 -7.72 -3.88 3.22
CA ALA A 126 -6.96 -4.91 2.52
C ALA A 126 -7.77 -6.20 2.42
N ARG A 127 -7.79 -6.79 1.22
CA ARG A 127 -8.53 -8.02 0.99
C ARG A 127 -7.59 -9.15 0.60
N TYR A 128 -8.07 -10.38 0.72
CA TYR A 128 -7.26 -11.55 0.39
C TYR A 128 -7.75 -12.20 -0.91
N PHE A 129 -6.90 -12.18 -1.92
CA PHE A 129 -7.24 -12.76 -3.22
C PHE A 129 -6.02 -13.44 -3.85
N LEU A 130 -6.27 -14.55 -4.56
CA LEU A 130 -5.19 -15.29 -5.20
C LEU A 130 -5.17 -15.00 -6.71
N GLU A 131 -4.10 -15.44 -7.37
CA GLU A 131 -3.96 -15.22 -8.80
C GLU A 131 -2.78 -16.03 -9.36
N MET A 132 -2.92 -16.49 -10.59
CA MET A 132 -1.87 -17.27 -11.24
C MET A 132 -0.72 -16.38 -11.70
N SER A 133 0.29 -16.21 -10.86
CA SER A 133 1.44 -15.38 -11.19
C SER A 133 2.70 -15.89 -10.50
N GLY A 134 3.86 -15.50 -11.02
CA GLY A 134 5.11 -15.93 -10.44
C GLY A 134 5.87 -14.78 -9.80
N PRO A 135 6.88 -15.12 -8.97
CA PRO A 135 7.63 -14.05 -8.33
C PRO A 135 8.50 -13.27 -9.32
N SER A 136 9.22 -12.28 -8.82
CA SER A 136 10.08 -11.46 -9.67
C SER A 136 11.06 -10.65 -8.83
N SER A 137 12.35 -10.87 -9.04
CA SER A 137 13.38 -10.16 -8.29
C SER A 137 14.68 -10.09 -9.09
N GLY A 138 15.37 -8.96 -9.00
CA GLY A 138 16.63 -8.80 -9.71
C GLY A 138 16.48 -7.93 -10.95
N GLY A 1 -12.04 -31.46 -12.48
CA GLY A 1 -11.22 -32.04 -11.43
C GLY A 1 -9.99 -31.23 -11.13
N SER A 2 -9.04 -31.81 -10.40
CA SER A 2 -7.81 -31.13 -10.04
C SER A 2 -6.72 -31.41 -11.07
N SER A 3 -6.40 -30.40 -11.87
CA SER A 3 -5.37 -30.53 -12.90
C SER A 3 -4.17 -29.64 -12.58
N GLY A 4 -4.44 -28.48 -12.00
CA GLY A 4 -3.36 -27.56 -11.66
C GLY A 4 -3.18 -27.42 -10.16
N SER A 5 -3.25 -26.19 -9.67
CA SER A 5 -3.08 -25.92 -8.25
C SER A 5 -1.74 -26.46 -7.74
N SER A 6 -0.74 -26.45 -8.63
CA SER A 6 0.58 -26.94 -8.28
C SER A 6 1.39 -25.86 -7.55
N GLY A 7 1.25 -24.62 -8.01
CA GLY A 7 1.97 -23.52 -7.40
C GLY A 7 1.30 -22.18 -7.64
N MET A 8 0.39 -21.81 -6.74
CA MET A 8 -0.33 -20.54 -6.86
C MET A 8 0.16 -19.54 -5.82
N SER A 9 0.33 -18.29 -6.24
CA SER A 9 0.80 -17.24 -5.35
C SER A 9 -0.30 -16.22 -5.08
N PRO A 10 -0.78 -16.17 -3.83
CA PRO A 10 -1.85 -15.20 -3.55
C PRO A 10 -1.35 -13.77 -3.59
N PHE A 11 -2.27 -12.83 -3.77
CA PHE A 11 -1.92 -11.41 -3.82
C PHE A 11 -2.80 -10.60 -2.89
N LEU A 12 -2.37 -9.37 -2.58
CA LEU A 12 -3.12 -8.50 -1.70
C LEU A 12 -3.76 -7.36 -2.48
N ARG A 13 -5.06 -7.16 -2.26
CA ARG A 13 -5.79 -6.10 -2.94
C ARG A 13 -6.20 -5.00 -1.96
N ILE A 14 -5.35 -3.98 -1.84
CA ILE A 14 -5.61 -2.86 -0.94
C ILE A 14 -6.36 -1.74 -1.66
N GLY A 15 -7.32 -1.13 -0.96
CA GLY A 15 -8.08 -0.04 -1.54
C GLY A 15 -8.19 1.15 -0.62
N LEU A 16 -7.90 2.33 -1.15
CA LEU A 16 -7.98 3.56 -0.37
C LEU A 16 -9.17 4.41 -0.80
N SER A 17 -9.78 5.10 0.16
CA SER A 17 -10.93 5.95 -0.11
C SER A 17 -11.25 6.85 1.07
N ASN A 18 -12.01 7.91 0.83
CA ASN A 18 -12.38 8.85 1.88
C ASN A 18 -11.14 9.53 2.45
N PHE A 19 -10.32 10.09 1.58
CA PHE A 19 -9.10 10.77 1.99
C PHE A 19 -9.43 12.12 2.65
N ASP A 20 -8.84 12.36 3.81
CA ASP A 20 -9.07 13.61 4.54
C ASP A 20 -7.75 14.36 4.75
N CYS A 21 -7.63 15.52 4.12
CA CYS A 21 -6.43 16.33 4.24
C CYS A 21 -6.65 17.50 5.19
N GLY A 22 -7.91 17.96 5.28
CA GLY A 22 -8.23 19.07 6.15
C GLY A 22 -9.71 19.43 6.08
N SER A 23 -10.14 19.91 4.91
CA SER A 23 -11.53 20.31 4.73
C SER A 23 -11.93 21.39 5.73
N CYS A 24 -10.96 22.18 6.15
CA CYS A 24 -11.20 23.24 7.12
C CYS A 24 -11.93 24.41 6.46
N GLN A 25 -11.31 25.00 5.44
CA GLN A 25 -11.90 26.12 4.73
C GLN A 25 -11.83 25.91 3.22
N SER A 26 -12.38 26.85 2.47
CA SER A 26 -12.39 26.77 1.02
C SER A 26 -13.07 25.48 0.56
N CYS A 27 -14.11 25.06 1.29
CA CYS A 27 -14.84 23.85 0.96
C CYS A 27 -15.54 23.99 -0.39
N GLN A 28 -15.95 25.21 -0.71
CA GLN A 28 -16.64 25.47 -1.97
C GLN A 28 -15.84 26.44 -2.83
N GLY A 29 -14.55 26.14 -3.01
CA GLY A 29 -13.69 26.98 -3.82
C GLY A 29 -12.85 26.18 -4.79
N GLU A 30 -11.53 26.33 -4.67
CA GLU A 30 -10.61 25.62 -5.55
C GLU A 30 -10.60 24.12 -5.24
N ALA A 31 -10.16 23.34 -6.22
CA ALA A 31 -10.11 21.89 -6.06
C ALA A 31 -8.71 21.35 -6.33
N VAL A 32 -7.97 21.09 -5.27
CA VAL A 32 -6.61 20.57 -5.40
C VAL A 32 -6.60 19.15 -5.95
N ASN A 33 -5.56 18.80 -6.69
CA ASN A 33 -5.43 17.47 -7.27
C ASN A 33 -4.33 16.67 -6.59
N PRO A 34 -4.53 16.39 -5.30
CA PRO A 34 -3.48 15.62 -4.60
C PRO A 34 -3.41 14.17 -5.08
N TYR A 35 -2.27 13.54 -4.85
CA TYR A 35 -2.07 12.15 -5.27
C TYR A 35 -1.42 11.33 -4.15
N CYS A 36 -1.58 10.02 -4.23
CA CYS A 36 -1.02 9.13 -3.21
C CYS A 36 0.20 8.38 -3.77
N ALA A 37 1.34 8.57 -3.14
CA ALA A 37 2.57 7.91 -3.57
C ALA A 37 2.85 6.65 -2.74
N VAL A 38 2.81 5.51 -3.39
CA VAL A 38 3.06 4.23 -2.71
C VAL A 38 4.49 3.75 -2.94
N LEU A 39 5.35 4.00 -1.97
CA LEU A 39 6.75 3.59 -2.08
C LEU A 39 6.96 2.21 -1.46
N VAL A 40 7.05 1.19 -2.32
CA VAL A 40 7.25 -0.17 -1.86
C VAL A 40 8.73 -0.55 -1.91
N LYS A 41 9.30 -0.83 -0.74
CA LYS A 41 10.70 -1.22 -0.64
C LYS A 41 10.84 -2.64 -0.13
N GLU A 42 12.04 -3.21 -0.29
CA GLU A 42 12.30 -4.57 0.15
C GLU A 42 13.37 -4.60 1.24
N TYR A 43 13.30 -5.57 2.13
CA TYR A 43 14.26 -5.70 3.22
C TYR A 43 15.48 -6.50 2.77
N VAL A 44 16.63 -5.84 2.76
CA VAL A 44 17.88 -6.48 2.35
C VAL A 44 18.78 -6.76 3.56
N GLU A 45 19.18 -8.01 3.71
CA GLU A 45 20.04 -8.41 4.83
C GLU A 45 21.44 -8.75 4.34
N SER A 46 22.41 -7.94 4.73
CA SER A 46 23.79 -8.15 4.32
C SER A 46 24.72 -8.23 5.54
N GLU A 47 25.98 -8.57 5.30
CA GLU A 47 26.95 -8.68 6.38
C GLU A 47 27.41 -7.29 6.84
N ASN A 48 27.36 -6.32 5.93
CA ASN A 48 27.76 -4.96 6.24
C ASN A 48 26.73 -4.28 7.13
N GLY A 49 25.47 -4.69 7.01
CA GLY A 49 24.42 -4.11 7.82
C GLY A 49 23.08 -4.14 7.11
N GLN A 50 22.00 -4.27 7.89
CA GLN A 50 20.66 -4.31 7.33
C GLN A 50 20.26 -2.96 6.76
N MET A 51 19.84 -2.95 5.51
CA MET A 51 19.42 -1.72 4.84
C MET A 51 18.17 -1.94 4.01
N TYR A 52 17.57 -0.85 3.56
CA TYR A 52 16.35 -0.92 2.74
C TYR A 52 16.62 -0.44 1.33
N ILE A 53 16.49 -1.35 0.36
CA ILE A 53 16.72 -1.01 -1.04
C ILE A 53 15.40 -1.00 -1.82
N GLN A 54 15.09 0.14 -2.42
CA GLN A 54 13.86 0.28 -3.19
C GLN A 54 14.10 -0.05 -4.66
N LYS A 55 13.69 -1.25 -5.06
CA LYS A 55 13.86 -1.69 -6.44
C LYS A 55 12.82 -1.06 -7.35
N LYS A 56 11.59 -0.97 -6.86
CA LYS A 56 10.50 -0.37 -7.63
C LYS A 56 10.30 1.09 -7.25
N PRO A 57 10.18 1.95 -8.27
CA PRO A 57 9.98 3.37 -7.94
C PRO A 57 8.61 3.64 -7.33
N THR A 58 8.36 4.90 -6.99
CA THR A 58 7.09 5.30 -6.40
C THR A 58 5.91 4.85 -7.26
N MET A 59 4.82 4.46 -6.62
CA MET A 59 3.63 4.02 -7.33
C MET A 59 2.50 5.02 -7.17
N TYR A 60 1.54 4.99 -8.09
CA TYR A 60 0.41 5.90 -8.06
C TYR A 60 -0.90 5.15 -8.31
N PRO A 61 -1.47 4.58 -7.24
CA PRO A 61 -2.72 3.85 -7.43
C PRO A 61 -3.89 4.78 -7.76
N PRO A 62 -5.01 4.19 -8.22
CA PRO A 62 -6.15 5.05 -8.54
C PRO A 62 -6.78 5.67 -7.31
N TRP A 63 -7.85 6.43 -7.52
CA TRP A 63 -8.55 7.08 -6.41
C TRP A 63 -9.88 6.39 -6.12
N ASP A 64 -10.07 6.01 -4.86
CA ASP A 64 -11.30 5.34 -4.45
C ASP A 64 -11.44 4.00 -5.16
N SER A 65 -10.32 3.41 -5.55
CA SER A 65 -10.32 2.13 -6.23
C SER A 65 -9.36 1.15 -5.57
N THR A 66 -9.34 -0.08 -6.08
CA THR A 66 -8.47 -1.12 -5.53
C THR A 66 -7.34 -1.45 -6.50
N PHE A 67 -6.17 -1.76 -5.95
CA PHE A 67 -5.01 -2.10 -6.77
C PHE A 67 -4.38 -3.40 -6.30
N ASP A 68 -3.66 -4.06 -7.19
CA ASP A 68 -3.00 -5.32 -6.87
C ASP A 68 -1.61 -5.08 -6.31
N ALA A 69 -1.25 -5.85 -5.29
CA ALA A 69 0.07 -5.72 -4.66
C ALA A 69 0.64 -7.09 -4.30
N HIS A 70 1.71 -7.47 -4.99
CA HIS A 70 2.35 -8.76 -4.73
C HIS A 70 2.67 -8.93 -3.25
N ILE A 71 2.63 -10.17 -2.78
CA ILE A 71 2.92 -10.46 -1.38
C ILE A 71 4.33 -11.00 -1.21
N ASN A 72 5.03 -10.49 -0.20
CA ASN A 72 6.40 -10.91 0.08
C ASN A 72 6.58 -11.23 1.56
N LYS A 73 7.80 -11.61 1.93
CA LYS A 73 8.11 -11.95 3.32
C LYS A 73 9.14 -10.98 3.89
N GLY A 74 9.08 -9.73 3.46
CA GLY A 74 10.02 -8.72 3.94
C GLY A 74 9.90 -7.42 3.19
N ARG A 75 8.69 -7.05 2.81
CA ARG A 75 8.46 -5.81 2.07
C ARG A 75 7.90 -4.73 3.00
N VAL A 76 7.80 -3.52 2.47
CA VAL A 76 7.29 -2.39 3.25
C VAL A 76 6.63 -1.35 2.33
N MET A 77 5.41 -0.97 2.68
CA MET A 77 4.67 0.02 1.90
C MET A 77 4.63 1.37 2.62
N GLN A 78 4.76 2.45 1.86
CA GLN A 78 4.74 3.79 2.43
C GLN A 78 3.89 4.73 1.57
N ILE A 79 2.73 5.09 2.09
CA ILE A 79 1.83 6.00 1.37
C ILE A 79 2.09 7.45 1.75
N ILE A 80 2.52 8.24 0.76
CA ILE A 80 2.80 9.64 0.98
C ILE A 80 2.00 10.53 0.03
N VAL A 81 1.21 11.44 0.60
CA VAL A 81 0.40 12.35 -0.19
C VAL A 81 1.09 13.69 -0.39
N LYS A 82 1.43 14.00 -1.64
CA LYS A 82 2.11 15.26 -1.95
C LYS A 82 1.26 16.10 -2.90
N GLY A 83 1.79 17.25 -3.30
CA GLY A 83 1.06 18.13 -4.20
C GLY A 83 1.99 18.99 -5.03
N LYS A 84 1.56 20.23 -5.29
CA LYS A 84 2.36 21.17 -6.08
C LYS A 84 2.80 22.35 -5.24
N ASN A 85 1.96 22.73 -4.26
CA ASN A 85 2.27 23.85 -3.39
C ASN A 85 3.21 23.42 -2.26
N VAL A 86 2.85 22.35 -1.59
CA VAL A 86 3.66 21.83 -0.48
C VAL A 86 4.55 20.67 -0.95
N ASP A 87 5.72 20.56 -0.34
CA ASP A 87 6.65 19.49 -0.69
C ASP A 87 6.17 18.15 -0.16
N LEU A 88 5.76 18.12 1.11
CA LEU A 88 5.28 16.90 1.73
C LEU A 88 4.18 17.20 2.75
N ILE A 89 3.06 16.50 2.64
CA ILE A 89 1.95 16.70 3.55
C ILE A 89 2.05 15.77 4.76
N SER A 90 2.19 14.47 4.50
CA SER A 90 2.31 13.48 5.55
C SER A 90 2.89 12.17 5.02
N GLU A 91 3.00 11.18 5.89
CA GLU A 91 3.54 9.88 5.51
C GLU A 91 3.10 8.80 6.49
N THR A 92 3.17 7.54 6.04
CA THR A 92 2.77 6.42 6.88
C THR A 92 3.51 5.15 6.48
N THR A 93 3.68 4.24 7.43
CA THR A 93 4.38 2.98 7.18
C THR A 93 3.46 1.79 7.43
N VAL A 94 3.60 0.76 6.60
CA VAL A 94 2.78 -0.45 6.72
C VAL A 94 3.47 -1.64 6.09
N GLU A 95 3.52 -2.75 6.83
CA GLU A 95 4.15 -3.97 6.33
C GLU A 95 3.19 -4.77 5.47
N LEU A 96 3.55 -4.96 4.20
CA LEU A 96 2.72 -5.70 3.26
C LEU A 96 2.72 -7.19 3.60
N TYR A 97 3.79 -7.65 4.24
CA TYR A 97 3.91 -9.05 4.63
C TYR A 97 2.87 -9.42 5.68
N SER A 98 3.07 -8.91 6.89
CA SER A 98 2.14 -9.18 7.99
C SER A 98 0.72 -8.82 7.61
N LEU A 99 0.57 -7.78 6.80
CA LEU A 99 -0.74 -7.32 6.36
C LEU A 99 -1.53 -8.47 5.74
N ALA A 100 -0.88 -9.23 4.87
CA ALA A 100 -1.53 -10.37 4.21
C ALA A 100 -2.13 -11.32 5.23
N GLU A 101 -1.42 -11.52 6.34
CA GLU A 101 -1.88 -12.41 7.39
C GLU A 101 -2.98 -11.75 8.22
N ARG A 102 -2.81 -10.47 8.51
CA ARG A 102 -3.79 -9.72 9.30
C ARG A 102 -5.19 -9.88 8.72
N CYS A 103 -5.29 -9.82 7.39
CA CYS A 103 -6.57 -9.96 6.72
C CYS A 103 -7.22 -11.29 7.05
N ARG A 104 -6.41 -12.33 7.12
CA ARG A 104 -6.90 -13.67 7.43
C ARG A 104 -7.57 -13.70 8.80
N LYS A 105 -7.05 -12.90 9.73
CA LYS A 105 -7.59 -12.83 11.08
C LYS A 105 -9.04 -12.36 11.05
N ASN A 106 -9.41 -11.63 10.00
CA ASN A 106 -10.76 -11.11 9.86
C ASN A 106 -11.61 -12.05 9.00
N ASN A 107 -11.25 -13.33 8.98
CA ASN A 107 -11.97 -14.32 8.20
C ASN A 107 -11.98 -13.95 6.72
N GLY A 108 -10.96 -13.21 6.30
CA GLY A 108 -10.87 -12.80 4.90
C GLY A 108 -10.15 -11.48 4.73
N LYS A 109 -10.88 -10.38 4.91
CA LYS A 109 -10.31 -9.05 4.77
C LYS A 109 -10.50 -8.24 6.05
N THR A 110 -9.52 -7.40 6.37
CA THR A 110 -9.58 -6.57 7.56
C THR A 110 -9.55 -5.09 7.20
N GLU A 111 -10.12 -4.27 8.09
CA GLU A 111 -10.15 -2.82 7.86
C GLU A 111 -9.21 -2.10 8.82
N ILE A 112 -8.28 -1.35 8.26
CA ILE A 112 -7.31 -0.60 9.06
C ILE A 112 -7.33 0.88 8.71
N TRP A 113 -7.27 1.73 9.73
CA TRP A 113 -7.27 3.17 9.52
C TRP A 113 -5.87 3.74 9.61
N LEU A 114 -5.25 3.96 8.44
CA LEU A 114 -3.90 4.50 8.39
C LEU A 114 -3.83 5.87 9.06
N GLU A 115 -2.79 6.06 9.87
CA GLU A 115 -2.60 7.33 10.59
C GLU A 115 -1.41 8.09 10.03
N LEU A 116 -1.68 9.01 9.11
CA LEU A 116 -0.63 9.81 8.49
C LEU A 116 -0.19 10.93 9.43
N LYS A 117 1.12 11.08 9.58
CA LYS A 117 1.68 12.11 10.44
C LYS A 117 2.49 13.12 9.63
N PRO A 118 2.67 14.33 10.20
CA PRO A 118 2.17 14.80 11.49
C PRO A 118 0.67 14.98 11.50
N GLN A 119 0.07 15.04 10.32
CA GLN A 119 -1.38 15.21 10.20
C GLN A 119 -1.92 14.44 8.99
N GLY A 120 -3.22 14.20 9.00
CA GLY A 120 -3.84 13.47 7.91
C GLY A 120 -4.18 12.04 8.27
N ARG A 121 -5.22 11.50 7.63
CA ARG A 121 -5.65 10.13 7.90
C ARG A 121 -6.48 9.59 6.74
N MET A 122 -6.43 8.27 6.56
CA MET A 122 -7.18 7.63 5.48
C MET A 122 -7.55 6.20 5.86
N LEU A 123 -8.43 5.60 5.08
CA LEU A 123 -8.87 4.23 5.33
C LEU A 123 -8.18 3.26 4.39
N MET A 124 -7.76 2.10 4.91
CA MET A 124 -7.09 1.09 4.12
C MET A 124 -7.80 -0.25 4.24
N ASN A 125 -8.35 -0.75 3.13
CA ASN A 125 -9.05 -2.02 3.11
C ASN A 125 -8.28 -3.06 2.31
N ALA A 126 -7.65 -4.00 3.01
CA ALA A 126 -6.89 -5.05 2.36
C ALA A 126 -7.70 -6.34 2.25
N ARG A 127 -7.86 -6.85 1.03
CA ARG A 127 -8.61 -8.07 0.81
C ARG A 127 -7.68 -9.21 0.40
N TYR A 128 -8.00 -10.41 0.86
CA TYR A 128 -7.20 -11.59 0.55
C TYR A 128 -7.74 -12.31 -0.67
N PHE A 129 -6.88 -12.49 -1.67
CA PHE A 129 -7.27 -13.18 -2.91
C PHE A 129 -6.18 -14.14 -3.37
N LEU A 130 -6.53 -15.03 -4.28
CA LEU A 130 -5.60 -16.02 -4.80
C LEU A 130 -5.34 -15.80 -6.29
N GLU A 131 -4.09 -15.98 -6.70
CA GLU A 131 -3.72 -15.81 -8.11
C GLU A 131 -2.61 -16.77 -8.50
N MET A 132 -2.56 -17.12 -9.78
CA MET A 132 -1.54 -18.03 -10.28
C MET A 132 -0.34 -17.25 -10.82
N SER A 133 0.69 -17.12 -10.00
CA SER A 133 1.90 -16.40 -10.40
C SER A 133 3.12 -16.96 -9.67
N GLY A 134 4.30 -16.67 -10.22
CA GLY A 134 5.53 -17.14 -9.61
C GLY A 134 6.33 -16.02 -8.97
N PRO A 135 7.33 -16.39 -8.15
CA PRO A 135 8.13 -15.34 -7.52
C PRO A 135 9.01 -14.60 -8.53
N SER A 136 9.82 -13.68 -8.03
CA SER A 136 10.71 -12.90 -8.88
C SER A 136 11.80 -12.22 -8.05
N SER A 137 13.03 -12.26 -8.54
CA SER A 137 14.15 -11.66 -7.85
C SER A 137 14.02 -10.14 -7.82
N GLY A 138 14.87 -9.48 -7.03
CA GLY A 138 14.82 -8.03 -6.93
C GLY A 138 15.39 -7.53 -5.62
N GLY A 1 -19.37 -25.46 -4.56
CA GLY A 1 -18.66 -25.84 -5.78
C GLY A 1 -17.59 -24.85 -6.15
N SER A 2 -16.34 -25.32 -6.21
CA SER A 2 -15.21 -24.45 -6.55
C SER A 2 -14.01 -25.29 -6.99
N SER A 3 -13.32 -24.82 -8.01
CA SER A 3 -12.15 -25.51 -8.53
C SER A 3 -11.00 -24.55 -8.80
N GLY A 4 -10.01 -24.56 -7.92
CA GLY A 4 -8.87 -23.68 -8.08
C GLY A 4 -7.59 -24.43 -8.40
N SER A 5 -6.45 -23.77 -8.21
CA SER A 5 -5.15 -24.38 -8.50
C SER A 5 -4.23 -24.27 -7.29
N SER A 6 -2.99 -24.70 -7.46
CA SER A 6 -2.01 -24.66 -6.39
C SER A 6 -0.69 -24.06 -6.88
N GLY A 7 0.30 -24.00 -6.00
CA GLY A 7 1.59 -23.45 -6.36
C GLY A 7 1.50 -22.03 -6.88
N MET A 8 0.62 -21.24 -6.27
CA MET A 8 0.42 -19.85 -6.68
C MET A 8 0.59 -18.90 -5.50
N SER A 9 1.23 -17.78 -5.73
CA SER A 9 1.46 -16.78 -4.68
C SER A 9 0.32 -15.77 -4.63
N PRO A 10 -0.46 -15.81 -3.54
CA PRO A 10 -1.56 -14.85 -3.46
C PRO A 10 -1.08 -13.42 -3.26
N PHE A 11 -1.88 -12.46 -3.71
CA PHE A 11 -1.54 -11.05 -3.59
C PHE A 11 -2.53 -10.32 -2.69
N LEU A 12 -2.18 -9.10 -2.30
CA LEU A 12 -3.05 -8.30 -1.45
C LEU A 12 -3.65 -7.13 -2.22
N ARG A 13 -4.97 -7.02 -2.18
CA ARG A 13 -5.68 -5.95 -2.88
C ARG A 13 -6.11 -4.86 -1.92
N ILE A 14 -5.23 -3.86 -1.74
CA ILE A 14 -5.51 -2.75 -0.84
C ILE A 14 -6.22 -1.62 -1.58
N GLY A 15 -7.15 -0.96 -0.88
CA GLY A 15 -7.88 0.14 -1.50
C GLY A 15 -8.06 1.30 -0.54
N LEU A 16 -7.73 2.50 -1.00
CA LEU A 16 -7.87 3.71 -0.18
C LEU A 16 -9.13 4.47 -0.54
N SER A 17 -9.66 5.20 0.43
CA SER A 17 -10.88 5.99 0.21
C SER A 17 -11.15 6.91 1.40
N ASN A 18 -12.02 7.88 1.19
CA ASN A 18 -12.37 8.84 2.24
C ASN A 18 -11.13 9.56 2.74
N PHE A 19 -10.22 9.88 1.84
CA PHE A 19 -8.98 10.57 2.19
C PHE A 19 -9.29 11.91 2.86
N ASP A 20 -8.73 12.12 4.04
CA ASP A 20 -8.93 13.35 4.79
C ASP A 20 -7.60 13.99 5.15
N CYS A 21 -7.34 15.17 4.59
CA CYS A 21 -6.09 15.88 4.85
C CYS A 21 -6.27 16.87 6.00
N GLY A 22 -7.51 17.32 6.20
CA GLY A 22 -7.79 18.27 7.26
C GLY A 22 -8.26 19.60 6.74
N SER A 23 -7.33 20.52 6.50
CA SER A 23 -7.67 21.85 6.01
C SER A 23 -6.47 22.48 5.29
N CYS A 24 -6.69 22.94 4.07
CA CYS A 24 -5.64 23.57 3.28
C CYS A 24 -5.90 25.05 3.08
N GLN A 25 -4.85 25.86 3.13
CA GLN A 25 -4.98 27.30 2.95
C GLN A 25 -4.92 27.66 1.47
N SER A 26 -6.03 28.19 0.96
CA SER A 26 -6.11 28.59 -0.44
C SER A 26 -6.94 29.86 -0.61
N CYS A 27 -6.57 30.68 -1.58
CA CYS A 27 -7.28 31.92 -1.85
C CYS A 27 -8.26 31.77 -3.02
N GLN A 28 -7.74 31.28 -4.14
CA GLN A 28 -8.56 31.09 -5.33
C GLN A 28 -8.76 29.60 -5.62
N GLY A 29 -9.92 29.26 -6.16
CA GLY A 29 -10.21 27.87 -6.48
C GLY A 29 -9.48 27.39 -7.72
N GLU A 30 -8.84 26.23 -7.61
CA GLU A 30 -8.11 25.67 -8.74
C GLU A 30 -8.22 24.15 -8.76
N ALA A 31 -7.88 23.55 -9.90
CA ALA A 31 -7.94 22.10 -10.05
C ALA A 31 -6.56 21.47 -9.92
N VAL A 32 -6.21 21.03 -8.71
CA VAL A 32 -4.91 20.42 -8.48
C VAL A 32 -4.94 18.92 -8.80
N ASN A 33 -3.81 18.40 -9.26
CA ASN A 33 -3.71 17.00 -9.61
C ASN A 33 -2.81 16.26 -8.62
N PRO A 34 -3.28 16.15 -7.37
CA PRO A 34 -2.46 15.45 -6.39
C PRO A 34 -2.39 13.94 -6.66
N TYR A 35 -1.18 13.40 -6.66
CA TYR A 35 -0.99 11.98 -6.91
C TYR A 35 -0.39 11.29 -5.67
N CYS A 36 -0.84 10.06 -5.42
CA CYS A 36 -0.36 9.30 -4.28
C CYS A 36 0.79 8.38 -4.69
N ALA A 37 1.93 8.55 -4.03
CA ALA A 37 3.10 7.74 -4.32
C ALA A 37 3.21 6.56 -3.37
N VAL A 38 3.13 5.35 -3.91
CA VAL A 38 3.21 4.14 -3.10
C VAL A 38 4.55 3.43 -3.31
N LEU A 39 5.50 3.69 -2.42
CA LEU A 39 6.81 3.06 -2.51
C LEU A 39 6.79 1.64 -1.99
N VAL A 40 7.47 0.74 -2.69
CA VAL A 40 7.53 -0.66 -2.30
C VAL A 40 8.97 -1.14 -2.15
N LYS A 41 9.28 -1.73 -1.01
CA LYS A 41 10.62 -2.24 -0.74
C LYS A 41 10.57 -3.69 -0.28
N GLU A 42 11.65 -4.42 -0.53
CA GLU A 42 11.74 -5.82 -0.13
C GLU A 42 12.79 -6.02 0.96
N TYR A 43 12.44 -6.78 1.99
CA TYR A 43 13.36 -7.04 3.09
C TYR A 43 14.25 -8.24 2.79
N VAL A 44 15.49 -7.96 2.38
CA VAL A 44 16.44 -9.01 2.06
C VAL A 44 17.28 -9.39 3.28
N GLU A 45 17.84 -10.59 3.25
CA GLU A 45 18.67 -11.07 4.35
C GLU A 45 20.02 -11.57 3.84
N SER A 46 21.09 -10.85 4.18
CA SER A 46 22.43 -11.22 3.75
C SER A 46 23.40 -11.18 4.92
N GLU A 47 24.37 -12.09 4.91
CA GLU A 47 25.37 -12.15 5.97
C GLU A 47 26.08 -10.82 6.13
N ASN A 48 26.13 -10.04 5.05
CA ASN A 48 26.79 -8.73 5.07
C ASN A 48 26.05 -7.78 6.00
N GLY A 49 24.72 -7.77 5.92
CA GLY A 49 23.93 -6.90 6.75
C GLY A 49 22.52 -6.72 6.22
N GLN A 50 21.53 -6.91 7.09
CA GLN A 50 20.13 -6.77 6.69
C GLN A 50 19.90 -5.42 6.02
N MET A 51 19.22 -5.45 4.87
CA MET A 51 18.94 -4.23 4.12
C MET A 51 17.64 -4.37 3.34
N TYR A 52 17.32 -3.35 2.55
CA TYR A 52 16.10 -3.37 1.75
C TYR A 52 16.42 -3.19 0.26
N ILE A 53 15.49 -3.63 -0.58
CA ILE A 53 15.67 -3.53 -2.03
C ILE A 53 14.35 -3.25 -2.73
N GLN A 54 14.25 -2.10 -3.39
CA GLN A 54 13.05 -1.72 -4.10
C GLN A 54 13.07 -2.24 -5.53
N LYS A 55 12.43 -3.38 -5.77
CA LYS A 55 12.38 -3.98 -7.09
C LYS A 55 11.39 -3.25 -7.99
N LYS A 56 10.31 -2.76 -7.38
CA LYS A 56 9.27 -2.04 -8.12
C LYS A 56 9.38 -0.54 -7.88
N PRO A 57 9.38 0.24 -8.97
CA PRO A 57 9.49 1.69 -8.77
C PRO A 57 8.23 2.28 -8.15
N THR A 58 8.17 3.61 -8.07
CA THR A 58 7.02 4.30 -7.50
C THR A 58 5.72 3.82 -8.14
N MET A 59 4.67 3.72 -7.33
CA MET A 59 3.37 3.28 -7.82
C MET A 59 2.34 4.39 -7.69
N TYR A 60 1.33 4.34 -8.55
CA TYR A 60 0.27 5.36 -8.54
C TYR A 60 -1.11 4.70 -8.58
N PRO A 61 -1.61 4.29 -7.41
CA PRO A 61 -2.93 3.67 -7.41
C PRO A 61 -4.05 4.66 -7.73
N PRO A 62 -5.21 4.13 -8.15
CA PRO A 62 -6.30 5.05 -8.46
C PRO A 62 -6.87 5.72 -7.22
N TRP A 63 -7.97 6.45 -7.40
CA TRP A 63 -8.61 7.14 -6.29
C TRP A 63 -9.94 6.48 -5.94
N ASP A 64 -10.15 6.23 -4.64
CA ASP A 64 -11.38 5.60 -4.17
C ASP A 64 -11.57 4.24 -4.82
N SER A 65 -10.47 3.61 -5.22
CA SER A 65 -10.52 2.30 -5.85
C SER A 65 -9.51 1.35 -5.21
N THR A 66 -9.46 0.12 -5.72
CA THR A 66 -8.54 -0.89 -5.20
C THR A 66 -7.47 -1.22 -6.22
N PHE A 67 -6.26 -1.51 -5.73
CA PHE A 67 -5.14 -1.85 -6.61
C PHE A 67 -4.56 -3.20 -6.23
N ASP A 68 -3.51 -3.61 -6.94
CA ASP A 68 -2.86 -4.89 -6.69
C ASP A 68 -1.54 -4.68 -5.95
N ALA A 69 -1.15 -5.68 -5.16
CA ALA A 69 0.09 -5.61 -4.39
C ALA A 69 0.61 -7.01 -4.06
N HIS A 70 1.71 -7.40 -4.69
CA HIS A 70 2.29 -8.71 -4.46
C HIS A 70 2.67 -8.89 -2.99
N ILE A 71 2.85 -10.13 -2.58
CA ILE A 71 3.21 -10.44 -1.20
C ILE A 71 4.55 -11.15 -1.12
N ASN A 72 5.29 -10.87 -0.06
CA ASN A 72 6.61 -11.48 0.14
C ASN A 72 6.96 -11.56 1.63
N LYS A 73 7.93 -12.40 1.95
CA LYS A 73 8.37 -12.55 3.34
C LYS A 73 9.16 -11.34 3.80
N GLY A 74 8.45 -10.27 4.14
CA GLY A 74 9.10 -9.05 4.60
C GLY A 74 9.00 -7.93 3.60
N ARG A 75 7.81 -7.35 3.48
CA ARG A 75 7.57 -6.25 2.55
C ARG A 75 6.99 -5.04 3.27
N VAL A 76 7.44 -3.86 2.87
CA VAL A 76 6.96 -2.61 3.48
C VAL A 76 6.41 -1.66 2.42
N MET A 77 5.33 -0.97 2.76
CA MET A 77 4.71 -0.02 1.84
C MET A 77 4.63 1.37 2.46
N GLN A 78 5.11 2.37 1.72
CA GLN A 78 5.09 3.75 2.21
C GLN A 78 4.14 4.60 1.37
N ILE A 79 3.23 5.28 2.05
CA ILE A 79 2.27 6.15 1.37
C ILE A 79 2.60 7.62 1.56
N ILE A 80 2.75 8.34 0.46
CA ILE A 80 3.08 9.76 0.50
C ILE A 80 2.16 10.56 -0.42
N VAL A 81 1.28 11.35 0.18
CA VAL A 81 0.35 12.18 -0.60
C VAL A 81 0.95 13.55 -0.90
N LYS A 82 1.51 13.69 -2.09
CA LYS A 82 2.12 14.95 -2.51
C LYS A 82 1.41 15.52 -3.74
N GLY A 83 1.35 16.85 -3.81
CA GLY A 83 0.70 17.49 -4.93
C GLY A 83 1.67 18.33 -5.76
N LYS A 84 1.24 19.55 -6.11
CA LYS A 84 2.07 20.44 -6.90
C LYS A 84 2.37 21.73 -6.12
N ASN A 85 1.40 22.18 -5.34
CA ASN A 85 1.56 23.39 -4.55
C ASN A 85 2.33 23.11 -3.27
N VAL A 86 2.03 21.98 -2.65
CA VAL A 86 2.71 21.58 -1.41
C VAL A 86 3.69 20.44 -1.65
N ASP A 87 4.83 20.50 -0.97
CA ASP A 87 5.85 19.48 -1.12
C ASP A 87 5.41 18.17 -0.48
N LEU A 88 4.72 18.26 0.65
CA LEU A 88 4.23 17.08 1.35
C LEU A 88 3.24 17.46 2.44
N ILE A 89 2.09 16.80 2.44
CA ILE A 89 1.05 17.08 3.42
C ILE A 89 1.21 16.19 4.65
N SER A 90 1.39 14.90 4.42
CA SER A 90 1.56 13.95 5.51
C SER A 90 2.16 12.64 5.00
N GLU A 91 2.60 11.79 5.93
CA GLU A 91 3.19 10.51 5.57
C GLU A 91 2.85 9.44 6.61
N THR A 92 2.96 8.18 6.21
CA THR A 92 2.67 7.07 7.10
C THR A 92 3.39 5.80 6.66
N THR A 93 3.59 4.88 7.60
CA THR A 93 4.26 3.62 7.30
C THR A 93 3.32 2.43 7.50
N VAL A 94 3.50 1.40 6.69
CA VAL A 94 2.68 0.20 6.79
C VAL A 94 3.40 -1.01 6.20
N GLU A 95 3.12 -2.18 6.77
CA GLU A 95 3.74 -3.42 6.31
C GLU A 95 2.84 -4.15 5.31
N LEU A 96 3.44 -4.71 4.27
CA LEU A 96 2.69 -5.43 3.26
C LEU A 96 2.62 -6.92 3.59
N TYR A 97 3.71 -7.46 4.13
CA TYR A 97 3.77 -8.87 4.48
C TYR A 97 2.83 -9.17 5.65
N SER A 98 3.12 -8.56 6.81
CA SER A 98 2.31 -8.77 8.00
C SER A 98 0.83 -8.50 7.71
N LEU A 99 0.57 -7.51 6.87
CA LEU A 99 -0.79 -7.15 6.50
C LEU A 99 -1.53 -8.35 5.91
N ALA A 100 -0.85 -9.09 5.05
CA ALA A 100 -1.43 -10.26 4.42
C ALA A 100 -2.01 -11.22 5.46
N GLU A 101 -1.34 -11.31 6.61
CA GLU A 101 -1.80 -12.19 7.68
C GLU A 101 -3.02 -11.61 8.37
N ARG A 102 -2.99 -10.31 8.66
CA ARG A 102 -4.10 -9.64 9.32
C ARG A 102 -5.41 -9.90 8.57
N CYS A 103 -5.36 -9.78 7.25
CA CYS A 103 -6.54 -10.00 6.42
C CYS A 103 -7.14 -11.38 6.68
N ARG A 104 -6.30 -12.41 6.64
CA ARG A 104 -6.74 -13.78 6.87
C ARG A 104 -7.45 -13.90 8.21
N LYS A 105 -6.95 -13.19 9.21
CA LYS A 105 -7.54 -13.22 10.55
C LYS A 105 -9.01 -12.81 10.50
N ASN A 106 -9.37 -12.04 9.48
CA ASN A 106 -10.75 -11.58 9.33
C ASN A 106 -11.52 -12.49 8.37
N ASN A 107 -11.08 -13.75 8.28
CA ASN A 107 -11.73 -14.72 7.41
C ASN A 107 -11.74 -14.21 5.97
N GLY A 108 -10.78 -13.36 5.62
CA GLY A 108 -10.72 -12.82 4.28
C GLY A 108 -9.98 -11.50 4.22
N LYS A 109 -10.71 -10.41 4.45
CA LYS A 109 -10.13 -9.08 4.42
C LYS A 109 -10.33 -8.36 5.76
N THR A 110 -9.37 -7.53 6.14
CA THR A 110 -9.45 -6.79 7.38
C THR A 110 -9.42 -5.28 7.14
N GLU A 111 -9.90 -4.52 8.12
CA GLU A 111 -9.93 -3.06 8.01
C GLU A 111 -8.92 -2.42 8.96
N ILE A 112 -8.07 -1.56 8.41
CA ILE A 112 -7.06 -0.87 9.20
C ILE A 112 -7.09 0.63 8.96
N TRP A 113 -7.03 1.40 10.04
CA TRP A 113 -7.05 2.85 9.94
C TRP A 113 -5.64 3.43 10.06
N LEU A 114 -5.14 3.99 8.96
CA LEU A 114 -3.81 4.57 8.94
C LEU A 114 -3.77 5.87 9.75
N GLU A 115 -2.57 6.28 10.14
CA GLU A 115 -2.39 7.50 10.92
C GLU A 115 -1.32 8.39 10.30
N LEU A 116 -1.74 9.28 9.41
CA LEU A 116 -0.81 10.20 8.74
C LEU A 116 -0.40 11.33 9.68
N LYS A 117 0.89 11.63 9.70
CA LYS A 117 1.42 12.69 10.54
C LYS A 117 2.09 13.77 9.70
N PRO A 118 2.21 14.99 10.27
CA PRO A 118 1.75 15.40 11.60
C PRO A 118 0.23 15.46 11.71
N GLN A 119 -0.44 15.40 10.56
CA GLN A 119 -1.89 15.45 10.52
C GLN A 119 -2.43 14.68 9.33
N GLY A 120 -3.70 14.30 9.40
CA GLY A 120 -4.33 13.56 8.31
C GLY A 120 -4.52 12.09 8.66
N ARG A 121 -5.54 11.48 8.08
CA ARG A 121 -5.84 10.07 8.32
C ARG A 121 -6.74 9.50 7.23
N MET A 122 -6.40 8.32 6.75
CA MET A 122 -7.18 7.66 5.71
C MET A 122 -7.47 6.21 6.06
N LEU A 123 -8.34 5.57 5.29
CA LEU A 123 -8.70 4.18 5.53
C LEU A 123 -7.98 3.26 4.55
N MET A 124 -7.52 2.12 5.05
CA MET A 124 -6.81 1.15 4.22
C MET A 124 -7.46 -0.23 4.34
N ASN A 125 -8.19 -0.64 3.31
CA ASN A 125 -8.84 -1.93 3.30
C ASN A 125 -8.08 -2.92 2.43
N ALA A 126 -7.42 -3.88 3.07
CA ALA A 126 -6.66 -4.90 2.36
C ALA A 126 -7.46 -6.18 2.20
N ARG A 127 -7.52 -6.69 0.97
CA ARG A 127 -8.26 -7.91 0.69
C ARG A 127 -7.31 -9.04 0.28
N TYR A 128 -7.78 -10.28 0.39
CA TYR A 128 -6.98 -11.44 0.04
C TYR A 128 -7.44 -12.04 -1.29
N PHE A 129 -6.48 -12.24 -2.19
CA PHE A 129 -6.80 -12.81 -3.51
C PHE A 129 -5.69 -13.76 -3.96
N LEU A 130 -5.86 -14.33 -5.14
CA LEU A 130 -4.88 -15.26 -5.69
C LEU A 130 -4.35 -14.76 -7.04
N GLU A 131 -3.12 -15.13 -7.37
CA GLU A 131 -2.50 -14.72 -8.62
C GLU A 131 -1.21 -15.49 -8.87
N MET A 132 -0.90 -15.74 -10.13
CA MET A 132 0.31 -16.46 -10.50
C MET A 132 1.55 -15.63 -10.19
N SER A 133 2.72 -16.27 -10.26
CA SER A 133 3.98 -15.59 -9.99
C SER A 133 5.17 -16.40 -10.51
N GLY A 134 6.36 -15.89 -10.28
CA GLY A 134 7.56 -16.58 -10.73
C GLY A 134 8.39 -17.12 -9.58
N PRO A 135 9.37 -17.97 -9.91
CA PRO A 135 10.20 -18.52 -8.82
C PRO A 135 11.10 -17.47 -8.19
N SER A 136 11.61 -16.57 -9.01
CA SER A 136 12.49 -15.50 -8.54
C SER A 136 11.84 -14.74 -7.38
N SER A 137 12.63 -14.51 -6.33
CA SER A 137 12.13 -13.80 -5.16
C SER A 137 11.99 -12.31 -5.45
N GLY A 138 10.91 -11.95 -6.14
CA GLY A 138 10.66 -10.56 -6.47
C GLY A 138 9.28 -10.32 -7.03
N GLY A 1 -15.45 -26.79 -5.31
CA GLY A 1 -14.45 -25.92 -5.93
C GLY A 1 -13.75 -26.59 -7.10
N SER A 2 -13.76 -25.91 -8.25
CA SER A 2 -13.12 -26.44 -9.45
C SER A 2 -11.61 -26.25 -9.40
N SER A 3 -10.89 -27.33 -9.14
CA SER A 3 -9.43 -27.29 -9.06
C SER A 3 -8.83 -26.80 -10.38
N GLY A 4 -7.55 -26.44 -10.34
CA GLY A 4 -6.89 -25.96 -11.54
C GLY A 4 -5.47 -26.51 -11.66
N SER A 5 -4.55 -25.64 -12.08
CA SER A 5 -3.15 -26.04 -12.25
C SER A 5 -2.33 -25.66 -11.03
N SER A 6 -1.04 -25.98 -11.06
CA SER A 6 -0.14 -25.67 -9.96
C SER A 6 0.56 -24.34 -10.19
N GLY A 7 1.47 -23.99 -9.27
CA GLY A 7 2.21 -22.75 -9.39
C GLY A 7 1.31 -21.53 -9.23
N MET A 8 0.92 -21.25 -8.00
CA MET A 8 0.06 -20.11 -7.71
C MET A 8 0.68 -19.21 -6.65
N SER A 9 0.48 -17.90 -6.79
CA SER A 9 1.02 -16.94 -5.84
C SER A 9 -0.07 -15.98 -5.34
N PRO A 10 -0.39 -16.08 -4.04
CA PRO A 10 -1.43 -15.18 -3.52
C PRO A 10 -0.98 -13.73 -3.48
N PHE A 11 -1.89 -12.82 -3.82
CA PHE A 11 -1.57 -11.40 -3.81
C PHE A 11 -2.55 -10.63 -2.93
N LEU A 12 -2.19 -9.40 -2.57
CA LEU A 12 -3.02 -8.57 -1.73
C LEU A 12 -3.65 -7.43 -2.52
N ARG A 13 -4.91 -7.12 -2.24
CA ARG A 13 -5.62 -6.06 -2.94
C ARG A 13 -6.06 -4.98 -1.97
N ILE A 14 -5.23 -3.95 -1.81
CA ILE A 14 -5.53 -2.85 -0.90
C ILE A 14 -6.28 -1.74 -1.63
N GLY A 15 -7.22 -1.11 -0.93
CA GLY A 15 -7.99 -0.03 -1.53
C GLY A 15 -8.10 1.17 -0.61
N LEU A 16 -7.66 2.32 -1.11
CA LEU A 16 -7.71 3.55 -0.33
C LEU A 16 -8.94 4.39 -0.68
N SER A 17 -9.55 5.01 0.32
CA SER A 17 -10.73 5.82 0.11
C SER A 17 -11.00 6.72 1.31
N ASN A 18 -11.82 7.74 1.11
CA ASN A 18 -12.17 8.67 2.20
C ASN A 18 -10.92 9.36 2.72
N PHE A 19 -10.12 9.95 1.82
CA PHE A 19 -8.91 10.64 2.20
C PHE A 19 -9.22 12.00 2.81
N ASP A 20 -8.67 12.26 3.99
CA ASP A 20 -8.88 13.52 4.67
C ASP A 20 -7.56 14.20 5.00
N CYS A 21 -7.48 15.49 4.69
CA CYS A 21 -6.26 16.27 4.94
C CYS A 21 -6.52 17.38 5.95
N GLY A 22 -7.71 17.97 5.88
CA GLY A 22 -8.06 19.04 6.79
C GLY A 22 -8.75 20.20 6.09
N SER A 23 -9.99 20.48 6.48
CA SER A 23 -10.76 21.56 5.88
C SER A 23 -9.99 22.88 5.97
N CYS A 24 -10.28 23.78 5.04
CA CYS A 24 -9.61 25.08 5.01
C CYS A 24 -10.60 26.20 5.34
N GLN A 25 -11.63 26.33 4.51
CA GLN A 25 -12.65 27.36 4.70
C GLN A 25 -14.04 26.81 4.40
N SER A 26 -15.03 27.25 5.18
CA SER A 26 -16.40 26.80 4.99
C SER A 26 -17.12 27.67 3.97
N CYS A 27 -16.84 28.97 3.99
CA CYS A 27 -17.46 29.90 3.06
C CYS A 27 -17.12 29.55 1.62
N GLN A 28 -15.86 29.77 1.24
CA GLN A 28 -15.41 29.47 -0.12
C GLN A 28 -14.35 28.38 -0.11
N GLY A 29 -13.97 27.92 -1.30
CA GLY A 29 -12.96 26.88 -1.41
C GLY A 29 -12.64 26.53 -2.85
N GLU A 30 -11.57 25.78 -3.04
CA GLU A 30 -11.16 25.36 -4.39
C GLU A 30 -11.19 23.85 -4.52
N ALA A 31 -10.96 23.36 -5.74
CA ALA A 31 -10.95 21.93 -6.00
C ALA A 31 -9.62 21.49 -6.60
N VAL A 32 -8.77 20.89 -5.76
CA VAL A 32 -7.46 20.43 -6.20
C VAL A 32 -7.47 18.93 -6.42
N ASN A 33 -6.66 18.47 -7.38
CA ASN A 33 -6.58 17.05 -7.70
C ASN A 33 -5.23 16.48 -7.26
N PRO A 34 -5.01 16.44 -5.94
CA PRO A 34 -3.73 15.89 -5.48
C PRO A 34 -3.63 14.39 -5.70
N TYR A 35 -2.41 13.87 -5.65
CA TYR A 35 -2.17 12.44 -5.84
C TYR A 35 -1.32 11.87 -4.72
N CYS A 36 -1.26 10.54 -4.65
CA CYS A 36 -0.48 9.87 -3.62
C CYS A 36 0.46 8.84 -4.24
N ALA A 37 1.68 8.77 -3.72
CA ALA A 37 2.67 7.82 -4.23
C ALA A 37 2.86 6.66 -3.26
N VAL A 38 2.88 5.45 -3.80
CA VAL A 38 3.04 4.25 -2.99
C VAL A 38 4.40 3.60 -3.24
N LEU A 39 5.17 3.42 -2.17
CA LEU A 39 6.49 2.81 -2.28
C LEU A 39 6.47 1.37 -1.76
N VAL A 40 6.90 0.44 -2.60
CA VAL A 40 6.94 -0.97 -2.22
C VAL A 40 8.36 -1.50 -2.21
N LYS A 41 8.91 -1.69 -1.01
CA LYS A 41 10.27 -2.20 -0.86
C LYS A 41 10.27 -3.69 -0.56
N GLU A 42 11.44 -4.30 -0.58
CA GLU A 42 11.58 -5.73 -0.30
C GLU A 42 12.66 -5.98 0.73
N TYR A 43 12.69 -7.20 1.28
CA TYR A 43 13.67 -7.57 2.28
C TYR A 43 14.89 -8.20 1.63
N VAL A 44 16.07 -7.66 1.95
CA VAL A 44 17.32 -8.18 1.40
C VAL A 44 18.49 -7.93 2.34
N GLU A 45 19.39 -8.90 2.44
CA GLU A 45 20.54 -8.78 3.32
C GLU A 45 21.84 -8.79 2.50
N SER A 46 22.79 -7.95 2.91
CA SER A 46 24.07 -7.85 2.22
C SER A 46 25.22 -8.18 3.16
N GLU A 47 26.45 -8.02 2.67
CA GLU A 47 27.63 -8.29 3.47
C GLU A 47 27.63 -7.48 4.75
N ASN A 48 26.92 -6.34 4.73
CA ASN A 48 26.83 -5.47 5.90
C ASN A 48 25.80 -6.00 6.88
N GLY A 49 24.71 -6.56 6.36
CA GLY A 49 23.67 -7.10 7.21
C GLY A 49 22.31 -7.06 6.53
N GLN A 50 21.41 -6.25 7.08
CA GLN A 50 20.06 -6.12 6.53
C GLN A 50 19.87 -4.76 5.87
N MET A 51 19.17 -4.75 4.73
CA MET A 51 18.91 -3.52 4.01
C MET A 51 17.60 -3.60 3.25
N TYR A 52 16.93 -2.46 3.10
CA TYR A 52 15.66 -2.40 2.40
C TYR A 52 15.77 -1.58 1.11
N ILE A 53 15.60 -2.24 -0.02
CA ILE A 53 15.69 -1.58 -1.31
C ILE A 53 14.37 -1.66 -2.06
N GLN A 54 14.03 -0.59 -2.79
CA GLN A 54 12.79 -0.54 -3.56
C GLN A 54 13.04 -0.81 -5.02
N LYS A 55 12.95 -2.07 -5.43
CA LYS A 55 13.18 -2.46 -6.81
C LYS A 55 12.10 -1.87 -7.73
N LYS A 56 10.85 -1.91 -7.27
CA LYS A 56 9.73 -1.38 -8.04
C LYS A 56 9.69 0.14 -7.94
N PRO A 57 9.45 0.80 -9.08
CA PRO A 57 9.39 2.26 -9.02
C PRO A 57 8.15 2.77 -8.28
N THR A 58 8.09 4.08 -8.04
CA THR A 58 6.96 4.68 -7.34
C THR A 58 5.64 4.26 -7.99
N MET A 59 4.72 3.78 -7.16
CA MET A 59 3.41 3.35 -7.65
C MET A 59 2.39 4.48 -7.53
N TYR A 60 1.35 4.42 -8.34
CA TYR A 60 0.30 5.44 -8.33
C TYR A 60 -1.09 4.80 -8.38
N PRO A 61 -1.59 4.38 -7.21
CA PRO A 61 -2.91 3.76 -7.21
C PRO A 61 -4.02 4.77 -7.51
N PRO A 62 -5.19 4.25 -7.92
CA PRO A 62 -6.28 5.19 -8.22
C PRO A 62 -6.83 5.85 -6.96
N TRP A 63 -7.91 6.60 -7.12
CA TRP A 63 -8.53 7.29 -5.99
C TRP A 63 -9.86 6.63 -5.62
N ASP A 64 -10.04 6.36 -4.32
CA ASP A 64 -11.26 5.74 -3.84
C ASP A 64 -11.51 4.41 -4.55
N SER A 65 -10.43 3.77 -5.00
CA SER A 65 -10.54 2.49 -5.70
C SER A 65 -9.56 1.48 -5.13
N THR A 66 -9.63 0.26 -5.63
CA THR A 66 -8.75 -0.82 -5.17
C THR A 66 -7.67 -1.11 -6.19
N PHE A 67 -6.47 -1.44 -5.70
CA PHE A 67 -5.35 -1.76 -6.58
C PHE A 67 -4.71 -3.09 -6.19
N ASP A 68 -3.67 -3.48 -6.93
CA ASP A 68 -2.98 -4.73 -6.66
C ASP A 68 -1.63 -4.47 -6.00
N ALA A 69 -1.23 -5.36 -5.10
CA ALA A 69 0.04 -5.22 -4.41
C ALA A 69 0.67 -6.60 -4.15
N HIS A 70 1.81 -6.85 -4.79
CA HIS A 70 2.51 -8.11 -4.63
C HIS A 70 2.85 -8.36 -3.17
N ILE A 71 3.10 -9.63 -2.84
CA ILE A 71 3.43 -10.01 -1.47
C ILE A 71 4.81 -10.63 -1.40
N ASN A 72 5.49 -10.44 -0.27
CA ASN A 72 6.83 -10.98 -0.07
C ASN A 72 7.24 -10.89 1.40
N LYS A 73 8.31 -11.59 1.75
CA LYS A 73 8.81 -11.59 3.12
C LYS A 73 9.44 -10.25 3.46
N GLY A 74 9.10 -9.72 4.64
CA GLY A 74 9.66 -8.44 5.07
C GLY A 74 9.23 -7.30 4.17
N ARG A 75 8.09 -7.46 3.51
CA ARG A 75 7.57 -6.43 2.62
C ARG A 75 7.07 -5.23 3.40
N VAL A 76 7.43 -4.03 2.96
CA VAL A 76 7.02 -2.81 3.62
C VAL A 76 6.49 -1.79 2.61
N MET A 77 5.31 -1.25 2.88
CA MET A 77 4.70 -0.27 2.00
C MET A 77 4.63 1.10 2.68
N GLN A 78 4.81 2.15 1.89
CA GLN A 78 4.77 3.51 2.41
C GLN A 78 3.88 4.40 1.55
N ILE A 79 2.95 5.10 2.20
CA ILE A 79 2.03 5.98 1.50
C ILE A 79 2.39 7.45 1.72
N ILE A 80 2.69 8.15 0.64
CA ILE A 80 3.06 9.56 0.71
C ILE A 80 2.11 10.42 -0.10
N VAL A 81 1.44 11.36 0.57
CA VAL A 81 0.50 12.25 -0.09
C VAL A 81 1.20 13.50 -0.60
N LYS A 82 1.55 13.50 -1.88
CA LYS A 82 2.23 14.63 -2.49
C LYS A 82 1.35 15.28 -3.57
N GLY A 83 0.98 16.53 -3.35
CA GLY A 83 0.14 17.23 -4.31
C GLY A 83 0.69 18.60 -4.66
N LYS A 84 0.01 19.65 -4.22
CA LYS A 84 0.43 21.01 -4.49
C LYS A 84 1.87 21.24 -4.04
N ASN A 85 2.40 22.41 -4.34
CA ASN A 85 3.76 22.75 -3.97
C ASN A 85 3.99 22.56 -2.46
N VAL A 86 4.65 21.46 -2.11
CA VAL A 86 4.92 21.14 -0.71
C VAL A 86 5.92 20.01 -0.59
N ASP A 87 6.90 20.18 0.29
CA ASP A 87 7.93 19.17 0.50
C ASP A 87 7.30 17.83 0.91
N LEU A 88 6.40 17.89 1.88
CA LEU A 88 5.72 16.69 2.36
C LEU A 88 4.52 17.05 3.22
N ILE A 89 3.34 16.59 2.81
CA ILE A 89 2.12 16.86 3.55
C ILE A 89 1.95 15.90 4.72
N SER A 90 2.14 14.61 4.46
CA SER A 90 2.01 13.58 5.49
C SER A 90 2.64 12.27 5.03
N GLU A 91 2.82 11.35 5.98
CA GLU A 91 3.42 10.06 5.67
C GLU A 91 2.98 9.01 6.70
N THR A 92 3.10 7.75 6.32
CA THR A 92 2.72 6.65 7.20
C THR A 92 3.50 5.38 6.86
N THR A 93 3.62 4.49 7.84
CA THR A 93 4.34 3.23 7.66
C THR A 93 3.40 2.03 7.80
N VAL A 94 3.62 1.02 6.97
CA VAL A 94 2.81 -0.19 7.01
C VAL A 94 3.56 -1.38 6.45
N GLU A 95 3.40 -2.54 7.09
CA GLU A 95 4.06 -3.76 6.66
C GLU A 95 3.14 -4.59 5.77
N LEU A 96 3.61 -4.87 4.54
CA LEU A 96 2.82 -5.66 3.59
C LEU A 96 2.84 -7.13 3.98
N TYR A 97 3.95 -7.59 4.55
CA TYR A 97 4.09 -8.98 4.96
C TYR A 97 2.99 -9.37 5.94
N SER A 98 2.94 -8.66 7.07
CA SER A 98 1.95 -8.94 8.10
C SER A 98 0.55 -8.57 7.61
N LEU A 99 0.47 -7.57 6.74
CA LEU A 99 -0.81 -7.13 6.20
C LEU A 99 -1.59 -8.30 5.60
N ALA A 100 -0.87 -9.18 4.89
CA ALA A 100 -1.50 -10.34 4.28
C ALA A 100 -1.97 -11.33 5.33
N GLU A 101 -1.28 -11.35 6.48
CA GLU A 101 -1.62 -12.26 7.56
C GLU A 101 -2.80 -11.71 8.37
N ARG A 102 -2.91 -10.38 8.43
CA ARG A 102 -3.98 -9.73 9.17
C ARG A 102 -5.32 -9.95 8.48
N CYS A 103 -5.33 -9.86 7.15
CA CYS A 103 -6.54 -10.03 6.37
C CYS A 103 -7.18 -11.39 6.67
N ARG A 104 -6.34 -12.41 6.83
CA ARG A 104 -6.82 -13.75 7.12
C ARG A 104 -7.54 -13.81 8.46
N LYS A 105 -7.06 -13.01 9.41
CA LYS A 105 -7.65 -12.97 10.74
C LYS A 105 -9.11 -12.52 10.68
N ASN A 106 -9.45 -11.79 9.61
CA ASN A 106 -10.81 -11.30 9.42
C ASN A 106 -11.61 -12.25 8.53
N ASN A 107 -11.22 -13.52 8.52
CA ASN A 107 -11.89 -14.53 7.71
C ASN A 107 -11.90 -14.13 6.24
N GLY A 108 -10.88 -13.37 5.83
CA GLY A 108 -10.79 -12.94 4.45
C GLY A 108 -10.08 -11.60 4.31
N LYS A 109 -10.82 -10.52 4.52
CA LYS A 109 -10.26 -9.18 4.42
C LYS A 109 -10.43 -8.41 5.73
N THR A 110 -9.38 -7.70 6.13
CA THR A 110 -9.42 -6.92 7.36
C THR A 110 -9.44 -5.43 7.08
N GLU A 111 -9.88 -4.65 8.06
CA GLU A 111 -9.95 -3.19 7.90
C GLU A 111 -8.97 -2.50 8.86
N ILE A 112 -8.18 -1.58 8.32
CA ILE A 112 -7.21 -0.84 9.12
C ILE A 112 -7.29 0.66 8.83
N TRP A 113 -7.12 1.46 9.87
CA TRP A 113 -7.17 2.91 9.73
C TRP A 113 -5.77 3.51 9.80
N LEU A 114 -5.30 4.02 8.66
CA LEU A 114 -3.97 4.62 8.59
C LEU A 114 -3.95 5.97 9.29
N GLU A 115 -2.81 6.31 9.89
CA GLU A 115 -2.66 7.58 10.59
C GLU A 115 -1.48 8.38 10.03
N LEU A 116 -1.76 9.27 9.10
CA LEU A 116 -0.73 10.10 8.49
C LEU A 116 -0.36 11.27 9.39
N LYS A 117 0.93 11.47 9.59
CA LYS A 117 1.42 12.56 10.43
C LYS A 117 2.25 13.55 9.61
N PRO A 118 2.36 14.78 10.13
CA PRO A 118 1.79 15.30 11.37
C PRO A 118 0.28 15.44 11.30
N GLN A 119 -0.25 15.42 10.07
CA GLN A 119 -1.69 15.55 9.87
C GLN A 119 -2.15 14.69 8.71
N GLY A 120 -3.47 14.50 8.59
CA GLY A 120 -4.02 13.70 7.51
C GLY A 120 -4.29 12.27 7.95
N ARG A 121 -5.30 11.66 7.34
CA ARG A 121 -5.66 10.28 7.67
C ARG A 121 -6.51 9.68 6.56
N MET A 122 -6.36 8.37 6.36
CA MET A 122 -7.11 7.66 5.33
C MET A 122 -7.42 6.23 5.77
N LEU A 123 -8.36 5.59 5.07
CA LEU A 123 -8.74 4.22 5.39
C LEU A 123 -8.08 3.24 4.43
N MET A 124 -7.53 2.16 4.98
CA MET A 124 -6.87 1.14 4.17
C MET A 124 -7.59 -0.20 4.29
N ASN A 125 -8.19 -0.64 3.19
CA ASN A 125 -8.93 -1.90 3.17
C ASN A 125 -8.18 -2.94 2.33
N ALA A 126 -7.51 -3.87 3.01
CA ALA A 126 -6.76 -4.91 2.32
C ALA A 126 -7.58 -6.20 2.24
N ARG A 127 -7.60 -6.81 1.06
CA ARG A 127 -8.35 -8.04 0.85
C ARG A 127 -7.42 -9.17 0.39
N TYR A 128 -7.78 -10.40 0.72
CA TYR A 128 -6.99 -11.56 0.35
C TYR A 128 -7.49 -12.18 -0.96
N PHE A 129 -6.57 -12.45 -1.87
CA PHE A 129 -6.92 -13.04 -3.16
C PHE A 129 -5.86 -14.05 -3.60
N LEU A 130 -6.15 -14.76 -4.69
CA LEU A 130 -5.23 -15.76 -5.20
C LEU A 130 -4.96 -15.54 -6.69
N GLU A 131 -3.74 -15.84 -7.13
CA GLU A 131 -3.37 -15.66 -8.53
C GLU A 131 -2.59 -16.88 -9.03
N MET A 132 -2.73 -17.18 -10.32
CA MET A 132 -2.04 -18.31 -10.92
C MET A 132 -0.82 -17.83 -11.72
N SER A 133 0.13 -17.23 -11.02
CA SER A 133 1.34 -16.73 -11.65
C SER A 133 2.35 -16.26 -10.62
N GLY A 134 3.56 -16.80 -10.68
CA GLY A 134 4.60 -16.42 -9.74
C GLY A 134 5.26 -15.10 -10.10
N PRO A 135 5.84 -14.43 -9.09
CA PRO A 135 6.48 -13.15 -9.41
C PRO A 135 7.75 -13.32 -10.25
N SER A 136 8.60 -14.27 -9.83
CA SER A 136 9.85 -14.52 -10.54
C SER A 136 10.10 -16.03 -10.67
N SER A 137 11.23 -16.39 -11.26
CA SER A 137 11.58 -17.79 -11.45
C SER A 137 13.10 -17.96 -11.51
N GLY A 138 13.57 -19.09 -11.00
CA GLY A 138 15.00 -19.37 -11.01
C GLY A 138 15.31 -20.84 -11.24
N GLY A 1 -14.48 -33.93 -8.73
CA GLY A 1 -13.33 -33.23 -8.18
C GLY A 1 -13.38 -31.74 -8.44
N SER A 2 -12.24 -31.16 -8.80
CA SER A 2 -12.15 -29.73 -9.06
C SER A 2 -10.87 -29.40 -9.83
N SER A 3 -10.68 -28.11 -10.11
CA SER A 3 -9.50 -27.65 -10.83
C SER A 3 -8.55 -26.91 -9.91
N GLY A 4 -7.31 -27.37 -9.85
CA GLY A 4 -6.32 -26.72 -9.00
C GLY A 4 -4.91 -26.90 -9.52
N SER A 5 -4.04 -25.93 -9.22
CA SER A 5 -2.66 -25.99 -9.67
C SER A 5 -1.71 -26.02 -8.48
N SER A 6 -0.44 -26.34 -8.75
CA SER A 6 0.57 -26.43 -7.70
C SER A 6 1.56 -25.27 -7.81
N GLY A 7 1.49 -24.34 -6.86
CA GLY A 7 2.38 -23.20 -6.88
C GLY A 7 1.68 -21.91 -7.28
N MET A 8 0.88 -21.37 -6.37
CA MET A 8 0.16 -20.13 -6.64
C MET A 8 0.50 -19.06 -5.62
N SER A 9 1.06 -17.95 -6.08
CA SER A 9 1.44 -16.85 -5.21
C SER A 9 0.29 -15.87 -5.05
N PRO A 10 -0.32 -15.85 -3.85
CA PRO A 10 -1.42 -14.92 -3.65
C PRO A 10 -0.96 -13.46 -3.60
N PHE A 11 -1.90 -12.54 -3.78
CA PHE A 11 -1.59 -11.12 -3.75
C PHE A 11 -2.53 -10.37 -2.83
N LEU A 12 -2.18 -9.12 -2.51
CA LEU A 12 -2.99 -8.30 -1.63
C LEU A 12 -3.63 -7.15 -2.39
N ARG A 13 -4.94 -6.97 -2.21
CA ARG A 13 -5.67 -5.90 -2.88
C ARG A 13 -6.07 -4.81 -1.90
N ILE A 14 -5.21 -3.80 -1.78
CA ILE A 14 -5.48 -2.69 -0.87
C ILE A 14 -6.25 -1.57 -1.57
N GLY A 15 -7.20 -0.97 -0.86
CA GLY A 15 -7.99 0.11 -1.43
C GLY A 15 -8.10 1.31 -0.51
N LEU A 16 -7.77 2.48 -1.03
CA LEU A 16 -7.82 3.71 -0.23
C LEU A 16 -9.04 4.55 -0.63
N SER A 17 -9.75 5.05 0.37
CA SER A 17 -10.94 5.86 0.13
C SER A 17 -11.22 6.78 1.32
N ASN A 18 -12.03 7.80 1.10
CA ASN A 18 -12.39 8.74 2.16
C ASN A 18 -11.14 9.41 2.74
N PHE A 19 -10.32 9.98 1.86
CA PHE A 19 -9.09 10.64 2.27
C PHE A 19 -9.40 12.01 2.88
N ASP A 20 -9.08 12.17 4.16
CA ASP A 20 -9.32 13.43 4.85
C ASP A 20 -8.01 14.18 5.08
N CYS A 21 -8.09 15.51 5.11
CA CYS A 21 -6.93 16.35 5.31
C CYS A 21 -7.10 17.26 6.53
N GLY A 22 -8.33 17.75 6.71
CA GLY A 22 -8.61 18.63 7.83
C GLY A 22 -8.46 17.94 9.16
N SER A 23 -7.32 18.13 9.81
CA SER A 23 -7.05 17.50 11.09
C SER A 23 -8.02 18.02 12.16
N CYS A 24 -7.85 19.29 12.54
CA CYS A 24 -8.70 19.89 13.55
C CYS A 24 -9.83 20.70 12.89
N GLN A 25 -9.47 21.83 12.32
CA GLN A 25 -10.45 22.69 11.66
C GLN A 25 -10.29 22.64 10.14
N SER A 26 -9.17 23.16 9.64
CA SER A 26 -8.90 23.17 8.21
C SER A 26 -7.43 23.44 7.93
N CYS A 27 -6.87 22.73 6.97
CA CYS A 27 -5.47 22.90 6.61
C CYS A 27 -5.11 22.05 5.39
N GLN A 28 -4.55 22.71 4.38
CA GLN A 28 -4.17 22.02 3.14
C GLN A 28 -5.39 21.43 2.46
N GLY A 29 -6.50 22.15 2.51
CA GLY A 29 -7.73 21.67 1.88
C GLY A 29 -8.03 22.38 0.59
N GLU A 30 -7.21 22.11 -0.44
CA GLU A 30 -7.40 22.73 -1.74
C GLU A 30 -7.59 21.68 -2.83
N ALA A 31 -8.07 22.11 -3.99
CA ALA A 31 -8.30 21.20 -5.11
C ALA A 31 -7.27 21.41 -6.21
N VAL A 32 -6.23 20.57 -6.21
CA VAL A 32 -5.17 20.67 -7.20
C VAL A 32 -4.87 19.31 -7.82
N ASN A 33 -5.85 18.41 -7.76
CA ASN A 33 -5.70 17.06 -8.31
C ASN A 33 -4.47 16.39 -7.72
N PRO A 34 -4.40 16.32 -6.39
CA PRO A 34 -3.23 15.67 -5.79
C PRO A 34 -3.23 14.16 -6.01
N TYR A 35 -2.10 13.53 -5.70
CA TYR A 35 -1.97 12.09 -5.88
C TYR A 35 -1.26 11.45 -4.69
N CYS A 36 -1.16 10.13 -4.70
CA CYS A 36 -0.50 9.41 -3.61
C CYS A 36 0.59 8.49 -4.16
N ALA A 37 1.77 8.55 -3.55
CA ALA A 37 2.89 7.72 -3.98
C ALA A 37 3.03 6.49 -3.10
N VAL A 38 3.00 5.32 -3.72
CA VAL A 38 3.11 4.06 -2.99
C VAL A 38 4.45 3.38 -3.28
N LEU A 39 5.38 3.51 -2.33
CA LEU A 39 6.70 2.91 -2.47
C LEU A 39 6.74 1.51 -1.88
N VAL A 40 7.13 0.54 -2.68
CA VAL A 40 7.21 -0.85 -2.22
C VAL A 40 8.65 -1.34 -2.21
N LYS A 41 9.11 -1.82 -1.05
CA LYS A 41 10.46 -2.32 -0.91
C LYS A 41 10.46 -3.79 -0.51
N GLU A 42 11.65 -4.37 -0.40
CA GLU A 42 11.77 -5.78 -0.03
C GLU A 42 12.86 -5.96 1.04
N TYR A 43 12.77 -7.05 1.79
CA TYR A 43 13.73 -7.34 2.84
C TYR A 43 14.89 -8.17 2.30
N VAL A 44 16.11 -7.68 2.47
CA VAL A 44 17.29 -8.37 2.00
C VAL A 44 18.23 -8.70 3.17
N GLU A 45 18.53 -9.99 3.33
CA GLU A 45 19.41 -10.43 4.40
C GLU A 45 20.85 -10.54 3.91
N SER A 46 21.76 -9.84 4.59
CA SER A 46 23.16 -9.86 4.21
C SER A 46 23.99 -10.65 5.23
N GLU A 47 25.28 -10.82 4.95
CA GLU A 47 26.16 -11.55 5.84
C GLU A 47 26.44 -10.75 7.11
N ASN A 48 26.51 -9.43 6.97
CA ASN A 48 26.77 -8.56 8.11
C ASN A 48 25.55 -7.72 8.44
N GLY A 49 24.42 -8.40 8.69
CA GLY A 49 23.19 -7.70 9.03
C GLY A 49 22.14 -7.83 7.94
N GLN A 50 21.57 -6.70 7.54
CA GLN A 50 20.55 -6.70 6.50
C GLN A 50 20.22 -5.28 6.07
N MET A 51 19.53 -5.15 4.94
CA MET A 51 19.14 -3.84 4.43
C MET A 51 17.86 -3.93 3.61
N TYR A 52 17.36 -2.78 3.17
CA TYR A 52 16.13 -2.74 2.37
C TYR A 52 16.43 -2.28 0.95
N ILE A 53 15.95 -3.05 -0.02
CA ILE A 53 16.15 -2.73 -1.43
C ILE A 53 14.83 -2.50 -2.14
N GLN A 54 14.73 -1.38 -2.85
CA GLN A 54 13.51 -1.05 -3.59
C GLN A 54 13.62 -1.48 -5.05
N LYS A 55 13.14 -2.68 -5.35
CA LYS A 55 13.18 -3.20 -6.71
C LYS A 55 12.06 -2.61 -7.55
N LYS A 56 10.95 -2.28 -6.90
CA LYS A 56 9.80 -1.71 -7.59
C LYS A 56 9.74 -0.20 -7.39
N PRO A 57 9.66 0.55 -8.50
CA PRO A 57 9.60 2.00 -8.34
C PRO A 57 8.28 2.47 -7.74
N THR A 58 8.17 3.78 -7.51
CA THR A 58 6.96 4.35 -6.94
C THR A 58 5.72 3.93 -7.73
N MET A 59 4.57 3.89 -7.05
CA MET A 59 3.33 3.50 -7.70
C MET A 59 2.27 4.59 -7.51
N TYR A 60 1.27 4.59 -8.40
CA TYR A 60 0.20 5.57 -8.34
C TYR A 60 -1.17 4.90 -8.40
N PRO A 61 -1.67 4.48 -7.24
CA PRO A 61 -2.98 3.83 -7.26
C PRO A 61 -4.12 4.80 -7.57
N PRO A 62 -5.26 4.25 -8.00
CA PRO A 62 -6.37 5.16 -8.32
C PRO A 62 -6.95 5.82 -7.07
N TRP A 63 -8.04 6.57 -7.26
CA TRP A 63 -8.69 7.26 -6.15
C TRP A 63 -9.98 6.56 -5.77
N ASP A 64 -10.16 6.30 -4.47
CA ASP A 64 -11.35 5.64 -3.98
C ASP A 64 -11.55 4.28 -4.67
N SER A 65 -10.45 3.69 -5.11
CA SER A 65 -10.51 2.40 -5.79
C SER A 65 -9.50 1.43 -5.18
N THR A 66 -9.49 0.20 -5.68
CA THR A 66 -8.59 -0.83 -5.19
C THR A 66 -7.51 -1.16 -6.21
N PHE A 67 -6.31 -1.46 -5.73
CA PHE A 67 -5.20 -1.81 -6.62
C PHE A 67 -4.56 -3.13 -6.21
N ASP A 68 -3.67 -3.63 -7.05
CA ASP A 68 -2.99 -4.89 -6.77
C ASP A 68 -1.61 -4.64 -6.14
N ALA A 69 -1.27 -5.45 -5.15
CA ALA A 69 0.02 -5.32 -4.46
C ALA A 69 0.65 -6.68 -4.22
N HIS A 70 1.84 -6.89 -4.78
CA HIS A 70 2.54 -8.14 -4.62
C HIS A 70 2.89 -8.40 -3.15
N ILE A 71 3.01 -9.67 -2.79
CA ILE A 71 3.33 -10.04 -1.42
C ILE A 71 4.72 -10.68 -1.34
N ASN A 72 5.40 -10.47 -0.22
CA ASN A 72 6.73 -11.03 -0.01
C ASN A 72 7.11 -11.00 1.46
N LYS A 73 7.86 -12.01 1.90
CA LYS A 73 8.30 -12.10 3.29
C LYS A 73 9.22 -10.94 3.64
N GLY A 74 8.67 -9.91 4.27
CA GLY A 74 9.46 -8.75 4.65
C GLY A 74 9.21 -7.56 3.76
N ARG A 75 8.08 -7.57 3.06
CA ARG A 75 7.72 -6.47 2.15
C ARG A 75 7.07 -5.33 2.92
N VAL A 76 7.57 -4.11 2.70
CA VAL A 76 7.03 -2.94 3.36
C VAL A 76 6.45 -1.95 2.35
N MET A 77 5.53 -1.11 2.82
CA MET A 77 4.89 -0.13 1.95
C MET A 77 4.96 1.27 2.59
N GLN A 78 5.08 2.28 1.75
CA GLN A 78 5.16 3.66 2.22
C GLN A 78 4.22 4.56 1.43
N ILE A 79 3.22 5.12 2.11
CA ILE A 79 2.26 6.00 1.47
C ILE A 79 2.58 7.47 1.74
N ILE A 80 2.98 8.17 0.68
CA ILE A 80 3.32 9.59 0.80
C ILE A 80 2.41 10.45 -0.06
N VAL A 81 1.64 11.31 0.59
CA VAL A 81 0.73 12.20 -0.12
C VAL A 81 1.37 13.55 -0.39
N LYS A 82 1.92 13.71 -1.60
CA LYS A 82 2.56 14.95 -1.99
C LYS A 82 1.87 15.58 -3.18
N GLY A 83 1.95 16.91 -3.30
CA GLY A 83 1.32 17.60 -4.40
C GLY A 83 2.22 18.67 -4.99
N LYS A 84 1.61 19.80 -5.36
CA LYS A 84 2.36 20.91 -5.95
C LYS A 84 2.56 22.03 -4.93
N ASN A 85 1.46 22.63 -4.50
CA ASN A 85 1.51 23.71 -3.52
C ASN A 85 2.28 23.29 -2.27
N VAL A 86 2.25 21.99 -1.98
CA VAL A 86 2.95 21.45 -0.83
C VAL A 86 3.97 20.41 -1.23
N ASP A 87 5.11 20.40 -0.54
CA ASP A 87 6.18 19.45 -0.84
C ASP A 87 5.94 18.12 -0.11
N LEU A 88 5.30 18.20 1.05
CA LEU A 88 5.01 17.00 1.84
C LEU A 88 3.88 17.28 2.84
N ILE A 89 2.74 16.64 2.61
CA ILE A 89 1.58 16.81 3.49
C ILE A 89 1.70 15.90 4.72
N SER A 90 1.99 14.62 4.48
CA SER A 90 2.12 13.66 5.56
C SER A 90 2.65 12.33 5.04
N GLU A 91 2.83 11.38 5.95
CA GLU A 91 3.33 10.06 5.58
C GLU A 91 2.91 9.00 6.61
N THR A 92 3.09 7.73 6.25
CA THR A 92 2.72 6.64 7.14
C THR A 92 3.52 5.38 6.81
N THR A 93 3.67 4.50 7.81
CA THR A 93 4.42 3.26 7.62
C THR A 93 3.50 2.05 7.77
N VAL A 94 3.71 1.06 6.90
CA VAL A 94 2.90 -0.15 6.94
C VAL A 94 3.66 -1.33 6.34
N GLU A 95 3.56 -2.48 7.00
CA GLU A 95 4.24 -3.69 6.54
C GLU A 95 3.31 -4.55 5.68
N LEU A 96 3.62 -4.65 4.40
CA LEU A 96 2.81 -5.44 3.47
C LEU A 96 2.77 -6.90 3.91
N TYR A 97 3.86 -7.37 4.49
CA TYR A 97 3.95 -8.75 4.95
C TYR A 97 2.90 -9.04 6.03
N SER A 98 3.07 -8.42 7.20
CA SER A 98 2.14 -8.60 8.30
C SER A 98 0.71 -8.29 7.87
N LEU A 99 0.59 -7.37 6.92
CA LEU A 99 -0.73 -6.98 6.41
C LEU A 99 -1.47 -8.17 5.82
N ALA A 100 -0.78 -8.92 4.95
CA ALA A 100 -1.37 -10.08 4.32
C ALA A 100 -1.92 -11.06 5.36
N GLU A 101 -1.30 -11.08 6.53
CA GLU A 101 -1.72 -11.96 7.61
C GLU A 101 -2.93 -11.39 8.35
N ARG A 102 -2.88 -10.09 8.62
CA ARG A 102 -3.97 -9.42 9.33
C ARG A 102 -5.31 -9.68 8.63
N CYS A 103 -5.28 -9.68 7.30
CA CYS A 103 -6.49 -9.91 6.52
C CYS A 103 -7.11 -11.26 6.86
N ARG A 104 -6.29 -12.31 6.86
CA ARG A 104 -6.76 -13.65 7.17
C ARG A 104 -7.49 -13.67 8.50
N LYS A 105 -6.96 -12.92 9.47
CA LYS A 105 -7.56 -12.86 10.80
C LYS A 105 -9.02 -12.44 10.73
N ASN A 106 -9.37 -11.71 9.66
CA ASN A 106 -10.74 -11.25 9.47
C ASN A 106 -11.51 -12.21 8.57
N ASN A 107 -11.10 -13.47 8.56
CA ASN A 107 -11.76 -14.48 7.74
C ASN A 107 -11.76 -14.08 6.27
N GLY A 108 -10.79 -13.26 5.89
CA GLY A 108 -10.70 -12.81 4.51
C GLY A 108 -10.00 -11.48 4.38
N LYS A 109 -10.75 -10.40 4.55
CA LYS A 109 -10.20 -9.05 4.46
C LYS A 109 -10.38 -8.30 5.77
N THR A 110 -9.32 -7.63 6.20
CA THR A 110 -9.36 -6.86 7.44
C THR A 110 -9.37 -5.36 7.16
N GLU A 111 -10.05 -4.61 8.02
CA GLU A 111 -10.13 -3.16 7.86
C GLU A 111 -9.17 -2.45 8.80
N ILE A 112 -8.31 -1.60 8.23
CA ILE A 112 -7.33 -0.86 9.02
C ILE A 112 -7.38 0.62 8.70
N TRP A 113 -7.31 1.45 9.74
CA TRP A 113 -7.35 2.90 9.57
C TRP A 113 -5.94 3.50 9.67
N LEU A 114 -5.37 3.87 8.53
CA LEU A 114 -4.04 4.45 8.50
C LEU A 114 -4.01 5.78 9.23
N GLU A 115 -2.85 6.11 9.81
CA GLU A 115 -2.70 7.37 10.53
C GLU A 115 -1.53 8.18 9.99
N LEU A 116 -1.82 9.07 9.05
CA LEU A 116 -0.79 9.90 8.44
C LEU A 116 -0.40 11.04 9.37
N LYS A 117 0.91 11.24 9.55
CA LYS A 117 1.41 12.30 10.41
C LYS A 117 2.20 13.32 9.61
N PRO A 118 2.33 14.53 10.15
CA PRO A 118 1.81 15.00 11.43
C PRO A 118 0.29 15.14 11.42
N GLN A 119 -0.29 15.18 10.22
CA GLN A 119 -1.73 15.31 10.07
C GLN A 119 -2.22 14.49 8.87
N GLY A 120 -3.54 14.29 8.81
CA GLY A 120 -4.11 13.53 7.72
C GLY A 120 -4.40 12.09 8.10
N ARG A 121 -5.42 11.50 7.48
CA ARG A 121 -5.80 10.12 7.77
C ARG A 121 -6.65 9.55 6.64
N MET A 122 -6.60 8.22 6.48
CA MET A 122 -7.36 7.55 5.44
C MET A 122 -7.63 6.10 5.82
N LEU A 123 -8.61 5.49 5.14
CA LEU A 123 -8.96 4.11 5.41
C LEU A 123 -8.25 3.16 4.45
N MET A 124 -7.70 2.08 4.99
CA MET A 124 -6.99 1.10 4.17
C MET A 124 -7.63 -0.28 4.31
N ASN A 125 -8.26 -0.74 3.23
CA ASN A 125 -8.92 -2.04 3.22
C ASN A 125 -8.14 -3.04 2.37
N ALA A 126 -7.49 -3.99 3.03
CA ALA A 126 -6.71 -5.00 2.32
C ALA A 126 -7.50 -6.29 2.17
N ARG A 127 -7.60 -6.78 0.93
CA ARG A 127 -8.33 -8.00 0.64
C ARG A 127 -7.38 -9.15 0.32
N TYR A 128 -7.84 -10.38 0.53
CA TYR A 128 -7.02 -11.56 0.27
C TYR A 128 -7.50 -12.26 -1.00
N PHE A 129 -6.55 -12.60 -1.87
CA PHE A 129 -6.87 -13.29 -3.11
C PHE A 129 -5.76 -14.25 -3.51
N LEU A 130 -6.02 -15.08 -4.50
CA LEU A 130 -5.04 -16.06 -4.97
C LEU A 130 -4.74 -15.86 -6.45
N GLU A 131 -3.46 -15.94 -6.81
CA GLU A 131 -3.03 -15.76 -8.19
C GLU A 131 -1.73 -16.51 -8.47
N MET A 132 -1.27 -16.44 -9.70
CA MET A 132 -0.03 -17.11 -10.09
C MET A 132 0.98 -16.12 -10.65
N SER A 133 1.17 -15.01 -9.93
CA SER A 133 2.11 -13.97 -10.35
C SER A 133 3.52 -14.30 -9.90
N GLY A 134 4.47 -13.48 -10.31
CA GLY A 134 5.86 -13.69 -9.93
C GLY A 134 6.53 -12.42 -9.43
N PRO A 135 7.72 -12.58 -8.83
CA PRO A 135 8.39 -11.36 -8.34
C PRO A 135 8.89 -10.48 -9.48
N SER A 136 8.86 -9.17 -9.25
CA SER A 136 9.30 -8.22 -10.26
C SER A 136 10.68 -7.65 -9.91
N SER A 137 11.72 -8.23 -10.50
CA SER A 137 13.09 -7.80 -10.24
C SER A 137 13.35 -6.43 -10.87
N GLY A 138 14.44 -5.79 -10.46
CA GLY A 138 14.78 -4.48 -10.99
C GLY A 138 16.18 -4.05 -10.60
N GLY A 1 -14.52 -31.64 -11.64
CA GLY A 1 -13.87 -30.83 -10.62
C GLY A 1 -12.53 -31.40 -10.22
N SER A 2 -11.45 -30.89 -10.83
CA SER A 2 -10.11 -31.35 -10.54
C SER A 2 -9.22 -30.19 -10.09
N SER A 3 -8.33 -30.47 -9.15
CA SER A 3 -7.42 -29.45 -8.63
C SER A 3 -6.05 -29.54 -9.31
N GLY A 4 -5.29 -28.45 -9.26
CA GLY A 4 -3.98 -28.43 -9.87
C GLY A 4 -3.18 -27.20 -9.47
N SER A 5 -2.24 -27.39 -8.56
CA SER A 5 -1.39 -26.30 -8.08
C SER A 5 -0.09 -26.24 -8.86
N SER A 6 -0.10 -25.49 -9.96
CA SER A 6 1.10 -25.36 -10.80
C SER A 6 2.03 -24.29 -10.26
N GLY A 7 1.52 -23.06 -10.17
CA GLY A 7 2.32 -21.95 -9.67
C GLY A 7 1.51 -20.68 -9.50
N MET A 8 0.83 -20.56 -8.37
CA MET A 8 0.02 -19.38 -8.08
C MET A 8 0.42 -18.75 -6.76
N SER A 9 0.89 -17.50 -6.82
CA SER A 9 1.30 -16.78 -5.63
C SER A 9 0.22 -15.82 -5.16
N PRO A 10 -0.15 -15.92 -3.88
CA PRO A 10 -1.19 -15.01 -3.39
C PRO A 10 -0.71 -13.57 -3.30
N PHE A 11 -1.62 -12.62 -3.51
CA PHE A 11 -1.30 -11.21 -3.46
C PHE A 11 -2.21 -10.47 -2.49
N LEU A 12 -2.07 -9.16 -2.44
CA LEU A 12 -2.88 -8.33 -1.55
C LEU A 12 -3.50 -7.17 -2.31
N ARG A 13 -4.82 -7.02 -2.20
CA ARG A 13 -5.54 -5.95 -2.88
C ARG A 13 -5.89 -4.83 -1.90
N ILE A 14 -5.01 -3.83 -1.81
CA ILE A 14 -5.22 -2.70 -0.92
C ILE A 14 -6.00 -1.59 -1.62
N GLY A 15 -7.02 -1.07 -0.96
CA GLY A 15 -7.82 0.00 -1.52
C GLY A 15 -7.95 1.19 -0.59
N LEU A 16 -8.00 2.38 -1.17
CA LEU A 16 -8.13 3.60 -0.38
C LEU A 16 -9.50 4.23 -0.57
N SER A 17 -10.13 4.60 0.53
CA SER A 17 -11.45 5.22 0.50
C SER A 17 -11.63 6.21 1.65
N ASN A 18 -12.52 7.17 1.46
CA ASN A 18 -12.79 8.18 2.48
C ASN A 18 -11.50 8.85 2.93
N PHE A 19 -10.69 9.28 1.96
CA PHE A 19 -9.42 9.93 2.26
C PHE A 19 -9.65 11.25 2.99
N ASP A 20 -8.81 11.53 3.98
CA ASP A 20 -8.91 12.76 4.76
C ASP A 20 -7.57 13.47 4.85
N CYS A 21 -7.55 14.75 4.52
CA CYS A 21 -6.32 15.53 4.58
C CYS A 21 -6.38 16.57 5.69
N GLY A 22 -7.59 17.03 5.99
CA GLY A 22 -7.77 18.02 7.04
C GLY A 22 -9.16 18.62 7.05
N SER A 23 -9.25 19.92 7.20
CA SER A 23 -10.53 20.62 7.23
C SER A 23 -11.09 20.80 5.82
N CYS A 24 -10.48 21.74 5.09
CA CYS A 24 -10.91 22.02 3.72
C CYS A 24 -10.94 20.74 2.88
N GLN A 25 -11.65 20.80 1.77
CA GLN A 25 -11.76 19.64 0.88
C GLN A 25 -11.46 20.03 -0.57
N SER A 26 -12.01 21.16 -1.00
CA SER A 26 -11.81 21.65 -2.36
C SER A 26 -12.38 23.05 -2.53
N CYS A 27 -11.54 23.97 -3.01
CA CYS A 27 -11.97 25.34 -3.22
C CYS A 27 -12.51 25.54 -4.63
N GLN A 28 -13.21 26.65 -4.84
CA GLN A 28 -13.79 26.95 -6.14
C GLN A 28 -12.71 27.38 -7.14
N GLY A 29 -13.08 27.50 -8.40
CA GLY A 29 -12.13 27.90 -9.42
C GLY A 29 -11.30 26.74 -9.93
N GLU A 30 -9.98 26.91 -9.91
CA GLU A 30 -9.07 25.86 -10.36
C GLU A 30 -9.32 24.55 -9.62
N ALA A 31 -8.61 23.50 -10.01
CA ALA A 31 -8.75 22.20 -9.39
C ALA A 31 -7.40 21.52 -9.21
N VAL A 32 -6.99 21.35 -7.96
CA VAL A 32 -5.71 20.71 -7.66
C VAL A 32 -5.74 19.22 -7.99
N ASN A 33 -4.59 18.68 -8.39
CA ASN A 33 -4.49 17.28 -8.75
C ASN A 33 -3.68 16.51 -7.71
N PRO A 34 -4.23 16.41 -6.49
CA PRO A 34 -3.48 15.69 -5.46
C PRO A 34 -3.43 14.19 -5.74
N TYR A 35 -2.23 13.61 -5.65
CA TYR A 35 -2.05 12.19 -5.88
C TYR A 35 -1.34 11.52 -4.71
N CYS A 36 -1.45 10.20 -4.63
CA CYS A 36 -0.83 9.44 -3.55
C CYS A 36 0.35 8.62 -4.08
N ALA A 37 1.49 8.74 -3.39
CA ALA A 37 2.69 8.01 -3.78
C ALA A 37 2.87 6.76 -2.93
N VAL A 38 2.84 5.60 -3.57
CA VAL A 38 3.01 4.32 -2.87
C VAL A 38 4.38 3.73 -3.15
N LEU A 39 5.33 3.98 -2.24
CA LEU A 39 6.68 3.46 -2.39
C LEU A 39 6.79 2.06 -1.81
N VAL A 40 7.30 1.12 -2.61
CA VAL A 40 7.47 -0.25 -2.17
C VAL A 40 8.93 -0.66 -2.18
N LYS A 41 9.35 -1.33 -1.12
CA LYS A 41 10.75 -1.79 -1.00
C LYS A 41 10.81 -3.28 -0.71
N GLU A 42 11.89 -3.92 -1.14
CA GLU A 42 12.07 -5.35 -0.92
C GLU A 42 13.04 -5.61 0.22
N TYR A 43 12.85 -6.74 0.91
CA TYR A 43 13.71 -7.10 2.03
C TYR A 43 14.88 -7.96 1.55
N VAL A 44 16.05 -7.35 1.45
CA VAL A 44 17.25 -8.06 1.01
C VAL A 44 18.05 -8.55 2.20
N GLU A 45 18.42 -9.83 2.17
CA GLU A 45 19.20 -10.44 3.25
C GLU A 45 20.63 -10.68 2.81
N SER A 46 21.58 -10.04 3.50
CA SER A 46 22.99 -10.19 3.17
C SER A 46 23.78 -10.64 4.40
N GLU A 47 24.82 -11.44 4.17
CA GLU A 47 25.66 -11.93 5.26
C GLU A 47 26.18 -10.78 6.10
N ASN A 48 26.48 -9.66 5.45
CA ASN A 48 27.00 -8.48 6.13
C ASN A 48 25.90 -7.80 6.95
N GLY A 49 24.69 -7.83 6.42
CA GLY A 49 23.57 -7.21 7.11
C GLY A 49 22.41 -6.92 6.18
N GLN A 50 21.26 -7.55 6.45
CA GLN A 50 20.08 -7.35 5.63
C GLN A 50 19.69 -5.87 5.57
N MET A 51 19.33 -5.41 4.38
CA MET A 51 18.95 -4.02 4.19
C MET A 51 17.67 -3.92 3.34
N TYR A 52 17.19 -2.69 3.16
CA TYR A 52 15.98 -2.47 2.37
C TYR A 52 16.31 -1.79 1.05
N ILE A 53 16.08 -2.51 -0.05
CA ILE A 53 16.35 -1.98 -1.39
C ILE A 53 15.06 -1.64 -2.12
N GLN A 54 14.89 -0.37 -2.47
CA GLN A 54 13.70 0.08 -3.17
C GLN A 54 13.73 -0.37 -4.63
N LYS A 55 13.31 -1.60 -4.89
CA LYS A 55 13.28 -2.15 -6.24
C LYS A 55 12.16 -1.53 -7.06
N LYS A 56 10.99 -1.38 -6.43
CA LYS A 56 9.83 -0.80 -7.10
C LYS A 56 9.75 0.70 -6.85
N PRO A 57 9.75 1.48 -7.93
CA PRO A 57 9.68 2.93 -7.75
C PRO A 57 8.31 3.37 -7.23
N THR A 58 8.14 4.69 -7.05
CA THR A 58 6.88 5.23 -6.56
C THR A 58 5.72 4.78 -7.42
N MET A 59 4.55 4.64 -6.79
CA MET A 59 3.34 4.21 -7.50
C MET A 59 2.22 5.22 -7.33
N TYR A 60 1.22 5.14 -8.19
CA TYR A 60 0.08 6.04 -8.14
C TYR A 60 -1.24 5.28 -8.23
N PRO A 61 -1.71 4.79 -7.07
CA PRO A 61 -2.97 4.05 -7.10
C PRO A 61 -4.16 4.96 -7.39
N PRO A 62 -5.24 4.36 -7.92
CA PRO A 62 -6.41 5.20 -8.22
C PRO A 62 -7.10 5.69 -6.95
N TRP A 63 -8.15 6.49 -7.12
CA TRP A 63 -8.90 7.02 -5.99
C TRP A 63 -10.20 6.27 -5.79
N ASP A 64 -10.52 5.95 -4.54
CA ASP A 64 -11.75 5.22 -4.22
C ASP A 64 -11.80 3.90 -4.97
N SER A 65 -10.63 3.37 -5.32
CA SER A 65 -10.55 2.10 -6.05
C SER A 65 -9.60 1.14 -5.35
N THR A 66 -9.45 -0.05 -5.94
CA THR A 66 -8.57 -1.06 -5.37
C THR A 66 -7.47 -1.45 -6.35
N PHE A 67 -6.26 -1.63 -5.83
CA PHE A 67 -5.12 -2.00 -6.65
C PHE A 67 -4.47 -3.28 -6.15
N ASP A 68 -3.74 -3.96 -7.03
CA ASP A 68 -3.07 -5.20 -6.68
C ASP A 68 -1.70 -4.92 -6.07
N ALA A 69 -1.25 -5.82 -5.19
CA ALA A 69 0.05 -5.67 -4.54
C ALA A 69 0.63 -7.01 -4.14
N HIS A 70 1.66 -7.45 -4.86
CA HIS A 70 2.30 -8.73 -4.59
C HIS A 70 2.76 -8.81 -3.13
N ILE A 71 2.78 -10.01 -2.59
CA ILE A 71 3.19 -10.22 -1.20
C ILE A 71 4.62 -10.75 -1.13
N ASN A 72 5.37 -10.31 -0.13
CA ASN A 72 6.74 -10.75 0.05
C ASN A 72 7.17 -10.62 1.51
N LYS A 73 8.01 -11.55 1.97
CA LYS A 73 8.48 -11.54 3.34
C LYS A 73 9.28 -10.26 3.63
N GLY A 74 8.92 -9.58 4.71
CA GLY A 74 9.60 -8.36 5.08
C GLY A 74 9.27 -7.20 4.14
N ARG A 75 8.16 -7.32 3.43
CA ARG A 75 7.72 -6.28 2.50
C ARG A 75 7.08 -5.12 3.25
N VAL A 76 7.58 -3.91 2.99
CA VAL A 76 7.05 -2.72 3.64
C VAL A 76 6.54 -1.72 2.61
N MET A 77 5.39 -1.11 2.90
CA MET A 77 4.80 -0.13 1.99
C MET A 77 4.79 1.26 2.63
N GLN A 78 5.07 2.28 1.82
CA GLN A 78 5.10 3.65 2.31
C GLN A 78 4.19 4.54 1.46
N ILE A 79 3.09 4.98 2.05
CA ILE A 79 2.14 5.84 1.35
C ILE A 79 2.35 7.30 1.72
N ILE A 80 2.80 8.09 0.75
CA ILE A 80 3.04 9.51 0.97
C ILE A 80 2.13 10.37 0.11
N VAL A 81 1.29 11.17 0.76
CA VAL A 81 0.36 12.05 0.05
C VAL A 81 1.06 13.30 -0.46
N LYS A 82 1.26 13.36 -1.77
CA LYS A 82 1.92 14.51 -2.38
C LYS A 82 0.91 15.37 -3.15
N GLY A 83 1.39 16.50 -3.67
CA GLY A 83 0.52 17.38 -4.42
C GLY A 83 1.25 18.14 -5.50
N LYS A 84 0.73 19.30 -5.88
CA LYS A 84 1.34 20.12 -6.91
C LYS A 84 1.90 21.41 -6.32
N ASN A 85 1.24 21.92 -5.29
CA ASN A 85 1.67 23.15 -4.63
C ASN A 85 2.16 22.86 -3.22
N VAL A 86 2.69 21.65 -3.00
CA VAL A 86 3.20 21.26 -1.69
C VAL A 86 4.36 20.29 -1.83
N ASP A 87 5.32 20.40 -0.92
CA ASP A 87 6.50 19.53 -0.93
C ASP A 87 6.19 18.20 -0.26
N LEU A 88 5.40 18.25 0.81
CA LEU A 88 5.03 17.05 1.55
C LEU A 88 3.86 17.33 2.50
N ILE A 89 2.78 16.59 2.33
CA ILE A 89 1.60 16.75 3.17
C ILE A 89 1.68 15.86 4.41
N SER A 90 2.01 14.60 4.19
CA SER A 90 2.12 13.64 5.29
C SER A 90 2.77 12.34 4.83
N GLU A 91 2.95 11.41 5.75
CA GLU A 91 3.56 10.13 5.44
C GLU A 91 3.18 9.07 6.47
N THR A 92 3.28 7.80 6.08
CA THR A 92 2.95 6.70 6.97
C THR A 92 3.68 5.42 6.55
N THR A 93 3.71 4.44 7.46
CA THR A 93 4.36 3.17 7.20
C THR A 93 3.44 2.00 7.50
N VAL A 94 3.40 1.03 6.58
CA VAL A 94 2.55 -0.15 6.75
C VAL A 94 3.26 -1.39 6.25
N GLU A 95 3.21 -2.46 7.05
CA GLU A 95 3.84 -3.73 6.69
C GLU A 95 2.92 -4.56 5.80
N LEU A 96 3.38 -4.84 4.59
CA LEU A 96 2.61 -5.63 3.64
C LEU A 96 2.56 -7.09 4.06
N TYR A 97 3.57 -7.52 4.80
CA TYR A 97 3.64 -8.90 5.28
C TYR A 97 2.54 -9.19 6.29
N SER A 98 2.65 -8.56 7.46
CA SER A 98 1.67 -8.75 8.52
C SER A 98 0.25 -8.48 8.01
N LEU A 99 0.11 -7.46 7.18
CA LEU A 99 -1.19 -7.11 6.61
C LEU A 99 -1.84 -8.32 5.94
N ALA A 100 -1.05 -9.02 5.12
CA ALA A 100 -1.55 -10.20 4.42
C ALA A 100 -2.12 -11.22 5.40
N GLU A 101 -1.64 -11.17 6.64
CA GLU A 101 -2.09 -12.11 7.66
C GLU A 101 -3.32 -11.55 8.38
N ARG A 102 -3.29 -10.27 8.71
CA ARG A 102 -4.39 -9.63 9.41
C ARG A 102 -5.71 -9.88 8.67
N CYS A 103 -5.67 -9.79 7.35
CA CYS A 103 -6.86 -10.01 6.53
C CYS A 103 -7.46 -11.39 6.81
N ARG A 104 -6.60 -12.40 6.87
CA ARG A 104 -7.05 -13.76 7.11
C ARG A 104 -7.77 -13.86 8.46
N LYS A 105 -7.35 -13.04 9.41
CA LYS A 105 -7.96 -13.03 10.73
C LYS A 105 -9.44 -12.68 10.65
N ASN A 106 -9.81 -11.92 9.63
CA ASN A 106 -11.19 -11.51 9.43
C ASN A 106 -11.93 -12.49 8.51
N ASN A 107 -11.40 -13.71 8.42
CA ASN A 107 -12.01 -14.73 7.57
C ASN A 107 -11.99 -14.30 6.10
N GLY A 108 -11.09 -13.38 5.78
CA GLY A 108 -10.98 -12.91 4.41
C GLY A 108 -10.26 -11.57 4.31
N LYS A 109 -11.00 -10.49 4.42
CA LYS A 109 -10.42 -9.15 4.35
C LYS A 109 -10.70 -8.37 5.63
N THR A 110 -9.87 -7.36 5.89
CA THR A 110 -10.02 -6.53 7.08
C THR A 110 -9.77 -5.06 6.76
N GLU A 111 -10.34 -4.18 7.58
CA GLU A 111 -10.18 -2.74 7.37
C GLU A 111 -9.19 -2.16 8.38
N ILE A 112 -8.20 -1.43 7.87
CA ILE A 112 -7.19 -0.82 8.73
C ILE A 112 -7.06 0.68 8.44
N TRP A 113 -6.85 1.45 9.50
CA TRP A 113 -6.71 2.90 9.36
C TRP A 113 -5.24 3.32 9.49
N LEU A 114 -4.73 3.97 8.45
CA LEU A 114 -3.34 4.43 8.44
C LEU A 114 -3.20 5.73 9.21
N GLU A 115 -2.05 5.92 9.86
CA GLU A 115 -1.78 7.13 10.63
C GLU A 115 -0.75 8.00 9.93
N LEU A 116 -1.23 9.00 9.18
CA LEU A 116 -0.35 9.91 8.47
C LEU A 116 0.08 11.07 9.35
N LYS A 117 1.38 11.33 9.39
CA LYS A 117 1.93 12.42 10.20
C LYS A 117 2.59 13.47 9.32
N PRO A 118 2.72 14.69 9.85
CA PRO A 118 2.30 15.15 11.18
C PRO A 118 0.78 15.22 11.31
N GLN A 119 0.10 15.26 10.17
CA GLN A 119 -1.36 15.33 10.15
C GLN A 119 -1.93 14.64 8.92
N GLY A 120 -3.06 13.96 9.10
CA GLY A 120 -3.68 13.25 7.99
C GLY A 120 -3.98 11.81 8.32
N ARG A 121 -4.99 11.25 7.65
CA ARG A 121 -5.38 9.87 7.88
C ARG A 121 -6.19 9.33 6.70
N MET A 122 -5.82 8.15 6.21
CA MET A 122 -6.51 7.53 5.10
C MET A 122 -6.90 6.09 5.42
N LEU A 123 -7.97 5.62 4.81
CA LEU A 123 -8.45 4.25 5.04
C LEU A 123 -7.74 3.27 4.11
N MET A 124 -7.28 2.16 4.70
CA MET A 124 -6.59 1.14 3.92
C MET A 124 -7.33 -0.20 4.00
N ASN A 125 -8.06 -0.51 2.93
CA ASN A 125 -8.81 -1.76 2.88
C ASN A 125 -8.01 -2.86 2.19
N ALA A 126 -7.49 -3.79 2.98
CA ALA A 126 -6.70 -4.90 2.43
C ALA A 126 -7.56 -6.15 2.28
N ARG A 127 -7.47 -6.78 1.11
CA ARG A 127 -8.23 -8.00 0.84
C ARG A 127 -7.29 -9.18 0.58
N TYR A 128 -7.83 -10.38 0.72
CA TYR A 128 -7.05 -11.59 0.51
C TYR A 128 -7.49 -12.31 -0.75
N PHE A 129 -6.70 -12.19 -1.82
CA PHE A 129 -7.01 -12.83 -3.09
C PHE A 129 -5.78 -13.52 -3.67
N LEU A 130 -6.01 -14.55 -4.48
CA LEU A 130 -4.91 -15.29 -5.09
C LEU A 130 -4.81 -14.98 -6.58
N GLU A 131 -3.74 -15.44 -7.21
CA GLU A 131 -3.53 -15.21 -8.64
C GLU A 131 -2.62 -16.28 -9.24
N MET A 132 -2.92 -16.68 -10.47
CA MET A 132 -2.14 -17.70 -11.15
C MET A 132 -1.14 -17.07 -12.12
N SER A 133 -0.01 -16.61 -11.57
CA SER A 133 1.03 -15.98 -12.38
C SER A 133 2.33 -16.78 -12.32
N GLY A 134 2.21 -18.10 -12.45
CA GLY A 134 3.38 -18.96 -12.40
C GLY A 134 4.17 -18.80 -11.11
N PRO A 135 5.39 -19.33 -11.10
CA PRO A 135 6.18 -19.20 -9.87
C PRO A 135 6.63 -17.76 -9.62
N SER A 136 6.72 -16.98 -10.69
CA SER A 136 7.13 -15.59 -10.59
C SER A 136 8.53 -15.49 -9.98
N SER A 137 9.47 -16.23 -10.55
CA SER A 137 10.84 -16.22 -10.05
C SER A 137 11.80 -15.70 -11.13
N GLY A 138 11.66 -14.43 -11.48
CA GLY A 138 12.51 -13.83 -12.48
C GLY A 138 11.73 -13.11 -13.57
N GLY A 1 -16.39 -31.80 -8.07
CA GLY A 1 -15.71 -30.68 -8.71
C GLY A 1 -14.59 -30.11 -7.86
N SER A 2 -13.35 -30.45 -8.22
CA SER A 2 -12.19 -29.98 -7.48
C SER A 2 -11.24 -29.21 -8.40
N SER A 3 -10.33 -28.46 -7.80
CA SER A 3 -9.37 -27.67 -8.56
C SER A 3 -8.09 -28.47 -8.80
N GLY A 4 -7.09 -27.82 -9.40
CA GLY A 4 -5.84 -28.48 -9.67
C GLY A 4 -4.82 -27.54 -10.29
N SER A 5 -3.95 -26.97 -9.46
CA SER A 5 -2.93 -26.05 -9.92
C SER A 5 -1.74 -26.03 -8.96
N SER A 6 -0.57 -25.70 -9.48
CA SER A 6 0.65 -25.64 -8.68
C SER A 6 1.31 -24.27 -8.80
N GLY A 7 2.26 -24.01 -7.89
CA GLY A 7 2.95 -22.73 -7.90
C GLY A 7 2.00 -21.55 -7.91
N MET A 8 1.59 -21.12 -6.72
CA MET A 8 0.68 -19.99 -6.58
C MET A 8 1.25 -18.93 -5.66
N SER A 9 1.00 -17.66 -5.99
CA SER A 9 1.50 -16.56 -5.18
C SER A 9 0.36 -15.65 -4.74
N PRO A 10 0.02 -15.70 -3.45
CA PRO A 10 -1.08 -14.83 -3.00
C PRO A 10 -0.70 -13.36 -3.00
N PHE A 11 -1.64 -12.52 -3.41
CA PHE A 11 -1.40 -11.08 -3.46
C PHE A 11 -2.39 -10.32 -2.57
N LEU A 12 -2.01 -9.11 -2.17
CA LEU A 12 -2.86 -8.29 -1.33
C LEU A 12 -3.48 -7.14 -2.11
N ARG A 13 -4.80 -7.01 -2.02
CA ARG A 13 -5.51 -5.95 -2.74
C ARG A 13 -5.96 -4.86 -1.77
N ILE A 14 -5.12 -3.86 -1.57
CA ILE A 14 -5.44 -2.75 -0.67
C ILE A 14 -6.16 -1.63 -1.41
N GLY A 15 -7.13 -1.02 -0.74
CA GLY A 15 -7.88 0.06 -1.35
C GLY A 15 -7.97 1.28 -0.46
N LEU A 16 -7.57 2.43 -0.98
CA LEU A 16 -7.60 3.68 -0.22
C LEU A 16 -8.80 4.53 -0.64
N SER A 17 -9.58 4.98 0.35
CA SER A 17 -10.75 5.81 0.09
C SER A 17 -11.02 6.75 1.25
N ASN A 18 -11.81 7.77 1.01
CA ASN A 18 -12.15 8.76 2.04
C ASN A 18 -10.90 9.46 2.54
N PHE A 19 -10.03 9.85 1.61
CA PHE A 19 -8.79 10.53 1.96
C PHE A 19 -9.07 11.96 2.42
N ASP A 20 -8.65 12.27 3.63
CA ASP A 20 -8.86 13.61 4.19
C ASP A 20 -7.54 14.21 4.67
N CYS A 21 -7.27 15.45 4.26
CA CYS A 21 -6.04 16.14 4.65
C CYS A 21 -6.33 17.24 5.65
N GLY A 22 -7.55 17.80 5.58
CA GLY A 22 -7.91 18.87 6.50
C GLY A 22 -7.57 20.24 5.95
N SER A 23 -8.33 21.25 6.37
CA SER A 23 -8.09 22.61 5.92
C SER A 23 -6.79 23.16 6.49
N CYS A 24 -5.88 23.56 5.61
CA CYS A 24 -4.59 24.11 6.02
C CYS A 24 -4.46 25.57 5.62
N GLN A 25 -4.43 25.82 4.31
CA GLN A 25 -4.30 27.18 3.79
C GLN A 25 -5.67 27.85 3.71
N SER A 26 -5.65 29.17 3.63
CA SER A 26 -6.89 29.95 3.54
C SER A 26 -6.99 30.68 2.21
N CYS A 27 -7.39 29.95 1.17
CA CYS A 27 -7.52 30.53 -0.17
C CYS A 27 -8.77 30.00 -0.87
N GLN A 28 -9.19 30.69 -1.93
CA GLN A 28 -10.37 30.28 -2.68
C GLN A 28 -10.27 28.82 -3.11
N GLY A 29 -11.34 28.07 -2.90
CA GLY A 29 -11.35 26.67 -3.27
C GLY A 29 -11.01 26.46 -4.73
N GLU A 30 -9.87 25.82 -4.99
CA GLU A 30 -9.43 25.55 -6.35
C GLU A 30 -9.55 24.07 -6.68
N ALA A 31 -9.27 23.72 -7.93
CA ALA A 31 -9.35 22.34 -8.37
C ALA A 31 -7.94 21.74 -8.55
N VAL A 32 -7.46 21.08 -7.52
CA VAL A 32 -6.13 20.46 -7.56
C VAL A 32 -6.24 18.95 -7.78
N ASN A 33 -5.29 18.41 -8.52
CA ASN A 33 -5.27 16.97 -8.81
C ASN A 33 -4.13 16.29 -8.06
N PRO A 34 -4.24 16.27 -6.72
CA PRO A 34 -3.17 15.61 -5.97
C PRO A 34 -3.17 14.10 -6.15
N TYR A 35 -2.04 13.47 -5.81
CA TYR A 35 -1.92 12.02 -5.94
C TYR A 35 -1.17 11.44 -4.75
N CYS A 36 -1.28 10.12 -4.58
CA CYS A 36 -0.62 9.43 -3.48
C CYS A 36 0.55 8.59 -3.99
N ALA A 37 1.71 8.73 -3.34
CA ALA A 37 2.89 7.98 -3.73
C ALA A 37 3.05 6.72 -2.87
N VAL A 38 2.95 5.56 -3.52
CA VAL A 38 3.08 4.30 -2.82
C VAL A 38 4.44 3.66 -3.08
N LEU A 39 5.33 3.78 -2.10
CA LEU A 39 6.68 3.22 -2.23
C LEU A 39 6.72 1.79 -1.69
N VAL A 40 7.33 0.89 -2.48
CA VAL A 40 7.44 -0.51 -2.08
C VAL A 40 8.89 -0.95 -2.03
N LYS A 41 9.25 -1.67 -0.98
CA LYS A 41 10.62 -2.16 -0.81
C LYS A 41 10.62 -3.64 -0.41
N GLU A 42 11.67 -4.34 -0.81
CA GLU A 42 11.80 -5.75 -0.50
C GLU A 42 12.77 -5.98 0.65
N TYR A 43 12.36 -6.79 1.62
CA TYR A 43 13.20 -7.07 2.78
C TYR A 43 14.31 -8.05 2.42
N VAL A 44 15.53 -7.53 2.29
CA VAL A 44 16.68 -8.34 1.94
C VAL A 44 17.47 -8.74 3.20
N GLU A 45 17.82 -10.02 3.29
CA GLU A 45 18.57 -10.52 4.42
C GLU A 45 19.93 -11.05 3.99
N SER A 46 20.99 -10.47 4.55
CA SER A 46 22.35 -10.88 4.22
C SER A 46 23.11 -11.31 5.47
N GLU A 47 24.21 -12.02 5.27
CA GLU A 47 25.03 -12.49 6.38
C GLU A 47 25.55 -11.32 7.21
N ASN A 48 25.90 -10.24 6.53
CA ASN A 48 26.41 -9.05 7.20
C ASN A 48 25.30 -8.30 7.92
N GLY A 49 24.10 -8.34 7.34
CA GLY A 49 22.95 -7.67 7.94
C GLY A 49 21.81 -7.50 6.96
N GLN A 50 20.61 -7.25 7.50
CA GLN A 50 19.42 -7.08 6.68
C GLN A 50 19.17 -5.61 6.40
N MET A 51 18.86 -5.29 5.15
CA MET A 51 18.58 -3.91 4.75
C MET A 51 17.29 -3.82 3.95
N TYR A 52 16.99 -2.63 3.45
CA TYR A 52 15.78 -2.41 2.67
C TYR A 52 16.12 -1.99 1.25
N ILE A 53 15.78 -2.84 0.28
CA ILE A 53 16.05 -2.55 -1.12
C ILE A 53 14.78 -2.17 -1.86
N GLN A 54 14.81 -1.01 -2.53
CA GLN A 54 13.65 -0.53 -3.27
C GLN A 54 13.84 -0.76 -4.77
N LYS A 55 13.37 -1.91 -5.24
CA LYS A 55 13.48 -2.26 -6.66
C LYS A 55 12.33 -1.66 -7.46
N LYS A 56 11.18 -1.53 -6.82
CA LYS A 56 10.00 -0.96 -7.47
C LYS A 56 9.89 0.53 -7.20
N PRO A 57 9.81 1.32 -8.28
CA PRO A 57 9.71 2.77 -8.06
C PRO A 57 8.37 3.17 -7.47
N THR A 58 8.22 4.46 -7.16
CA THR A 58 6.98 4.97 -6.59
C THR A 58 5.77 4.55 -7.41
N MET A 59 4.73 4.11 -6.74
CA MET A 59 3.51 3.67 -7.41
C MET A 59 2.42 4.74 -7.30
N TYR A 60 1.41 4.63 -8.15
CA TYR A 60 0.31 5.58 -8.14
C TYR A 60 -1.04 4.86 -8.22
N PRO A 61 -1.56 4.45 -7.06
CA PRO A 61 -2.85 3.75 -7.10
C PRO A 61 -4.00 4.69 -7.46
N PRO A 62 -5.15 4.10 -7.80
CA PRO A 62 -6.29 4.96 -8.15
C PRO A 62 -6.84 5.72 -6.96
N TRP A 63 -7.97 6.39 -7.15
CA TRP A 63 -8.61 7.16 -6.09
C TRP A 63 -9.91 6.51 -5.66
N ASP A 64 -10.04 6.21 -4.37
CA ASP A 64 -11.25 5.59 -3.85
C ASP A 64 -11.48 4.23 -4.47
N SER A 65 -10.40 3.58 -4.89
CA SER A 65 -10.49 2.27 -5.52
C SER A 65 -9.48 1.31 -4.91
N THR A 66 -9.48 0.07 -5.40
CA THR A 66 -8.56 -0.96 -4.90
C THR A 66 -7.50 -1.30 -5.94
N PHE A 67 -6.28 -1.51 -5.47
CA PHE A 67 -5.17 -1.85 -6.36
C PHE A 67 -4.55 -3.19 -5.98
N ASP A 68 -3.61 -3.65 -6.80
CA ASP A 68 -2.94 -4.92 -6.55
C ASP A 68 -1.60 -4.70 -5.84
N ALA A 69 -1.26 -5.60 -4.93
CA ALA A 69 0.00 -5.50 -4.20
C ALA A 69 0.69 -6.86 -4.11
N HIS A 70 1.79 -7.01 -4.84
CA HIS A 70 2.53 -8.26 -4.84
C HIS A 70 3.10 -8.56 -3.46
N ILE A 71 3.22 -9.84 -3.13
CA ILE A 71 3.75 -10.26 -1.84
C ILE A 71 4.97 -11.15 -2.00
N ASN A 72 6.05 -10.82 -1.29
CA ASN A 72 7.28 -11.59 -1.35
C ASN A 72 7.72 -12.03 0.04
N LYS A 73 8.18 -11.07 0.83
CA LYS A 73 8.64 -11.35 2.19
C LYS A 73 9.02 -10.06 2.91
N GLY A 74 8.35 -9.80 4.03
CA GLY A 74 8.65 -8.60 4.80
C GLY A 74 8.60 -7.34 3.95
N ARG A 75 7.75 -7.35 2.93
CA ARG A 75 7.61 -6.20 2.05
C ARG A 75 6.95 -5.03 2.75
N VAL A 76 7.63 -3.89 2.79
CA VAL A 76 7.09 -2.70 3.44
C VAL A 76 6.51 -1.74 2.41
N MET A 77 5.53 -0.94 2.85
CA MET A 77 4.88 0.03 1.97
C MET A 77 4.88 1.42 2.60
N GLN A 78 5.32 2.41 1.85
CA GLN A 78 5.37 3.78 2.33
C GLN A 78 4.48 4.69 1.50
N ILE A 79 3.36 5.11 2.07
CA ILE A 79 2.42 5.98 1.38
C ILE A 79 2.65 7.44 1.76
N ILE A 80 3.08 8.24 0.78
CA ILE A 80 3.33 9.65 1.00
C ILE A 80 2.51 10.51 0.06
N VAL A 81 1.57 11.27 0.60
CA VAL A 81 0.71 12.14 -0.20
C VAL A 81 1.46 13.39 -0.63
N LYS A 82 1.99 13.37 -1.85
CA LYS A 82 2.73 14.50 -2.39
C LYS A 82 2.05 15.05 -3.64
N GLY A 83 2.02 16.38 -3.76
CA GLY A 83 1.41 17.01 -4.91
C GLY A 83 2.42 17.70 -5.80
N LYS A 84 2.13 18.95 -6.16
CA LYS A 84 3.02 19.73 -7.00
C LYS A 84 3.43 21.03 -6.32
N ASN A 85 2.50 21.62 -5.57
CA ASN A 85 2.78 22.87 -4.87
C ASN A 85 3.00 22.61 -3.38
N VAL A 86 3.83 21.62 -3.07
CA VAL A 86 4.13 21.27 -1.68
C VAL A 86 5.34 20.34 -1.60
N ASP A 87 6.11 20.50 -0.53
CA ASP A 87 7.30 19.67 -0.33
C ASP A 87 6.93 18.35 0.36
N LEU A 88 5.99 18.43 1.29
CA LEU A 88 5.55 17.25 2.02
C LEU A 88 4.28 17.55 2.83
N ILE A 89 3.28 16.68 2.68
CA ILE A 89 2.02 16.85 3.39
C ILE A 89 1.94 15.91 4.59
N SER A 90 2.28 14.65 4.37
CA SER A 90 2.24 13.65 5.43
C SER A 90 2.91 12.36 4.98
N GLU A 91 3.12 11.44 5.93
CA GLU A 91 3.76 10.16 5.64
C GLU A 91 3.33 9.10 6.64
N THR A 92 3.36 7.85 6.21
CA THR A 92 2.97 6.73 7.07
C THR A 92 3.61 5.43 6.59
N THR A 93 3.86 4.52 7.53
CA THR A 93 4.47 3.24 7.21
C THR A 93 3.49 2.09 7.45
N VAL A 94 3.57 1.07 6.61
CA VAL A 94 2.68 -0.09 6.73
C VAL A 94 3.32 -1.33 6.11
N GLU A 95 3.24 -2.45 6.83
CA GLU A 95 3.81 -3.70 6.35
C GLU A 95 2.82 -4.45 5.46
N LEU A 96 3.31 -4.98 4.34
CA LEU A 96 2.46 -5.71 3.41
C LEU A 96 2.46 -7.19 3.73
N TYR A 97 3.60 -7.70 4.16
CA TYR A 97 3.73 -9.12 4.50
C TYR A 97 2.82 -9.48 5.67
N SER A 98 2.97 -8.77 6.78
CA SER A 98 2.17 -9.02 7.97
C SER A 98 0.70 -8.75 7.69
N LEU A 99 0.44 -7.71 6.90
CA LEU A 99 -0.93 -7.33 6.55
C LEU A 99 -1.68 -8.51 5.93
N ALA A 100 -1.01 -9.21 5.02
CA ALA A 100 -1.62 -10.36 4.36
C ALA A 100 -2.19 -11.34 5.37
N GLU A 101 -1.58 -11.40 6.55
CA GLU A 101 -2.02 -12.29 7.61
C GLU A 101 -3.20 -11.69 8.37
N ARG A 102 -3.10 -10.40 8.68
CA ARG A 102 -4.16 -9.71 9.42
C ARG A 102 -5.51 -9.91 8.74
N CYS A 103 -5.49 -9.98 7.41
CA CYS A 103 -6.71 -10.17 6.64
C CYS A 103 -7.36 -11.50 6.97
N ARG A 104 -6.57 -12.57 6.95
CA ARG A 104 -7.07 -13.90 7.25
C ARG A 104 -7.77 -13.94 8.60
N LYS A 105 -7.36 -13.04 9.49
CA LYS A 105 -7.95 -12.97 10.83
C LYS A 105 -9.41 -12.54 10.75
N ASN A 106 -9.74 -11.78 9.71
CA ASN A 106 -11.11 -11.29 9.52
C ASN A 106 -11.89 -12.23 8.61
N ASN A 107 -11.47 -13.49 8.56
CA ASN A 107 -12.15 -14.48 7.74
C ASN A 107 -12.11 -14.07 6.27
N GLY A 108 -11.08 -13.34 5.89
CA GLY A 108 -10.95 -12.89 4.51
C GLY A 108 -10.20 -11.58 4.40
N LYS A 109 -10.89 -10.48 4.66
CA LYS A 109 -10.29 -9.15 4.59
C LYS A 109 -10.47 -8.39 5.89
N THR A 110 -9.41 -7.72 6.34
CA THR A 110 -9.47 -6.95 7.58
C THR A 110 -9.43 -5.46 7.30
N GLU A 111 -10.15 -4.69 8.11
CA GLU A 111 -10.20 -3.24 7.95
C GLU A 111 -9.18 -2.56 8.85
N ILE A 112 -8.41 -1.63 8.29
CA ILE A 112 -7.40 -0.90 9.04
C ILE A 112 -7.45 0.59 8.73
N TRP A 113 -7.23 1.41 9.75
CA TRP A 113 -7.24 2.85 9.58
C TRP A 113 -5.83 3.42 9.69
N LEU A 114 -5.35 4.00 8.60
CA LEU A 114 -4.02 4.59 8.56
C LEU A 114 -3.99 5.92 9.29
N GLU A 115 -2.84 6.27 9.87
CA GLU A 115 -2.68 7.52 10.58
C GLU A 115 -1.54 8.34 10.01
N LEU A 116 -1.86 9.22 9.07
CA LEU A 116 -0.86 10.07 8.43
C LEU A 116 -0.50 11.25 9.33
N LYS A 117 0.80 11.48 9.49
CA LYS A 117 1.28 12.57 10.33
C LYS A 117 2.12 13.56 9.51
N PRO A 118 2.21 14.80 9.99
CA PRO A 118 1.61 15.33 11.22
C PRO A 118 0.10 15.46 11.11
N GLN A 119 -0.42 15.32 9.91
CA GLN A 119 -1.86 15.43 9.67
C GLN A 119 -2.28 14.54 8.51
N GLY A 120 -3.59 14.32 8.38
CA GLY A 120 -4.11 13.49 7.32
C GLY A 120 -4.51 12.11 7.80
N ARG A 121 -5.49 11.51 7.11
CA ARG A 121 -5.97 10.18 7.48
C ARG A 121 -6.73 9.55 6.33
N MET A 122 -6.56 8.24 6.16
CA MET A 122 -7.22 7.51 5.09
C MET A 122 -7.50 6.07 5.52
N LEU A 123 -8.64 5.53 5.06
CA LEU A 123 -9.03 4.17 5.40
C LEU A 123 -8.33 3.16 4.48
N MET A 124 -7.66 2.19 5.08
CA MET A 124 -6.95 1.17 4.31
C MET A 124 -7.65 -0.18 4.44
N ASN A 125 -8.19 -0.67 3.32
CA ASN A 125 -8.89 -1.95 3.32
C ASN A 125 -8.11 -2.98 2.50
N ALA A 126 -7.47 -3.91 3.20
CA ALA A 126 -6.70 -4.96 2.54
C ALA A 126 -7.50 -6.25 2.41
N ARG A 127 -7.55 -6.79 1.20
CA ARG A 127 -8.30 -8.03 0.95
C ARG A 127 -7.35 -9.16 0.58
N TYR A 128 -7.78 -10.40 0.85
CA TYR A 128 -6.97 -11.57 0.55
C TYR A 128 -7.43 -12.23 -0.75
N PHE A 129 -6.48 -12.44 -1.66
CA PHE A 129 -6.80 -13.06 -2.94
C PHE A 129 -5.66 -13.99 -3.38
N LEU A 130 -5.97 -14.88 -4.32
CA LEU A 130 -4.97 -15.82 -4.82
C LEU A 130 -4.87 -15.74 -6.34
N GLU A 131 -3.64 -15.76 -6.85
CA GLU A 131 -3.41 -15.70 -8.29
C GLU A 131 -1.96 -16.05 -8.62
N MET A 132 -1.77 -16.66 -9.80
CA MET A 132 -0.43 -17.05 -10.24
C MET A 132 0.22 -15.93 -11.05
N SER A 133 1.42 -15.52 -10.63
CA SER A 133 2.14 -14.45 -11.31
C SER A 133 3.59 -14.85 -11.56
N GLY A 134 3.81 -16.15 -11.75
CA GLY A 134 5.16 -16.65 -11.98
C GLY A 134 6.08 -16.41 -10.80
N PRO A 135 7.33 -16.88 -10.92
CA PRO A 135 8.25 -16.67 -9.79
C PRO A 135 8.65 -15.21 -9.64
N SER A 136 9.47 -14.93 -8.64
CA SER A 136 9.92 -13.56 -8.38
C SER A 136 11.39 -13.54 -7.96
N SER A 137 12.07 -12.44 -8.25
CA SER A 137 13.48 -12.31 -7.90
C SER A 137 13.91 -10.85 -7.98
N GLY A 138 14.65 -10.40 -6.97
CA GLY A 138 15.12 -9.02 -6.94
C GLY A 138 16.62 -8.91 -7.14
N GLY A 1 -16.46 -30.02 -11.65
CA GLY A 1 -16.03 -29.20 -12.77
C GLY A 1 -14.53 -29.13 -12.90
N SER A 2 -13.90 -28.29 -12.08
CA SER A 2 -12.45 -28.14 -12.11
C SER A 2 -11.92 -27.72 -10.73
N SER A 3 -10.69 -28.12 -10.43
CA SER A 3 -10.07 -27.80 -9.16
C SER A 3 -8.55 -27.76 -9.28
N GLY A 4 -7.97 -26.59 -9.00
CA GLY A 4 -6.53 -26.44 -9.10
C GLY A 4 -5.88 -26.31 -7.73
N SER A 5 -5.65 -25.07 -7.30
CA SER A 5 -5.02 -24.81 -6.02
C SER A 5 -3.70 -25.57 -5.89
N SER A 6 -2.96 -25.65 -6.99
CA SER A 6 -1.69 -26.35 -7.01
C SER A 6 -0.54 -25.41 -6.70
N GLY A 7 -0.38 -24.38 -7.54
CA GLY A 7 0.68 -23.41 -7.33
C GLY A 7 0.28 -22.01 -7.73
N MET A 8 -0.34 -21.28 -6.82
CA MET A 8 -0.79 -19.92 -7.08
C MET A 8 -0.21 -18.95 -6.05
N SER A 9 0.20 -17.77 -6.52
CA SER A 9 0.77 -16.76 -5.66
C SER A 9 -0.32 -15.83 -5.12
N PRO A 10 -0.59 -15.94 -3.80
CA PRO A 10 -1.63 -15.06 -3.25
C PRO A 10 -1.19 -13.60 -3.19
N PHE A 11 -2.06 -12.71 -3.64
CA PHE A 11 -1.76 -11.28 -3.65
C PHE A 11 -2.73 -10.52 -2.76
N LEU A 12 -2.34 -9.31 -2.37
CA LEU A 12 -3.19 -8.47 -1.52
C LEU A 12 -3.77 -7.31 -2.30
N ARG A 13 -5.08 -7.09 -2.15
CA ARG A 13 -5.77 -6.02 -2.85
C ARG A 13 -6.19 -4.92 -1.87
N ILE A 14 -5.34 -3.90 -1.75
CA ILE A 14 -5.62 -2.78 -0.84
C ILE A 14 -6.37 -1.68 -1.57
N GLY A 15 -7.37 -1.10 -0.89
CA GLY A 15 -8.14 -0.03 -1.48
C GLY A 15 -8.30 1.16 -0.56
N LEU A 16 -7.88 2.33 -1.03
CA LEU A 16 -7.98 3.55 -0.23
C LEU A 16 -9.24 4.33 -0.56
N SER A 17 -9.76 5.07 0.42
CA SER A 17 -10.97 5.86 0.23
C SER A 17 -11.23 6.75 1.44
N ASN A 18 -12.10 7.74 1.25
CA ASN A 18 -12.43 8.67 2.33
C ASN A 18 -11.19 9.38 2.84
N PHE A 19 -10.37 9.86 1.91
CA PHE A 19 -9.14 10.56 2.27
C PHE A 19 -9.45 11.95 2.82
N ASP A 20 -8.93 12.24 4.00
CA ASP A 20 -9.16 13.54 4.64
C ASP A 20 -7.84 14.27 4.85
N CYS A 21 -7.69 15.42 4.19
CA CYS A 21 -6.48 16.22 4.30
C CYS A 21 -6.72 17.46 5.16
N GLY A 22 -7.96 17.93 5.17
CA GLY A 22 -8.30 19.10 5.96
C GLY A 22 -9.15 18.77 7.16
N SER A 23 -8.54 18.77 8.35
CA SER A 23 -9.27 18.45 9.57
C SER A 23 -10.40 19.44 9.81
N CYS A 24 -11.07 19.31 10.95
CA CYS A 24 -12.18 20.19 11.29
C CYS A 24 -11.70 21.62 11.49
N GLN A 25 -10.47 21.77 11.95
CA GLN A 25 -9.89 23.09 12.19
C GLN A 25 -8.89 23.44 11.10
N SER A 26 -9.39 23.83 9.93
CA SER A 26 -8.55 24.18 8.80
C SER A 26 -9.11 25.39 8.06
N CYS A 27 -8.23 26.17 7.44
CA CYS A 27 -8.63 27.35 6.70
C CYS A 27 -8.29 27.20 5.21
N GLN A 28 -8.44 25.99 4.70
CA GLN A 28 -8.14 25.72 3.30
C GLN A 28 -9.18 24.77 2.69
N GLY A 29 -9.33 24.84 1.38
CA GLY A 29 -10.30 23.99 0.70
C GLY A 29 -10.21 24.10 -0.81
N GLU A 30 -9.14 23.56 -1.39
CA GLU A 30 -8.94 23.61 -2.83
C GLU A 30 -8.52 22.23 -3.36
N ALA A 31 -8.90 21.96 -4.60
CA ALA A 31 -8.56 20.68 -5.23
C ALA A 31 -7.44 20.86 -6.24
N VAL A 32 -6.21 20.57 -5.82
CA VAL A 32 -5.05 20.70 -6.69
C VAL A 32 -4.69 19.36 -7.33
N ASN A 33 -5.68 18.48 -7.41
CA ASN A 33 -5.47 17.15 -8.00
C ASN A 33 -4.32 16.42 -7.30
N PRO A 34 -4.38 16.36 -5.96
CA PRO A 34 -3.30 15.67 -5.26
C PRO A 34 -3.34 14.17 -5.49
N TYR A 35 -2.18 13.53 -5.39
CA TYR A 35 -2.08 12.09 -5.58
C TYR A 35 -1.30 11.44 -4.43
N CYS A 36 -1.37 10.11 -4.37
CA CYS A 36 -0.68 9.36 -3.32
C CYS A 36 0.46 8.53 -3.90
N ALA A 37 1.61 8.55 -3.24
CA ALA A 37 2.76 7.79 -3.69
C ALA A 37 2.96 6.54 -2.85
N VAL A 38 2.98 5.38 -3.50
CA VAL A 38 3.17 4.12 -2.80
C VAL A 38 4.54 3.52 -3.11
N LEU A 39 5.50 3.76 -2.22
CA LEU A 39 6.85 3.24 -2.39
C LEU A 39 6.97 1.83 -1.83
N VAL A 40 7.67 0.97 -2.56
CA VAL A 40 7.86 -0.41 -2.14
C VAL A 40 9.34 -0.76 -2.05
N LYS A 41 9.83 -0.91 -0.81
CA LYS A 41 11.23 -1.24 -0.59
C LYS A 41 11.40 -2.73 -0.26
N GLU A 42 12.63 -3.21 -0.32
CA GLU A 42 12.92 -4.61 -0.04
C GLU A 42 13.76 -4.74 1.22
N TYR A 43 13.37 -5.67 2.09
CA TYR A 43 14.09 -5.90 3.35
C TYR A 43 15.26 -6.84 3.13
N VAL A 44 16.47 -6.27 3.08
CA VAL A 44 17.68 -7.05 2.89
C VAL A 44 18.34 -7.39 4.22
N GLU A 45 19.15 -8.44 4.23
CA GLU A 45 19.84 -8.86 5.44
C GLU A 45 21.34 -9.06 5.17
N SER A 46 22.15 -8.19 5.76
CA SER A 46 23.60 -8.27 5.59
C SER A 46 24.31 -8.21 6.94
N GLU A 47 25.47 -8.86 7.02
CA GLU A 47 26.25 -8.87 8.25
C GLU A 47 26.59 -7.45 8.70
N ASN A 48 26.83 -6.58 7.73
CA ASN A 48 27.16 -5.19 8.03
C ASN A 48 26.01 -4.49 8.73
N GLY A 49 24.78 -4.82 8.32
CA GLY A 49 23.61 -4.21 8.93
C GLY A 49 22.41 -4.21 8.00
N GLN A 50 21.35 -4.91 8.40
CA GLN A 50 20.14 -4.99 7.60
C GLN A 50 19.66 -3.60 7.21
N MET A 51 19.05 -3.50 6.03
CA MET A 51 18.54 -2.22 5.54
C MET A 51 17.41 -2.44 4.54
N TYR A 52 16.92 -1.34 3.96
CA TYR A 52 15.82 -1.42 3.00
C TYR A 52 16.27 -0.91 1.63
N ILE A 53 16.26 -1.79 0.64
CA ILE A 53 16.66 -1.43 -0.71
C ILE A 53 15.44 -1.29 -1.63
N GLN A 54 15.24 -0.09 -2.17
CA GLN A 54 14.12 0.17 -3.05
C GLN A 54 14.40 -0.38 -4.45
N LYS A 55 13.77 -1.49 -4.79
CA LYS A 55 13.95 -2.11 -6.10
C LYS A 55 12.95 -1.55 -7.11
N LYS A 56 11.70 -1.43 -6.69
CA LYS A 56 10.65 -0.90 -7.55
C LYS A 56 10.39 0.58 -7.26
N PRO A 57 10.22 1.37 -8.32
CA PRO A 57 9.97 2.80 -8.08
C PRO A 57 8.59 3.05 -7.48
N THR A 58 8.36 4.29 -7.03
CA THR A 58 7.09 4.65 -6.43
C THR A 58 5.92 4.25 -7.33
N MET A 59 4.75 4.07 -6.72
CA MET A 59 3.55 3.68 -7.46
C MET A 59 2.49 4.77 -7.38
N TYR A 60 1.50 4.70 -8.25
CA TYR A 60 0.42 5.69 -8.28
C TYR A 60 -0.93 5.00 -8.41
N PRO A 61 -1.47 4.53 -7.26
CA PRO A 61 -2.77 3.87 -7.35
C PRO A 61 -3.90 4.84 -7.67
N PRO A 62 -5.04 4.30 -8.12
CA PRO A 62 -6.15 5.20 -8.44
C PRO A 62 -6.76 5.84 -7.20
N TRP A 63 -7.84 6.59 -7.39
CA TRP A 63 -8.52 7.26 -6.29
C TRP A 63 -9.85 6.59 -5.97
N ASP A 64 -10.06 6.25 -4.71
CA ASP A 64 -11.29 5.60 -4.28
C ASP A 64 -11.47 4.26 -4.98
N SER A 65 -10.36 3.64 -5.35
CA SER A 65 -10.40 2.35 -6.04
C SER A 65 -9.43 1.36 -5.41
N THR A 66 -9.46 0.12 -5.89
CA THR A 66 -8.59 -0.92 -5.36
C THR A 66 -7.47 -1.25 -6.35
N PHE A 67 -6.27 -1.44 -5.82
CA PHE A 67 -5.11 -1.76 -6.65
C PHE A 67 -4.48 -3.09 -6.22
N ASP A 68 -3.70 -3.69 -7.12
CA ASP A 68 -3.04 -4.95 -6.83
C ASP A 68 -1.69 -4.71 -6.16
N ALA A 69 -1.34 -5.58 -5.22
CA ALA A 69 -0.07 -5.47 -4.50
C ALA A 69 0.58 -6.83 -4.31
N HIS A 70 1.87 -6.91 -4.57
CA HIS A 70 2.61 -8.16 -4.43
C HIS A 70 2.94 -8.43 -2.96
N ILE A 71 2.99 -9.70 -2.60
CA ILE A 71 3.30 -10.09 -1.22
C ILE A 71 4.67 -10.74 -1.13
N ASN A 72 5.35 -10.54 0.00
CA ASN A 72 6.67 -11.11 0.21
C ASN A 72 7.04 -11.06 1.69
N LYS A 73 8.08 -11.81 2.06
CA LYS A 73 8.55 -11.86 3.44
C LYS A 73 9.32 -10.58 3.80
N GLY A 74 9.90 -9.94 2.78
CA GLY A 74 10.65 -8.72 3.01
C GLY A 74 10.22 -7.60 2.09
N ARG A 75 8.93 -7.27 2.11
CA ARG A 75 8.39 -6.21 1.28
C ARG A 75 7.54 -5.25 2.10
N VAL A 76 8.01 -4.02 2.25
CA VAL A 76 7.29 -3.01 3.01
C VAL A 76 6.66 -1.96 2.08
N MET A 77 5.57 -1.36 2.53
CA MET A 77 4.87 -0.35 1.75
C MET A 77 4.86 0.99 2.48
N GLN A 78 5.01 2.07 1.72
CA GLN A 78 5.01 3.41 2.30
C GLN A 78 4.11 4.35 1.51
N ILE A 79 3.09 4.87 2.18
CA ILE A 79 2.14 5.79 1.54
C ILE A 79 2.44 7.24 1.90
N ILE A 80 2.86 8.01 0.90
CA ILE A 80 3.18 9.42 1.10
C ILE A 80 2.35 10.31 0.19
N VAL A 81 1.50 11.14 0.79
CA VAL A 81 0.66 12.05 0.02
C VAL A 81 1.44 13.27 -0.44
N LYS A 82 1.82 13.27 -1.72
CA LYS A 82 2.58 14.39 -2.28
C LYS A 82 1.65 15.36 -3.00
N GLY A 83 2.08 16.62 -3.10
CA GLY A 83 1.28 17.63 -3.76
C GLY A 83 2.10 18.84 -4.18
N LYS A 84 1.41 19.87 -4.66
CA LYS A 84 2.09 21.10 -5.09
C LYS A 84 2.27 22.05 -3.92
N ASN A 85 3.30 22.89 -4.01
CA ASN A 85 3.58 23.86 -2.96
C ASN A 85 3.87 23.16 -1.64
N VAL A 86 4.57 22.04 -1.69
CA VAL A 86 4.90 21.27 -0.50
C VAL A 86 5.86 20.13 -0.82
N ASP A 87 6.69 19.77 0.16
CA ASP A 87 7.66 18.69 -0.02
C ASP A 87 7.18 17.41 0.65
N LEU A 88 6.37 17.57 1.70
CA LEU A 88 5.85 16.43 2.43
C LEU A 88 4.60 16.81 3.22
N ILE A 89 3.44 16.33 2.77
CA ILE A 89 2.18 16.63 3.44
C ILE A 89 1.92 15.65 4.58
N SER A 90 2.33 14.40 4.38
CA SER A 90 2.13 13.37 5.39
C SER A 90 2.86 12.08 4.99
N GLU A 91 3.04 11.19 5.97
CA GLU A 91 3.73 9.92 5.72
C GLU A 91 3.28 8.87 6.72
N THR A 92 3.37 7.60 6.31
CA THR A 92 2.97 6.49 7.17
C THR A 92 3.66 5.21 6.76
N THR A 93 3.79 4.28 7.71
CA THR A 93 4.44 3.00 7.44
C THR A 93 3.41 1.87 7.40
N VAL A 94 3.62 0.92 6.49
CA VAL A 94 2.72 -0.21 6.35
C VAL A 94 3.46 -1.46 5.90
N GLU A 95 3.19 -2.59 6.54
CA GLU A 95 3.84 -3.85 6.20
C GLU A 95 2.89 -4.75 5.42
N LEU A 96 3.25 -5.00 4.16
CA LEU A 96 2.43 -5.85 3.30
C LEU A 96 2.44 -7.30 3.79
N TYR A 97 3.53 -7.69 4.44
CA TYR A 97 3.66 -9.04 4.96
C TYR A 97 2.65 -9.30 6.07
N SER A 98 2.81 -8.60 7.19
CA SER A 98 1.92 -8.76 8.34
C SER A 98 0.48 -8.46 7.93
N LEU A 99 0.29 -7.49 7.04
CA LEU A 99 -1.03 -7.12 6.57
C LEU A 99 -1.76 -8.31 5.98
N ALA A 100 -1.06 -9.06 5.13
CA ALA A 100 -1.64 -10.24 4.49
C ALA A 100 -2.22 -11.20 5.53
N GLU A 101 -1.64 -11.19 6.73
CA GLU A 101 -2.10 -12.06 7.81
C GLU A 101 -3.34 -11.48 8.47
N ARG A 102 -3.31 -10.18 8.74
CA ARG A 102 -4.44 -9.50 9.39
C ARG A 102 -5.73 -9.79 8.63
N CYS A 103 -5.66 -9.77 7.30
CA CYS A 103 -6.83 -10.03 6.47
C CYS A 103 -7.42 -11.39 6.76
N ARG A 104 -6.57 -12.42 6.78
CA ARG A 104 -7.01 -13.78 7.05
C ARG A 104 -7.66 -13.88 8.43
N LYS A 105 -7.13 -13.11 9.37
CA LYS A 105 -7.65 -13.12 10.74
C LYS A 105 -9.11 -12.68 10.76
N ASN A 106 -9.51 -11.89 9.76
CA ASN A 106 -10.88 -11.42 9.67
C ASN A 106 -11.71 -12.31 8.75
N ASN A 107 -11.35 -13.58 8.70
CA ASN A 107 -12.06 -14.54 7.86
C ASN A 107 -12.12 -14.07 6.41
N GLY A 108 -11.13 -13.26 6.02
CA GLY A 108 -11.09 -12.75 4.66
C GLY A 108 -10.29 -11.46 4.56
N LYS A 109 -10.94 -10.34 4.80
CA LYS A 109 -10.28 -9.04 4.72
C LYS A 109 -10.42 -8.29 6.05
N THR A 110 -9.40 -7.49 6.37
CA THR A 110 -9.40 -6.72 7.61
C THR A 110 -9.48 -5.22 7.32
N GLU A 111 -9.93 -4.46 8.31
CA GLU A 111 -10.04 -3.01 8.17
C GLU A 111 -9.05 -2.29 9.07
N ILE A 112 -8.15 -1.52 8.46
CA ILE A 112 -7.15 -0.78 9.21
C ILE A 112 -7.23 0.71 8.89
N TRP A 113 -7.11 1.53 9.92
CA TRP A 113 -7.16 2.98 9.76
C TRP A 113 -5.76 3.58 9.80
N LEU A 114 -5.24 3.95 8.64
CA LEU A 114 -3.90 4.53 8.55
C LEU A 114 -3.87 5.92 9.18
N GLU A 115 -2.86 6.17 10.00
CA GLU A 115 -2.72 7.46 10.66
C GLU A 115 -1.53 8.25 10.09
N LEU A 116 -1.82 9.11 9.12
CA LEU A 116 -0.78 9.92 8.49
C LEU A 116 -0.44 11.13 9.35
N LYS A 117 0.85 11.34 9.57
CA LYS A 117 1.31 12.47 10.38
C LYS A 117 2.19 13.40 9.55
N PRO A 118 2.30 14.66 9.99
CA PRO A 118 1.69 15.25 11.19
C PRO A 118 0.18 15.41 11.03
N GLN A 119 -0.30 15.34 9.80
CA GLN A 119 -1.72 15.47 9.52
C GLN A 119 -2.15 14.56 8.38
N GLY A 120 -3.43 14.20 8.35
CA GLY A 120 -3.94 13.34 7.31
C GLY A 120 -4.32 11.96 7.82
N ARG A 121 -5.40 11.41 7.29
CA ARG A 121 -5.86 10.09 7.71
C ARG A 121 -6.81 9.50 6.67
N MET A 122 -6.72 8.19 6.47
CA MET A 122 -7.57 7.50 5.50
C MET A 122 -7.84 6.06 5.95
N LEU A 123 -8.78 5.42 5.28
CA LEU A 123 -9.14 4.03 5.60
C LEU A 123 -8.49 3.06 4.63
N MET A 124 -7.69 2.14 5.15
CA MET A 124 -7.02 1.15 4.32
C MET A 124 -7.65 -0.23 4.50
N ASN A 125 -8.27 -0.73 3.43
CA ASN A 125 -8.92 -2.03 3.45
C ASN A 125 -8.22 -3.01 2.52
N ALA A 126 -7.55 -4.00 3.11
CA ALA A 126 -6.84 -5.01 2.32
C ALA A 126 -7.66 -6.29 2.21
N ARG A 127 -7.87 -6.75 0.98
CA ARG A 127 -8.63 -7.96 0.74
C ARG A 127 -7.71 -9.11 0.36
N TYR A 128 -8.15 -10.34 0.65
CA TYR A 128 -7.37 -11.53 0.34
C TYR A 128 -7.82 -12.15 -0.97
N PHE A 129 -6.88 -12.34 -1.90
CA PHE A 129 -7.17 -12.92 -3.20
C PHE A 129 -6.03 -13.82 -3.66
N LEU A 130 -6.27 -14.57 -4.74
CA LEU A 130 -5.26 -15.47 -5.28
C LEU A 130 -4.94 -15.11 -6.72
N GLU A 131 -3.66 -15.00 -7.03
CA GLU A 131 -3.22 -14.67 -8.38
C GLU A 131 -3.04 -15.92 -9.23
N MET A 132 -3.09 -15.76 -10.55
CA MET A 132 -2.93 -16.88 -11.46
C MET A 132 -1.46 -17.08 -11.84
N SER A 133 -0.85 -16.03 -12.38
CA SER A 133 0.55 -16.09 -12.78
C SER A 133 1.31 -14.86 -12.30
N GLY A 134 2.60 -15.03 -12.05
CA GLY A 134 3.42 -13.92 -11.58
C GLY A 134 4.89 -14.29 -11.49
N PRO A 135 5.75 -13.27 -11.45
CA PRO A 135 7.18 -13.59 -11.36
C PRO A 135 7.56 -14.17 -10.01
N SER A 136 8.82 -14.60 -9.88
CA SER A 136 9.30 -15.18 -8.64
C SER A 136 10.71 -14.69 -8.33
N SER A 137 11.14 -14.90 -7.08
CA SER A 137 12.47 -14.48 -6.66
C SER A 137 12.61 -12.97 -6.77
N GLY A 138 11.49 -12.26 -6.68
CA GLY A 138 11.52 -10.80 -6.78
C GLY A 138 10.14 -10.19 -6.63
N GLY A 1 -15.73 -31.29 -7.42
CA GLY A 1 -14.43 -31.91 -7.26
C GLY A 1 -13.39 -30.96 -6.69
N SER A 2 -12.13 -31.23 -6.97
CA SER A 2 -11.04 -30.39 -6.48
C SER A 2 -9.79 -30.54 -7.35
N SER A 3 -8.86 -29.61 -7.21
CA SER A 3 -7.63 -29.64 -7.98
C SER A 3 -6.49 -28.96 -7.23
N GLY A 4 -5.31 -28.92 -7.84
CA GLY A 4 -4.16 -28.31 -7.21
C GLY A 4 -3.31 -27.53 -8.19
N SER A 5 -2.05 -27.29 -7.83
CA SER A 5 -1.13 -26.56 -8.68
C SER A 5 0.29 -26.65 -8.16
N SER A 6 1.27 -26.39 -9.03
CA SER A 6 2.67 -26.46 -8.66
C SER A 6 2.99 -25.43 -7.57
N GLY A 7 2.70 -24.16 -7.85
CA GLY A 7 2.96 -23.11 -6.89
C GLY A 7 2.20 -21.84 -7.20
N MET A 8 1.50 -21.31 -6.20
CA MET A 8 0.72 -20.09 -6.37
C MET A 8 1.14 -19.03 -5.36
N SER A 9 1.25 -17.79 -5.81
CA SER A 9 1.65 -16.69 -4.94
C SER A 9 0.46 -15.79 -4.62
N PRO A 10 -0.02 -15.86 -3.37
CA PRO A 10 -1.16 -15.02 -3.03
C PRO A 10 -0.80 -13.54 -2.98
N PHE A 11 -1.70 -12.70 -3.47
CA PHE A 11 -1.47 -11.25 -3.48
C PHE A 11 -2.50 -10.53 -2.61
N LEU A 12 -2.14 -9.33 -2.16
CA LEU A 12 -3.03 -8.54 -1.31
C LEU A 12 -3.58 -7.35 -2.08
N ARG A 13 -4.91 -7.21 -2.08
CA ARG A 13 -5.57 -6.12 -2.78
C ARG A 13 -5.86 -4.96 -1.82
N ILE A 14 -4.97 -3.97 -1.80
CA ILE A 14 -5.13 -2.82 -0.93
C ILE A 14 -5.87 -1.70 -1.64
N GLY A 15 -6.86 -1.12 -0.97
CA GLY A 15 -7.63 -0.03 -1.56
C GLY A 15 -7.79 1.14 -0.61
N LEU A 16 -7.85 2.34 -1.17
CA LEU A 16 -8.01 3.55 -0.37
C LEU A 16 -9.36 4.21 -0.64
N SER A 17 -10.06 4.56 0.44
CA SER A 17 -11.37 5.20 0.32
C SER A 17 -11.61 6.16 1.48
N ASN A 18 -12.53 7.10 1.28
CA ASN A 18 -12.86 8.08 2.31
C ASN A 18 -11.60 8.78 2.80
N PHE A 19 -10.78 9.24 1.86
CA PHE A 19 -9.54 9.93 2.20
C PHE A 19 -9.82 11.18 3.03
N ASP A 20 -8.90 11.50 3.94
CA ASP A 20 -9.06 12.66 4.80
C ASP A 20 -7.71 13.36 5.01
N CYS A 21 -7.70 14.68 4.88
CA CYS A 21 -6.49 15.46 5.06
C CYS A 21 -6.58 16.34 6.30
N GLY A 22 -7.80 16.79 6.61
CA GLY A 22 -8.00 17.64 7.77
C GLY A 22 -9.37 18.29 7.77
N SER A 23 -9.41 19.59 7.48
CA SER A 23 -10.66 20.33 7.47
C SER A 23 -10.77 21.18 6.20
N CYS A 24 -11.99 21.34 5.71
CA CYS A 24 -12.24 22.13 4.51
C CYS A 24 -13.06 23.37 4.83
N GLN A 25 -12.58 24.53 4.37
CA GLN A 25 -13.28 25.79 4.61
C GLN A 25 -13.79 26.38 3.30
N SER A 26 -12.88 26.63 2.37
CA SER A 26 -13.25 27.19 1.08
C SER A 26 -12.18 26.90 0.03
N CYS A 27 -12.61 26.45 -1.14
CA CYS A 27 -11.69 26.14 -2.23
C CYS A 27 -11.65 27.26 -3.26
N GLN A 28 -10.59 27.28 -4.06
CA GLN A 28 -10.43 28.31 -5.08
C GLN A 28 -11.57 28.24 -6.09
N GLY A 29 -12.22 27.09 -6.18
CA GLY A 29 -13.31 26.92 -7.11
C GLY A 29 -13.21 25.63 -7.91
N GLU A 30 -12.03 25.37 -8.46
CA GLU A 30 -11.81 24.17 -9.25
C GLU A 30 -11.78 22.93 -8.36
N ALA A 31 -11.61 21.76 -8.97
CA ALA A 31 -11.57 20.51 -8.23
C ALA A 31 -10.18 19.89 -8.28
N VAL A 32 -9.41 20.07 -7.21
CA VAL A 32 -8.06 19.52 -7.14
C VAL A 32 -8.07 18.00 -7.28
N ASN A 33 -7.09 17.47 -7.99
CA ASN A 33 -6.99 16.03 -8.20
C ASN A 33 -5.60 15.52 -7.79
N PRO A 34 -5.38 15.37 -6.48
CA PRO A 34 -4.07 14.89 -6.05
C PRO A 34 -3.85 13.43 -6.41
N TYR A 35 -2.68 12.90 -6.07
CA TYR A 35 -2.34 11.51 -6.36
C TYR A 35 -1.51 10.91 -5.24
N CYS A 36 -1.91 9.73 -4.78
CA CYS A 36 -1.19 9.04 -3.71
C CYS A 36 0.11 8.44 -4.22
N ALA A 37 1.17 8.57 -3.43
CA ALA A 37 2.47 8.03 -3.80
C ALA A 37 2.81 6.78 -3.00
N VAL A 38 2.84 5.63 -3.67
CA VAL A 38 3.14 4.37 -3.03
C VAL A 38 4.53 3.87 -3.41
N LEU A 39 5.46 3.94 -2.47
CA LEU A 39 6.83 3.49 -2.71
C LEU A 39 7.11 2.19 -1.98
N VAL A 40 7.17 1.10 -2.75
CA VAL A 40 7.43 -0.22 -2.17
C VAL A 40 8.94 -0.46 -2.01
N LYS A 41 9.36 -0.70 -0.78
CA LYS A 41 10.76 -0.95 -0.49
C LYS A 41 10.99 -2.40 -0.07
N GLU A 42 12.25 -2.81 -0.03
CA GLU A 42 12.61 -4.17 0.35
C GLU A 42 13.54 -4.18 1.55
N TYR A 43 13.50 -5.25 2.32
CA TYR A 43 14.33 -5.38 3.51
C TYR A 43 15.67 -6.04 3.16
N VAL A 44 16.76 -5.35 3.45
CA VAL A 44 18.10 -5.87 3.17
C VAL A 44 19.01 -5.72 4.38
N GLU A 45 19.94 -6.66 4.53
CA GLU A 45 20.88 -6.64 5.65
C GLU A 45 22.32 -6.60 5.14
N SER A 46 23.02 -5.50 5.44
CA SER A 46 24.40 -5.36 5.01
C SER A 46 25.34 -5.37 6.21
N GLU A 47 26.62 -5.61 5.95
CA GLU A 47 27.62 -5.65 7.01
C GLU A 47 27.64 -4.34 7.80
N ASN A 48 27.51 -3.22 7.08
CA ASN A 48 27.51 -1.90 7.71
C ASN A 48 26.29 -1.73 8.61
N GLY A 49 25.20 -2.42 8.26
CA GLY A 49 23.99 -2.32 9.05
C GLY A 49 22.75 -2.67 8.24
N GLN A 50 21.62 -2.09 8.63
CA GLN A 50 20.36 -2.34 7.94
C GLN A 50 20.10 -1.28 6.87
N MET A 51 19.56 -1.71 5.74
CA MET A 51 19.26 -0.79 4.64
C MET A 51 18.08 -1.31 3.80
N TYR A 52 17.36 -0.38 3.18
CA TYR A 52 16.21 -0.75 2.36
C TYR A 52 16.48 -0.42 0.89
N ILE A 53 16.28 -1.41 0.02
CA ILE A 53 16.48 -1.23 -1.40
C ILE A 53 15.16 -1.16 -2.15
N GLN A 54 15.06 -0.19 -3.06
CA GLN A 54 13.83 -0.01 -3.85
C GLN A 54 13.98 -0.64 -5.23
N LYS A 55 13.10 -1.58 -5.54
CA LYS A 55 13.13 -2.27 -6.83
C LYS A 55 12.13 -1.64 -7.80
N LYS A 56 11.04 -1.11 -7.25
CA LYS A 56 10.01 -0.47 -8.07
C LYS A 56 9.90 1.02 -7.73
N PRO A 57 9.78 1.85 -8.78
CA PRO A 57 9.66 3.28 -8.50
C PRO A 57 8.32 3.64 -7.85
N THR A 58 8.12 4.93 -7.62
CA THR A 58 6.87 5.39 -7.01
C THR A 58 5.65 4.94 -7.79
N MET A 59 4.58 4.63 -7.09
CA MET A 59 3.35 4.17 -7.73
C MET A 59 2.22 5.17 -7.51
N TYR A 60 1.18 5.07 -8.33
CA TYR A 60 0.03 5.97 -8.23
C TYR A 60 -1.28 5.19 -8.29
N PRO A 61 -1.74 4.74 -7.11
CA PRO A 61 -3.00 3.98 -7.12
C PRO A 61 -4.20 4.87 -7.43
N PRO A 62 -5.29 4.25 -7.90
CA PRO A 62 -6.47 5.06 -8.20
C PRO A 62 -7.13 5.63 -6.95
N TRP A 63 -8.22 6.36 -7.15
CA TRP A 63 -8.95 6.95 -6.02
C TRP A 63 -10.24 6.18 -5.74
N ASP A 64 -10.49 5.89 -4.47
CA ASP A 64 -11.69 5.17 -4.07
C ASP A 64 -11.78 3.83 -4.79
N SER A 65 -10.63 3.30 -5.20
CA SER A 65 -10.58 2.02 -5.91
C SER A 65 -9.58 1.07 -5.24
N THR A 66 -9.48 -0.13 -5.79
CA THR A 66 -8.56 -1.13 -5.26
C THR A 66 -7.47 -1.47 -6.26
N PHE A 67 -6.24 -1.59 -5.76
CA PHE A 67 -5.10 -1.92 -6.62
C PHE A 67 -4.42 -3.19 -6.15
N ASP A 68 -3.66 -3.81 -7.05
CA ASP A 68 -2.94 -5.05 -6.73
C ASP A 68 -1.59 -4.74 -6.12
N ALA A 69 -1.17 -5.57 -5.17
CA ALA A 69 0.11 -5.39 -4.49
C ALA A 69 0.76 -6.73 -4.18
N HIS A 70 1.82 -7.07 -4.91
CA HIS A 70 2.53 -8.33 -4.71
C HIS A 70 2.98 -8.46 -3.26
N ILE A 71 3.07 -9.69 -2.78
CA ILE A 71 3.50 -9.96 -1.41
C ILE A 71 4.89 -10.59 -1.38
N ASN A 72 5.71 -10.15 -0.44
CA ASN A 72 7.07 -10.68 -0.30
C ASN A 72 7.52 -10.66 1.15
N LYS A 73 8.54 -11.45 1.47
CA LYS A 73 9.06 -11.52 2.82
C LYS A 73 9.96 -10.33 3.13
N GLY A 74 9.56 -9.52 4.10
CA GLY A 74 10.35 -8.36 4.47
C GLY A 74 10.16 -7.20 3.51
N ARG A 75 8.92 -6.97 3.10
CA ARG A 75 8.61 -5.90 2.17
C ARG A 75 7.66 -4.88 2.82
N VAL A 76 8.04 -3.61 2.78
CA VAL A 76 7.23 -2.55 3.37
C VAL A 76 6.65 -1.66 2.29
N MET A 77 5.68 -0.82 2.67
CA MET A 77 5.04 0.09 1.73
C MET A 77 4.87 1.48 2.35
N GLN A 78 5.40 2.48 1.67
CA GLN A 78 5.31 3.86 2.15
C GLN A 78 4.23 4.63 1.40
N ILE A 79 3.27 5.16 2.15
CA ILE A 79 2.17 5.91 1.55
C ILE A 79 2.35 7.41 1.79
N ILE A 80 2.72 8.14 0.73
CA ILE A 80 2.92 9.58 0.83
C ILE A 80 1.99 10.32 -0.12
N VAL A 81 1.11 11.13 0.45
CA VAL A 81 0.15 11.90 -0.35
C VAL A 81 0.86 13.03 -1.09
N LYS A 82 0.44 13.26 -2.33
CA LYS A 82 1.04 14.31 -3.16
C LYS A 82 0.02 14.85 -4.17
N GLY A 83 0.39 15.94 -4.84
CA GLY A 83 -0.50 16.52 -5.83
C GLY A 83 -0.32 18.02 -5.95
N LYS A 84 -1.20 18.77 -5.29
CA LYS A 84 -1.14 20.23 -5.31
C LYS A 84 0.20 20.73 -4.76
N ASN A 85 0.30 22.05 -4.61
CA ASN A 85 1.54 22.65 -4.09
C ASN A 85 1.83 22.15 -2.67
N VAL A 86 2.70 21.14 -2.58
CA VAL A 86 3.06 20.58 -1.29
C VAL A 86 4.22 19.60 -1.44
N ASP A 87 5.01 19.46 -0.37
CA ASP A 87 6.15 18.55 -0.38
C ASP A 87 6.08 17.58 0.79
N LEU A 88 5.67 16.34 0.50
CA LEU A 88 5.56 15.32 1.53
C LEU A 88 4.49 15.70 2.56
N ILE A 89 3.23 15.71 2.14
CA ILE A 89 2.13 16.04 3.03
C ILE A 89 2.19 15.24 4.32
N SER A 90 2.34 13.92 4.18
CA SER A 90 2.41 13.03 5.33
C SER A 90 3.12 11.73 4.97
N GLU A 91 3.28 10.85 5.96
CA GLU A 91 3.93 9.57 5.74
C GLU A 91 3.45 8.54 6.77
N THR A 92 3.31 7.29 6.32
CA THR A 92 2.86 6.22 7.18
C THR A 92 3.49 4.88 6.78
N THR A 93 4.02 4.17 7.76
CA THR A 93 4.65 2.87 7.49
C THR A 93 3.65 1.74 7.63
N VAL A 94 3.70 0.80 6.69
CA VAL A 94 2.79 -0.35 6.71
C VAL A 94 3.47 -1.59 6.17
N GLU A 95 3.13 -2.74 6.75
CA GLU A 95 3.72 -4.01 6.32
C GLU A 95 2.78 -4.76 5.38
N LEU A 96 3.33 -5.33 4.32
CA LEU A 96 2.55 -6.07 3.34
C LEU A 96 2.47 -7.55 3.72
N TYR A 97 3.47 -8.02 4.44
CA TYR A 97 3.52 -9.41 4.86
C TYR A 97 2.50 -9.69 5.96
N SER A 98 2.73 -9.13 7.14
CA SER A 98 1.84 -9.32 8.28
C SER A 98 0.40 -8.97 7.89
N LEU A 99 0.25 -7.93 7.08
CA LEU A 99 -1.07 -7.50 6.64
C LEU A 99 -1.85 -8.66 6.00
N ALA A 100 -1.14 -9.48 5.24
CA ALA A 100 -1.75 -10.63 4.59
C ALA A 100 -2.36 -11.59 5.60
N GLU A 101 -1.83 -11.55 6.83
CA GLU A 101 -2.32 -12.42 7.89
C GLU A 101 -3.49 -11.77 8.62
N ARG A 102 -3.41 -10.46 8.81
CA ARG A 102 -4.46 -9.72 9.50
C ARG A 102 -5.80 -9.88 8.79
N CYS A 103 -5.77 -9.79 7.46
CA CYS A 103 -6.98 -9.93 6.66
C CYS A 103 -7.71 -11.23 6.98
N ARG A 104 -6.95 -12.32 7.05
CA ARG A 104 -7.52 -13.63 7.34
C ARG A 104 -8.26 -13.61 8.68
N LYS A 105 -7.76 -12.82 9.62
CA LYS A 105 -8.39 -12.71 10.94
C LYS A 105 -9.82 -12.18 10.82
N ASN A 106 -10.09 -11.47 9.73
CA ASN A 106 -11.42 -10.91 9.50
C ASN A 106 -12.23 -11.83 8.60
N ASN A 107 -11.90 -13.11 8.61
CA ASN A 107 -12.61 -14.09 7.80
C ASN A 107 -12.54 -13.73 6.32
N GLY A 108 -11.52 -12.96 5.96
CA GLY A 108 -11.35 -12.56 4.57
C GLY A 108 -10.58 -11.26 4.44
N LYS A 109 -11.27 -10.13 4.54
CA LYS A 109 -10.64 -8.83 4.42
C LYS A 109 -10.82 -8.02 5.70
N THR A 110 -9.81 -7.23 6.04
CA THR A 110 -9.86 -6.41 7.24
C THR A 110 -9.56 -4.95 6.93
N GLU A 111 -10.31 -4.05 7.55
CA GLU A 111 -10.13 -2.62 7.33
C GLU A 111 -9.20 -2.02 8.38
N ILE A 112 -8.21 -1.26 7.92
CA ILE A 112 -7.26 -0.63 8.83
C ILE A 112 -7.11 0.86 8.53
N TRP A 113 -7.15 1.68 9.56
CA TRP A 113 -7.02 3.12 9.42
C TRP A 113 -5.58 3.56 9.60
N LEU A 114 -4.95 3.98 8.51
CA LEU A 114 -3.56 4.44 8.56
C LEU A 114 -3.46 5.84 9.15
N GLU A 115 -2.58 6.00 10.14
CA GLU A 115 -2.39 7.28 10.80
C GLU A 115 -1.24 8.06 10.15
N LEU A 116 -1.59 8.93 9.21
CA LEU A 116 -0.59 9.73 8.51
C LEU A 116 -0.09 10.87 9.40
N LYS A 117 1.22 11.04 9.46
CA LYS A 117 1.83 12.10 10.26
C LYS A 117 2.61 13.07 9.39
N PRO A 118 2.82 14.29 9.90
CA PRO A 118 2.38 14.81 11.21
C PRO A 118 0.88 15.00 11.27
N GLN A 119 0.22 14.98 10.12
CA GLN A 119 -1.22 15.16 10.05
C GLN A 119 -1.80 14.43 8.85
N GLY A 120 -3.07 14.05 8.94
CA GLY A 120 -3.73 13.36 7.84
C GLY A 120 -4.05 11.91 8.19
N ARG A 121 -5.03 11.35 7.50
CA ARG A 121 -5.44 9.97 7.73
C ARG A 121 -6.23 9.42 6.55
N MET A 122 -5.93 8.18 6.17
CA MET A 122 -6.62 7.54 5.05
C MET A 122 -7.09 6.15 5.43
N LEU A 123 -8.13 5.67 4.76
CA LEU A 123 -8.67 4.34 5.02
C LEU A 123 -7.97 3.29 4.18
N MET A 124 -7.51 2.22 4.83
CA MET A 124 -6.82 1.14 4.14
C MET A 124 -7.67 -0.14 4.14
N ASN A 125 -7.99 -0.63 2.95
CA ASN A 125 -8.79 -1.83 2.82
C ASN A 125 -7.99 -2.96 2.16
N ALA A 126 -7.51 -3.89 2.96
CA ALA A 126 -6.73 -5.01 2.45
C ALA A 126 -7.59 -6.27 2.35
N ARG A 127 -7.62 -6.87 1.15
CA ARG A 127 -8.40 -8.07 0.92
C ARG A 127 -7.49 -9.26 0.63
N TYR A 128 -8.00 -10.47 0.84
CA TYR A 128 -7.23 -11.68 0.60
C TYR A 128 -7.59 -12.28 -0.76
N PHE A 129 -6.57 -12.61 -1.53
CA PHE A 129 -6.77 -13.20 -2.86
C PHE A 129 -5.65 -14.20 -3.19
N LEU A 130 -5.90 -15.04 -4.19
CA LEU A 130 -4.92 -16.04 -4.60
C LEU A 130 -4.63 -15.92 -6.10
N GLU A 131 -3.61 -16.64 -6.55
CA GLU A 131 -3.23 -16.62 -7.95
C GLU A 131 -2.94 -18.03 -8.46
N MET A 132 -2.61 -18.14 -9.75
CA MET A 132 -2.31 -19.43 -10.35
C MET A 132 -0.83 -19.75 -10.23
N SER A 133 0.01 -18.86 -10.77
CA SER A 133 1.46 -19.06 -10.72
C SER A 133 2.15 -17.84 -10.14
N GLY A 134 3.44 -17.99 -9.81
CA GLY A 134 4.19 -16.89 -9.25
C GLY A 134 5.58 -17.31 -8.80
N PRO A 135 6.47 -16.33 -8.63
CA PRO A 135 7.83 -16.69 -8.20
C PRO A 135 7.86 -17.19 -6.77
N SER A 136 8.99 -17.79 -6.37
CA SER A 136 9.14 -18.31 -5.02
C SER A 136 10.25 -17.58 -4.28
N SER A 137 11.23 -17.08 -5.03
CA SER A 137 12.35 -16.35 -4.44
C SER A 137 12.24 -14.87 -4.73
N GLY A 138 12.67 -14.05 -3.77
CA GLY A 138 12.63 -12.61 -3.95
C GLY A 138 13.35 -11.86 -2.84
N GLY A 1 -17.60 -26.05 -12.73
CA GLY A 1 -16.92 -27.06 -11.95
C GLY A 1 -15.46 -27.20 -12.35
N SER A 2 -14.92 -28.40 -12.20
CA SER A 2 -13.53 -28.67 -12.53
C SER A 2 -12.59 -27.70 -11.81
N SER A 3 -12.99 -27.32 -10.60
CA SER A 3 -12.19 -26.39 -9.81
C SER A 3 -11.14 -27.13 -8.98
N GLY A 4 -10.02 -26.48 -8.74
CA GLY A 4 -8.95 -27.10 -7.97
C GLY A 4 -7.57 -26.67 -8.43
N SER A 5 -6.98 -25.71 -7.72
CA SER A 5 -5.67 -25.20 -8.06
C SER A 5 -4.75 -25.18 -6.83
N SER A 6 -3.44 -25.21 -7.08
CA SER A 6 -2.47 -25.19 -6.00
C SER A 6 -1.09 -24.78 -6.51
N GLY A 7 -0.29 -24.17 -5.64
CA GLY A 7 1.03 -23.74 -6.02
C GLY A 7 1.02 -22.38 -6.71
N MET A 8 0.28 -21.44 -6.15
CA MET A 8 0.19 -20.10 -6.72
C MET A 8 0.54 -19.03 -5.69
N SER A 9 1.06 -17.90 -6.16
CA SER A 9 1.45 -16.81 -5.27
C SER A 9 0.27 -15.87 -5.03
N PRO A 10 -0.27 -15.91 -3.80
CA PRO A 10 -1.40 -15.02 -3.52
C PRO A 10 -0.98 -13.56 -3.46
N PHE A 11 -1.89 -12.68 -3.87
CA PHE A 11 -1.62 -11.25 -3.87
C PHE A 11 -2.58 -10.51 -2.94
N LEU A 12 -2.17 -9.33 -2.47
CA LEU A 12 -2.99 -8.54 -1.58
C LEU A 12 -3.57 -7.32 -2.31
N ARG A 13 -4.89 -7.17 -2.24
CA ARG A 13 -5.56 -6.06 -2.90
C ARG A 13 -5.85 -4.93 -1.89
N ILE A 14 -5.00 -3.92 -1.88
CA ILE A 14 -5.17 -2.79 -0.97
C ILE A 14 -5.90 -1.64 -1.66
N GLY A 15 -6.88 -1.07 -0.96
CA GLY A 15 -7.64 0.02 -1.51
C GLY A 15 -7.73 1.20 -0.57
N LEU A 16 -7.77 2.41 -1.13
CA LEU A 16 -7.86 3.62 -0.33
C LEU A 16 -9.19 4.33 -0.53
N SER A 17 -9.87 4.66 0.57
CA SER A 17 -11.15 5.33 0.51
C SER A 17 -11.35 6.25 1.72
N ASN A 18 -12.33 7.13 1.62
CA ASN A 18 -12.62 8.07 2.70
C ASN A 18 -11.36 8.82 3.13
N PHE A 19 -10.63 9.34 2.15
CA PHE A 19 -9.40 10.07 2.42
C PHE A 19 -9.70 11.37 3.17
N ASP A 20 -8.90 11.66 4.18
CA ASP A 20 -9.08 12.86 4.98
C ASP A 20 -7.78 13.67 5.05
N CYS A 21 -7.86 14.95 4.67
CA CYS A 21 -6.70 15.82 4.68
C CYS A 21 -6.88 16.95 5.68
N GLY A 22 -8.14 17.34 5.91
CA GLY A 22 -8.42 18.41 6.85
C GLY A 22 -9.90 18.56 7.12
N SER A 23 -10.29 18.36 8.38
CA SER A 23 -11.69 18.46 8.77
C SER A 23 -12.27 19.81 8.33
N CYS A 24 -11.42 20.83 8.29
CA CYS A 24 -11.85 22.16 7.89
C CYS A 24 -11.43 22.47 6.47
N GLN A 25 -12.39 22.91 5.65
CA GLN A 25 -12.11 23.23 4.25
C GLN A 25 -12.26 24.73 4.00
N SER A 26 -11.29 25.50 4.46
CA SER A 26 -11.33 26.95 4.28
C SER A 26 -9.98 27.47 3.77
N CYS A 27 -8.90 26.92 4.32
CA CYS A 27 -7.56 27.33 3.93
C CYS A 27 -7.38 27.23 2.42
N GLN A 28 -8.03 26.25 1.81
CA GLN A 28 -7.94 26.05 0.38
C GLN A 28 -9.17 26.61 -0.33
N GLY A 29 -9.08 26.74 -1.65
CA GLY A 29 -10.18 27.26 -2.42
C GLY A 29 -10.35 26.57 -3.76
N GLU A 30 -9.28 26.55 -4.55
CA GLU A 30 -9.31 25.91 -5.86
C GLU A 30 -9.41 24.39 -5.73
N ALA A 31 -9.49 23.71 -6.86
CA ALA A 31 -9.59 22.26 -6.87
C ALA A 31 -8.28 21.62 -7.34
N VAL A 32 -7.47 21.16 -6.39
CA VAL A 32 -6.20 20.53 -6.70
C VAL A 32 -6.36 19.03 -6.87
N ASN A 33 -5.60 18.45 -7.80
CA ASN A 33 -5.66 17.02 -8.07
C ASN A 33 -4.42 16.32 -7.51
N PRO A 34 -4.42 16.06 -6.20
CA PRO A 34 -3.25 15.39 -5.63
C PRO A 34 -3.15 13.94 -6.08
N TYR A 35 -2.16 13.23 -5.54
CA TYR A 35 -1.95 11.83 -5.89
C TYR A 35 -1.24 11.09 -4.76
N CYS A 36 -1.52 9.79 -4.65
CA CYS A 36 -0.90 8.97 -3.61
C CYS A 36 0.34 8.27 -4.14
N ALA A 37 1.44 8.38 -3.40
CA ALA A 37 2.70 7.75 -3.78
C ALA A 37 2.97 6.52 -2.94
N VAL A 38 2.94 5.35 -3.57
CA VAL A 38 3.20 4.10 -2.88
C VAL A 38 4.65 3.66 -3.04
N LEU A 39 5.48 4.02 -2.07
CA LEU A 39 6.90 3.67 -2.10
C LEU A 39 7.14 2.34 -1.40
N VAL A 40 7.13 1.26 -2.19
CA VAL A 40 7.35 -0.07 -1.66
C VAL A 40 8.83 -0.46 -1.74
N LYS A 41 9.41 -0.80 -0.60
CA LYS A 41 10.81 -1.20 -0.54
C LYS A 41 10.95 -2.72 -0.46
N GLU A 42 12.05 -3.24 -1.00
CA GLU A 42 12.29 -4.68 -1.00
C GLU A 42 13.33 -5.03 0.05
N TYR A 43 13.09 -6.12 0.78
CA TYR A 43 14.00 -6.58 1.82
C TYR A 43 15.31 -7.07 1.22
N VAL A 44 16.38 -6.32 1.46
CA VAL A 44 17.69 -6.68 0.94
C VAL A 44 18.47 -7.52 1.95
N GLU A 45 19.22 -8.50 1.44
CA GLU A 45 20.01 -9.38 2.30
C GLU A 45 21.48 -9.40 1.86
N SER A 46 22.36 -8.99 2.75
CA SER A 46 23.79 -8.95 2.45
C SER A 46 24.60 -9.49 3.62
N GLU A 47 25.64 -10.27 3.31
CA GLU A 47 26.49 -10.84 4.34
C GLU A 47 27.05 -9.77 5.26
N ASN A 48 27.24 -8.57 4.71
CA ASN A 48 27.76 -7.45 5.48
C ASN A 48 26.77 -7.01 6.55
N GLY A 49 25.48 -7.11 6.24
CA GLY A 49 24.45 -6.73 7.20
C GLY A 49 23.10 -6.53 6.53
N GLN A 50 22.06 -6.46 7.35
CA GLN A 50 20.70 -6.28 6.84
C GLN A 50 20.46 -4.83 6.43
N MET A 51 19.76 -4.63 5.33
CA MET A 51 19.46 -3.30 4.82
C MET A 51 18.14 -3.28 4.07
N TYR A 52 17.65 -2.08 3.78
CA TYR A 52 16.39 -1.92 3.06
C TYR A 52 16.52 -0.87 1.96
N ILE A 53 16.31 -1.29 0.71
CA ILE A 53 16.39 -0.39 -0.43
C ILE A 53 15.17 -0.53 -1.32
N GLN A 54 14.73 0.60 -1.89
CA GLN A 54 13.57 0.60 -2.77
C GLN A 54 13.99 0.40 -4.22
N LYS A 55 13.71 -0.79 -4.75
CA LYS A 55 14.05 -1.12 -6.12
C LYS A 55 12.91 -0.78 -7.06
N LYS A 56 11.68 -0.87 -6.55
CA LYS A 56 10.50 -0.56 -7.36
C LYS A 56 10.25 0.95 -7.40
N PRO A 57 9.95 1.46 -8.60
CA PRO A 57 9.71 2.90 -8.69
C PRO A 57 8.40 3.31 -8.02
N THR A 58 8.28 4.59 -7.68
CA THR A 58 7.08 5.10 -7.03
C THR A 58 5.82 4.70 -7.80
N MET A 59 4.84 4.18 -7.08
CA MET A 59 3.58 3.77 -7.69
C MET A 59 2.49 4.80 -7.46
N TYR A 60 1.45 4.77 -8.29
CA TYR A 60 0.35 5.71 -8.18
C TYR A 60 -1.00 4.98 -8.28
N PRO A 61 -1.49 4.48 -7.13
CA PRO A 61 -2.77 3.78 -7.20
C PRO A 61 -3.94 4.73 -7.47
N PRO A 62 -5.05 4.17 -7.97
CA PRO A 62 -6.19 5.05 -8.24
C PRO A 62 -6.83 5.58 -6.97
N TRP A 63 -7.87 6.40 -7.13
CA TRP A 63 -8.58 6.97 -5.99
C TRP A 63 -9.92 6.28 -5.77
N ASP A 64 -10.22 5.96 -4.52
CA ASP A 64 -11.47 5.28 -4.17
C ASP A 64 -11.59 3.95 -4.91
N SER A 65 -10.46 3.38 -5.27
CA SER A 65 -10.44 2.10 -5.98
C SER A 65 -9.50 1.11 -5.30
N THR A 66 -9.42 -0.10 -5.86
CA THR A 66 -8.56 -1.14 -5.31
C THR A 66 -7.48 -1.54 -6.31
N PHE A 67 -6.25 -1.68 -5.82
CA PHE A 67 -5.14 -2.07 -6.66
C PHE A 67 -4.47 -3.34 -6.14
N ASP A 68 -3.74 -4.03 -7.02
CA ASP A 68 -3.06 -5.26 -6.66
C ASP A 68 -1.70 -4.96 -6.04
N ALA A 69 -1.28 -5.81 -5.10
CA ALA A 69 0.01 -5.64 -4.44
C ALA A 69 0.65 -6.99 -4.15
N HIS A 70 1.72 -7.32 -4.87
CA HIS A 70 2.41 -8.58 -4.69
C HIS A 70 2.80 -8.78 -3.22
N ILE A 71 2.72 -10.02 -2.76
CA ILE A 71 3.04 -10.33 -1.37
C ILE A 71 4.47 -10.85 -1.25
N ASN A 72 5.14 -10.49 -0.16
CA ASN A 72 6.52 -10.91 0.07
C ASN A 72 6.80 -11.05 1.57
N LYS A 73 8.00 -11.48 1.89
CA LYS A 73 8.40 -11.65 3.29
C LYS A 73 9.42 -10.60 3.70
N GLY A 74 8.94 -9.50 4.27
CA GLY A 74 9.83 -8.43 4.71
C GLY A 74 9.65 -7.17 3.88
N ARG A 75 8.51 -7.06 3.21
CA ARG A 75 8.23 -5.90 2.39
C ARG A 75 7.50 -4.83 3.19
N VAL A 76 7.71 -3.56 2.81
CA VAL A 76 7.06 -2.45 3.49
C VAL A 76 6.48 -1.45 2.50
N MET A 77 5.32 -0.91 2.82
CA MET A 77 4.65 0.06 1.95
C MET A 77 4.63 1.44 2.61
N GLN A 78 4.77 2.48 1.79
CA GLN A 78 4.75 3.85 2.28
C GLN A 78 3.91 4.75 1.38
N ILE A 79 2.76 5.18 1.89
CA ILE A 79 1.87 6.05 1.13
C ILE A 79 2.18 7.53 1.40
N ILE A 80 2.45 8.27 0.33
CA ILE A 80 2.75 9.68 0.45
C ILE A 80 1.57 10.54 -0.02
N VAL A 81 1.41 11.71 0.61
CA VAL A 81 0.33 12.62 0.25
C VAL A 81 0.86 14.01 -0.03
N LYS A 82 1.08 14.31 -1.30
CA LYS A 82 1.59 15.62 -1.70
C LYS A 82 0.70 16.24 -2.78
N GLY A 83 1.09 17.42 -3.25
CA GLY A 83 0.32 18.10 -4.29
C GLY A 83 1.18 18.97 -5.16
N LYS A 84 0.68 20.16 -5.49
CA LYS A 84 1.41 21.10 -6.33
C LYS A 84 1.94 22.26 -5.50
N ASN A 85 1.11 22.79 -4.60
CA ASN A 85 1.51 23.91 -3.76
C ASN A 85 2.42 23.43 -2.63
N VAL A 86 2.14 22.24 -2.10
CA VAL A 86 2.92 21.67 -1.02
C VAL A 86 3.78 20.51 -1.51
N ASP A 87 4.98 20.38 -0.95
CA ASP A 87 5.89 19.32 -1.34
C ASP A 87 5.48 18.00 -0.70
N LEU A 88 5.01 18.07 0.54
CA LEU A 88 4.57 16.88 1.27
C LEU A 88 3.62 17.24 2.41
N ILE A 89 2.43 16.67 2.38
CA ILE A 89 1.43 16.94 3.41
C ILE A 89 1.60 15.99 4.60
N SER A 90 1.74 14.70 4.30
CA SER A 90 1.90 13.70 5.34
C SER A 90 2.28 12.35 4.74
N GLU A 91 2.65 11.40 5.60
CA GLU A 91 3.03 10.07 5.15
C GLU A 91 2.92 9.06 6.29
N THR A 92 2.92 7.78 5.94
CA THR A 92 2.82 6.71 6.93
C THR A 92 3.41 5.41 6.40
N THR A 93 3.84 4.55 7.31
CA THR A 93 4.43 3.27 6.95
C THR A 93 3.51 2.11 7.31
N VAL A 94 3.48 1.10 6.47
CA VAL A 94 2.63 -0.08 6.71
C VAL A 94 3.25 -1.33 6.10
N GLU A 95 3.39 -2.37 6.91
CA GLU A 95 3.97 -3.63 6.44
C GLU A 95 2.96 -4.41 5.59
N LEU A 96 3.44 -4.96 4.48
CA LEU A 96 2.58 -5.72 3.58
C LEU A 96 2.61 -7.20 3.93
N TYR A 97 3.71 -7.64 4.53
CA TYR A 97 3.86 -9.04 4.93
C TYR A 97 2.80 -9.45 5.93
N SER A 98 2.85 -8.84 7.11
CA SER A 98 1.89 -9.13 8.17
C SER A 98 0.47 -8.75 7.75
N LEU A 99 0.37 -7.76 6.86
CA LEU A 99 -0.92 -7.31 6.37
C LEU A 99 -1.75 -8.47 5.83
N ALA A 100 -1.09 -9.36 5.09
CA ALA A 100 -1.77 -10.52 4.53
C ALA A 100 -2.25 -11.46 5.63
N GLU A 101 -1.58 -11.42 6.77
CA GLU A 101 -1.94 -12.28 7.90
C GLU A 101 -3.08 -11.66 8.70
N ARG A 102 -3.19 -10.34 8.65
CA ARG A 102 -4.23 -9.63 9.37
C ARG A 102 -5.59 -9.80 8.68
N CYS A 103 -5.58 -9.78 7.35
CA CYS A 103 -6.79 -9.94 6.57
C CYS A 103 -7.50 -11.24 6.92
N ARG A 104 -6.75 -12.34 6.92
CA ARG A 104 -7.30 -13.65 7.22
C ARG A 104 -8.04 -13.63 8.56
N LYS A 105 -7.48 -12.90 9.53
CA LYS A 105 -8.09 -12.79 10.85
C LYS A 105 -9.52 -12.27 10.76
N ASN A 106 -9.81 -11.55 9.68
CA ASN A 106 -11.14 -10.99 9.47
C ASN A 106 -11.97 -11.90 8.58
N ASN A 107 -11.65 -13.19 8.59
CA ASN A 107 -12.37 -14.16 7.78
C ASN A 107 -12.35 -13.78 6.30
N GLY A 108 -11.31 -13.04 5.91
CA GLY A 108 -11.19 -12.62 4.53
C GLY A 108 -10.41 -11.32 4.39
N LYS A 109 -11.09 -10.19 4.55
CA LYS A 109 -10.46 -8.89 4.44
C LYS A 109 -10.63 -8.09 5.73
N THR A 110 -9.61 -7.31 6.07
CA THR A 110 -9.65 -6.49 7.28
C THR A 110 -9.41 -5.03 6.95
N GLU A 111 -10.20 -4.16 7.58
CA GLU A 111 -10.07 -2.72 7.36
C GLU A 111 -9.16 -2.08 8.42
N ILE A 112 -8.10 -1.43 7.95
CA ILE A 112 -7.16 -0.78 8.85
C ILE A 112 -7.07 0.71 8.57
N TRP A 113 -7.11 1.51 9.62
CA TRP A 113 -7.03 2.97 9.48
C TRP A 113 -5.59 3.45 9.64
N LEU A 114 -5.02 3.97 8.55
CA LEU A 114 -3.65 4.46 8.57
C LEU A 114 -3.58 5.84 9.23
N GLU A 115 -2.49 6.09 9.94
CA GLU A 115 -2.30 7.37 10.62
C GLU A 115 -1.17 8.15 9.97
N LEU A 116 -1.53 9.06 9.07
CA LEU A 116 -0.55 9.89 8.38
C LEU A 116 -0.03 11.00 9.30
N LYS A 117 1.29 11.16 9.32
CA LYS A 117 1.91 12.20 10.15
C LYS A 117 2.50 13.30 9.29
N PRO A 118 2.69 14.49 9.89
CA PRO A 118 2.39 14.84 11.28
C PRO A 118 0.89 14.91 11.54
N GLN A 119 0.10 14.97 10.47
CA GLN A 119 -1.34 15.03 10.59
C GLN A 119 -2.02 14.40 9.38
N GLY A 120 -3.25 13.93 9.56
CA GLY A 120 -3.98 13.31 8.47
C GLY A 120 -4.13 11.81 8.65
N ARG A 121 -5.06 11.23 7.91
CA ARG A 121 -5.31 9.79 7.99
C ARG A 121 -6.05 9.30 6.74
N MET A 122 -5.86 8.03 6.41
CA MET A 122 -6.50 7.43 5.25
C MET A 122 -6.93 5.99 5.54
N LEU A 123 -8.01 5.57 4.91
CA LEU A 123 -8.53 4.21 5.10
C LEU A 123 -7.79 3.22 4.21
N MET A 124 -7.46 2.06 4.77
CA MET A 124 -6.76 1.02 4.03
C MET A 124 -7.54 -0.28 4.05
N ASN A 125 -8.07 -0.66 2.89
CA ASN A 125 -8.84 -1.89 2.78
C ASN A 125 -8.03 -2.99 2.10
N ALA A 126 -7.51 -3.92 2.89
CA ALA A 126 -6.71 -5.01 2.37
C ALA A 126 -7.54 -6.31 2.28
N ARG A 127 -7.67 -6.82 1.07
CA ARG A 127 -8.43 -8.05 0.84
C ARG A 127 -7.51 -9.20 0.45
N TYR A 128 -7.95 -10.42 0.72
CA TYR A 128 -7.17 -11.60 0.40
C TYR A 128 -7.60 -12.20 -0.94
N PHE A 129 -6.62 -12.47 -1.80
CA PHE A 129 -6.90 -13.02 -3.12
C PHE A 129 -5.80 -14.00 -3.54
N LEU A 130 -6.03 -14.70 -4.65
CA LEU A 130 -5.05 -15.66 -5.15
C LEU A 130 -4.73 -15.39 -6.61
N GLU A 131 -3.48 -15.63 -6.99
CA GLU A 131 -3.04 -15.41 -8.37
C GLU A 131 -1.89 -16.35 -8.72
N MET A 132 -2.02 -17.01 -9.88
CA MET A 132 -1.00 -17.93 -10.35
C MET A 132 0.31 -17.20 -10.65
N SER A 133 1.32 -17.41 -9.81
CA SER A 133 2.61 -16.77 -9.99
C SER A 133 3.62 -17.29 -8.97
N GLY A 134 4.83 -16.74 -9.02
CA GLY A 134 5.87 -17.17 -8.10
C GLY A 134 6.70 -16.00 -7.59
N PRO A 135 7.36 -16.20 -6.44
CA PRO A 135 8.17 -15.09 -5.92
C PRO A 135 9.40 -14.82 -6.76
N SER A 136 10.20 -13.85 -6.35
CA SER A 136 11.41 -13.47 -7.07
C SER A 136 12.63 -13.50 -6.16
N SER A 137 13.79 -13.22 -6.72
CA SER A 137 15.03 -13.21 -5.96
C SER A 137 15.63 -11.81 -5.89
N GLY A 138 16.65 -11.65 -5.05
CA GLY A 138 17.30 -10.35 -4.91
C GLY A 138 18.55 -10.25 -5.74
N GLY A 1 -12.98 -34.74 -9.77
CA GLY A 1 -12.36 -33.52 -10.26
C GLY A 1 -11.50 -32.85 -9.22
N SER A 2 -11.92 -31.67 -8.76
CA SER A 2 -11.17 -30.92 -7.75
C SER A 2 -9.75 -30.64 -8.24
N SER A 3 -9.63 -30.32 -9.52
CA SER A 3 -8.33 -30.02 -10.11
C SER A 3 -8.00 -28.54 -10.01
N GLY A 4 -6.82 -28.16 -10.47
CA GLY A 4 -6.41 -26.77 -10.42
C GLY A 4 -4.96 -26.57 -10.85
N SER A 5 -4.62 -25.33 -11.17
CA SER A 5 -3.26 -25.01 -11.61
C SER A 5 -2.27 -25.13 -10.46
N SER A 6 -1.02 -24.78 -10.72
CA SER A 6 0.03 -24.86 -9.71
C SER A 6 1.20 -23.95 -10.08
N GLY A 7 1.38 -22.89 -9.30
CA GLY A 7 2.46 -21.95 -9.55
C GLY A 7 2.02 -20.51 -9.53
N MET A 8 1.20 -20.17 -8.53
CA MET A 8 0.69 -18.80 -8.41
C MET A 8 0.98 -18.25 -7.01
N SER A 9 1.45 -17.01 -6.96
CA SER A 9 1.78 -16.37 -5.69
C SER A 9 0.66 -15.43 -5.25
N PRO A 10 0.22 -15.58 -3.99
CA PRO A 10 -0.86 -14.70 -3.53
C PRO A 10 -0.40 -13.25 -3.38
N PHE A 11 -1.35 -12.34 -3.37
CA PHE A 11 -1.05 -10.91 -3.23
C PHE A 11 -2.07 -10.22 -2.34
N LEU A 12 -1.86 -8.94 -2.07
CA LEU A 12 -2.76 -8.16 -1.23
C LEU A 12 -3.38 -7.01 -2.02
N ARG A 13 -4.71 -6.94 -2.00
CA ARG A 13 -5.43 -5.89 -2.72
C ARG A 13 -5.84 -4.78 -1.76
N ILE A 14 -5.03 -3.73 -1.68
CA ILE A 14 -5.31 -2.61 -0.81
C ILE A 14 -6.13 -1.53 -1.53
N GLY A 15 -7.11 -0.98 -0.84
CA GLY A 15 -7.94 0.05 -1.44
C GLY A 15 -8.13 1.26 -0.54
N LEU A 16 -7.76 2.42 -1.04
CA LEU A 16 -7.88 3.66 -0.26
C LEU A 16 -9.14 4.43 -0.64
N SER A 17 -9.75 5.08 0.34
CA SER A 17 -10.96 5.86 0.10
C SER A 17 -11.32 6.71 1.32
N ASN A 18 -12.12 7.74 1.10
CA ASN A 18 -12.53 8.63 2.17
C ASN A 18 -11.33 9.37 2.75
N PHE A 19 -10.43 9.81 1.87
CA PHE A 19 -9.23 10.52 2.29
C PHE A 19 -9.60 11.86 2.93
N ASP A 20 -8.90 12.21 4.00
CA ASP A 20 -9.15 13.47 4.70
C ASP A 20 -7.86 14.26 4.90
N CYS A 21 -7.75 15.39 4.22
CA CYS A 21 -6.56 16.23 4.31
C CYS A 21 -6.60 17.09 5.56
N GLY A 22 -7.76 17.67 5.83
CA GLY A 22 -7.92 18.52 6.99
C GLY A 22 -7.59 19.98 6.70
N SER A 23 -6.47 20.19 6.03
CA SER A 23 -6.04 21.55 5.69
C SER A 23 -6.58 21.97 4.32
N CYS A 24 -7.07 23.20 4.24
CA CYS A 24 -7.61 23.72 2.99
C CYS A 24 -7.15 25.16 2.75
N GLN A 25 -7.12 25.56 1.49
CA GLN A 25 -6.69 26.91 1.13
C GLN A 25 -7.82 27.67 0.44
N SER A 26 -7.88 28.98 0.69
CA SER A 26 -8.91 29.81 0.10
C SER A 26 -8.56 30.17 -1.35
N CYS A 27 -7.29 30.46 -1.58
CA CYS A 27 -6.82 30.81 -2.92
C CYS A 27 -6.82 29.59 -3.84
N GLN A 28 -7.87 29.47 -4.65
CA GLN A 28 -7.99 28.35 -5.57
C GLN A 28 -8.59 28.79 -6.90
N GLY A 29 -8.07 28.24 -8.00
CA GLY A 29 -8.57 28.60 -9.31
C GLY A 29 -8.30 27.52 -10.34
N GLU A 30 -7.04 27.12 -10.47
CA GLU A 30 -6.65 26.09 -11.42
C GLU A 30 -7.18 24.72 -11.00
N ALA A 31 -6.81 23.69 -11.74
CA ALA A 31 -7.25 22.33 -11.44
C ALA A 31 -6.09 21.48 -10.95
N VAL A 32 -5.99 21.36 -9.62
CA VAL A 32 -4.92 20.57 -9.02
C VAL A 32 -5.23 19.08 -9.08
N ASN A 33 -4.21 18.28 -9.34
CA ASN A 33 -4.37 16.83 -9.44
C ASN A 33 -3.55 16.12 -8.36
N PRO A 34 -4.12 16.05 -7.14
CA PRO A 34 -3.37 15.38 -6.07
C PRO A 34 -3.28 13.87 -6.29
N TYR A 35 -2.05 13.35 -6.30
CA TYR A 35 -1.83 11.92 -6.51
C TYR A 35 -1.23 11.29 -5.26
N CYS A 36 -1.20 9.96 -5.23
CA CYS A 36 -0.65 9.23 -4.10
C CYS A 36 0.57 8.42 -4.52
N ALA A 37 1.68 8.61 -3.83
CA ALA A 37 2.91 7.90 -4.13
C ALA A 37 3.07 6.67 -3.24
N VAL A 38 2.98 5.49 -3.86
CA VAL A 38 3.12 4.23 -3.11
C VAL A 38 4.45 3.57 -3.40
N LEU A 39 5.42 3.78 -2.50
CA LEU A 39 6.74 3.19 -2.65
C LEU A 39 6.80 1.80 -2.04
N VAL A 40 7.30 0.84 -2.80
CA VAL A 40 7.43 -0.54 -2.33
C VAL A 40 8.88 -0.95 -2.21
N LYS A 41 9.25 -1.50 -1.06
CA LYS A 41 10.61 -1.95 -0.82
C LYS A 41 10.66 -3.47 -0.63
N GLU A 42 11.77 -4.07 -1.04
CA GLU A 42 11.93 -5.51 -0.92
C GLU A 42 12.92 -5.85 0.19
N TYR A 43 12.58 -6.85 0.99
CA TYR A 43 13.43 -7.27 2.11
C TYR A 43 14.81 -7.69 1.60
N VAL A 44 15.83 -6.95 2.01
CA VAL A 44 17.20 -7.25 1.60
C VAL A 44 18.06 -7.64 2.80
N GLU A 45 19.13 -8.37 2.54
CA GLU A 45 20.04 -8.81 3.61
C GLU A 45 21.49 -8.49 3.25
N SER A 46 22.08 -7.56 4.00
CA SER A 46 23.46 -7.15 3.76
C SER A 46 24.35 -7.57 4.93
N GLU A 47 25.56 -8.01 4.61
CA GLU A 47 26.52 -8.44 5.63
C GLU A 47 26.70 -7.35 6.69
N ASN A 48 26.52 -6.09 6.29
CA ASN A 48 26.66 -4.98 7.20
C ASN A 48 25.42 -4.83 8.09
N GLY A 49 24.27 -5.18 7.55
CA GLY A 49 23.03 -5.08 8.30
C GLY A 49 21.81 -5.23 7.43
N GLN A 50 20.64 -5.32 8.05
CA GLN A 50 19.38 -5.46 7.32
C GLN A 50 18.76 -4.09 7.05
N MET A 51 18.32 -3.89 5.81
CA MET A 51 17.70 -2.63 5.42
C MET A 51 16.56 -2.87 4.43
N TYR A 52 15.98 -1.78 3.93
CA TYR A 52 14.87 -1.88 2.98
C TYR A 52 15.16 -1.06 1.73
N ILE A 53 15.28 -1.74 0.60
CA ILE A 53 15.55 -1.08 -0.67
C ILE A 53 14.30 -1.02 -1.54
N GLN A 54 14.15 0.07 -2.29
CA GLN A 54 13.00 0.25 -3.17
C GLN A 54 13.38 -0.03 -4.62
N LYS A 55 13.18 -1.27 -5.04
CA LYS A 55 13.50 -1.66 -6.41
C LYS A 55 12.48 -1.10 -7.39
N LYS A 56 11.20 -1.30 -7.10
CA LYS A 56 10.13 -0.80 -7.95
C LYS A 56 9.96 0.71 -7.79
N PRO A 57 9.77 1.41 -8.91
CA PRO A 57 9.59 2.86 -8.80
C PRO A 57 8.27 3.24 -8.14
N THR A 58 8.12 4.52 -7.84
CA THR A 58 6.90 5.01 -7.20
C THR A 58 5.66 4.57 -7.97
N MET A 59 4.63 4.14 -7.24
CA MET A 59 3.39 3.69 -7.87
C MET A 59 2.30 4.74 -7.70
N TYR A 60 1.30 4.68 -8.56
CA TYR A 60 0.19 5.63 -8.51
C TYR A 60 -1.15 4.90 -8.65
N PRO A 61 -1.67 4.39 -7.53
CA PRO A 61 -2.96 3.69 -7.62
C PRO A 61 -4.12 4.64 -7.91
N PRO A 62 -5.25 4.08 -8.34
CA PRO A 62 -6.39 4.95 -8.63
C PRO A 62 -6.99 5.56 -7.37
N TRP A 63 -8.04 6.34 -7.54
CA TRP A 63 -8.71 6.98 -6.41
C TRP A 63 -10.02 6.28 -6.09
N ASP A 64 -10.25 6.03 -4.80
CA ASP A 64 -11.47 5.36 -4.37
C ASP A 64 -11.62 4.00 -5.03
N SER A 65 -10.50 3.41 -5.41
CA SER A 65 -10.50 2.10 -6.07
C SER A 65 -9.51 1.15 -5.39
N THR A 66 -9.44 -0.07 -5.90
CA THR A 66 -8.54 -1.08 -5.35
C THR A 66 -7.45 -1.46 -6.34
N PHE A 67 -6.24 -1.67 -5.83
CA PHE A 67 -5.11 -2.04 -6.67
C PHE A 67 -4.45 -3.31 -6.18
N ASP A 68 -3.66 -3.94 -7.05
CA ASP A 68 -2.97 -5.18 -6.70
C ASP A 68 -1.58 -4.87 -6.12
N ALA A 69 -1.19 -5.65 -5.11
CA ALA A 69 0.11 -5.47 -4.47
C ALA A 69 0.71 -6.81 -4.06
N HIS A 70 1.73 -7.25 -4.78
CA HIS A 70 2.40 -8.50 -4.48
C HIS A 70 2.88 -8.55 -3.04
N ILE A 71 3.07 -9.75 -2.52
CA ILE A 71 3.53 -9.93 -1.14
C ILE A 71 4.94 -10.52 -1.11
N ASN A 72 5.73 -10.08 -0.14
CA ASN A 72 7.09 -10.57 0.01
C ASN A 72 7.52 -10.60 1.48
N LYS A 73 8.24 -11.64 1.87
CA LYS A 73 8.70 -11.77 3.25
C LYS A 73 9.43 -10.51 3.71
N GLY A 74 8.74 -9.71 4.53
CA GLY A 74 9.32 -8.48 5.02
C GLY A 74 9.15 -7.32 4.07
N ARG A 75 8.01 -7.29 3.38
CA ARG A 75 7.72 -6.23 2.43
C ARG A 75 7.04 -5.05 3.12
N VAL A 76 7.56 -3.84 2.88
CA VAL A 76 7.00 -2.64 3.48
C VAL A 76 6.48 -1.69 2.41
N MET A 77 5.38 -1.00 2.72
CA MET A 77 4.78 -0.06 1.79
C MET A 77 4.71 1.34 2.40
N GLN A 78 4.99 2.35 1.58
CA GLN A 78 4.97 3.73 2.04
C GLN A 78 3.99 4.56 1.20
N ILE A 79 2.94 5.05 1.85
CA ILE A 79 1.93 5.86 1.17
C ILE A 79 2.09 7.33 1.52
N ILE A 80 2.31 8.16 0.51
CA ILE A 80 2.47 9.59 0.71
C ILE A 80 1.52 10.39 -0.18
N VAL A 81 0.65 11.18 0.43
CA VAL A 81 -0.30 11.99 -0.31
C VAL A 81 0.26 13.39 -0.58
N LYS A 82 0.78 13.59 -1.79
CA LYS A 82 1.34 14.87 -2.18
C LYS A 82 0.68 15.39 -3.45
N GLY A 83 0.67 16.71 -3.61
CA GLY A 83 0.06 17.31 -4.79
C GLY A 83 0.35 18.79 -4.89
N LYS A 84 -0.10 19.55 -3.90
CA LYS A 84 0.11 21.00 -3.89
C LYS A 84 1.60 21.33 -3.99
N ASN A 85 1.90 22.61 -4.06
CA ASN A 85 3.30 23.06 -4.16
C ASN A 85 4.11 22.56 -2.97
N VAL A 86 3.43 22.31 -1.85
CA VAL A 86 4.10 21.82 -0.65
C VAL A 86 4.96 20.60 -0.96
N ASP A 87 6.15 20.56 -0.37
CA ASP A 87 7.07 19.45 -0.58
C ASP A 87 6.40 18.12 -0.22
N LEU A 88 5.74 18.09 0.92
CA LEU A 88 5.06 16.88 1.38
C LEU A 88 3.96 17.21 2.37
N ILE A 89 2.88 16.45 2.33
CA ILE A 89 1.74 16.67 3.23
C ILE A 89 1.83 15.76 4.45
N SER A 90 1.77 14.45 4.20
CA SER A 90 1.84 13.47 5.29
C SER A 90 2.36 12.13 4.78
N GLU A 91 2.68 11.24 5.70
CA GLU A 91 3.18 9.91 5.34
C GLU A 91 2.78 8.88 6.38
N THR A 92 2.95 7.60 6.04
CA THR A 92 2.61 6.52 6.95
C THR A 92 3.39 5.25 6.60
N THR A 93 3.48 4.34 7.57
CA THR A 93 4.19 3.09 7.36
C THR A 93 3.27 1.89 7.56
N VAL A 94 3.32 0.96 6.61
CA VAL A 94 2.49 -0.24 6.67
C VAL A 94 3.24 -1.45 6.15
N GLU A 95 3.12 -2.57 6.87
CA GLU A 95 3.80 -3.80 6.49
C GLU A 95 2.86 -4.71 5.68
N LEU A 96 3.19 -4.91 4.42
CA LEU A 96 2.38 -5.75 3.54
C LEU A 96 2.42 -7.20 3.99
N TYR A 97 3.59 -7.64 4.43
CA TYR A 97 3.77 -9.02 4.89
C TYR A 97 2.77 -9.36 5.99
N SER A 98 2.89 -8.68 7.13
CA SER A 98 2.01 -8.91 8.25
C SER A 98 0.55 -8.63 7.87
N LEU A 99 0.35 -7.60 7.07
CA LEU A 99 -0.98 -7.22 6.63
C LEU A 99 -1.71 -8.40 6.01
N ALA A 100 -0.99 -9.16 5.18
CA ALA A 100 -1.57 -10.33 4.52
C ALA A 100 -2.14 -11.31 5.54
N GLU A 101 -1.59 -11.27 6.76
CA GLU A 101 -2.05 -12.16 7.82
C GLU A 101 -3.27 -11.58 8.52
N ARG A 102 -3.22 -10.29 8.83
CA ARG A 102 -4.32 -9.61 9.49
C ARG A 102 -5.63 -9.83 8.73
N CYS A 103 -5.56 -9.77 7.41
CA CYS A 103 -6.74 -9.95 6.57
C CYS A 103 -7.38 -11.31 6.82
N ARG A 104 -6.57 -12.37 6.76
CA ARG A 104 -7.06 -13.72 6.98
C ARG A 104 -7.80 -13.82 8.31
N LYS A 105 -7.30 -13.12 9.33
CA LYS A 105 -7.92 -13.13 10.64
C LYS A 105 -9.37 -12.68 10.57
N ASN A 106 -9.69 -11.89 9.54
CA ASN A 106 -11.06 -11.40 9.36
C ASN A 106 -11.83 -12.29 8.39
N ASN A 107 -11.43 -13.56 8.30
CA ASN A 107 -12.09 -14.51 7.42
C ASN A 107 -12.07 -13.99 5.98
N GLY A 108 -11.07 -13.18 5.66
CA GLY A 108 -10.96 -12.64 4.31
C GLY A 108 -10.18 -11.34 4.27
N LYS A 109 -10.87 -10.23 4.52
CA LYS A 109 -10.23 -8.92 4.51
C LYS A 109 -10.47 -8.19 5.83
N THR A 110 -9.50 -7.37 6.22
CA THR A 110 -9.60 -6.61 7.47
C THR A 110 -9.59 -5.11 7.21
N GLU A 111 -10.14 -4.34 8.14
CA GLU A 111 -10.18 -2.89 8.00
C GLU A 111 -9.22 -2.22 8.98
N ILE A 112 -8.27 -1.46 8.44
CA ILE A 112 -7.29 -0.77 9.26
C ILE A 112 -7.27 0.72 8.96
N TRP A 113 -7.16 1.53 10.01
CA TRP A 113 -7.13 2.98 9.86
C TRP A 113 -5.70 3.51 9.96
N LEU A 114 -5.13 3.90 8.83
CA LEU A 114 -3.77 4.42 8.80
C LEU A 114 -3.70 5.77 9.49
N GLU A 115 -2.61 5.99 10.23
CA GLU A 115 -2.41 7.25 10.95
C GLU A 115 -1.29 8.06 10.33
N LEU A 116 -1.65 8.97 9.43
CA LEU A 116 -0.67 9.82 8.75
C LEU A 116 -0.17 10.92 9.68
N LYS A 117 1.13 11.11 9.70
CA LYS A 117 1.74 12.14 10.54
C LYS A 117 2.55 13.12 9.71
N PRO A 118 2.76 14.33 10.26
CA PRO A 118 2.33 14.81 11.57
C PRO A 118 0.82 15.02 11.63
N GLN A 119 0.19 15.10 10.47
CA GLN A 119 -1.26 15.29 10.39
C GLN A 119 -1.85 14.55 9.20
N GLY A 120 -3.13 14.19 9.30
CA GLY A 120 -3.78 13.49 8.22
C GLY A 120 -4.13 12.06 8.59
N ARG A 121 -5.15 11.51 7.93
CA ARG A 121 -5.59 10.15 8.20
C ARG A 121 -6.45 9.62 7.05
N MET A 122 -6.34 8.32 6.79
CA MET A 122 -7.11 7.69 5.72
C MET A 122 -7.48 6.26 6.08
N LEU A 123 -8.32 5.64 5.28
CA LEU A 123 -8.75 4.27 5.51
C LEU A 123 -8.05 3.31 4.56
N MET A 124 -7.56 2.20 5.11
CA MET A 124 -6.86 1.20 4.31
C MET A 124 -7.57 -0.15 4.39
N ASN A 125 -8.08 -0.61 3.25
CA ASN A 125 -8.78 -1.89 3.19
C ASN A 125 -8.00 -2.90 2.37
N ALA A 126 -7.41 -3.88 3.07
CA ALA A 126 -6.62 -4.92 2.41
C ALA A 126 -7.43 -6.20 2.26
N ARG A 127 -7.52 -6.70 1.03
CA ARG A 127 -8.26 -7.91 0.75
C ARG A 127 -7.32 -9.06 0.39
N TYR A 128 -7.80 -10.29 0.57
CA TYR A 128 -6.99 -11.47 0.27
C TYR A 128 -7.40 -12.07 -1.07
N PHE A 129 -6.50 -11.99 -2.04
CA PHE A 129 -6.75 -12.53 -3.38
C PHE A 129 -5.49 -13.14 -3.96
N LEU A 130 -5.65 -14.22 -4.72
CA LEU A 130 -4.53 -14.90 -5.35
C LEU A 130 -4.39 -14.50 -6.81
N GLU A 131 -3.25 -14.84 -7.41
CA GLU A 131 -3.00 -14.51 -8.81
C GLU A 131 -1.74 -15.20 -9.31
N MET A 132 -1.73 -15.55 -10.59
CA MET A 132 -0.56 -16.21 -11.19
C MET A 132 0.65 -15.30 -11.16
N SER A 133 1.77 -15.82 -10.67
CA SER A 133 3.01 -15.06 -10.58
C SER A 133 4.16 -15.93 -10.09
N GLY A 134 5.37 -15.58 -10.50
CA GLY A 134 6.54 -16.35 -10.09
C GLY A 134 7.24 -15.74 -8.89
N PRO A 135 8.38 -16.33 -8.52
CA PRO A 135 9.09 -15.77 -7.36
C PRO A 135 9.70 -14.41 -7.66
N SER A 136 10.25 -13.78 -6.63
CA SER A 136 10.87 -12.47 -6.78
C SER A 136 12.16 -12.37 -5.95
N SER A 137 12.77 -11.19 -5.97
CA SER A 137 14.00 -10.97 -5.22
C SER A 137 15.10 -11.93 -5.69
N GLY A 138 15.26 -12.05 -6.99
CA GLY A 138 16.27 -12.94 -7.54
C GLY A 138 17.45 -12.19 -8.11
#